data_7XG4
#
_entry.id   7XG4
#
_cell.length_a   1.00
_cell.length_b   1.00
_cell.length_c   1.00
_cell.angle_alpha   90.00
_cell.angle_beta   90.00
_cell.angle_gamma   90.00
#
_symmetry.space_group_name_H-M   'P 1'
#
loop_
_entity.id
_entity.type
_entity.pdbx_description
1 polymer Csf1
2 polymer Csf3
3 polymer Csf2
4 polymer Csf5
5 polymer crRNA
6 polymer NTS
7 polymer TS
8 polymer Csf4
9 non-polymer 'ZINC ION'
#
loop_
_entity_poly.entity_id
_entity_poly.type
_entity_poly.pdbx_seq_one_letter_code
_entity_poly.pdbx_strand_id
1 'polypeptide(L)'
;HHHHHHHHHHMRYPSDIVDQVLKAGPDKGLLTWEGVDAACSHCSRPIQNGDLYSPSSVGAFFSDTRDLASTSRSICWRCV
VLRKKPMLYGLSAAVVTQDGIYSISKDVNKAWLFTTPPPAPFLVVHSSSTMQHLSWRTPVTLDNRRIHVRYGPNLFIVRP
EVVRKALSIADRVNEGQKKWVTPVYFDRKAAAMGHGLITRAGAEMLTQEEQEFFQSVTPGERWALSYLMHSKRPEPEVGE
CITEKVMTSLNKE
;
A
2 'polypeptide(L)'
;MVNLKVTIDLSNPMMEPGDLLHLDALLGALRVSRARAEHGDAINPRDYHYDLPLERYQAPSGDWVFKASAFKLKRQLPNQ
MWMQTGRLSIVEAARHRQSGYLQLRAGKPNPAGGPFKTSIYHRPIVQAELTAFCVGDQQGIEALLSECRQIGGKRGVGFG
QVAGFKVEPVAETDCPWSWRALPADADPRLVTSEHARCIAAIRGPYWDRTLHVEALAPTP
;
B
3 'polypeptide(L)'
;MQIEVTVRNITPIFSAAPGSNYITIDGTINPPPGVSRFPLVRTRMMYVAADVGDGVIKSVPLQIVPGNTMRSLLRRTMLK
HVIEPALVEKGNKLSIGAYATAYSGNATGNPDGVPSSFDEIATMRAHPFIGLFGGGPRMLEGRLMVDSLYPIHTNAERIL
GAGYENEMMSGPITQVVWARRMDPILNLGSSEDVEVINGGAVAANGWIQDLLANSKAAASKKKKAAADEDESDGAAEENG
RGLKAFNAHEVVIPGLKWVWRISLDRPTDAQVGLVLLALNKMTNERIAGGHSKDYGRFVIDGVSLNGEQVWSQSGITGGE
QYFDAVAEAIDGLSSKEFEQFAQSAKEA
;
C,D,E,F,G
4 'polypeptide(L)'
;MFVKQVFFDLGARIHADEARALVAKLLDDTQPGLVSALMNYMPASKTSKTEFPLVQFSNFNQGFALLGFGEVGAQILSDA
TPIIHDAMAKLFASRGQGVVVQVSSRDVPLSCEKRPYGLQYTVAKMVVQKKHEHRERLANPETGKVFLEGLFLRSLERQA
AAVGMVLPRDLVVSFKGAERVSSVKLRPDSTLAHGSLRHAVFEVNARLGGLWSVGFLLSKGFGHINTDLQLGQGGTRHAL
SKWSHPQFEKGGGSGGGSGGWSHPQFEK
;
H
5 'polyribonucleotide' GUGAACGGUGGAGCAACACCUGAAGGAAGGCUUGAUGAGCGUGUUCCCCGCAUACGCGGG(23G) I
6 'polydeoxyribonucleotide'
;(DA)(DA)(DC)(DA)(DC)(DC)(DC)(DT)(DT)(DT)(DC)(DA)(DT)(DT)(DA)(DT)(DT)(DA)(DT)(DT)
(DA)(DT)(DT)(DA)(DT)(DT)(DA)(DT)(DT)(DT)(DT)(DT)(DT)(DT)(DT)(DT)(DT)(DT)
;
J
7 'polydeoxyribonucleotide'
;(DC)(DT)(DG)(DC)(DC)(DG)(DC)(DA)(DC)(DT)(DT)(DG)(DC)(DT)(DC)(DA)(DT)(DC)(DA)(DA)
(DG)(DC)(DC)(DT)(DT)(DC)(DC)(DT)(DT)(DC)(DA)(DG)(DG)(DT)(DG)(DT)(DT)(DG)(DC)(DT)
(DC)(DC)(DA)(DG)(DA)(DA)(DA)(DG)(DG)(DG)(DT)(DG)(DT)(DT)
;
K
8 'polypeptide(L)'
;MELPADALPGEGAVREVLRPLLKQAAEKTAAGKIVFAEAATGTGKGRMIASLAAAAAIKGDTVVVSAPLAVTWQLVNDMK
DIPEVRRVGLTLSLGRPNFISPQRTLEWAIDNERADLAAWIEGGGKPLSLRSMETSKVISHELCWLLEDALLLAEDLPAD
SLLLTSEDPADCPAQQLYVAMRSNYTEAGIILCSHFMLAAHTRMMQMRGLGNDEELDDEAPTGLSLPHFIDTLIVDEAHL
LEQAFASVYTHTLRLRPLMRTIEGLGSRGRKPALDALKELFTQMQVASARSTNTSLNVPLSDVPELIPALKDTVKTLGAL
PTKGMSRDARSVIRIATRAANDALSGHSRLRIEVTPVHSYPMLLSGRSNLQRALLGLWNATGGATLVSATLFTTGDNGSL
TRWKLEVPTERAAFLPPVHPAWTTAPVLLHKEFCAHEPDDSPEWATECAQTIQGVASTAQGGTLVLCTSYQNTELLAGRL
GAALGDRLIVQSKTSSAATCLAQFKAKHKAGIRPVWLGLGAAWTGIDLSDHSLPDNPELDRLLSDLVITRIPVGQNRSLT
HERRTAIGGFRIISQEAAWHFRQGLGRLVRRPGVTHKNLWVLDARIYGGAAWVAPFRQILDRYKKA
;
L
#
loop_
_chem_comp.id
_chem_comp.type
_chem_comp.name
_chem_comp.formula
23G RNA OH 3 prime terminus 'GUANOSINE-5'-PHOSPHATE-2',3'-CYCLIC PHOSPHATE' 'C10 H13 N5 O10 P2'
A RNA linking ADENOSINE-5'-MONOPHOSPHATE 'C10 H14 N5 O7 P'
C RNA linking CYTIDINE-5'-MONOPHOSPHATE 'C9 H14 N3 O8 P'
DA DNA linking 2'-DEOXYADENOSINE-5'-MONOPHOSPHATE 'C10 H14 N5 O6 P'
DC DNA linking 2'-DEOXYCYTIDINE-5'-MONOPHOSPHATE 'C9 H14 N3 O7 P'
DG DNA linking 2'-DEOXYGUANOSINE-5'-MONOPHOSPHATE 'C10 H14 N5 O7 P'
DT DNA linking THYMIDINE-5'-MONOPHOSPHATE 'C10 H15 N2 O8 P'
G RNA linking GUANOSINE-5'-MONOPHOSPHATE 'C10 H14 N5 O8 P'
U RNA linking URIDINE-5'-MONOPHOSPHATE 'C9 H13 N2 O9 P'
ZN non-polymer 'ZINC ION' 'Zn 2'
#
# COMPACT_ATOMS: atom_id res chain seq x y z
N MET A 11 34.83 67.71 -22.94
CA MET A 11 34.29 66.53 -23.60
C MET A 11 35.06 65.27 -23.18
N ARG A 12 36.20 65.48 -22.52
CA ARG A 12 37.01 64.35 -22.10
C ARG A 12 36.44 63.69 -20.85
N TYR A 13 35.92 64.48 -19.91
CA TYR A 13 35.37 63.85 -18.71
C TYR A 13 33.87 64.10 -18.63
N PRO A 14 33.12 63.26 -17.90
CA PRO A 14 31.69 63.55 -17.71
C PRO A 14 31.43 64.88 -17.05
N SER A 15 32.31 65.29 -16.13
CA SER A 15 32.24 66.57 -15.46
C SER A 15 32.42 67.76 -16.40
N ASP A 16 32.81 67.54 -17.65
CA ASP A 16 32.83 68.62 -18.64
C ASP A 16 31.43 69.09 -19.00
N ILE A 17 30.38 68.37 -18.59
CA ILE A 17 29.01 68.88 -18.80
C ILE A 17 28.64 69.91 -17.73
N VAL A 18 29.59 70.26 -16.86
CA VAL A 18 29.38 71.37 -15.95
C VAL A 18 29.90 72.71 -16.49
N ASP A 19 31.08 72.74 -17.09
CA ASP A 19 31.66 74.02 -17.50
C ASP A 19 31.59 74.30 -18.99
N GLN A 20 31.44 73.28 -19.83
CA GLN A 20 31.30 73.47 -21.27
C GLN A 20 29.84 73.61 -21.69
N VAL A 21 28.94 72.92 -20.99
CA VAL A 21 27.50 73.05 -21.10
C VAL A 21 27.06 73.32 -19.66
N LEU A 22 25.96 74.05 -19.50
CA LEU A 22 25.34 74.34 -18.21
C LEU A 22 26.26 75.16 -17.29
N LYS A 23 26.60 76.34 -17.78
CA LYS A 23 27.71 77.12 -17.24
C LYS A 23 27.46 77.51 -15.78
N ALA A 24 28.22 76.90 -14.88
CA ALA A 24 28.08 77.12 -13.46
C ALA A 24 29.46 77.33 -12.86
N GLY A 25 29.49 78.05 -11.75
CA GLY A 25 30.73 78.31 -11.06
C GLY A 25 30.87 77.42 -9.85
N PRO A 26 32.02 77.53 -9.16
CA PRO A 26 32.19 76.80 -7.91
C PRO A 26 31.27 77.34 -6.82
N ASP A 27 30.94 76.47 -5.87
CA ASP A 27 30.12 76.86 -4.74
C ASP A 27 30.85 77.76 -3.76
N LYS A 28 32.17 77.87 -3.87
CA LYS A 28 33.08 78.76 -3.16
C LYS A 28 33.15 78.48 -1.65
N GLY A 29 32.58 77.38 -1.18
CA GLY A 29 32.86 76.87 0.15
C GLY A 29 33.78 75.69 0.02
N LEU A 30 34.39 75.59 -1.17
CA LEU A 30 35.21 74.45 -1.55
C LEU A 30 36.68 74.79 -1.36
N LEU A 31 37.46 73.79 -1.00
CA LEU A 31 38.87 73.98 -0.74
C LEU A 31 39.68 73.87 -2.03
N THR A 32 40.83 74.51 -2.03
CA THR A 32 41.76 74.46 -3.15
C THR A 32 42.74 73.32 -2.92
N TRP A 33 43.13 72.64 -4.00
CA TRP A 33 43.89 71.42 -3.83
C TRP A 33 45.38 71.74 -3.65
N GLU A 34 46.03 70.94 -2.79
CA GLU A 34 47.44 71.07 -2.44
C GLU A 34 48.08 69.69 -2.50
N GLY A 35 49.34 69.63 -2.93
CA GLY A 35 50.05 68.36 -2.95
C GLY A 35 50.01 67.63 -4.30
N VAL A 36 50.41 66.34 -4.25
CA VAL A 36 50.55 65.49 -5.45
C VAL A 36 49.18 65.03 -6.00
N ASP A 37 48.90 65.40 -7.24
CA ASP A 37 47.53 65.39 -7.74
C ASP A 37 46.86 64.01 -7.69
N ALA A 38 45.55 64.00 -7.42
CA ALA A 38 44.77 62.79 -7.33
C ALA A 38 43.48 62.98 -8.12
N ALA A 39 42.89 61.88 -8.57
CA ALA A 39 41.64 61.96 -9.31
C ALA A 39 40.48 62.24 -8.36
N CYS A 40 39.44 62.86 -8.91
CA CYS A 40 38.21 63.02 -8.15
C CYS A 40 37.54 61.66 -7.98
N SER A 41 36.83 61.49 -6.86
CA SER A 41 36.15 60.23 -6.59
C SER A 41 35.03 59.97 -7.57
N HIS A 42 34.33 61.02 -8.00
CA HIS A 42 33.14 60.90 -8.83
C HIS A 42 33.38 61.30 -10.28
N CYS A 43 34.16 62.35 -10.52
CA CYS A 43 34.33 62.87 -11.86
C CYS A 43 35.16 61.94 -12.74
N SER A 44 36.06 61.18 -12.11
CA SER A 44 37.25 60.52 -12.67
C SER A 44 38.25 61.52 -13.24
N ARG A 45 38.13 62.79 -12.87
CA ARG A 45 38.97 63.87 -13.34
C ARG A 45 40.05 64.14 -12.30
N PRO A 46 41.30 64.29 -12.71
CA PRO A 46 42.35 64.65 -11.75
C PRO A 46 42.13 66.05 -11.21
N ILE A 47 42.18 66.17 -9.89
CA ILE A 47 42.16 67.49 -9.27
C ILE A 47 43.62 67.94 -9.23
N GLN A 48 43.89 69.07 -9.88
CA GLN A 48 45.24 69.61 -9.93
C GLN A 48 45.37 70.79 -8.99
N ASN A 49 46.61 71.20 -8.73
CA ASN A 49 46.85 72.23 -7.73
C ASN A 49 46.31 73.56 -8.23
N GLY A 50 45.50 74.20 -7.39
CA GLY A 50 44.78 75.37 -7.79
C GLY A 50 43.36 75.13 -8.24
N ASP A 51 42.89 73.87 -8.23
CA ASP A 51 41.51 73.56 -8.57
C ASP A 51 40.68 73.43 -7.30
N LEU A 52 39.39 73.70 -7.43
CA LEU A 52 38.49 73.70 -6.29
C LEU A 52 37.96 72.28 -6.04
N TYR A 53 37.99 71.86 -4.78
CA TYR A 53 37.46 70.57 -4.36
C TYR A 53 36.65 70.75 -3.08
N SER A 54 35.77 69.79 -2.85
CA SER A 54 35.15 69.59 -1.55
C SER A 54 35.61 68.26 -0.96
N PRO A 55 35.69 68.14 0.37
CA PRO A 55 35.89 66.82 0.97
C PRO A 55 34.62 66.01 0.77
N SER A 56 34.77 64.70 0.69
CA SER A 56 33.63 63.85 0.35
C SER A 56 32.66 63.78 1.51
N SER A 57 31.62 64.62 1.45
CA SER A 57 30.61 64.74 2.48
C SER A 57 29.34 63.99 2.10
N VAL A 58 29.49 62.83 1.47
CA VAL A 58 28.35 62.02 1.10
C VAL A 58 27.64 61.50 2.35
N GLY A 59 26.33 61.70 2.39
CA GLY A 59 25.54 61.10 3.44
C GLY A 59 25.40 59.61 3.24
N ALA A 60 25.00 58.92 4.32
CA ALA A 60 24.99 57.47 4.36
C ALA A 60 24.03 56.83 3.36
N PHE A 61 23.07 57.61 2.85
CA PHE A 61 22.16 57.12 1.82
C PHE A 61 22.83 56.90 0.48
N PHE A 62 24.04 57.43 0.27
CA PHE A 62 24.73 57.36 -1.01
C PHE A 62 25.17 55.92 -1.29
N SER A 63 24.54 55.28 -2.28
CA SER A 63 24.78 53.89 -2.59
C SER A 63 25.64 53.69 -3.83
N ASP A 64 26.18 54.76 -4.40
CA ASP A 64 27.04 54.64 -5.57
C ASP A 64 28.52 54.69 -5.20
N THR A 65 28.87 54.26 -3.98
CA THR A 65 30.27 54.10 -3.57
C THR A 65 30.97 53.05 -4.42
N ARG A 66 30.21 52.09 -4.94
CA ARG A 66 30.76 51.03 -5.78
C ARG A 66 31.34 51.60 -7.08
N ASP A 67 30.69 52.59 -7.67
CA ASP A 67 31.13 53.11 -8.95
C ASP A 67 32.03 54.34 -8.83
N LEU A 68 32.59 54.58 -7.66
CA LEU A 68 33.53 55.68 -7.49
C LEU A 68 34.82 55.39 -8.26
N ALA A 69 35.40 56.45 -8.82
CA ALA A 69 36.59 56.29 -9.66
C ALA A 69 37.83 55.98 -8.83
N SER A 70 38.02 56.70 -7.73
CA SER A 70 39.22 56.55 -6.91
C SER A 70 38.84 56.65 -5.45
N THR A 71 39.82 56.34 -4.59
CA THR A 71 39.65 56.40 -3.15
C THR A 71 40.19 57.68 -2.56
N SER A 72 40.10 58.79 -3.30
CA SER A 72 40.73 60.03 -2.86
C SER A 72 39.92 60.76 -1.79
N ARG A 73 38.63 60.44 -1.65
CA ARG A 73 37.67 61.16 -0.80
C ARG A 73 37.66 62.66 -1.08
N SER A 74 37.76 63.02 -2.36
CA SER A 74 37.86 64.42 -2.77
C SER A 74 36.99 64.62 -4.00
N ILE A 75 35.95 65.45 -3.87
CA ILE A 75 35.00 65.69 -4.94
C ILE A 75 35.45 66.93 -5.68
N CYS A 76 35.61 66.82 -7.00
CA CYS A 76 35.83 68.02 -7.79
C CYS A 76 34.56 68.86 -7.84
N TRP A 77 34.74 70.17 -8.02
CA TRP A 77 33.63 71.12 -7.93
C TRP A 77 32.59 70.90 -9.02
N ARG A 78 33.03 70.41 -10.17
CA ARG A 78 32.12 70.02 -11.24
C ARG A 78 31.21 68.88 -10.78
N CYS A 79 31.82 67.94 -10.05
CA CYS A 79 31.08 66.80 -9.46
C CYS A 79 30.12 67.34 -8.39
N VAL A 80 30.57 68.34 -7.62
CA VAL A 80 29.71 68.93 -6.59
C VAL A 80 28.45 69.50 -7.23
N VAL A 81 28.59 70.09 -8.42
CA VAL A 81 27.40 70.53 -9.13
C VAL A 81 26.61 69.31 -9.66
N LEU A 82 27.32 68.28 -10.12
CA LEU A 82 26.64 67.08 -10.61
C LEU A 82 25.91 66.33 -9.49
N ARG A 83 26.39 66.47 -8.25
CA ARG A 83 25.73 65.84 -7.12
C ARG A 83 24.62 66.70 -6.52
N LYS A 84 24.30 67.84 -7.13
CA LYS A 84 23.11 68.57 -6.73
C LYS A 84 21.87 67.81 -7.18
N LYS A 85 20.81 67.85 -6.36
CA LYS A 85 19.56 67.18 -6.72
C LYS A 85 18.88 67.71 -7.99
N PRO A 86 18.81 69.04 -8.28
CA PRO A 86 18.27 69.44 -9.59
C PRO A 86 19.02 68.86 -10.78
N MET A 87 20.32 68.68 -10.58
CA MET A 87 21.10 67.94 -11.54
C MET A 87 20.72 66.45 -11.57
N LEU A 88 20.37 65.89 -10.43
CA LEU A 88 20.10 64.46 -10.33
C LEU A 88 18.77 64.08 -10.97
N TYR A 89 17.71 64.86 -10.69
CA TYR A 89 16.43 64.57 -11.32
C TYR A 89 16.30 65.19 -12.71
N GLY A 90 16.96 66.33 -12.90
CA GLY A 90 16.95 67.04 -14.20
C GLY A 90 17.64 66.23 -15.29
N LEU A 91 18.78 65.62 -14.94
CA LEU A 91 19.60 64.84 -15.92
C LEU A 91 19.21 63.36 -15.87
N SER A 92 18.15 63.02 -15.13
CA SER A 92 17.72 61.60 -15.01
C SER A 92 17.35 61.03 -16.37
N ALA A 93 16.62 61.81 -17.19
CA ALA A 93 16.22 61.34 -18.54
C ALA A 93 16.53 62.43 -19.58
N ALA A 94 17.81 62.65 -19.88
CA ALA A 94 18.21 63.70 -20.85
C ALA A 94 19.39 63.23 -21.71
N VAL A 95 19.56 63.88 -22.88
CA VAL A 95 20.68 63.56 -23.82
C VAL A 95 21.67 64.73 -23.75
N VAL A 96 22.97 64.43 -23.60
CA VAL A 96 24.00 65.50 -23.45
C VAL A 96 24.82 65.64 -24.74
N THR A 97 24.90 66.88 -25.25
CA THR A 97 25.66 67.23 -26.44
C THR A 97 26.49 68.49 -26.12
N GLN A 98 27.51 68.80 -26.95
CA GLN A 98 28.35 69.97 -26.73
C GLN A 98 27.57 71.28 -26.84
N ASP A 99 26.43 71.28 -27.54
CA ASP A 99 25.64 72.50 -27.59
C ASP A 99 24.65 72.57 -26.43
N GLY A 100 23.96 71.48 -26.13
CA GLY A 100 22.99 71.49 -25.06
C GLY A 100 22.47 70.11 -24.75
N ILE A 101 21.51 70.07 -23.82
CA ILE A 101 20.89 68.84 -23.34
C ILE A 101 19.60 68.60 -24.09
N TYR A 102 19.39 67.36 -24.53
CA TYR A 102 18.10 66.96 -25.07
C TYR A 102 17.53 65.83 -24.22
N SER A 103 16.21 65.85 -24.00
CA SER A 103 15.55 64.78 -23.25
C SER A 103 15.43 63.52 -24.07
N ILE A 104 15.81 62.39 -23.45
CA ILE A 104 15.74 61.05 -24.11
C ILE A 104 14.50 60.31 -23.59
N SER A 105 13.63 61.01 -22.85
CA SER A 105 12.43 60.39 -22.24
C SER A 105 11.47 59.85 -23.32
N LYS A 106 11.25 60.60 -24.40
CA LYS A 106 10.32 60.15 -25.47
C LYS A 106 10.90 58.95 -26.22
N ASP A 107 10.03 58.03 -26.68
CA ASP A 107 10.49 56.84 -27.43
C ASP A 107 11.18 57.32 -28.71
N VAL A 108 10.58 58.31 -29.39
CA VAL A 108 11.19 58.90 -30.58
C VAL A 108 12.50 59.59 -30.24
N ASN A 109 12.59 60.13 -29.03
CA ASN A 109 13.87 60.77 -28.59
C ASN A 109 14.92 59.65 -28.54
N LYS A 110 14.54 58.49 -28.00
CA LYS A 110 15.42 57.30 -27.92
C LYS A 110 15.75 56.82 -29.34
N ALA A 111 14.75 56.82 -30.23
CA ALA A 111 14.95 56.38 -31.63
C ALA A 111 15.97 57.30 -32.29
N TRP A 112 15.85 58.60 -32.03
CA TRP A 112 16.80 59.58 -32.55
C TRP A 112 18.18 59.43 -31.95
N LEU A 113 18.26 58.97 -30.70
CA LEU A 113 19.56 58.70 -30.12
C LEU A 113 20.25 57.45 -30.68
N PHE A 114 19.55 56.33 -30.82
CA PHE A 114 20.22 55.13 -31.34
C PHE A 114 20.08 54.94 -32.83
N THR A 115 19.39 55.81 -33.52
CA THR A 115 19.48 55.81 -34.96
C THR A 115 19.61 57.26 -35.37
N THR A 116 20.54 57.53 -36.29
CA THR A 116 21.15 58.83 -36.58
C THR A 116 21.38 59.71 -35.34
N PRO A 117 22.37 59.39 -34.52
CA PRO A 117 22.66 60.19 -33.32
C PRO A 117 23.23 61.55 -33.66
N PRO A 118 23.24 62.49 -32.72
CA PRO A 118 23.93 63.76 -32.96
C PRO A 118 25.43 63.55 -33.07
N PRO A 119 26.13 64.45 -33.78
CA PRO A 119 27.55 64.20 -34.06
C PRO A 119 28.52 64.59 -32.95
N ALA A 120 28.08 65.28 -31.91
CA ALA A 120 28.99 65.80 -30.91
C ALA A 120 29.36 64.71 -29.89
N PRO A 121 30.48 64.89 -29.16
CA PRO A 121 30.82 63.92 -28.09
C PRO A 121 29.89 64.00 -26.90
N PHE A 122 28.75 63.31 -26.97
CA PHE A 122 27.70 63.53 -25.98
C PHE A 122 27.83 62.58 -24.80
N LEU A 123 26.83 62.58 -23.92
CA LEU A 123 26.84 61.80 -22.70
C LEU A 123 25.41 61.38 -22.38
N VAL A 124 25.15 60.08 -22.31
CA VAL A 124 23.79 59.55 -22.28
C VAL A 124 23.50 58.97 -20.90
N VAL A 125 22.47 59.49 -20.26
CA VAL A 125 22.15 59.17 -18.87
C VAL A 125 20.65 58.86 -18.80
N HIS A 126 20.28 57.73 -18.18
CA HIS A 126 18.89 57.31 -18.07
C HIS A 126 18.67 56.61 -16.74
N SER A 127 17.54 56.90 -16.09
CA SER A 127 17.30 56.49 -14.71
C SER A 127 16.44 55.23 -14.67
N SER A 128 16.91 54.23 -13.91
CA SER A 128 16.14 53.02 -13.65
C SER A 128 15.19 53.16 -12.47
N SER A 129 15.25 54.30 -11.78
CA SER A 129 14.43 54.55 -10.60
C SER A 129 14.00 56.00 -10.67
N THR A 130 13.57 56.52 -9.51
CA THR A 130 13.22 57.93 -9.38
C THR A 130 14.38 58.85 -9.76
N MET A 131 15.50 58.76 -9.04
CA MET A 131 16.76 59.37 -9.45
C MET A 131 17.87 58.61 -8.75
N GLN A 132 19.06 58.61 -9.34
CA GLN A 132 20.23 58.04 -8.67
C GLN A 132 21.39 58.97 -9.03
N HIS A 133 22.62 58.58 -8.67
CA HIS A 133 23.80 59.38 -9.10
C HIS A 133 24.42 58.64 -10.29
N LEU A 134 24.10 59.05 -11.52
CA LEU A 134 24.64 58.36 -12.73
C LEU A 134 25.38 59.35 -13.63
N SER A 135 25.23 60.66 -13.36
CA SER A 135 25.86 61.71 -14.20
C SER A 135 27.40 61.63 -14.16
N TRP A 136 27.97 61.38 -12.98
CA TRP A 136 29.45 61.37 -12.82
C TRP A 136 30.07 59.97 -13.03
N ARG A 137 29.27 58.93 -13.30
CA ARG A 137 29.88 57.63 -13.44
C ARG A 137 29.79 57.06 -14.85
N THR A 138 29.34 57.84 -15.83
CA THR A 138 29.36 57.23 -17.14
C THR A 138 30.42 57.89 -18.03
N PRO A 139 31.08 57.14 -18.90
CA PRO A 139 32.08 57.75 -19.79
C PRO A 139 31.42 58.53 -20.93
N VAL A 140 32.18 59.51 -21.43
CA VAL A 140 31.73 60.32 -22.55
C VAL A 140 31.99 59.57 -23.86
N THR A 141 31.18 59.87 -24.86
CA THR A 141 31.13 59.11 -26.10
C THR A 141 31.76 59.96 -27.20
N LEU A 142 33.07 59.83 -27.37
CA LEU A 142 33.79 60.63 -28.34
C LEU A 142 33.38 60.30 -29.76
N ASP A 143 33.09 59.02 -29.99
CA ASP A 143 32.70 58.49 -31.33
C ASP A 143 31.21 58.14 -31.30
N ASN A 144 30.48 58.48 -32.37
CA ASN A 144 29.02 58.20 -32.48
C ASN A 144 28.76 56.69 -32.48
N ARG A 145 29.64 55.92 -33.12
CA ARG A 145 29.45 54.45 -33.29
C ARG A 145 29.41 53.72 -31.94
N ARG A 146 30.30 54.04 -31.00
CA ARG A 146 30.32 53.34 -29.69
C ARG A 146 29.73 54.27 -28.62
N ILE A 147 28.62 53.87 -27.99
CA ILE A 147 27.98 54.80 -27.00
C ILE A 147 27.90 54.19 -25.60
N HIS A 148 28.35 54.95 -24.60
CA HIS A 148 28.25 54.60 -23.19
C HIS A 148 26.96 55.19 -22.63
N VAL A 149 26.03 54.32 -22.27
CA VAL A 149 24.75 54.71 -21.67
C VAL A 149 24.79 54.32 -20.20
N ARG A 150 24.41 55.24 -19.33
CA ARG A 150 24.22 54.90 -17.93
C ARG A 150 22.74 54.57 -17.72
N TYR A 151 22.45 53.36 -17.21
CA TYR A 151 21.06 52.99 -16.90
C TYR A 151 21.02 52.49 -15.45
N GLY A 152 20.32 53.18 -14.57
CA GLY A 152 20.34 52.76 -13.15
C GLY A 152 21.77 52.71 -12.67
N PRO A 153 22.25 51.60 -12.07
CA PRO A 153 23.63 51.46 -11.64
C PRO A 153 24.49 50.67 -12.62
N ASN A 154 23.97 50.34 -13.80
CA ASN A 154 24.73 49.49 -14.77
C ASN A 154 25.08 50.24 -16.07
N LEU A 155 26.36 50.16 -16.46
CA LEU A 155 26.89 50.74 -17.68
C LEU A 155 26.48 49.91 -18.89
N PHE A 156 26.31 50.58 -20.02
CA PHE A 156 25.77 49.97 -21.22
C PHE A 156 26.51 50.49 -22.43
N ILE A 157 26.55 49.70 -23.50
CA ILE A 157 27.13 50.09 -24.76
C ILE A 157 26.09 49.85 -25.84
N VAL A 158 25.79 50.89 -26.62
CA VAL A 158 24.97 50.72 -27.81
C VAL A 158 25.80 51.05 -29.02
N ARG A 159 25.67 50.21 -30.04
CA ARG A 159 26.12 50.53 -31.36
C ARG A 159 24.92 50.92 -32.18
N PRO A 160 24.86 52.16 -32.71
CA PRO A 160 23.72 52.63 -33.52
C PRO A 160 23.56 51.79 -34.79
N GLU A 161 24.68 51.41 -35.43
CA GLU A 161 24.65 50.61 -36.68
C GLU A 161 23.99 49.26 -36.36
N VAL A 162 24.34 48.66 -35.21
CA VAL A 162 23.72 47.37 -34.81
C VAL A 162 22.22 47.60 -34.57
N VAL A 163 21.88 48.72 -33.91
CA VAL A 163 20.47 49.05 -33.56
C VAL A 163 19.64 49.25 -34.84
N ARG A 164 20.16 49.99 -35.82
CA ARG A 164 19.38 50.22 -37.07
C ARG A 164 19.21 48.89 -37.81
N LYS A 165 20.25 48.05 -37.80
CA LYS A 165 20.20 46.74 -38.45
C LYS A 165 19.12 45.87 -37.83
N ALA A 166 19.02 45.89 -36.49
CA ALA A 166 17.97 45.17 -35.79
C ALA A 166 16.59 45.77 -36.05
N LEU A 167 16.55 47.06 -36.32
CA LEU A 167 15.30 47.67 -36.72
C LEU A 167 14.88 47.23 -38.10
N SER A 168 15.83 47.15 -39.02
CA SER A 168 15.54 46.72 -40.36
C SER A 168 15.06 45.29 -40.39
N ILE A 169 15.61 44.43 -39.54
CA ILE A 169 15.09 43.08 -39.52
C ILE A 169 13.71 43.02 -38.87
N ALA A 170 13.48 43.81 -37.80
CA ALA A 170 12.17 43.82 -37.15
C ALA A 170 11.10 44.36 -38.09
N ASP A 171 11.48 45.26 -39.00
CA ASP A 171 10.59 45.65 -40.08
C ASP A 171 10.47 44.51 -41.10
N ARG A 172 11.57 43.86 -41.46
CA ARG A 172 11.59 43.00 -42.63
C ARG A 172 10.80 41.71 -42.40
N VAL A 173 10.91 41.13 -41.21
CA VAL A 173 10.06 40.00 -40.88
C VAL A 173 8.63 40.45 -40.60
N ASN A 174 8.40 41.74 -40.43
CA ASN A 174 7.06 42.25 -40.21
C ASN A 174 6.58 43.09 -41.40
N GLU A 175 6.92 42.69 -42.61
CA GLU A 175 6.32 43.27 -43.80
C GLU A 175 5.18 42.38 -44.31
N GLY A 176 4.00 42.97 -44.44
CA GLY A 176 2.89 42.29 -45.07
C GLY A 176 1.91 41.60 -44.14
N GLN A 177 2.09 41.71 -42.82
CA GLN A 177 1.13 41.16 -41.86
C GLN A 177 0.49 42.31 -41.09
N LYS A 178 -0.78 42.14 -40.77
CA LYS A 178 -1.58 43.21 -40.18
C LYS A 178 -1.16 43.50 -38.75
N LYS A 179 -0.90 42.45 -37.97
CA LYS A 179 -0.60 42.58 -36.55
C LYS A 179 0.90 42.63 -36.35
N TRP A 180 1.37 43.64 -35.61
CA TRP A 180 2.79 43.71 -35.28
C TRP A 180 3.11 42.70 -34.19
N VAL A 181 4.00 41.76 -34.50
CA VAL A 181 4.53 40.81 -33.54
C VAL A 181 6.02 41.10 -33.40
N THR A 182 6.48 41.27 -32.18
CA THR A 182 7.91 41.49 -31.96
C THR A 182 8.65 40.18 -32.21
N PRO A 183 9.85 40.24 -32.80
CA PRO A 183 10.66 39.03 -32.90
C PRO A 183 11.11 38.51 -31.54
N VAL A 184 11.72 39.38 -30.73
CA VAL A 184 12.35 39.00 -29.48
C VAL A 184 11.86 39.94 -28.38
N TYR A 185 11.47 39.38 -27.23
CA TYR A 185 11.10 40.22 -26.11
C TYR A 185 12.33 40.90 -25.52
N PHE A 186 12.20 42.19 -25.23
CA PHE A 186 13.13 42.90 -24.37
C PHE A 186 12.36 43.65 -23.28
N ASP A 187 12.94 43.71 -22.09
CA ASP A 187 12.37 44.44 -20.97
C ASP A 187 12.88 45.88 -21.03
N ARG A 188 11.95 46.83 -20.85
CA ARG A 188 12.34 48.22 -20.73
C ARG A 188 13.15 48.47 -19.47
N LYS A 189 12.78 47.83 -18.37
CA LYS A 189 13.58 47.97 -17.16
C LYS A 189 14.84 47.12 -17.20
N ALA A 190 14.97 46.24 -18.20
CA ALA A 190 16.02 45.22 -18.29
C ALA A 190 16.13 44.43 -17.00
N ALA A 191 15.01 43.97 -16.46
CA ALA A 191 15.02 43.29 -15.18
C ALA A 191 14.48 41.88 -15.26
N ALA A 192 13.74 41.56 -16.32
CA ALA A 192 13.14 40.24 -16.44
C ALA A 192 14.19 39.21 -16.82
N MET A 193 13.93 37.96 -16.43
CA MET A 193 14.77 36.86 -16.88
C MET A 193 14.65 36.63 -18.38
N GLY A 194 13.48 36.90 -18.94
CA GLY A 194 13.26 36.78 -20.36
C GLY A 194 13.77 37.93 -21.20
N HIS A 195 14.36 38.94 -20.57
CA HIS A 195 14.92 40.07 -21.30
C HIS A 195 16.10 39.61 -22.14
N GLY A 196 15.89 39.53 -23.45
CA GLY A 196 16.83 38.89 -24.34
C GLY A 196 16.33 37.62 -24.98
N LEU A 197 15.31 36.98 -24.42
CA LEU A 197 14.86 35.69 -24.92
C LEU A 197 13.97 35.86 -26.13
N ILE A 198 14.24 35.06 -27.17
CA ILE A 198 13.50 35.17 -28.42
C ILE A 198 12.12 34.54 -28.27
N THR A 199 11.10 35.25 -28.76
CA THR A 199 9.74 34.76 -28.78
C THR A 199 9.59 33.58 -29.73
N ARG A 200 8.55 32.78 -29.48
CA ARG A 200 8.27 31.60 -30.29
C ARG A 200 7.93 31.98 -31.73
N ALA A 201 7.15 33.05 -31.88
CA ALA A 201 6.92 33.63 -33.20
C ALA A 201 8.22 34.12 -33.82
N GLY A 202 9.07 34.77 -33.02
CA GLY A 202 10.39 35.11 -33.49
C GLY A 202 11.28 33.89 -33.68
N ALA A 203 11.00 32.81 -32.94
CA ALA A 203 11.75 31.58 -33.16
C ALA A 203 11.42 30.98 -34.52
N GLU A 204 10.21 31.24 -35.04
CA GLU A 204 9.94 30.66 -36.35
C GLU A 204 10.24 31.63 -37.50
N MET A 205 10.14 32.94 -37.20
CA MET A 205 10.37 34.03 -38.18
C MET A 205 11.82 34.51 -38.08
N LEU A 206 12.62 33.89 -37.22
CA LEU A 206 14.03 34.31 -37.03
C LEU A 206 14.99 33.30 -37.68
N THR A 207 15.91 33.79 -38.52
CA THR A 207 16.91 32.95 -39.22
C THR A 207 18.01 32.50 -38.23
N GLN A 208 18.73 31.43 -38.55
CA GLN A 208 19.79 30.93 -37.64
C GLN A 208 20.85 32.03 -37.46
N GLU A 209 21.23 32.71 -38.55
CA GLU A 209 22.21 33.82 -38.44
C GLU A 209 21.58 34.98 -37.66
N GLU A 210 20.30 35.27 -37.91
CA GLU A 210 19.59 36.39 -37.24
C GLU A 210 19.47 36.10 -35.73
N GLN A 211 19.13 34.86 -35.37
CA GLN A 211 18.97 34.48 -33.94
C GLN A 211 20.32 34.66 -33.22
N GLU A 212 21.42 34.23 -33.85
CA GLU A 212 22.77 34.36 -33.30
C GLU A 212 23.27 35.81 -33.32
N PHE A 213 22.84 36.59 -34.31
CA PHE A 213 23.09 38.03 -34.25
C PHE A 213 22.35 38.65 -33.08
N PHE A 214 21.09 38.27 -32.88
CA PHE A 214 20.30 38.96 -31.88
C PHE A 214 20.72 38.61 -30.47
N GLN A 215 21.27 37.43 -30.27
CA GLN A 215 21.96 37.14 -29.03
C GLN A 215 23.28 37.88 -28.96
N SER A 216 23.95 38.08 -30.10
CA SER A 216 25.28 38.69 -30.13
C SER A 216 25.29 40.16 -29.74
N VAL A 217 24.14 40.84 -29.66
CA VAL A 217 24.15 42.25 -29.32
C VAL A 217 24.46 42.43 -27.84
N THR A 218 25.08 43.57 -27.51
CA THR A 218 25.42 43.88 -26.14
C THR A 218 24.14 44.23 -25.37
N PRO A 219 24.15 44.06 -24.03
CA PRO A 219 22.93 44.30 -23.24
C PRO A 219 22.38 45.72 -23.31
N GLY A 220 23.25 46.69 -23.60
CA GLY A 220 22.77 48.04 -23.85
C GLY A 220 21.86 48.12 -25.06
N GLU A 221 22.19 47.38 -26.11
CA GLU A 221 21.35 47.38 -27.29
C GLU A 221 20.06 46.63 -27.05
N ARG A 222 20.09 45.62 -26.16
CA ARG A 222 18.88 44.96 -25.73
C ARG A 222 17.94 45.94 -25.02
N TRP A 223 18.51 46.75 -24.11
CA TRP A 223 17.73 47.75 -23.40
C TRP A 223 17.24 48.86 -24.33
N ALA A 224 18.05 49.21 -25.32
CA ALA A 224 17.69 50.20 -26.32
C ALA A 224 16.53 49.76 -27.19
N LEU A 225 16.68 48.55 -27.72
CA LEU A 225 15.73 48.00 -28.65
C LEU A 225 14.43 47.65 -27.94
N SER A 226 14.47 47.50 -26.60
CA SER A 226 13.22 47.49 -25.84
C SER A 226 12.43 48.78 -26.00
N TYR A 227 13.15 49.91 -26.01
CA TYR A 227 12.47 51.23 -26.16
C TYR A 227 11.79 51.40 -27.54
N LEU A 228 12.43 50.95 -28.62
CA LEU A 228 11.88 51.17 -29.99
C LEU A 228 11.40 49.88 -30.66
N MET A 229 11.28 48.77 -29.93
CA MET A 229 10.88 47.48 -30.57
C MET A 229 9.39 47.16 -30.35
N HIS A 230 8.60 48.13 -29.88
CA HIS A 230 7.20 47.87 -29.57
C HIS A 230 6.36 47.97 -30.86
N SER A 231 5.04 47.87 -30.68
CA SER A 231 4.13 47.69 -31.81
C SER A 231 4.09 48.93 -32.70
N LYS A 232 3.96 50.11 -32.10
CA LYS A 232 4.05 51.35 -32.87
C LYS A 232 5.51 51.79 -32.90
N ARG A 233 6.17 51.46 -34.01
CA ARG A 233 7.60 51.69 -34.18
C ARG A 233 7.91 53.19 -34.21
N PRO A 234 8.76 53.69 -33.32
CA PRO A 234 9.00 55.13 -33.24
C PRO A 234 10.00 55.60 -34.30
N GLU A 235 9.60 56.60 -35.07
CA GLU A 235 10.50 57.24 -36.01
C GLU A 235 11.48 58.13 -35.24
N PRO A 236 12.73 58.25 -35.66
CA PRO A 236 13.68 59.11 -34.94
C PRO A 236 13.33 60.61 -34.92
N GLU A 237 12.97 61.15 -33.75
CA GLU A 237 12.63 62.57 -33.62
C GLU A 237 13.45 63.21 -32.53
N VAL A 238 13.92 64.43 -32.80
CA VAL A 238 14.87 65.12 -31.93
C VAL A 238 14.19 65.54 -30.63
N GLY A 239 14.96 65.57 -29.55
CA GLY A 239 14.42 65.97 -28.27
C GLY A 239 14.04 67.43 -28.24
N GLU A 240 13.09 67.74 -27.37
CA GLU A 240 12.83 69.12 -27.01
C GLU A 240 13.87 69.51 -25.98
N CYS A 241 14.22 70.81 -25.98
CA CYS A 241 15.34 71.35 -25.15
C CYS A 241 15.08 71.25 -23.64
N ILE A 242 16.09 70.79 -22.89
CA ILE A 242 16.03 70.67 -21.41
C ILE A 242 17.19 71.43 -20.77
N THR A 243 18.13 71.94 -21.58
CA THR A 243 19.31 72.66 -21.03
C THR A 243 18.86 73.92 -20.28
N GLU A 244 17.93 74.67 -20.87
CA GLU A 244 17.34 75.87 -20.25
C GLU A 244 16.52 75.54 -19.01
N LYS A 245 15.81 74.40 -19.04
CA LYS A 245 15.05 73.95 -17.87
C LYS A 245 15.97 73.58 -16.72
N VAL A 246 17.03 72.84 -17.04
CA VAL A 246 18.03 72.38 -16.01
C VAL A 246 18.73 73.61 -15.41
N MET A 247 19.09 74.57 -16.25
CA MET A 247 19.78 75.81 -15.77
C MET A 247 18.82 76.54 -14.83
N THR A 248 17.54 76.62 -15.20
CA THR A 248 16.50 77.30 -14.38
C THR A 248 16.35 76.56 -13.05
N SER A 249 16.35 75.22 -13.09
CA SER A 249 16.19 74.43 -11.88
C SER A 249 17.44 74.48 -11.00
N LEU A 250 18.63 74.56 -11.61
CA LEU A 250 19.86 74.74 -10.84
C LEU A 250 19.95 76.14 -10.28
N ASN A 251 19.58 77.15 -11.05
CA ASN A 251 19.71 78.54 -10.62
C ASN A 251 18.34 79.19 -10.48
N VAL B 2 54.59 33.70 -31.08
CA VAL B 2 54.17 32.33 -31.34
C VAL B 2 52.74 32.36 -31.90
N ASN B 3 52.05 33.48 -31.67
CA ASN B 3 50.85 33.89 -32.43
C ASN B 3 49.69 32.91 -32.26
N LEU B 4 49.19 32.80 -31.03
CA LEU B 4 48.31 31.72 -30.63
C LEU B 4 46.93 32.20 -30.18
N LYS B 5 45.92 31.34 -30.35
CA LYS B 5 44.55 31.58 -29.92
C LYS B 5 44.25 30.75 -28.67
N VAL B 6 43.60 31.40 -27.70
CA VAL B 6 43.07 30.77 -26.50
C VAL B 6 41.57 30.60 -26.68
N THR B 7 41.06 29.39 -26.48
CA THR B 7 39.64 29.26 -26.22
C THR B 7 39.44 28.63 -24.85
N ILE B 8 38.34 29.02 -24.22
CA ILE B 8 38.04 28.60 -22.86
C ILE B 8 36.56 28.22 -22.81
N ASP B 9 36.29 27.02 -22.29
CA ASP B 9 34.95 26.51 -22.09
C ASP B 9 34.70 26.44 -20.60
N LEU B 10 33.54 26.90 -20.16
CA LEU B 10 33.31 27.15 -18.74
C LEU B 10 32.06 26.41 -18.29
N SER B 11 32.04 26.00 -17.01
CA SER B 11 30.97 25.13 -16.54
C SER B 11 29.71 25.92 -16.20
N ASN B 12 29.78 26.75 -15.15
CA ASN B 12 28.64 27.61 -14.86
C ASN B 12 28.65 28.78 -15.84
N PRO B 13 27.49 29.37 -16.12
CA PRO B 13 27.48 30.60 -16.92
C PRO B 13 28.15 31.75 -16.17
N MET B 14 28.74 32.64 -16.95
CA MET B 14 29.43 33.80 -16.41
C MET B 14 28.56 35.03 -16.59
N MET B 15 28.94 36.09 -15.90
CA MET B 15 28.32 37.37 -16.16
C MET B 15 28.80 37.96 -17.45
N GLU B 16 27.85 38.36 -18.27
CA GLU B 16 28.11 38.95 -19.57
C GLU B 16 28.87 40.25 -19.35
N PRO B 17 30.07 40.38 -19.91
CA PRO B 17 30.92 41.53 -19.59
C PRO B 17 30.35 42.80 -20.20
N GLY B 18 30.17 43.83 -19.37
CA GLY B 18 29.57 45.10 -19.81
C GLY B 18 30.42 45.77 -20.88
N ASP B 19 31.74 45.72 -20.72
CA ASP B 19 32.70 46.30 -21.70
C ASP B 19 33.66 45.20 -22.13
N LEU B 20 34.30 45.36 -23.30
CA LEU B 20 35.21 44.28 -23.78
C LEU B 20 36.29 44.02 -22.72
N LEU B 21 36.50 42.74 -22.41
CA LEU B 21 37.55 42.33 -21.42
C LEU B 21 38.76 41.78 -22.17
N HIS B 22 39.91 42.43 -21.97
CA HIS B 22 41.18 41.99 -22.62
C HIS B 22 41.68 40.71 -21.94
N LEU B 23 42.22 39.77 -22.73
CA LEU B 23 42.78 38.52 -22.16
C LEU B 23 43.92 38.90 -21.23
N ASP B 24 44.72 39.89 -21.67
CA ASP B 24 45.87 40.40 -20.94
C ASP B 24 45.49 40.81 -19.53
N ALA B 25 44.30 41.38 -19.36
CA ALA B 25 43.79 41.74 -18.04
C ALA B 25 43.60 40.50 -17.17
N LEU B 26 43.07 39.43 -17.78
CA LEU B 26 42.89 38.17 -17.07
C LEU B 26 44.22 37.61 -16.63
N LEU B 27 45.19 37.50 -17.55
CA LEU B 27 46.47 36.90 -17.20
C LEU B 27 47.30 37.80 -16.29
N GLY B 28 47.05 39.11 -16.33
CA GLY B 28 47.65 39.99 -15.35
C GLY B 28 47.15 39.72 -13.94
N ALA B 29 45.84 39.43 -13.82
CA ALA B 29 45.32 39.00 -12.52
C ALA B 29 45.87 37.66 -12.09
N LEU B 30 46.08 36.76 -13.04
CA LEU B 30 46.65 35.45 -12.68
C LEU B 30 48.09 35.58 -12.23
N ARG B 31 48.84 36.51 -12.84
CA ARG B 31 50.18 36.81 -12.37
C ARG B 31 50.16 37.45 -10.99
N VAL B 32 49.17 38.31 -10.73
CA VAL B 32 49.03 38.95 -9.43
C VAL B 32 48.73 37.92 -8.35
N SER B 33 47.83 36.97 -8.64
CA SER B 33 47.51 35.94 -7.66
C SER B 33 48.66 34.94 -7.50
N ARG B 34 49.41 34.68 -8.57
CA ARG B 34 50.60 33.85 -8.47
C ARG B 34 51.65 34.50 -7.60
N ALA B 35 51.79 35.82 -7.71
CA ALA B 35 52.69 36.57 -6.83
C ALA B 35 52.19 36.57 -5.40
N ARG B 36 50.87 36.62 -5.20
CA ARG B 36 50.30 36.56 -3.86
C ARG B 36 50.55 35.19 -3.24
N ALA B 37 50.56 34.15 -4.05
CA ALA B 37 51.01 32.84 -3.59
C ALA B 37 52.50 32.85 -3.28
N GLU B 38 53.29 33.55 -4.10
CA GLU B 38 54.75 33.54 -3.92
C GLU B 38 55.20 34.56 -2.87
N HIS B 39 54.97 35.85 -3.14
CA HIS B 39 55.51 36.92 -2.31
C HIS B 39 54.55 37.37 -1.22
N GLY B 40 53.61 36.53 -0.82
CA GLY B 40 52.73 36.85 0.29
C GLY B 40 51.60 37.78 -0.08
N ASP B 41 50.80 38.14 0.92
CA ASP B 41 49.64 38.99 0.66
C ASP B 41 50.03 40.46 0.46
N ALA B 42 50.94 40.98 1.28
CA ALA B 42 51.23 42.41 1.33
C ALA B 42 52.17 42.78 0.19
N ILE B 43 51.63 42.84 -1.02
CA ILE B 43 52.41 43.22 -2.19
C ILE B 43 51.60 44.17 -3.06
N ASN B 44 52.30 45.11 -3.68
CA ASN B 44 51.67 46.04 -4.60
C ASN B 44 51.34 45.32 -5.91
N PRO B 45 50.08 45.29 -6.33
CA PRO B 45 49.74 44.54 -7.56
C PRO B 45 50.22 45.20 -8.84
N ARG B 46 50.60 46.48 -8.79
CA ARG B 46 51.05 47.14 -10.01
C ARG B 46 52.45 46.72 -10.44
N ASP B 47 53.19 45.99 -9.60
CA ASP B 47 54.53 45.57 -9.98
C ASP B 47 54.48 44.29 -10.83
N TYR B 48 53.47 43.45 -10.61
CA TYR B 48 53.38 42.15 -11.28
C TYR B 48 52.33 42.11 -12.38
N HIS B 49 51.43 43.08 -12.43
CA HIS B 49 50.32 43.00 -13.38
C HIS B 49 50.73 43.38 -14.80
N TYR B 50 51.98 43.76 -15.01
CA TYR B 50 52.54 43.86 -16.35
C TYR B 50 53.60 42.80 -16.63
N ASP B 51 53.94 41.98 -15.63
CA ASP B 51 54.93 40.92 -15.77
C ASP B 51 54.27 39.71 -16.43
N LEU B 52 54.16 39.78 -17.75
CA LEU B 52 53.34 38.80 -18.43
C LEU B 52 54.12 38.04 -19.48
N PRO B 53 53.72 36.80 -19.80
CA PRO B 53 54.22 36.15 -21.02
C PRO B 53 53.46 36.60 -22.26
N LEU B 54 53.44 37.91 -22.49
CA LEU B 54 52.75 38.51 -23.62
C LEU B 54 53.63 39.59 -24.21
N GLU B 55 53.61 39.70 -25.53
CA GLU B 55 54.45 40.70 -26.18
C GLU B 55 53.74 42.04 -26.16
N ARG B 56 54.48 43.09 -26.52
CA ARG B 56 54.02 44.45 -26.32
C ARG B 56 53.98 45.17 -27.66
N TYR B 57 52.83 45.75 -27.99
CA TYR B 57 52.71 46.63 -29.14
C TYR B 57 52.78 48.07 -28.68
N GLN B 58 53.69 48.84 -29.25
CA GLN B 58 53.90 50.22 -28.89
C GLN B 58 53.22 51.12 -29.92
N ALA B 59 52.40 52.05 -29.44
CA ALA B 59 51.83 53.06 -30.32
C ALA B 59 52.91 54.07 -30.72
N PRO B 60 52.70 54.83 -31.80
CA PRO B 60 53.70 55.82 -32.23
C PRO B 60 54.06 56.89 -31.20
N SER B 61 53.19 57.22 -30.25
CA SER B 61 53.53 58.13 -29.17
C SER B 61 53.28 57.42 -27.85
N GLY B 62 54.27 56.63 -27.40
CA GLY B 62 54.13 55.86 -26.18
C GLY B 62 53.03 54.82 -26.30
N ASP B 63 52.21 54.75 -25.25
CA ASP B 63 50.88 54.12 -25.25
C ASP B 63 50.93 52.64 -25.62
N TRP B 64 51.85 51.93 -24.98
CA TRP B 64 52.02 50.50 -25.22
C TRP B 64 50.82 49.72 -24.68
N VAL B 65 50.37 48.72 -25.44
CA VAL B 65 49.38 47.75 -24.98
C VAL B 65 49.94 46.35 -25.17
N PHE B 66 49.38 45.43 -24.42
CA PHE B 66 49.73 44.03 -24.59
C PHE B 66 49.20 43.54 -25.93
N LYS B 67 49.80 42.47 -26.43
CA LYS B 67 49.45 41.94 -27.73
C LYS B 67 48.20 41.07 -27.70
N ALA B 68 47.37 41.17 -26.67
CA ALA B 68 46.19 40.35 -26.47
C ALA B 68 44.99 40.94 -27.19
N SER B 69 43.87 40.21 -27.12
CA SER B 69 42.58 40.69 -27.61
C SER B 69 41.51 40.45 -26.57
N ALA B 70 40.38 41.14 -26.75
CA ALA B 70 39.24 40.90 -25.90
C ALA B 70 38.57 39.57 -26.25
N PHE B 71 37.95 38.95 -25.25
CA PHE B 71 37.33 37.66 -25.46
C PHE B 71 36.04 37.81 -26.26
N LYS B 72 35.95 37.05 -27.34
CA LYS B 72 34.76 36.98 -28.18
C LYS B 72 33.92 35.78 -27.77
N LEU B 73 32.61 35.96 -27.75
CA LEU B 73 31.69 35.00 -27.15
C LEU B 73 31.00 34.23 -28.26
N LYS B 74 31.07 32.88 -28.19
CA LYS B 74 30.26 32.01 -29.03
C LYS B 74 29.24 31.36 -28.13
N ARG B 75 28.00 31.85 -28.19
CA ARG B 75 26.99 31.49 -27.21
C ARG B 75 26.49 30.07 -27.43
N GLN B 76 26.61 29.23 -26.41
CA GLN B 76 25.95 27.94 -26.42
C GLN B 76 24.54 28.01 -25.86
N LEU B 77 24.25 29.00 -25.02
CA LEU B 77 22.97 29.15 -24.34
C LEU B 77 22.37 30.51 -24.64
N PRO B 78 21.04 30.65 -24.52
CA PRO B 78 20.45 31.98 -24.58
C PRO B 78 20.87 32.85 -23.40
N ASN B 79 20.95 34.16 -23.66
CA ASN B 79 21.31 35.11 -22.63
C ASN B 79 20.21 35.20 -21.59
N GLN B 80 20.58 35.46 -20.34
CA GLN B 80 19.58 35.68 -19.31
C GLN B 80 20.00 36.87 -18.46
N MET B 81 19.18 37.21 -17.47
CA MET B 81 19.53 38.30 -16.57
C MET B 81 19.45 37.82 -15.13
N TRP B 82 20.48 38.13 -14.36
CA TRP B 82 20.58 37.72 -12.98
C TRP B 82 20.20 38.84 -12.05
N MET B 83 19.22 38.56 -11.20
CA MET B 83 18.90 39.44 -10.10
C MET B 83 19.74 39.03 -8.90
N GLN B 84 20.27 40.04 -8.20
CA GLN B 84 20.75 39.82 -6.85
C GLN B 84 20.33 41.01 -6.02
N THR B 85 20.12 40.77 -4.73
CA THR B 85 19.77 41.85 -3.82
C THR B 85 20.83 41.96 -2.74
N GLY B 86 21.02 43.17 -2.27
CA GLY B 86 21.68 43.39 -1.00
C GLY B 86 20.66 43.93 -0.03
N ARG B 87 20.30 43.14 0.97
CA ARG B 87 19.45 43.62 2.04
C ARG B 87 20.12 43.27 3.36
N LEU B 88 20.27 44.26 4.23
CA LEU B 88 20.73 43.96 5.57
C LEU B 88 19.56 43.37 6.34
N SER B 89 19.85 42.37 7.18
CA SER B 89 18.82 41.74 7.99
C SER B 89 18.32 42.70 9.05
N ILE B 90 17.10 43.21 8.83
CA ILE B 90 16.52 44.21 9.73
C ILE B 90 16.18 43.59 11.07
N VAL B 91 15.72 42.34 11.05
CA VAL B 91 15.33 41.63 12.27
C VAL B 91 16.54 41.37 13.17
N GLU B 92 17.65 40.92 12.58
CA GLU B 92 18.87 40.66 13.32
C GLU B 92 19.42 41.95 13.88
N ALA B 93 19.31 43.04 13.11
CA ALA B 93 19.76 44.33 13.59
C ALA B 93 18.91 44.86 14.73
N ALA B 94 17.62 44.56 14.74
CA ALA B 94 16.78 44.96 15.86
C ALA B 94 17.16 44.21 17.14
N ARG B 95 17.42 42.90 16.99
CA ARG B 95 17.87 42.11 18.15
C ARG B 95 19.22 42.59 18.66
N HIS B 96 20.13 42.92 17.74
CA HIS B 96 21.44 43.41 18.15
C HIS B 96 21.37 44.83 18.70
N ARG B 97 20.36 45.60 18.29
CA ARG B 97 20.21 46.94 18.85
C ARG B 97 19.68 46.90 20.26
N GLN B 98 18.70 46.04 20.52
CA GLN B 98 18.20 45.94 21.89
C GLN B 98 19.24 45.25 22.79
N SER B 99 20.04 44.35 22.22
CA SER B 99 21.04 43.66 23.04
C SER B 99 22.24 44.55 23.36
N GLY B 100 22.45 45.63 22.60
CA GLY B 100 23.56 46.51 22.85
C GLY B 100 24.83 46.18 22.08
N TYR B 101 24.88 45.03 21.39
CA TYR B 101 26.03 44.70 20.55
C TYR B 101 26.15 45.68 19.39
N LEU B 102 25.02 46.14 18.90
CA LEU B 102 24.95 47.11 17.82
C LEU B 102 24.82 48.51 18.39
N GLN B 103 25.49 49.49 17.78
CA GLN B 103 25.43 50.87 18.32
C GLN B 103 24.96 51.85 17.25
N LEU B 104 23.66 51.81 16.93
CA LEU B 104 23.05 52.75 15.96
C LEU B 104 21.98 53.57 16.70
N ARG B 105 22.13 54.90 16.72
CA ARG B 105 21.18 55.81 17.41
C ARG B 105 19.80 55.77 16.72
N ALA B 106 19.78 55.74 15.40
CA ALA B 106 18.52 55.75 14.62
C ALA B 106 17.70 54.49 14.92
N GLY B 107 16.37 54.66 15.07
CA GLY B 107 15.46 53.57 15.34
C GLY B 107 14.72 53.06 14.12
N LYS B 108 14.84 53.73 12.98
CA LYS B 108 14.06 53.33 11.82
C LYS B 108 15.00 52.98 10.67
N PRO B 109 14.77 51.89 9.95
CA PRO B 109 15.61 51.60 8.80
C PRO B 109 15.06 52.31 7.59
N ASN B 110 15.82 52.27 6.51
CA ASN B 110 15.37 52.88 5.27
C ASN B 110 15.76 51.97 4.11
N PRO B 111 14.78 51.34 3.44
CA PRO B 111 15.12 50.53 2.27
C PRO B 111 15.51 51.34 1.07
N ALA B 112 15.24 52.65 1.06
CA ALA B 112 15.64 53.49 -0.06
C ALA B 112 17.14 53.76 -0.05
N GLY B 113 17.72 53.96 1.13
CA GLY B 113 19.15 54.19 1.24
C GLY B 113 19.59 54.06 2.67
N GLY B 114 20.90 53.87 2.84
CA GLY B 114 21.46 53.75 4.16
C GLY B 114 21.99 52.37 4.43
N PRO B 115 22.02 51.97 5.71
CA PRO B 115 22.53 50.63 6.05
C PRO B 115 21.62 49.52 5.56
N PHE B 116 20.33 49.76 5.67
CA PHE B 116 19.32 48.73 5.46
C PHE B 116 18.65 48.88 4.11
N LYS B 117 19.35 49.49 3.16
CA LYS B 117 18.85 49.63 1.81
C LYS B 117 18.81 48.27 1.15
N THR B 118 17.61 47.69 1.09
CA THR B 118 17.37 46.63 0.14
C THR B 118 17.61 47.17 -1.25
N SER B 119 18.41 46.46 -2.04
CA SER B 119 18.79 46.94 -3.35
C SER B 119 18.79 45.78 -4.32
N ILE B 120 18.20 45.99 -5.49
CA ILE B 120 18.00 44.91 -6.45
C ILE B 120 18.69 45.30 -7.75
N TYR B 121 19.54 44.41 -8.27
CA TYR B 121 20.29 44.71 -9.47
C TYR B 121 20.33 43.50 -10.38
N HIS B 122 20.22 43.76 -11.68
CA HIS B 122 20.12 42.73 -12.70
C HIS B 122 21.28 42.87 -13.66
N ARG B 123 22.08 41.85 -13.72
CA ARG B 123 23.28 41.79 -14.51
C ARG B 123 23.15 40.72 -15.59
N PRO B 124 23.63 40.96 -16.80
CA PRO B 124 23.43 39.99 -17.89
C PRO B 124 24.34 38.77 -17.74
N ILE B 125 23.82 37.62 -18.17
CA ILE B 125 24.44 36.32 -17.97
C ILE B 125 24.54 35.61 -19.32
N VAL B 126 25.73 35.08 -19.60
CA VAL B 126 25.99 34.30 -20.80
C VAL B 126 26.75 33.03 -20.40
N GLN B 127 26.40 31.92 -21.03
CA GLN B 127 27.21 30.71 -21.05
C GLN B 127 27.63 30.49 -22.50
N ALA B 128 28.94 30.37 -22.73
CA ALA B 128 29.46 30.48 -24.09
C ALA B 128 30.78 29.72 -24.18
N GLU B 129 31.47 29.92 -25.30
CA GLU B 129 32.87 29.56 -25.48
C GLU B 129 33.60 30.85 -25.81
N LEU B 130 34.68 31.13 -25.09
CA LEU B 130 35.30 32.45 -25.26
C LEU B 130 36.63 32.31 -25.96
N THR B 131 36.85 33.13 -26.97
CA THR B 131 37.99 33.03 -27.86
C THR B 131 38.77 34.35 -27.84
N ALA B 132 40.09 34.25 -27.65
CA ALA B 132 40.92 35.43 -27.67
C ALA B 132 42.19 35.18 -28.47
N PHE B 133 42.58 36.17 -29.24
CA PHE B 133 43.82 36.14 -30.02
C PHE B 133 44.90 36.90 -29.27
N CYS B 134 46.13 36.40 -29.34
CA CYS B 134 47.24 37.11 -28.72
C CYS B 134 48.52 36.75 -29.44
N VAL B 135 49.59 37.46 -29.11
CA VAL B 135 50.93 37.16 -29.61
C VAL B 135 51.77 36.97 -28.36
N GLY B 136 52.34 35.77 -28.20
CA GLY B 136 52.95 35.45 -26.92
C GLY B 136 53.42 34.02 -26.90
N ASP B 137 54.32 33.75 -25.95
CA ASP B 137 54.79 32.38 -25.75
C ASP B 137 53.67 31.56 -25.12
N GLN B 138 53.84 30.24 -25.17
CA GLN B 138 52.75 29.35 -24.85
C GLN B 138 52.72 28.95 -23.37
N GLN B 139 53.85 28.46 -22.84
CA GLN B 139 53.84 27.69 -21.59
C GLN B 139 53.51 28.57 -20.39
N GLY B 140 53.84 29.86 -20.45
CA GLY B 140 53.43 30.77 -19.39
C GLY B 140 51.93 30.97 -19.36
N ILE B 141 51.33 31.08 -20.55
CA ILE B 141 49.88 31.19 -20.67
C ILE B 141 49.22 29.88 -20.20
N GLU B 142 49.87 28.74 -20.48
CA GLU B 142 49.35 27.45 -19.99
C GLU B 142 49.34 27.38 -18.48
N ALA B 143 50.46 27.76 -17.84
CA ALA B 143 50.56 27.69 -16.39
C ALA B 143 49.60 28.68 -15.73
N LEU B 144 49.46 29.87 -16.32
CA LEU B 144 48.54 30.87 -15.78
C LEU B 144 47.09 30.42 -15.87
N LEU B 145 46.66 29.97 -17.06
CA LEU B 145 45.27 29.57 -17.22
C LEU B 145 44.98 28.24 -16.53
N SER B 146 46.01 27.43 -16.27
CA SER B 146 45.84 26.28 -15.40
C SER B 146 45.61 26.70 -13.95
N GLU B 147 46.27 27.77 -13.51
CA GLU B 147 45.94 28.35 -12.21
C GLU B 147 44.56 29.00 -12.19
N CYS B 148 44.05 29.44 -13.34
CA CYS B 148 42.78 30.15 -13.42
C CYS B 148 41.60 29.20 -13.20
N ARG B 149 40.73 29.56 -12.25
CA ARG B 149 39.56 28.73 -11.94
C ARG B 149 38.29 29.17 -12.62
N GLN B 150 37.99 30.48 -12.62
CA GLN B 150 36.74 30.97 -13.16
C GLN B 150 37.00 32.09 -14.15
N ILE B 151 35.95 32.44 -14.90
CA ILE B 151 35.98 33.64 -15.73
C ILE B 151 34.69 34.42 -15.47
N GLY B 152 34.75 35.75 -15.59
CA GLY B 152 33.61 36.62 -15.48
C GLY B 152 33.76 37.41 -14.20
N GLY B 153 32.86 38.36 -14.05
CA GLY B 153 32.83 39.17 -12.85
C GLY B 153 32.05 38.51 -11.75
N LYS B 154 32.07 39.15 -10.57
CA LYS B 154 31.40 38.74 -9.32
C LYS B 154 31.54 37.24 -9.09
N ARG B 155 32.78 36.84 -8.88
CA ARG B 155 33.10 35.44 -8.70
C ARG B 155 32.83 34.95 -7.30
N GLY B 156 32.68 35.86 -6.32
CA GLY B 156 32.43 35.45 -4.94
C GLY B 156 31.09 34.79 -4.73
N VAL B 157 30.20 34.91 -5.71
CA VAL B 157 28.93 34.19 -5.73
C VAL B 157 28.95 33.03 -6.72
N GLY B 158 30.12 32.65 -7.23
CA GLY B 158 30.32 31.36 -7.87
C GLY B 158 30.18 31.30 -9.37
N PHE B 159 30.35 32.41 -10.08
CA PHE B 159 29.93 32.45 -11.48
C PHE B 159 31.09 32.16 -12.42
N GLY B 160 30.76 31.43 -13.48
CA GLY B 160 31.65 31.26 -14.61
C GLY B 160 32.91 30.46 -14.37
N GLN B 161 32.80 29.35 -13.63
CA GLN B 161 33.95 28.47 -13.40
C GLN B 161 34.39 27.81 -14.69
N VAL B 162 35.69 27.81 -14.94
CA VAL B 162 36.24 27.30 -16.19
C VAL B 162 36.26 25.78 -16.13
N ALA B 163 35.53 25.15 -17.05
CA ALA B 163 35.59 23.69 -17.16
C ALA B 163 36.91 23.24 -17.80
N GLY B 164 37.39 24.00 -18.77
CA GLY B 164 38.65 23.67 -19.42
C GLY B 164 39.07 24.77 -20.35
N PHE B 165 40.31 24.67 -20.81
CA PHE B 165 40.87 25.66 -21.73
C PHE B 165 41.82 24.94 -22.68
N LYS B 166 41.91 25.47 -23.90
CA LYS B 166 42.94 25.02 -24.83
C LYS B 166 43.54 26.22 -25.53
N VAL B 167 44.86 26.14 -25.69
CA VAL B 167 45.68 27.25 -26.15
C VAL B 167 46.58 26.71 -27.25
N GLU B 168 46.49 27.29 -28.44
CA GLU B 168 47.16 26.64 -29.57
C GLU B 168 47.64 27.67 -30.57
N PRO B 169 48.74 27.39 -31.25
CA PRO B 169 49.24 28.34 -32.25
C PRO B 169 48.37 28.39 -33.50
N VAL B 170 48.43 29.53 -34.18
CA VAL B 170 47.67 29.80 -35.39
C VAL B 170 48.52 30.70 -36.29
N ALA B 171 48.05 30.88 -37.53
CA ALA B 171 48.79 31.65 -38.53
C ALA B 171 48.84 33.13 -38.17
N GLU B 172 49.74 33.85 -38.86
CA GLU B 172 49.97 35.26 -38.56
C GLU B 172 48.79 36.12 -39.00
N THR B 173 48.19 35.80 -40.14
CA THR B 173 47.02 36.54 -40.61
C THR B 173 45.71 35.97 -40.07
N ASP B 174 45.75 34.82 -39.40
CA ASP B 174 44.53 34.17 -38.93
C ASP B 174 43.99 34.77 -37.65
N CYS B 175 44.79 35.57 -36.93
CA CYS B 175 44.36 36.12 -35.64
C CYS B 175 44.44 37.63 -35.64
N PRO B 176 43.32 38.33 -35.71
CA PRO B 176 43.35 39.74 -35.29
C PRO B 176 43.35 39.83 -33.78
N TRP B 177 44.53 40.07 -33.20
CA TRP B 177 44.62 40.40 -31.79
C TRP B 177 44.20 41.83 -31.52
N SER B 178 44.01 42.62 -32.57
CA SER B 178 43.66 44.03 -32.46
C SER B 178 42.24 44.26 -31.97
N TRP B 179 41.41 43.22 -31.88
CA TRP B 179 40.07 43.36 -31.32
C TRP B 179 40.22 43.57 -29.82
N ARG B 180 40.49 44.82 -29.44
CA ARG B 180 41.15 45.18 -28.20
C ARG B 180 41.15 46.70 -28.11
N ALA B 181 41.13 47.20 -26.87
CA ALA B 181 41.15 48.65 -26.62
C ALA B 181 42.61 49.12 -26.65
N LEU B 182 42.93 49.96 -27.62
CA LEU B 182 44.31 50.48 -27.80
C LEU B 182 44.25 52.01 -27.97
N PRO B 183 45.38 52.73 -27.83
CA PRO B 183 45.37 54.19 -27.99
C PRO B 183 44.94 54.53 -29.42
N ALA B 184 44.17 55.61 -29.57
CA ALA B 184 43.65 56.00 -30.90
C ALA B 184 44.85 56.22 -31.84
N ASP B 185 45.92 56.80 -31.32
CA ASP B 185 47.15 57.02 -32.14
C ASP B 185 47.66 55.69 -32.69
N ALA B 186 46.97 54.58 -32.39
CA ALA B 186 47.39 53.24 -32.85
C ALA B 186 47.35 53.15 -34.38
N ASP B 187 48.21 52.32 -34.96
CA ASP B 187 48.34 52.19 -36.44
C ASP B 187 47.02 51.76 -37.08
N PRO B 188 46.68 52.26 -38.28
CA PRO B 188 45.40 51.96 -38.93
C PRO B 188 45.20 50.47 -39.21
N ARG B 189 46.26 49.76 -39.66
CA ARG B 189 46.06 48.34 -39.94
C ARG B 189 45.25 47.67 -38.83
N LEU B 190 45.52 48.02 -37.57
CA LEU B 190 44.89 47.32 -36.47
C LEU B 190 43.50 47.84 -36.13
N VAL B 191 43.16 49.07 -36.48
CA VAL B 191 41.82 49.59 -36.21
C VAL B 191 40.89 49.16 -37.36
N THR B 192 39.82 48.46 -37.00
CA THR B 192 38.82 48.01 -37.95
C THR B 192 37.59 48.90 -37.83
N SER B 193 36.53 48.51 -38.55
CA SER B 193 35.29 49.27 -38.49
C SER B 193 34.58 49.09 -37.15
N GLU B 194 34.86 47.98 -36.46
CA GLU B 194 34.24 47.73 -35.17
C GLU B 194 34.83 48.60 -34.07
N HIS B 195 36.11 48.95 -34.17
CA HIS B 195 36.76 49.85 -33.20
C HIS B 195 36.17 51.25 -33.33
N ALA B 196 35.99 51.92 -32.19
CA ALA B 196 35.51 53.29 -32.17
C ALA B 196 36.15 54.04 -31.02
N ARG B 197 36.12 55.37 -31.11
CA ARG B 197 36.71 56.20 -30.08
C ARG B 197 35.82 56.25 -28.85
N CYS B 198 36.43 56.15 -27.67
CA CYS B 198 35.71 56.14 -26.42
C CYS B 198 36.68 56.47 -25.29
N ILE B 199 36.14 56.68 -24.11
CA ILE B 199 36.94 56.86 -22.89
C ILE B 199 37.18 55.46 -22.36
N ALA B 200 38.24 54.82 -22.88
CA ALA B 200 38.46 53.41 -22.61
C ALA B 200 39.83 53.23 -21.97
N ALA B 201 39.97 52.15 -21.21
CA ALA B 201 41.24 51.77 -20.64
C ALA B 201 41.92 50.82 -21.60
N ILE B 202 43.24 50.92 -21.70
CA ILE B 202 44.01 50.14 -22.66
C ILE B 202 44.90 49.11 -21.98
N ARG B 203 44.98 49.12 -20.66
CA ARG B 203 46.02 48.37 -19.99
C ARG B 203 45.65 48.16 -18.53
N GLY B 204 46.17 47.06 -17.98
CA GLY B 204 46.22 46.83 -16.55
C GLY B 204 44.87 46.70 -15.89
N PRO B 205 44.60 47.56 -14.91
CA PRO B 205 43.24 47.68 -14.40
C PRO B 205 42.36 48.38 -15.43
N TYR B 206 41.39 47.65 -16.00
CA TYR B 206 40.52 48.25 -17.00
C TYR B 206 39.31 48.94 -16.37
N TRP B 207 39.25 48.97 -15.05
CA TRP B 207 38.21 49.62 -14.28
C TRP B 207 38.68 50.92 -13.66
N ASP B 208 40.00 51.12 -13.60
CA ASP B 208 40.60 52.34 -13.07
C ASP B 208 40.25 53.52 -13.96
N ARG B 209 39.27 54.30 -13.50
CA ARG B 209 38.78 55.43 -14.27
C ARG B 209 39.75 56.61 -14.24
N THR B 210 40.68 56.58 -13.29
CA THR B 210 41.73 57.62 -13.18
C THR B 210 42.66 57.52 -14.39
N LEU B 211 42.98 56.28 -14.79
CA LEU B 211 43.91 56.00 -15.92
C LEU B 211 43.17 55.99 -17.26
N HIS B 212 41.84 56.14 -17.26
CA HIS B 212 41.07 56.13 -18.53
C HIS B 212 41.49 57.32 -19.41
N VAL B 213 41.55 57.08 -20.74
CA VAL B 213 41.96 58.12 -21.73
C VAL B 213 41.30 57.79 -23.08
N GLU B 214 41.36 58.71 -24.04
CA GLU B 214 40.75 58.47 -25.38
C GLU B 214 41.40 57.21 -25.97
N ALA B 215 40.57 56.34 -26.56
CA ALA B 215 41.05 55.06 -27.05
C ALA B 215 40.13 54.53 -28.14
N LEU B 216 40.66 53.66 -28.98
CA LEU B 216 39.89 52.99 -30.01
C LEU B 216 39.63 51.56 -29.55
N ALA B 217 38.38 51.27 -29.20
CA ALA B 217 38.00 49.99 -28.64
C ALA B 217 36.82 49.39 -29.39
N PRO B 218 36.74 48.07 -29.47
CA PRO B 218 35.55 47.41 -30.00
C PRO B 218 34.47 47.31 -28.91
N THR B 219 33.32 46.77 -29.30
CA THR B 219 32.23 46.54 -28.36
C THR B 219 32.05 45.05 -28.16
N PRO B 220 31.80 44.56 -26.93
CA PRO B 220 31.68 43.14 -26.59
C PRO B 220 30.58 42.39 -27.33
N MET C 1 42.06 25.62 -1.24
CA MET C 1 41.18 25.19 -0.16
C MET C 1 39.76 25.01 -0.67
N GLN C 2 39.40 23.78 -1.04
CA GLN C 2 38.08 23.48 -1.56
C GLN C 2 37.28 22.65 -0.56
N ILE C 3 36.07 23.11 -0.23
CA ILE C 3 35.13 22.41 0.64
C ILE C 3 33.90 22.07 -0.18
N GLU C 4 33.52 20.79 -0.18
CA GLU C 4 32.34 20.34 -0.91
C GLU C 4 31.32 19.85 0.11
N VAL C 5 30.29 20.65 0.34
CA VAL C 5 29.24 20.33 1.31
C VAL C 5 28.04 19.80 0.55
N THR C 6 27.71 18.54 0.75
CA THR C 6 26.52 17.93 0.19
C THR C 6 25.46 17.85 1.28
N VAL C 7 24.31 18.45 1.01
CA VAL C 7 23.23 18.61 1.98
C VAL C 7 21.98 17.97 1.41
N ARG C 8 21.02 17.70 2.29
CA ARG C 8 19.74 17.11 1.92
C ARG C 8 18.65 17.99 2.51
N ASN C 9 17.83 18.59 1.65
CA ASN C 9 16.80 19.51 2.14
C ASN C 9 15.65 18.72 2.75
N ILE C 10 15.50 18.83 4.08
CA ILE C 10 14.44 18.12 4.78
C ILE C 10 13.08 18.67 4.37
N THR C 11 12.98 19.98 4.25
CA THR C 11 11.80 20.69 3.76
C THR C 11 12.09 21.27 2.38
N PRO C 12 11.08 21.70 1.62
CA PRO C 12 11.34 22.20 0.26
C PRO C 12 12.17 23.48 0.21
N ILE C 13 12.64 23.78 -1.00
CA ILE C 13 13.47 24.94 -1.29
C ILE C 13 12.66 25.88 -2.17
N PHE C 14 12.57 27.15 -1.76
CA PHE C 14 11.86 28.16 -2.54
C PHE C 14 12.71 29.43 -2.49
N SER C 15 13.52 29.63 -3.53
CA SER C 15 14.30 30.85 -3.70
C SER C 15 13.58 31.68 -4.75
N ALA C 16 12.84 32.69 -4.29
CA ALA C 16 11.88 33.41 -5.12
C ALA C 16 12.55 34.12 -6.28
N ALA C 17 11.95 34.00 -7.45
CA ALA C 17 12.46 34.47 -8.73
C ALA C 17 11.73 35.73 -9.17
N PRO C 18 12.38 36.66 -9.86
CA PRO C 18 11.69 37.87 -10.33
C PRO C 18 10.73 37.53 -11.44
N GLY C 19 9.73 38.40 -11.60
CA GLY C 19 8.80 38.27 -12.70
C GLY C 19 7.40 37.97 -12.23
N SER C 20 6.41 38.46 -12.96
CA SER C 20 5.01 38.22 -12.67
C SER C 20 4.61 36.92 -13.37
N ASN C 21 4.98 35.80 -12.76
CA ASN C 21 4.72 34.53 -13.39
C ASN C 21 3.26 34.15 -13.20
N TYR C 22 2.71 33.46 -14.19
CA TYR C 22 1.28 33.25 -14.27
C TYR C 22 1.01 31.75 -14.33
N ILE C 23 -0.11 31.32 -13.77
CA ILE C 23 -0.44 29.88 -13.76
C ILE C 23 -1.96 29.71 -13.76
N THR C 24 -2.46 28.74 -14.53
CA THR C 24 -3.88 28.43 -14.53
C THR C 24 -4.24 27.68 -13.24
N ILE C 25 -5.50 27.24 -13.16
CA ILE C 25 -5.93 26.40 -12.04
C ILE C 25 -5.22 25.05 -12.08
N ASP C 26 -4.93 24.56 -13.27
CA ASP C 26 -4.09 23.39 -13.46
C ASP C 26 -2.61 23.81 -13.41
N GLY C 27 -1.73 22.92 -13.83
CA GLY C 27 -0.31 23.20 -13.76
C GLY C 27 0.30 23.92 -14.94
N THR C 28 -0.51 24.45 -15.85
CA THR C 28 0.02 25.16 -17.01
C THR C 28 0.59 26.50 -16.57
N ILE C 29 1.83 26.76 -16.98
CA ILE C 29 2.62 27.88 -16.50
C ILE C 29 2.66 28.96 -17.58
N ASN C 30 2.30 30.19 -17.20
CA ASN C 30 2.23 31.38 -18.05
C ASN C 30 1.34 31.14 -19.26
N PRO C 31 0.02 31.05 -19.07
CA PRO C 31 -0.87 30.70 -20.17
C PRO C 31 -1.06 31.89 -21.10
N PRO C 32 -1.59 31.68 -22.30
CA PRO C 32 -1.95 32.81 -23.15
C PRO C 32 -3.08 33.60 -22.54
N PRO C 33 -3.15 34.91 -22.81
CA PRO C 33 -4.19 35.74 -22.19
C PRO C 33 -5.57 35.42 -22.72
N GLY C 34 -6.57 35.74 -21.91
CA GLY C 34 -7.94 35.38 -22.19
C GLY C 34 -8.45 34.21 -21.37
N VAL C 35 -7.60 33.58 -20.57
CA VAL C 35 -7.98 32.49 -19.69
C VAL C 35 -7.78 32.95 -18.25
N SER C 36 -8.45 32.28 -17.32
CA SER C 36 -8.33 32.59 -15.90
C SER C 36 -6.95 32.22 -15.39
N ARG C 37 -6.12 33.22 -15.12
CA ARG C 37 -4.74 32.99 -14.76
C ARG C 37 -4.44 33.66 -13.42
N PHE C 38 -3.51 33.09 -12.69
CA PHE C 38 -3.23 33.35 -11.28
C PHE C 38 -1.80 33.82 -11.11
N PRO C 39 -1.54 34.67 -10.11
CA PRO C 39 -0.16 35.08 -9.83
C PRO C 39 0.67 33.92 -9.30
N LEU C 40 1.98 34.03 -9.51
CA LEU C 40 2.91 32.95 -9.28
C LEU C 40 4.32 33.50 -9.27
N VAL C 41 5.04 33.26 -8.18
CA VAL C 41 6.47 33.51 -8.09
C VAL C 41 7.18 32.16 -7.98
N ARG C 42 7.93 31.82 -9.01
CA ARG C 42 8.56 30.51 -9.01
C ARG C 42 9.87 30.56 -8.25
N THR C 43 10.51 29.41 -8.12
CA THR C 43 11.82 29.41 -7.52
C THR C 43 12.87 29.86 -8.54
N ARG C 44 14.06 30.17 -8.02
CA ARG C 44 15.16 30.67 -8.90
C ARG C 44 15.53 29.55 -9.89
N MET C 45 15.62 29.89 -11.18
CA MET C 45 16.01 28.89 -12.20
C MET C 45 16.93 29.57 -13.23
N MET C 46 17.86 28.79 -13.80
CA MET C 46 18.80 29.30 -14.84
C MET C 46 18.90 28.25 -15.94
N TYR C 47 19.30 28.66 -17.15
CA TYR C 47 19.46 27.69 -18.25
C TYR C 47 20.91 27.22 -18.24
N VAL C 48 21.14 25.92 -18.02
CA VAL C 48 22.51 25.41 -17.97
C VAL C 48 22.74 24.55 -19.19
N ALA C 49 23.99 24.50 -19.65
CA ALA C 49 24.39 23.75 -20.84
C ALA C 49 24.73 22.33 -20.41
N ALA C 50 23.81 21.40 -20.59
CA ALA C 50 24.03 20.06 -20.08
C ALA C 50 24.18 19.11 -21.25
N ASP C 51 25.11 18.17 -21.12
CA ASP C 51 25.43 17.17 -22.13
C ASP C 51 24.59 15.91 -21.90
N VAL C 52 23.27 16.08 -21.82
CA VAL C 52 22.36 15.01 -21.44
C VAL C 52 21.76 14.36 -22.67
N GLY C 53 21.74 13.02 -22.66
CA GLY C 53 21.13 12.24 -23.71
C GLY C 53 21.93 12.06 -24.97
N ASP C 54 22.83 12.99 -25.29
CA ASP C 54 23.60 12.92 -26.52
C ASP C 54 24.87 13.73 -26.38
N GLY C 55 25.62 13.84 -27.48
CA GLY C 55 26.91 14.50 -27.46
C GLY C 55 26.85 16.01 -27.45
N VAL C 56 25.67 16.60 -27.68
CA VAL C 56 25.54 18.05 -27.72
C VAL C 56 24.99 18.54 -26.39
N ILE C 57 25.31 19.78 -26.06
CA ILE C 57 24.81 20.42 -24.85
C ILE C 57 23.56 21.21 -25.20
N LYS C 58 22.61 21.22 -24.27
CA LYS C 58 21.37 21.98 -24.45
C LYS C 58 21.07 22.78 -23.20
N SER C 59 20.37 23.91 -23.39
CA SER C 59 19.88 24.76 -22.31
C SER C 59 18.72 24.06 -21.62
N VAL C 60 19.00 23.53 -20.44
CA VAL C 60 17.97 22.88 -19.65
C VAL C 60 17.74 23.70 -18.39
N PRO C 61 16.53 23.74 -17.86
CA PRO C 61 16.29 24.40 -16.58
C PRO C 61 17.00 23.70 -15.43
N LEU C 62 17.46 24.49 -14.47
CA LEU C 62 18.08 23.96 -13.27
C LEU C 62 17.79 24.91 -12.12
N GLN C 63 16.94 24.48 -11.20
CA GLN C 63 16.46 25.35 -10.15
C GLN C 63 17.36 25.21 -8.92
N ILE C 64 18.01 26.30 -8.51
CA ILE C 64 18.92 26.24 -7.38
C ILE C 64 18.66 27.45 -6.48
N VAL C 65 19.55 27.59 -5.50
CA VAL C 65 19.66 28.79 -4.68
C VAL C 65 20.87 29.58 -5.18
N PRO C 66 20.76 30.90 -5.33
CA PRO C 66 21.91 31.71 -5.77
C PRO C 66 23.04 31.71 -4.76
N GLY C 67 24.26 31.89 -5.27
CA GLY C 67 25.42 31.87 -4.40
C GLY C 67 25.52 33.08 -3.48
N ASN C 68 24.85 34.19 -3.85
CA ASN C 68 24.78 35.35 -2.97
C ASN C 68 24.00 35.04 -1.71
N THR C 69 22.88 34.33 -1.88
CA THR C 69 22.09 33.88 -0.72
C THR C 69 22.91 32.95 0.15
N MET C 70 23.70 32.10 -0.47
CA MET C 70 24.48 31.13 0.27
C MET C 70 25.64 31.78 1.00
N ARG C 71 26.29 32.74 0.33
CA ARG C 71 27.43 33.46 0.96
C ARG C 71 26.88 34.21 2.18
N SER C 72 25.72 34.84 2.02
CA SER C 72 25.05 35.60 3.11
C SER C 72 24.68 34.64 4.25
N LEU C 73 24.17 33.46 3.91
CA LEU C 73 23.77 32.45 4.93
C LEU C 73 25.01 32.02 5.73
N LEU C 74 26.11 31.77 5.02
CA LEU C 74 27.39 31.37 5.68
C LEU C 74 27.86 32.52 6.57
N ARG C 75 27.76 33.75 6.06
CA ARG C 75 28.20 34.98 6.78
C ARG C 75 27.36 35.15 8.05
N ARG C 76 26.06 34.90 7.96
CA ARG C 76 25.16 35.08 9.11
C ARG C 76 25.28 33.96 10.11
N THR C 77 25.56 32.74 9.65
CA THR C 77 25.77 31.63 10.58
C THR C 77 27.06 31.82 11.38
N MET C 78 28.13 32.31 10.72
CA MET C 78 29.31 32.71 11.48
C MET C 78 29.00 33.84 12.45
N LEU C 79 28.18 34.80 12.03
CA LEU C 79 27.90 35.96 12.86
C LEU C 79 27.13 35.57 14.11
N LYS C 80 26.02 34.86 13.94
CA LYS C 80 25.17 34.50 15.05
C LYS C 80 25.77 33.41 15.92
N HIS C 81 26.46 32.44 15.31
CA HIS C 81 26.94 31.31 16.09
C HIS C 81 28.35 31.51 16.64
N VAL C 82 29.20 32.26 15.95
CA VAL C 82 30.61 32.37 16.38
C VAL C 82 30.94 33.78 16.80
N ILE C 83 30.62 34.76 15.94
CA ILE C 83 30.94 36.15 16.22
C ILE C 83 30.05 36.70 17.32
N GLU C 84 28.77 36.39 17.29
CA GLU C 84 27.96 36.87 18.39
C GLU C 84 28.39 36.44 19.80
N PRO C 85 28.49 35.12 20.10
CA PRO C 85 28.85 34.65 21.45
C PRO C 85 30.26 35.04 21.89
N ALA C 86 31.27 34.85 21.03
CA ALA C 86 32.66 35.18 21.40
C ALA C 86 32.78 36.69 21.63
N LEU C 87 32.23 37.50 20.73
CA LEU C 87 32.29 38.99 20.85
C LEU C 87 31.48 39.46 22.05
N VAL C 88 30.30 38.87 22.25
CA VAL C 88 29.37 39.26 23.36
C VAL C 88 30.04 38.99 24.72
N GLU C 89 30.73 37.86 24.84
CA GLU C 89 31.38 37.49 26.13
C GLU C 89 32.44 38.54 26.49
N LYS C 90 33.21 38.99 25.50
CA LYS C 90 34.27 40.00 25.73
C LYS C 90 33.63 41.32 26.20
N GLY C 91 32.48 41.68 25.60
CA GLY C 91 31.78 42.91 25.94
C GLY C 91 31.85 43.99 24.88
N ASN C 92 32.36 43.70 23.70
CA ASN C 92 32.53 44.66 22.64
C ASN C 92 31.28 44.85 21.83
N LYS C 93 31.11 46.08 21.36
CA LYS C 93 29.93 46.52 20.65
C LYS C 93 30.38 47.11 19.34
N LEU C 94 29.49 47.07 18.35
CA LEU C 94 29.82 47.48 17.00
C LEU C 94 29.02 48.72 16.61
N SER C 95 29.67 49.58 15.83
CA SER C 95 29.14 50.87 15.42
C SER C 95 28.20 50.71 14.23
N ILE C 96 27.91 51.83 13.55
CA ILE C 96 27.11 51.80 12.32
C ILE C 96 27.85 51.01 11.24
N GLY C 97 29.02 51.49 10.85
CA GLY C 97 29.72 50.90 9.73
C GLY C 97 30.36 49.58 10.07
N ALA C 98 30.68 49.36 11.35
CA ALA C 98 31.22 48.07 11.77
C ALA C 98 30.19 46.96 11.59
N TYR C 99 28.96 47.21 12.03
CA TYR C 99 27.89 46.25 11.80
C TYR C 99 27.52 46.17 10.33
N ALA C 100 27.58 47.28 9.60
CA ALA C 100 27.25 47.25 8.18
C ALA C 100 28.28 46.47 7.37
N THR C 101 29.54 46.51 7.79
CA THR C 101 30.57 45.75 7.11
C THR C 101 30.55 44.29 7.53
N ALA C 102 30.22 44.02 8.78
CA ALA C 102 30.19 42.64 9.25
C ALA C 102 28.98 41.90 8.69
N TYR C 103 27.82 42.56 8.66
CA TYR C 103 26.56 41.87 8.43
C TYR C 103 26.06 42.06 7.00
N SER C 104 26.23 43.26 6.45
CA SER C 104 25.90 43.49 5.06
C SER C 104 27.11 43.56 4.15
N GLY C 105 28.26 43.98 4.68
CA GLY C 105 29.40 44.22 3.82
C GLY C 105 29.23 45.43 2.94
N ASN C 106 28.42 46.39 3.38
CA ASN C 106 28.11 47.57 2.59
C ASN C 106 28.88 48.77 3.11
N ALA C 107 28.99 49.79 2.25
CA ALA C 107 29.87 50.92 2.45
C ALA C 107 29.20 52.08 3.16
N THR C 108 28.22 51.81 4.02
CA THR C 108 27.42 52.88 4.57
C THR C 108 28.11 53.57 5.76
N GLY C 109 29.16 52.95 6.30
CA GLY C 109 30.02 53.59 7.31
C GLY C 109 30.55 54.94 6.90
N ASN C 110 31.31 54.98 5.81
CA ASN C 110 31.48 56.21 5.05
C ASN C 110 31.32 55.88 3.57
N PRO C 111 30.37 56.48 2.88
CA PRO C 111 30.08 56.08 1.49
C PRO C 111 31.00 56.73 0.46
N ASP C 112 32.29 56.70 0.73
CA ASP C 112 33.29 57.16 -0.21
C ASP C 112 34.45 56.17 -0.17
N GLY C 113 35.24 56.18 -1.24
CA GLY C 113 36.34 55.25 -1.39
C GLY C 113 37.40 55.42 -0.33
N VAL C 114 37.55 54.42 0.54
CA VAL C 114 38.54 54.45 1.60
C VAL C 114 39.88 54.07 0.99
N PRO C 115 40.92 54.91 1.13
CA PRO C 115 42.27 54.47 0.76
C PRO C 115 42.86 53.61 1.85
N SER C 116 43.11 52.34 1.54
CA SER C 116 43.56 51.37 2.51
C SER C 116 45.05 51.10 2.33
N SER C 117 45.81 51.24 3.41
CA SER C 117 47.22 50.92 3.39
C SER C 117 47.42 49.41 3.26
N PHE C 118 48.57 49.03 2.69
CA PHE C 118 48.89 47.60 2.43
C PHE C 118 48.97 46.81 3.74
N ASP C 119 49.54 47.42 4.80
CA ASP C 119 49.64 46.72 6.11
C ASP C 119 48.22 46.41 6.59
N GLU C 120 47.30 47.38 6.46
CA GLU C 120 45.89 47.19 6.87
C GLU C 120 45.26 46.09 6.00
N ILE C 121 45.55 46.12 4.69
CA ILE C 121 45.00 45.11 3.73
C ILE C 121 45.52 43.72 4.09
N ALA C 122 46.80 43.60 4.44
CA ALA C 122 47.37 42.30 4.78
C ALA C 122 46.83 41.75 6.09
N THR C 123 46.66 42.60 7.10
CA THR C 123 46.21 42.06 8.39
C THR C 123 44.70 41.86 8.43
N MET C 124 43.92 42.57 7.60
CA MET C 124 42.49 42.30 7.59
C MET C 124 42.15 41.13 6.68
N ARG C 125 42.93 40.88 5.63
CA ARG C 125 42.80 39.61 4.93
C ARG C 125 43.39 38.47 5.76
N ALA C 126 44.35 38.75 6.62
CA ALA C 126 44.84 37.74 7.55
C ALA C 126 43.91 37.57 8.74
N HIS C 127 43.08 38.58 9.00
CA HIS C 127 41.99 38.40 9.94
C HIS C 127 41.01 37.38 9.37
N PRO C 128 40.44 36.48 10.21
CA PRO C 128 39.53 35.46 9.68
C PRO C 128 38.32 36.02 8.96
N PHE C 129 37.44 36.72 9.69
CA PHE C 129 36.14 37.11 9.15
C PHE C 129 36.28 38.16 8.05
N ILE C 130 37.15 39.14 8.26
CA ILE C 130 37.34 40.18 7.27
C ILE C 130 38.07 39.63 6.05
N GLY C 131 38.88 38.58 6.25
CA GLY C 131 39.42 37.86 5.11
C GLY C 131 38.33 37.21 4.27
N LEU C 132 37.38 36.54 4.93
CA LEU C 132 36.32 35.84 4.20
C LEU C 132 35.40 36.81 3.46
N PHE C 133 34.89 37.79 4.17
CA PHE C 133 33.99 38.77 3.57
C PHE C 133 34.60 40.15 3.79
N GLY C 134 35.52 40.50 2.91
CA GLY C 134 35.92 41.88 2.79
C GLY C 134 34.90 42.62 1.96
N GLY C 135 34.89 43.93 2.09
CA GLY C 135 33.94 44.73 1.33
C GLY C 135 33.73 46.07 1.98
N GLY C 136 32.55 46.62 1.73
CA GLY C 136 32.19 47.92 2.26
C GLY C 136 33.05 49.02 1.67
N PRO C 137 33.43 49.98 2.52
CA PRO C 137 34.22 51.11 2.01
C PRO C 137 35.65 50.73 1.68
N ARG C 138 36.24 49.81 2.44
CA ARG C 138 37.62 49.41 2.18
C ARG C 138 37.73 48.54 0.96
N MET C 139 36.59 47.99 0.49
CA MET C 139 36.46 47.35 -0.82
C MET C 139 37.34 46.09 -0.87
N LEU C 140 37.38 45.37 0.24
CA LEU C 140 38.42 44.38 0.42
C LEU C 140 38.05 43.09 -0.33
N GLU C 141 39.06 42.43 -0.86
CA GLU C 141 38.88 41.15 -1.53
C GLU C 141 38.51 40.04 -0.53
N GLY C 142 37.48 39.27 -0.86
CA GLY C 142 37.10 38.16 -0.01
C GLY C 142 37.97 36.95 -0.28
N ARG C 143 38.56 36.39 0.78
CA ARG C 143 39.24 35.10 0.66
C ARG C 143 38.27 33.97 0.37
N LEU C 144 37.02 34.09 0.79
CA LEU C 144 36.04 33.01 0.73
C LEU C 144 35.21 33.18 -0.54
N MET C 145 35.02 32.08 -1.24
CA MET C 145 34.20 32.01 -2.44
C MET C 145 33.10 31.01 -2.16
N VAL C 146 31.86 31.38 -2.47
CA VAL C 146 30.72 30.48 -2.32
C VAL C 146 30.16 30.18 -3.68
N ASP C 147 30.14 28.91 -4.04
CA ASP C 147 29.36 28.49 -5.19
C ASP C 147 27.92 28.30 -4.78
N SER C 148 27.04 28.42 -5.75
CA SER C 148 25.62 28.25 -5.53
C SER C 148 25.28 26.78 -5.28
N LEU C 149 24.18 26.54 -4.55
CA LEU C 149 23.78 25.20 -4.18
C LEU C 149 23.22 24.44 -5.36
N TYR C 150 24.01 23.57 -5.97
CA TYR C 150 23.55 22.84 -7.17
C TYR C 150 22.96 21.48 -6.77
N PRO C 151 21.77 21.11 -7.23
CA PRO C 151 21.25 19.80 -6.86
C PRO C 151 21.90 18.72 -7.70
N ILE C 152 21.93 17.51 -7.15
CA ILE C 152 22.57 16.44 -7.90
C ILE C 152 21.57 15.96 -8.94
N HIS C 153 21.57 16.61 -10.12
CA HIS C 153 20.54 16.41 -11.14
C HIS C 153 21.19 16.27 -12.50
N THR C 154 20.44 15.68 -13.45
CA THR C 154 20.89 15.53 -14.83
C THR C 154 21.25 16.87 -15.43
N ASN C 155 20.51 17.91 -15.04
CA ASN C 155 20.78 19.23 -15.58
C ASN C 155 22.09 19.81 -15.06
N ALA C 156 22.48 19.45 -13.84
CA ALA C 156 23.73 19.90 -13.27
C ALA C 156 24.84 18.86 -13.38
N GLU C 157 24.64 17.83 -14.21
CA GLU C 157 25.52 16.67 -14.24
C GLU C 157 26.92 16.99 -14.75
N ARG C 158 27.07 18.07 -15.54
CA ARG C 158 28.36 18.45 -16.07
C ARG C 158 29.08 19.41 -15.11
N ILE C 159 28.30 20.21 -14.37
CA ILE C 159 28.84 20.95 -13.23
C ILE C 159 29.38 19.99 -12.18
N LEU C 160 28.73 18.85 -11.98
CA LEU C 160 29.17 17.81 -11.05
C LEU C 160 29.82 16.66 -11.79
N GLY C 161 30.63 16.98 -12.81
CA GLY C 161 31.15 16.07 -13.83
C GLY C 161 31.69 14.71 -13.42
N ALA C 162 32.35 14.63 -12.27
CA ALA C 162 32.92 13.38 -11.80
C ALA C 162 32.42 13.08 -10.39
N GLY C 163 32.08 11.81 -10.16
CA GLY C 163 31.75 11.34 -8.82
C GLY C 163 30.38 11.70 -8.32
N TYR C 164 29.44 12.03 -9.21
CA TYR C 164 28.09 12.37 -8.77
C TYR C 164 27.00 11.71 -9.59
N GLU C 165 27.33 10.68 -10.40
CA GLU C 165 26.30 10.00 -11.16
C GLU C 165 25.47 9.07 -10.27
N ASN C 166 26.04 8.59 -9.16
CA ASN C 166 25.25 7.88 -8.17
C ASN C 166 24.47 8.87 -7.32
N GLU C 167 23.27 8.45 -6.89
CA GLU C 167 22.32 9.28 -6.14
C GLU C 167 22.02 10.60 -6.84
N MET C 168 21.69 10.51 -8.12
CA MET C 168 21.57 11.65 -9.00
C MET C 168 20.14 11.70 -9.52
N MET C 169 19.50 12.87 -9.36
CA MET C 169 18.07 13.06 -9.63
C MET C 169 17.82 13.25 -11.11
N SER C 170 16.65 12.79 -11.57
CA SER C 170 16.26 13.03 -12.96
C SER C 170 14.83 13.56 -13.07
N GLY C 171 14.42 14.02 -14.20
CA GLY C 171 13.03 14.43 -14.35
C GLY C 171 12.72 15.79 -13.73
N PRO C 172 11.45 16.00 -13.38
CA PRO C 172 11.04 17.30 -12.84
C PRO C 172 11.58 17.53 -11.44
N ILE C 173 11.90 18.79 -11.18
CA ILE C 173 12.55 19.19 -9.94
C ILE C 173 11.67 20.08 -9.09
N THR C 174 10.67 20.75 -9.66
CA THR C 174 9.90 21.72 -8.94
C THR C 174 8.41 21.32 -8.93
N GLN C 175 7.67 21.95 -8.03
CA GLN C 175 6.25 21.67 -7.87
C GLN C 175 5.56 22.92 -7.34
N VAL C 176 4.37 23.17 -7.84
CA VAL C 176 3.60 24.35 -7.48
C VAL C 176 2.88 24.09 -6.16
N VAL C 177 3.23 24.86 -5.14
CA VAL C 177 2.53 24.85 -3.86
C VAL C 177 1.61 26.06 -3.82
N TRP C 178 0.33 25.81 -3.59
CA TRP C 178 -0.67 26.86 -3.60
C TRP C 178 -0.90 27.36 -2.17
N ALA C 179 -1.10 28.66 -2.03
CA ALA C 179 -1.38 29.26 -0.74
C ALA C 179 -2.57 30.18 -0.88
N ARG C 180 -3.56 30.04 -0.01
CA ARG C 180 -4.64 31.00 0.06
C ARG C 180 -4.67 31.64 1.44
N ARG C 181 -4.53 32.95 1.45
CA ARG C 181 -5.03 33.77 2.52
C ARG C 181 -6.53 33.96 2.32
N MET C 182 -7.29 33.93 3.40
CA MET C 182 -8.68 34.33 3.25
C MET C 182 -9.05 35.27 4.38
N ASP C 183 -10.21 35.91 4.25
CA ASP C 183 -10.69 36.85 5.25
C ASP C 183 -11.11 36.04 6.48
N PRO C 184 -10.58 36.34 7.67
CA PRO C 184 -11.08 35.71 8.89
C PRO C 184 -12.35 36.34 9.42
N ILE C 185 -12.82 37.45 8.85
CA ILE C 185 -14.10 38.02 9.25
C ILE C 185 -15.16 37.35 8.36
N LEU C 186 -14.71 36.46 7.49
CA LEU C 186 -15.58 35.49 6.88
C LEU C 186 -15.69 34.22 7.68
N ASN C 187 -14.74 33.97 8.57
CA ASN C 187 -14.61 32.71 9.27
C ASN C 187 -15.09 32.82 10.70
N LEU C 188 -15.75 33.92 11.05
CA LEU C 188 -16.39 34.09 12.34
C LEU C 188 -17.75 33.42 12.33
N GLY C 189 -18.60 33.72 13.31
CA GLY C 189 -19.93 33.16 13.23
C GLY C 189 -20.66 32.81 14.51
N SER C 190 -20.00 32.93 15.65
CA SER C 190 -20.70 32.78 16.93
C SER C 190 -20.72 34.14 17.62
N SER C 191 -21.64 34.29 18.57
CA SER C 191 -21.66 35.49 19.39
C SER C 191 -20.46 35.53 20.32
N GLU C 192 -19.96 34.35 20.71
CA GLU C 192 -18.73 34.27 21.49
C GLU C 192 -17.51 34.57 20.63
N ASP C 193 -17.66 34.44 19.31
CA ASP C 193 -16.54 34.73 18.41
C ASP C 193 -16.35 36.22 18.20
N VAL C 194 -17.34 37.04 18.54
CA VAL C 194 -17.40 38.42 18.09
C VAL C 194 -17.32 39.43 19.23
N GLU C 195 -17.43 38.98 20.49
CA GLU C 195 -17.37 39.89 21.62
C GLU C 195 -15.98 40.48 21.85
N VAL C 196 -14.97 39.93 21.18
CA VAL C 196 -13.57 40.30 21.29
C VAL C 196 -13.28 41.46 20.33
N ILE C 197 -14.27 41.80 19.51
CA ILE C 197 -14.12 42.86 18.51
C ILE C 197 -14.51 44.20 19.11
N ASN C 198 -13.66 45.21 18.89
CA ASN C 198 -14.05 46.59 19.15
C ASN C 198 -15.17 46.99 18.21
N GLY C 199 -16.36 47.23 18.75
CA GLY C 199 -17.54 47.42 17.95
C GLY C 199 -18.35 46.17 17.74
N GLY C 200 -17.72 45.00 17.82
CA GLY C 200 -18.39 43.72 17.85
C GLY C 200 -19.12 43.38 16.57
N ALA C 201 -20.42 43.14 16.74
CA ALA C 201 -21.28 42.70 15.66
C ALA C 201 -21.38 43.73 14.55
N VAL C 202 -21.55 44.99 14.92
CA VAL C 202 -21.73 46.06 13.94
C VAL C 202 -20.43 46.31 13.18
N ALA C 203 -19.30 46.20 13.88
CA ALA C 203 -18.00 46.37 13.23
C ALA C 203 -17.73 45.24 12.23
N ALA C 204 -18.05 44.00 12.62
CA ALA C 204 -17.90 42.87 11.71
C ALA C 204 -18.83 43.00 10.51
N ASN C 205 -20.06 43.47 10.74
CA ASN C 205 -21.00 43.62 9.64
C ASN C 205 -20.60 44.77 8.71
N GLY C 206 -19.99 45.82 9.28
CA GLY C 206 -19.48 46.90 8.44
C GLY C 206 -18.32 46.44 7.57
N TRP C 207 -17.47 45.57 8.12
CA TRP C 207 -16.44 44.91 7.32
C TRP C 207 -17.06 44.08 6.21
N ILE C 208 -18.15 43.38 6.53
CA ILE C 208 -18.84 42.55 5.54
C ILE C 208 -19.36 43.41 4.41
N GLN C 209 -20.06 44.50 4.73
CA GLN C 209 -20.63 45.35 3.67
C GLN C 209 -19.55 46.07 2.87
N ASP C 210 -18.41 46.38 3.51
CA ASP C 210 -17.27 46.91 2.78
C ASP C 210 -16.73 45.89 1.78
N LEU C 211 -16.64 44.63 2.18
CA LEU C 211 -16.18 43.57 1.28
C LEU C 211 -17.16 43.35 0.13
N LEU C 212 -18.46 43.42 0.43
CA LEU C 212 -19.49 43.32 -0.60
C LEU C 212 -19.40 44.44 -1.62
N ALA C 213 -19.25 45.68 -1.15
CA ALA C 213 -19.15 46.81 -2.05
C ALA C 213 -17.87 46.74 -2.87
N ASN C 214 -16.78 46.26 -2.27
CA ASN C 214 -15.54 46.06 -3.03
C ASN C 214 -15.69 45.00 -4.10
N SER C 215 -16.44 43.94 -3.79
CA SER C 215 -16.67 42.88 -4.78
C SER C 215 -17.52 43.39 -5.95
N LYS C 216 -18.57 44.17 -5.66
CA LYS C 216 -19.38 44.74 -6.74
C LYS C 216 -18.59 45.74 -7.56
N ALA C 217 -17.73 46.54 -6.90
CA ALA C 217 -16.90 47.50 -7.62
C ALA C 217 -15.90 46.78 -8.53
N ALA C 218 -15.31 45.69 -8.05
CA ALA C 218 -14.38 44.91 -8.87
C ALA C 218 -15.10 44.25 -10.05
N ALA C 219 -16.30 43.73 -9.81
CA ALA C 219 -17.07 43.08 -10.87
C ALA C 219 -17.51 44.08 -11.93
N SER C 220 -17.86 45.30 -11.52
CA SER C 220 -18.16 46.34 -12.50
C SER C 220 -16.91 46.86 -13.19
N LYS C 221 -15.77 46.79 -12.51
CA LYS C 221 -14.52 47.24 -13.11
C LYS C 221 -14.05 46.31 -14.22
N LYS C 222 -14.24 44.99 -14.02
CA LYS C 222 -13.79 44.01 -15.02
C LYS C 222 -14.58 44.12 -16.31
N LYS C 223 -15.89 44.35 -16.21
CA LYS C 223 -16.72 44.53 -17.40
C LYS C 223 -16.75 45.98 -17.83
N ASN C 239 -8.94 51.26 -5.27
CA ASN C 239 -8.00 50.18 -5.52
C ASN C 239 -7.76 49.35 -4.27
N GLY C 240 -8.50 49.67 -3.21
CA GLY C 240 -8.36 48.95 -1.96
C GLY C 240 -8.87 47.53 -2.02
N ARG C 241 -7.97 46.56 -1.87
CA ARG C 241 -8.34 45.16 -1.90
C ARG C 241 -8.69 44.65 -0.51
N GLY C 242 -9.28 43.46 -0.47
CA GLY C 242 -9.64 42.80 0.76
C GLY C 242 -8.52 41.93 1.29
N LEU C 243 -8.91 40.86 1.97
CA LEU C 243 -7.92 39.97 2.56
C LEU C 243 -7.78 38.65 1.81
N LYS C 244 -8.79 38.27 1.03
CA LYS C 244 -8.76 37.01 0.31
C LYS C 244 -7.72 37.08 -0.81
N ALA C 245 -6.84 36.10 -0.84
CA ALA C 245 -5.71 36.10 -1.77
C ALA C 245 -5.30 34.65 -2.06
N PHE C 246 -5.54 34.18 -3.27
CA PHE C 246 -5.18 32.84 -3.69
C PHE C 246 -4.05 32.93 -4.70
N ASN C 247 -2.90 32.35 -4.36
CA ASN C 247 -1.70 32.50 -5.17
C ASN C 247 -0.91 31.20 -5.16
N ALA C 248 0.16 31.18 -5.93
CA ALA C 248 0.97 29.98 -6.09
C ALA C 248 2.43 30.35 -5.94
N HIS C 249 3.25 29.36 -5.59
CA HIS C 249 4.69 29.51 -5.65
C HIS C 249 5.32 28.17 -5.96
N GLU C 250 6.23 28.17 -6.94
CA GLU C 250 6.87 26.94 -7.36
C GLU C 250 8.10 26.71 -6.46
N VAL C 251 8.23 25.49 -5.92
CA VAL C 251 9.24 25.21 -4.92
C VAL C 251 10.04 24.02 -5.43
N VAL C 252 11.28 23.91 -4.98
CA VAL C 252 12.04 22.71 -5.27
C VAL C 252 11.64 21.61 -4.29
N ILE C 253 11.56 20.38 -4.78
CA ILE C 253 11.03 19.27 -3.97
C ILE C 253 11.99 18.93 -2.85
N PRO C 254 11.51 18.47 -1.69
CA PRO C 254 12.42 18.18 -0.58
C PRO C 254 13.08 16.83 -0.73
N GLY C 255 14.10 16.61 0.11
CA GLY C 255 14.86 15.38 0.09
C GLY C 255 15.98 15.33 -0.93
N LEU C 256 16.14 16.37 -1.73
CA LEU C 256 17.11 16.35 -2.81
C LEU C 256 18.50 16.71 -2.28
N LYS C 257 19.51 16.03 -2.79
CA LYS C 257 20.88 16.35 -2.39
C LYS C 257 21.40 17.52 -3.20
N TRP C 258 21.88 18.54 -2.51
CA TRP C 258 22.51 19.69 -3.12
C TRP C 258 24.00 19.68 -2.80
N VAL C 259 24.79 20.20 -3.73
CA VAL C 259 26.23 20.33 -3.54
C VAL C 259 26.51 21.79 -3.20
N TRP C 260 27.68 22.04 -2.62
CA TRP C 260 28.02 23.38 -2.17
C TRP C 260 29.53 23.53 -2.17
N ARG C 261 30.06 24.37 -3.05
CA ARG C 261 31.50 24.49 -3.21
C ARG C 261 31.96 25.78 -2.54
N ILE C 262 32.92 25.64 -1.63
CA ILE C 262 33.43 26.73 -0.80
C ILE C 262 34.92 26.77 -1.06
N SER C 263 35.39 27.74 -1.83
CA SER C 263 36.79 27.81 -2.22
C SER C 263 37.48 28.98 -1.54
N LEU C 264 38.55 28.70 -0.82
CA LEU C 264 39.27 29.74 -0.10
C LEU C 264 40.60 29.98 -0.78
N ASP C 265 40.78 31.20 -1.29
CA ASP C 265 41.94 31.57 -2.11
C ASP C 265 43.10 31.88 -1.18
N ARG C 266 43.96 30.87 -0.95
CA ARG C 266 45.09 30.93 -0.04
C ARG C 266 44.70 31.41 1.36
N PRO C 267 43.96 30.63 2.12
CA PRO C 267 43.43 31.11 3.39
C PRO C 267 44.45 31.02 4.51
N THR C 268 44.13 31.72 5.60
CA THR C 268 44.78 31.38 6.86
C THR C 268 44.05 30.19 7.48
N ASP C 269 44.68 29.61 8.49
CA ASP C 269 44.13 28.43 9.15
C ASP C 269 42.89 28.78 9.97
N ALA C 270 42.85 29.98 10.53
CA ALA C 270 41.69 30.43 11.30
C ALA C 270 40.48 30.63 10.39
N GLN C 271 40.71 30.96 9.13
CA GLN C 271 39.60 31.13 8.17
C GLN C 271 38.92 29.80 7.88
N VAL C 272 39.71 28.74 7.65
CA VAL C 272 39.15 27.42 7.43
C VAL C 272 38.47 26.91 8.70
N GLY C 273 39.03 27.26 9.87
CA GLY C 273 38.37 26.92 11.12
C GLY C 273 37.04 27.63 11.30
N LEU C 274 36.95 28.88 10.84
CA LEU C 274 35.70 29.63 10.93
C LEU C 274 34.64 29.06 10.00
N VAL C 275 35.04 28.70 8.77
CA VAL C 275 34.10 28.05 7.85
C VAL C 275 33.65 26.71 8.40
N LEU C 276 34.56 25.98 9.05
CA LEU C 276 34.21 24.68 9.61
C LEU C 276 33.29 24.81 10.81
N LEU C 277 33.48 25.86 11.63
CA LEU C 277 32.56 26.07 12.75
C LEU C 277 31.19 26.52 12.26
N ALA C 278 31.15 27.30 11.16
CA ALA C 278 29.88 27.64 10.53
C ALA C 278 29.18 26.41 10.00
N LEU C 279 29.92 25.50 9.39
CA LEU C 279 29.33 24.26 8.90
C LEU C 279 28.91 23.35 10.04
N ASN C 280 29.58 23.46 11.20
CA ASN C 280 29.13 22.75 12.38
C ASN C 280 27.79 23.28 12.88
N LYS C 281 27.64 24.60 12.95
CA LYS C 281 26.48 25.19 13.64
C LYS C 281 25.41 25.66 12.67
N MET C 282 25.55 25.32 11.40
CA MET C 282 24.66 25.72 10.32
C MET C 282 23.31 25.01 10.36
N THR C 283 23.18 23.93 11.15
CA THR C 283 21.97 23.09 11.16
C THR C 283 20.72 23.81 11.67
N ASN C 284 20.88 24.89 12.43
CA ASN C 284 19.75 25.66 12.93
C ASN C 284 19.41 26.84 12.05
N GLU C 285 19.88 26.86 10.82
CA GLU C 285 19.58 27.98 9.96
C GLU C 285 19.16 27.46 8.58
N ARG C 286 18.55 28.34 7.80
CA ARG C 286 17.70 27.96 6.69
C ARG C 286 18.15 28.62 5.40
N ILE C 287 17.64 28.10 4.30
CA ILE C 287 18.08 28.45 2.97
C ILE C 287 16.91 29.09 2.23
N ALA C 288 17.21 30.16 1.48
CA ALA C 288 16.35 30.70 0.42
C ALA C 288 15.09 31.37 0.97
N GLY C 289 15.02 31.55 2.28
CA GLY C 289 13.84 32.17 2.85
C GLY C 289 12.67 31.21 2.85
N GLY C 290 11.46 31.76 2.77
CA GLY C 290 10.27 30.97 2.96
C GLY C 290 10.15 30.53 4.41
N HIS C 291 10.28 31.49 5.32
CA HIS C 291 10.42 31.17 6.74
C HIS C 291 9.12 30.64 7.34
N SER C 292 7.98 31.23 6.98
CA SER C 292 6.71 30.85 7.59
C SER C 292 6.33 29.44 7.18
N LYS C 293 6.52 29.14 5.90
CA LYS C 293 6.24 27.78 5.38
C LYS C 293 7.30 26.82 5.95
N ASP C 294 8.34 27.39 6.58
CA ASP C 294 9.49 26.65 7.18
C ASP C 294 10.29 25.94 6.07
N TYR C 295 10.37 26.58 4.90
CA TYR C 295 11.13 26.04 3.75
C TYR C 295 12.63 26.22 4.00
N GLY C 296 13.45 25.41 3.33
CA GLY C 296 14.91 25.49 3.50
C GLY C 296 15.44 24.63 4.64
N ARG C 297 14.56 23.88 5.33
CA ARG C 297 15.06 22.99 6.41
C ARG C 297 15.95 21.95 5.73
N PHE C 298 17.09 21.61 6.33
CA PHE C 298 18.02 20.74 5.63
C PHE C 298 18.89 20.02 6.64
N VAL C 299 19.62 19.02 6.17
CA VAL C 299 20.61 18.33 6.98
C VAL C 299 21.84 18.07 6.11
N ILE C 300 23.02 18.23 6.70
CA ILE C 300 24.27 18.07 5.97
C ILE C 300 24.60 16.58 5.86
N ASP C 301 24.74 16.08 4.64
CA ASP C 301 25.10 14.69 4.43
C ASP C 301 26.62 14.50 4.47
N GLY C 302 27.38 15.40 3.86
CA GLY C 302 28.82 15.24 3.84
C GLY C 302 29.52 16.56 3.62
N VAL C 303 30.78 16.61 4.02
CA VAL C 303 31.67 17.75 3.83
C VAL C 303 33.03 17.17 3.45
N SER C 304 33.47 17.43 2.23
CA SER C 304 34.76 16.96 1.76
C SER C 304 35.73 18.13 1.72
N LEU C 305 36.71 18.10 2.61
CA LEU C 305 37.74 19.14 2.73
C LEU C 305 38.89 18.76 1.81
N ASN C 306 39.01 19.45 0.67
CA ASN C 306 39.94 19.12 -0.42
C ASN C 306 39.72 17.69 -0.94
N GLY C 307 38.48 17.23 -0.88
CA GLY C 307 38.15 15.91 -1.40
C GLY C 307 38.12 14.79 -0.39
N GLU C 308 38.67 14.97 0.81
CA GLU C 308 38.57 13.93 1.83
C GLU C 308 37.41 14.27 2.76
N GLN C 309 36.55 13.27 2.98
CA GLN C 309 35.33 13.45 3.75
C GLN C 309 35.66 13.67 5.23
N VAL C 310 35.07 14.71 5.80
CA VAL C 310 35.40 15.14 7.15
C VAL C 310 34.16 15.40 8.01
N TRP C 311 32.97 15.26 7.44
CA TRP C 311 31.73 15.53 8.16
C TRP C 311 31.27 14.30 8.92
N SER C 312 30.92 14.52 10.17
CA SER C 312 30.26 13.53 10.98
C SER C 312 28.86 14.05 11.30
N GLN C 313 28.01 13.14 11.75
CA GLN C 313 26.66 13.40 12.26
C GLN C 313 26.64 14.40 13.40
N SER C 314 27.73 14.51 14.17
CA SER C 314 27.82 15.38 15.33
C SER C 314 28.75 16.53 15.06
N GLY C 315 28.94 16.90 13.80
CA GLY C 315 29.82 18.00 13.45
C GLY C 315 30.97 17.57 12.57
N ILE C 316 32.09 18.27 12.63
CA ILE C 316 33.25 17.93 11.81
C ILE C 316 34.25 17.23 12.72
N THR C 317 34.51 15.96 12.45
CA THR C 317 35.55 15.21 13.14
C THR C 317 36.79 15.21 12.26
N GLY C 318 37.88 15.73 12.80
CA GLY C 318 39.08 16.01 12.04
C GLY C 318 39.23 17.50 11.80
N GLY C 319 40.37 17.85 11.20
CA GLY C 319 40.70 19.25 11.03
C GLY C 319 40.92 19.95 12.35
N GLU C 320 41.62 19.29 13.28
CA GLU C 320 41.80 19.85 14.62
C GLU C 320 42.69 21.08 14.62
N GLN C 321 43.58 21.21 13.62
CA GLN C 321 44.37 22.41 13.51
C GLN C 321 43.50 23.61 13.11
N TYR C 322 42.47 23.36 12.30
CA TYR C 322 41.52 24.43 11.95
C TYR C 322 40.74 24.86 13.18
N PHE C 323 40.31 23.89 14.00
CA PHE C 323 39.53 24.20 15.18
C PHE C 323 40.38 24.93 16.22
N ASP C 324 41.64 24.54 16.35
CA ASP C 324 42.54 25.22 17.28
C ASP C 324 42.87 26.64 16.82
N ALA C 325 43.11 26.82 15.52
CA ALA C 325 43.42 28.14 14.99
C ALA C 325 42.23 29.08 15.14
N VAL C 326 41.02 28.59 14.85
CA VAL C 326 39.87 29.45 15.01
C VAL C 326 39.54 29.64 16.50
N ALA C 327 39.92 28.71 17.37
CA ALA C 327 39.70 28.89 18.81
C ALA C 327 40.59 30.01 19.35
N GLU C 328 41.85 30.03 18.94
CA GLU C 328 42.74 31.13 19.32
C GLU C 328 42.30 32.45 18.69
N ALA C 329 41.77 32.38 17.45
CA ALA C 329 41.29 33.59 16.79
C ALA C 329 40.07 34.19 17.49
N ILE C 330 39.12 33.33 17.88
CA ILE C 330 37.90 33.86 18.50
C ILE C 330 38.13 34.20 19.96
N ASP C 331 39.18 33.63 20.58
CA ASP C 331 39.65 34.21 21.83
C ASP C 331 40.28 35.58 21.56
N GLY C 332 40.89 35.72 20.39
CA GLY C 332 41.55 36.98 19.99
C GLY C 332 40.61 37.92 19.26
N LEU C 333 39.37 37.49 19.03
CA LEU C 333 38.38 38.32 18.29
C LEU C 333 38.09 39.60 19.08
N SER C 334 38.10 40.75 18.40
CA SER C 334 37.84 42.07 19.02
C SER C 334 37.08 42.95 18.03
N SER C 335 36.23 43.86 18.53
CA SER C 335 35.48 44.73 17.62
C SER C 335 36.30 45.88 17.07
N LYS C 336 37.47 46.15 17.65
CA LYS C 336 38.31 47.24 17.16
C LYS C 336 38.81 46.97 15.75
N GLU C 337 39.05 45.69 15.42
CA GLU C 337 39.40 45.33 14.06
C GLU C 337 38.25 45.60 13.10
N PHE C 338 37.01 45.35 13.55
CA PHE C 338 35.83 45.67 12.75
C PHE C 338 35.70 47.18 12.55
N GLU C 339 35.99 47.95 13.59
CA GLU C 339 35.90 49.41 13.48
C GLU C 339 36.98 49.98 12.57
N GLN C 340 38.21 49.43 12.64
CA GLN C 340 39.26 49.88 11.74
C GLN C 340 39.02 49.43 10.31
N PHE C 341 38.33 48.30 10.13
CA PHE C 341 37.87 47.92 8.80
C PHE C 341 36.74 48.83 8.32
N ALA C 342 35.97 49.42 9.23
CA ALA C 342 34.83 50.23 8.87
C ALA C 342 35.19 51.69 8.56
N GLN C 343 35.71 52.41 9.56
CA GLN C 343 35.62 53.87 9.53
C GLN C 343 36.81 54.52 8.83
N SER C 344 38.02 54.20 9.26
CA SER C 344 39.21 54.92 8.82
C SER C 344 39.66 54.56 7.41
N MET D 1 13.35 25.64 19.51
CA MET D 1 13.15 24.48 20.41
C MET D 1 13.14 23.19 19.58
N GLN D 2 13.01 23.31 18.25
CA GLN D 2 13.00 22.15 17.32
C GLN D 2 11.95 21.11 17.74
N ILE D 3 10.69 21.53 17.89
CA ILE D 3 9.62 20.66 18.37
C ILE D 3 9.22 19.73 17.25
N GLU D 4 9.18 18.44 17.59
CA GLU D 4 8.74 17.39 16.63
C GLU D 4 7.50 16.73 17.25
N VAL D 5 6.36 16.78 16.56
CA VAL D 5 5.10 16.19 17.11
C VAL D 5 4.56 15.17 16.12
N THR D 6 4.24 13.97 16.61
CA THR D 6 3.65 12.91 15.75
C THR D 6 2.16 12.81 16.10
N VAL D 7 1.28 13.05 15.13
CA VAL D 7 -0.18 13.02 15.38
C VAL D 7 -0.83 11.92 14.53
N ARG D 8 -1.59 11.04 15.18
CA ARG D 8 -2.29 9.97 14.50
C ARG D 8 -3.66 10.45 14.09
N ASN D 9 -3.89 10.60 12.80
CA ASN D 9 -5.23 10.94 12.33
C ASN D 9 -6.12 9.71 12.48
N ILE D 10 -7.24 9.89 13.18
CA ILE D 10 -8.17 8.79 13.42
C ILE D 10 -9.36 8.86 12.48
N THR D 11 -9.35 9.78 11.54
CA THR D 11 -10.31 9.92 10.46
C THR D 11 -9.49 10.39 9.28
N PRO D 12 -10.02 10.28 8.05
CA PRO D 12 -9.25 10.75 6.88
C PRO D 12 -8.78 12.20 6.89
N ILE D 13 -7.77 12.48 6.07
CA ILE D 13 -7.19 13.81 5.93
C ILE D 13 -7.52 14.30 4.53
N PHE D 14 -8.20 15.43 4.43
CA PHE D 14 -8.59 15.99 3.13
C PHE D 14 -8.18 17.46 3.07
N SER D 15 -6.93 17.70 2.70
CA SER D 15 -6.48 19.04 2.32
C SER D 15 -6.53 19.07 0.81
N ALA D 16 -7.54 19.73 0.26
CA ALA D 16 -7.86 19.61 -1.15
C ALA D 16 -6.80 20.24 -2.03
N ALA D 17 -6.50 19.59 -3.15
CA ALA D 17 -5.51 20.07 -4.09
C ALA D 17 -6.23 20.87 -5.18
N PRO D 18 -5.90 22.15 -5.35
CA PRO D 18 -6.47 22.92 -6.45
C PRO D 18 -6.06 22.39 -7.80
N GLY D 19 -6.98 22.48 -8.75
CA GLY D 19 -6.79 21.91 -10.07
C GLY D 19 -8.13 21.46 -10.62
N SER D 20 -8.07 20.81 -11.77
CA SER D 20 -9.25 20.23 -12.42
C SER D 20 -8.94 18.77 -12.69
N ASN D 21 -9.19 17.93 -11.69
CA ASN D 21 -8.93 16.51 -11.79
C ASN D 21 -10.22 15.75 -12.02
N TYR D 22 -10.10 14.62 -12.73
CA TYR D 22 -11.24 13.78 -13.03
C TYR D 22 -10.92 12.34 -12.67
N ILE D 23 -11.97 11.51 -12.67
CA ILE D 23 -11.84 10.10 -12.36
C ILE D 23 -12.96 9.36 -13.07
N THR D 24 -12.68 8.17 -13.56
CA THR D 24 -13.75 7.35 -14.10
C THR D 24 -14.48 6.64 -12.95
N ILE D 25 -15.52 5.87 -13.30
CA ILE D 25 -16.30 5.17 -12.30
C ILE D 25 -15.47 4.08 -11.62
N ASP D 26 -14.50 3.50 -12.36
CA ASP D 26 -13.67 2.43 -11.81
C ASP D 26 -12.71 2.93 -10.75
N GLY D 27 -12.10 4.09 -10.95
CA GLY D 27 -11.15 4.59 -9.98
C GLY D 27 -9.79 4.92 -10.56
N THR D 28 -9.74 5.17 -11.87
CA THR D 28 -8.51 5.59 -12.53
C THR D 28 -8.47 7.11 -12.51
N ILE D 29 -7.38 7.66 -11.97
CA ILE D 29 -7.27 9.11 -11.85
C ILE D 29 -6.94 9.71 -13.20
N ASN D 30 -7.68 10.78 -13.55
CA ASN D 30 -7.52 11.61 -14.75
C ASN D 30 -7.52 10.76 -16.02
N PRO D 31 -8.68 10.23 -16.43
CA PRO D 31 -8.71 9.29 -17.54
C PRO D 31 -8.53 10.01 -18.87
N PRO D 32 -8.17 9.28 -19.93
CA PRO D 32 -8.21 9.83 -21.28
C PRO D 32 -9.62 10.23 -21.66
N PRO D 33 -9.79 11.27 -22.49
CA PRO D 33 -11.13 11.82 -22.69
C PRO D 33 -11.99 10.93 -23.57
N GLY D 34 -13.30 11.13 -23.47
CA GLY D 34 -14.28 10.32 -24.16
C GLY D 34 -15.03 9.36 -23.25
N VAL D 35 -14.41 8.95 -22.15
CA VAL D 35 -15.05 8.08 -21.18
C VAL D 35 -15.81 8.96 -20.18
N SER D 36 -16.79 8.38 -19.50
CA SER D 36 -17.59 9.12 -18.54
C SER D 36 -16.77 9.45 -17.31
N ARG D 37 -16.52 10.74 -17.08
CA ARG D 37 -15.65 11.18 -16.02
C ARG D 37 -16.40 12.06 -15.03
N PHE D 38 -16.01 11.95 -13.78
CA PHE D 38 -16.57 12.64 -12.64
C PHE D 38 -15.48 13.43 -11.93
N PRO D 39 -15.79 14.62 -11.41
CA PRO D 39 -14.74 15.47 -10.86
C PRO D 39 -14.18 14.92 -9.56
N LEU D 40 -12.86 14.93 -9.46
CA LEU D 40 -12.16 14.42 -8.30
C LEU D 40 -11.37 15.55 -7.69
N VAL D 41 -11.51 15.72 -6.38
CA VAL D 41 -10.77 16.72 -5.63
C VAL D 41 -9.73 15.97 -4.81
N ARG D 42 -8.49 15.98 -5.28
CA ARG D 42 -7.45 15.19 -4.67
C ARG D 42 -6.96 15.83 -3.39
N THR D 43 -6.33 15.03 -2.55
CA THR D 43 -5.69 15.55 -1.36
C THR D 43 -4.40 16.27 -1.73
N ARG D 44 -3.83 17.01 -0.77
CA ARG D 44 -2.62 17.77 -1.03
C ARG D 44 -1.42 16.84 -1.20
N MET D 45 -0.73 17.01 -2.32
CA MET D 45 0.38 16.15 -2.71
C MET D 45 1.63 17.01 -2.80
N MET D 46 2.75 16.52 -2.29
CA MET D 46 4.03 17.08 -2.69
C MET D 46 4.89 16.00 -3.32
N TYR D 47 5.65 16.37 -4.34
CA TYR D 47 6.65 15.46 -4.86
C TYR D 47 7.85 15.47 -3.93
N VAL D 48 8.43 14.30 -3.70
CA VAL D 48 9.52 14.15 -2.74
C VAL D 48 10.57 13.23 -3.37
N ALA D 49 11.84 13.61 -3.22
CA ALA D 49 12.93 12.74 -3.61
C ALA D 49 13.01 11.61 -2.59
N ALA D 50 12.94 10.37 -3.08
CA ALA D 50 12.86 9.23 -2.21
C ALA D 50 13.61 8.05 -2.82
N ASP D 51 13.89 7.09 -1.94
CA ASP D 51 14.65 5.89 -2.26
C ASP D 51 13.65 4.82 -2.71
N VAL D 52 13.52 4.65 -4.01
CA VAL D 52 12.85 3.49 -4.58
C VAL D 52 13.94 2.55 -5.08
N GLY D 53 13.88 1.29 -4.67
CA GLY D 53 14.95 0.36 -4.98
C GLY D 53 16.17 0.68 -4.15
N ASP D 54 17.27 1.03 -4.82
CA ASP D 54 18.52 1.37 -4.16
C ASP D 54 19.28 2.35 -5.05
N GLY D 55 19.31 3.63 -4.66
CA GLY D 55 20.01 4.65 -5.40
C GLY D 55 19.39 5.04 -6.73
N VAL D 56 18.08 4.85 -6.89
CA VAL D 56 17.40 5.06 -8.16
C VAL D 56 16.57 6.33 -7.99
N ILE D 57 17.06 7.22 -7.11
CA ILE D 57 16.35 8.29 -6.38
C ILE D 57 15.37 9.08 -7.24
N LYS D 58 14.11 9.18 -6.78
CA LYS D 58 13.03 9.57 -7.67
C LYS D 58 12.04 10.48 -6.95
N SER D 59 11.33 11.29 -7.73
CA SER D 59 10.23 12.12 -7.23
C SER D 59 8.96 11.28 -7.20
N VAL D 60 8.53 10.92 -5.99
CA VAL D 60 7.27 10.21 -5.82
C VAL D 60 6.29 11.18 -5.17
N PRO D 61 4.98 11.02 -5.37
CA PRO D 61 4.03 11.84 -4.63
C PRO D 61 3.82 11.31 -3.21
N LEU D 62 3.94 12.21 -2.25
CA LEU D 62 3.63 11.93 -0.86
C LEU D 62 2.53 12.88 -0.45
N GLN D 63 1.50 12.35 0.20
CA GLN D 63 0.33 13.15 0.48
C GLN D 63 0.45 13.80 1.85
N ILE D 64 0.38 15.13 1.87
CA ILE D 64 0.68 15.91 3.04
C ILE D 64 -0.46 16.85 3.36
N VAL D 65 -0.27 17.59 4.44
CA VAL D 65 -0.99 18.83 4.72
C VAL D 65 0.02 19.95 4.58
N PRO D 66 -0.33 21.08 3.94
CA PRO D 66 0.67 22.13 3.73
C PRO D 66 1.15 22.75 5.03
N GLY D 67 2.40 23.20 5.01
CA GLY D 67 2.95 23.92 6.15
C GLY D 67 2.23 25.23 6.42
N ASN D 68 1.78 25.90 5.37
CA ASN D 68 0.94 27.08 5.53
C ASN D 68 -0.37 26.73 6.23
N THR D 69 -0.96 25.60 5.83
CA THR D 69 -2.19 25.12 6.45
C THR D 69 -1.98 24.92 7.94
N MET D 70 -1.17 23.92 8.34
CA MET D 70 -0.98 23.58 9.75
C MET D 70 -0.39 24.73 10.56
N ARG D 71 0.31 25.65 9.89
CA ARG D 71 0.73 26.89 10.51
C ARG D 71 -0.47 27.74 10.92
N SER D 72 -1.43 27.86 9.99
CA SER D 72 -2.68 28.61 10.26
C SER D 72 -3.42 27.90 11.39
N LEU D 73 -3.41 26.56 11.35
CA LEU D 73 -4.07 25.73 12.39
C LEU D 73 -3.40 25.99 13.75
N LEU D 74 -2.07 26.08 13.76
CA LEU D 74 -1.33 26.34 15.03
C LEU D 74 -1.72 27.71 15.56
N ARG D 75 -1.79 28.71 14.67
CA ARG D 75 -2.20 30.06 15.06
C ARG D 75 -3.61 30.09 15.62
N ARG D 76 -4.53 29.38 14.98
CA ARG D 76 -5.92 29.44 15.37
C ARG D 76 -6.16 28.76 16.70
N THR D 77 -5.44 27.66 16.96
CA THR D 77 -5.62 26.94 18.25
C THR D 77 -5.18 27.84 19.42
N MET D 78 -4.00 28.47 19.29
CA MET D 78 -3.46 29.36 20.35
C MET D 78 -4.36 30.59 20.50
N LEU D 79 -4.79 31.14 19.36
CA LEU D 79 -5.65 32.36 19.32
C LEU D 79 -7.02 32.03 19.93
N LYS D 80 -7.55 30.84 19.63
CA LYS D 80 -8.87 30.46 20.10
C LYS D 80 -8.84 30.02 21.56
N HIS D 81 -7.76 29.38 21.99
CA HIS D 81 -7.75 28.75 23.30
C HIS D 81 -6.87 29.46 24.31
N VAL D 82 -5.90 30.26 23.89
CA VAL D 82 -5.04 30.92 24.85
C VAL D 82 -5.15 32.43 24.74
N ILE D 83 -5.05 32.98 23.53
CA ILE D 83 -4.89 34.43 23.40
C ILE D 83 -6.21 35.16 23.68
N GLU D 84 -7.23 34.93 22.84
CA GLU D 84 -8.53 35.59 23.04
C GLU D 84 -9.27 35.24 24.33
N PRO D 85 -9.18 34.00 24.93
CA PRO D 85 -9.71 33.84 26.28
C PRO D 85 -9.06 34.75 27.30
N ALA D 86 -7.72 34.79 27.26
CA ALA D 86 -6.97 35.70 28.14
C ALA D 86 -7.05 37.16 27.69
N LEU D 87 -7.65 37.43 26.56
CA LEU D 87 -7.89 38.80 26.14
C LEU D 87 -9.28 39.29 26.48
N VAL D 88 -10.23 38.40 26.72
CA VAL D 88 -11.58 38.82 27.08
C VAL D 88 -11.96 38.53 28.53
N GLU D 89 -11.12 37.80 29.28
CA GLU D 89 -11.40 37.80 30.71
C GLU D 89 -11.05 39.14 31.34
N LYS D 90 -10.11 39.87 30.76
CA LYS D 90 -9.91 41.29 31.06
C LYS D 90 -10.71 42.13 30.08
N GLY D 91 -10.62 43.45 30.27
CA GLY D 91 -11.42 44.37 29.47
C GLY D 91 -10.83 44.72 28.12
N ASN D 92 -9.72 44.10 27.73
CA ASN D 92 -9.08 44.42 26.47
C ASN D 92 -9.92 43.95 25.29
N LYS D 93 -9.82 44.69 24.19
CA LYS D 93 -10.62 44.42 23.01
C LYS D 93 -9.81 44.81 21.79
N LEU D 94 -10.18 44.23 20.67
CA LEU D 94 -9.39 44.28 19.45
C LEU D 94 -10.20 44.95 18.36
N SER D 95 -9.56 45.82 17.58
CA SER D 95 -10.24 46.37 16.42
C SER D 95 -10.33 45.31 15.33
N ILE D 96 -11.18 45.56 14.33
CA ILE D 96 -11.42 44.57 13.29
C ILE D 96 -10.18 44.41 12.40
N GLY D 97 -9.43 45.50 12.21
CA GLY D 97 -8.15 45.39 11.54
C GLY D 97 -7.13 44.64 12.38
N ALA D 98 -7.23 44.77 13.70
CA ALA D 98 -6.25 44.08 14.54
C ALA D 98 -6.63 42.62 14.76
N TYR D 99 -7.92 42.28 14.70
CA TYR D 99 -8.31 40.87 14.61
C TYR D 99 -7.86 40.26 13.28
N ALA D 100 -8.03 41.01 12.19
CA ALA D 100 -7.55 40.55 10.89
C ALA D 100 -6.04 40.40 10.85
N THR D 101 -5.31 41.24 11.59
CA THR D 101 -3.87 41.09 11.68
C THR D 101 -3.48 39.91 12.55
N ALA D 102 -4.20 39.69 13.65
CA ALA D 102 -3.92 38.55 14.52
C ALA D 102 -4.30 37.22 13.89
N TYR D 103 -5.20 37.19 12.92
CA TYR D 103 -5.62 35.94 12.30
C TYR D 103 -5.04 35.72 10.92
N SER D 104 -5.10 36.72 10.06
CA SER D 104 -4.65 36.60 8.68
C SER D 104 -3.26 37.16 8.47
N GLY D 105 -2.57 37.57 9.53
CA GLY D 105 -1.28 38.21 9.38
C GLY D 105 -1.38 39.70 9.14
N ASN D 106 -2.30 40.10 8.27
CA ASN D 106 -2.42 41.48 7.84
C ASN D 106 -3.86 41.93 7.98
N ALA D 107 -4.03 43.23 8.26
CA ALA D 107 -5.36 43.82 8.36
C ALA D 107 -6.04 43.98 7.01
N THR D 108 -5.28 43.95 5.93
CA THR D 108 -5.78 44.12 4.57
C THR D 108 -4.69 43.66 3.63
N GLY D 109 -4.93 43.85 2.33
CA GLY D 109 -3.85 43.71 1.38
C GLY D 109 -3.16 45.06 1.22
N ASN D 110 -2.41 45.23 0.14
CA ASN D 110 -1.69 46.46 -0.22
C ASN D 110 -0.78 46.93 0.93
N PRO D 111 0.27 46.18 1.25
CA PRO D 111 1.06 46.52 2.44
C PRO D 111 1.93 47.74 2.22
N ASP D 112 2.21 48.46 3.31
CA ASP D 112 3.10 49.60 3.25
C ASP D 112 4.54 49.10 3.31
N GLY D 113 5.34 49.49 2.32
CA GLY D 113 6.75 49.12 2.34
C GLY D 113 7.58 49.97 3.26
N VAL D 114 7.00 50.99 3.87
CA VAL D 114 7.64 51.72 4.96
C VAL D 114 7.91 50.76 6.09
N PRO D 115 9.13 50.62 6.54
CA PRO D 115 9.42 49.61 7.54
C PRO D 115 9.09 50.11 8.92
N SER D 116 9.53 49.37 9.90
CA SER D 116 9.02 49.58 11.23
C SER D 116 10.20 49.80 12.16
N SER D 117 9.93 50.37 13.33
CA SER D 117 11.03 50.82 14.18
C SER D 117 11.75 49.63 14.82
N PHE D 118 13.01 49.86 15.21
CA PHE D 118 13.84 48.78 15.73
C PHE D 118 13.40 48.39 17.13
N ASP D 119 13.03 49.39 17.94
CA ASP D 119 12.33 49.13 19.19
C ASP D 119 11.03 48.41 18.93
N GLU D 120 10.36 48.72 17.81
CA GLU D 120 9.10 48.06 17.53
C GLU D 120 9.36 46.60 17.17
N ILE D 121 10.29 46.34 16.24
CA ILE D 121 10.59 44.98 15.79
C ILE D 121 11.03 44.12 16.97
N ALA D 122 11.86 44.69 17.85
CA ALA D 122 12.29 43.97 19.04
C ALA D 122 11.13 43.68 19.99
N THR D 123 10.22 44.64 20.16
CA THR D 123 9.11 44.41 21.10
C THR D 123 8.08 43.43 20.53
N MET D 124 7.90 43.41 19.21
CA MET D 124 6.98 42.43 18.64
C MET D 124 7.59 41.05 18.60
N ARG D 125 8.90 40.94 18.38
CA ARG D 125 9.50 39.62 18.44
C ARG D 125 9.76 39.15 19.86
N ALA D 126 9.65 40.02 20.85
CA ALA D 126 9.59 39.56 22.23
C ALA D 126 8.18 39.24 22.69
N HIS D 127 7.17 39.56 21.87
CA HIS D 127 5.79 39.25 22.21
C HIS D 127 5.56 37.74 22.15
N PRO D 128 4.65 37.20 22.97
CA PRO D 128 4.36 35.76 22.90
C PRO D 128 3.77 35.31 21.58
N PHE D 129 2.83 36.07 21.02
CA PHE D 129 2.13 35.65 19.82
C PHE D 129 2.63 36.35 18.56
N ILE D 130 2.95 37.65 18.67
CA ILE D 130 3.32 38.42 17.49
C ILE D 130 4.69 38.02 16.98
N GLY D 131 5.62 37.69 17.87
CA GLY D 131 6.92 37.21 17.43
C GLY D 131 6.85 35.85 16.77
N LEU D 132 5.83 35.08 17.10
CA LEU D 132 5.59 33.83 16.38
C LEU D 132 5.00 34.10 15.01
N PHE D 133 3.97 34.92 14.95
CA PHE D 133 3.30 35.19 13.67
C PHE D 133 3.53 36.65 13.34
N GLY D 134 4.67 36.92 12.73
CA GLY D 134 5.04 38.27 12.44
C GLY D 134 4.41 38.80 11.17
N GLY D 135 3.13 39.11 11.21
CA GLY D 135 2.47 39.59 10.02
C GLY D 135 2.50 41.10 9.93
N GLY D 136 1.36 41.74 10.19
CA GLY D 136 1.29 43.19 10.21
C GLY D 136 1.30 43.76 8.82
N PRO D 137 1.06 45.08 8.70
CA PRO D 137 1.26 45.71 7.40
C PRO D 137 2.72 45.92 7.03
N ARG D 138 3.54 46.41 7.96
CA ARG D 138 4.99 46.35 7.84
C ARG D 138 5.40 44.94 8.21
N MET D 139 5.93 44.21 7.23
CA MET D 139 6.01 42.76 7.31
C MET D 139 7.13 42.29 8.22
N LEU D 140 6.76 41.80 9.39
CA LEU D 140 7.73 41.25 10.32
C LEU D 140 8.20 39.88 9.84
N GLU D 141 9.31 39.42 10.40
CA GLU D 141 9.71 38.03 10.27
C GLU D 141 9.31 37.35 11.56
N GLY D 142 8.24 36.56 11.52
CA GLY D 142 7.85 35.78 12.67
C GLY D 142 8.83 34.67 12.94
N ARG D 143 9.00 34.36 14.23
CA ARG D 143 10.00 33.36 14.61
C ARG D 143 9.42 31.96 14.70
N LEU D 144 8.15 31.79 14.39
CA LEU D 144 7.55 30.46 14.34
C LEU D 144 7.61 29.94 12.92
N MET D 145 8.06 28.70 12.76
CA MET D 145 8.41 28.18 11.46
C MET D 145 7.86 26.76 11.38
N VAL D 146 6.81 26.55 10.60
CA VAL D 146 5.98 25.37 10.76
C VAL D 146 6.11 24.49 9.52
N ASP D 147 6.39 23.21 9.74
CA ASP D 147 6.55 22.20 8.69
C ASP D 147 5.22 21.75 8.14
N SER D 148 5.29 21.18 6.94
CA SER D 148 4.19 20.40 6.41
C SER D 148 4.06 19.12 7.21
N LEU D 149 2.82 18.62 7.29
CA LEU D 149 2.55 17.36 7.96
C LEU D 149 2.98 16.20 7.08
N TYR D 150 3.98 15.44 7.54
CA TYR D 150 4.43 14.33 6.71
C TYR D 150 3.93 13.02 7.26
N PRO D 151 3.38 12.12 6.46
CA PRO D 151 3.11 10.77 6.96
C PRO D 151 4.43 10.02 7.14
N ILE D 152 4.53 9.28 8.24
CA ILE D 152 5.73 8.50 8.47
C ILE D 152 5.66 7.33 7.49
N HIS D 153 6.35 7.48 6.38
CA HIS D 153 6.14 6.71 5.17
C HIS D 153 7.49 6.38 4.57
N THR D 154 7.55 5.34 3.74
CA THR D 154 8.81 5.00 3.10
C THR D 154 9.23 6.02 2.06
N ASN D 155 8.28 6.80 1.53
CA ASN D 155 8.63 7.88 0.61
C ASN D 155 9.16 9.11 1.33
N ALA D 156 8.98 9.20 2.65
CA ALA D 156 9.52 10.29 3.44
C ALA D 156 10.75 9.89 4.23
N GLU D 157 11.49 8.87 3.75
CA GLU D 157 12.64 8.39 4.49
C GLU D 157 13.79 9.40 4.46
N ARG D 158 13.92 10.15 3.38
CA ARG D 158 14.98 11.14 3.31
C ARG D 158 14.62 12.39 4.12
N ILE D 159 13.33 12.65 4.30
CA ILE D 159 12.89 13.77 5.12
C ILE D 159 13.14 13.48 6.60
N LEU D 160 12.85 12.27 7.03
CA LEU D 160 12.94 11.89 8.43
C LEU D 160 14.16 10.99 8.61
N GLY D 161 15.19 11.51 9.29
CA GLY D 161 16.51 10.89 9.24
C GLY D 161 16.57 9.52 9.87
N ALA D 162 16.34 9.44 11.18
CA ALA D 162 16.38 8.17 11.87
C ALA D 162 15.49 8.25 13.10
N GLY D 163 15.12 7.09 13.62
CA GLY D 163 14.16 6.99 14.70
C GLY D 163 12.73 6.76 14.25
N TYR D 164 12.48 6.77 12.95
CA TYR D 164 11.15 6.59 12.42
C TYR D 164 11.09 5.45 11.41
N GLU D 165 12.07 4.55 11.43
CA GLU D 165 12.08 3.41 10.51
C GLU D 165 11.02 2.40 10.91
N ASN D 166 10.85 2.16 12.21
CA ASN D 166 9.66 1.51 12.70
C ASN D 166 8.49 2.48 12.62
N GLU D 167 7.28 1.96 12.91
CA GLU D 167 5.96 2.61 12.74
C GLU D 167 5.84 3.42 11.45
N MET D 168 6.38 2.89 10.34
CA MET D 168 6.50 3.61 9.08
C MET D 168 5.74 2.86 8.00
N MET D 169 4.84 3.56 7.30
CA MET D 169 4.04 2.89 6.30
C MET D 169 4.77 2.79 4.96
N SER D 170 4.09 2.20 3.98
CA SER D 170 4.59 2.07 2.62
C SER D 170 3.41 1.88 1.67
N GLY D 171 3.73 1.88 0.37
CA GLY D 171 2.75 1.63 -0.66
C GLY D 171 1.80 2.79 -0.89
N PRO D 172 0.75 2.56 -1.68
CA PRO D 172 -0.37 3.50 -1.75
C PRO D 172 -0.97 3.81 -0.38
N ILE D 173 -1.39 5.06 -0.24
CA ILE D 173 -1.63 5.68 1.05
C ILE D 173 -2.95 6.44 1.06
N THR D 174 -3.67 6.42 -0.06
CA THR D 174 -4.91 7.17 -0.20
C THR D 174 -6.11 6.29 -0.46
N GLN D 175 -7.27 6.94 -0.49
CA GLN D 175 -8.51 6.30 -0.91
C GLN D 175 -9.39 7.37 -1.57
N VAL D 176 -9.97 7.03 -2.72
CA VAL D 176 -11.00 7.87 -3.30
C VAL D 176 -12.32 7.60 -2.60
N VAL D 177 -12.95 8.65 -2.08
CA VAL D 177 -14.25 8.57 -1.42
C VAL D 177 -15.26 9.31 -2.28
N TRP D 178 -16.38 8.67 -2.57
CA TRP D 178 -17.39 9.24 -3.44
C TRP D 178 -18.51 9.90 -2.64
N ALA D 179 -19.17 10.87 -3.26
CA ALA D 179 -20.33 11.54 -2.70
C ALA D 179 -21.42 11.60 -3.76
N ARG D 180 -22.68 11.49 -3.32
CA ARG D 180 -23.79 11.40 -4.27
C ARG D 180 -24.52 12.72 -4.48
N ARG D 181 -24.97 13.38 -3.39
CA ARG D 181 -25.78 14.62 -3.45
C ARG D 181 -27.08 14.33 -4.22
N MET D 182 -28.00 13.69 -3.50
CA MET D 182 -29.31 13.24 -4.04
C MET D 182 -30.33 14.37 -3.98
N ASP D 183 -31.07 14.60 -5.07
CA ASP D 183 -32.08 15.64 -5.06
C ASP D 183 -33.18 15.28 -4.08
N PRO D 184 -33.55 16.16 -3.16
CA PRO D 184 -34.39 15.75 -2.02
C PRO D 184 -35.84 15.51 -2.36
N ILE D 185 -36.39 16.21 -3.35
CA ILE D 185 -37.80 16.03 -3.63
C ILE D 185 -38.04 14.79 -4.47
N LEU D 186 -36.99 14.16 -5.00
CA LEU D 186 -37.17 12.84 -5.60
C LEU D 186 -37.45 11.79 -4.53
N ASN D 187 -36.99 12.03 -3.30
CA ASN D 187 -37.28 11.14 -2.19
C ASN D 187 -38.69 11.30 -1.66
N LEU D 188 -39.43 12.29 -2.15
CA LEU D 188 -40.74 12.59 -1.60
C LEU D 188 -41.76 11.56 -2.07
N GLY D 189 -42.54 11.03 -1.13
CA GLY D 189 -43.34 9.85 -1.42
C GLY D 189 -44.83 9.91 -1.14
N SER D 190 -45.28 10.85 -0.31
CA SER D 190 -46.67 10.86 0.10
C SER D 190 -47.10 12.27 0.49
N SER D 191 -48.41 12.41 0.74
CA SER D 191 -48.96 13.71 1.13
C SER D 191 -48.51 14.09 2.54
N GLU D 192 -48.23 13.09 3.38
CA GLU D 192 -47.67 13.36 4.70
C GLU D 192 -46.27 13.95 4.60
N ASP D 193 -45.48 13.51 3.62
CA ASP D 193 -44.10 14.00 3.50
C ASP D 193 -44.05 15.41 2.96
N VAL D 194 -45.13 15.85 2.32
CA VAL D 194 -45.05 17.05 1.47
C VAL D 194 -45.76 18.25 2.11
N GLU D 195 -46.23 18.11 3.35
CA GLU D 195 -47.10 19.13 3.92
C GLU D 195 -46.34 20.38 4.33
N VAL D 196 -45.02 20.26 4.53
CA VAL D 196 -44.23 21.42 4.96
C VAL D 196 -43.90 22.32 3.78
N ILE D 197 -43.82 21.75 2.58
CA ILE D 197 -43.60 22.53 1.38
C ILE D 197 -44.82 23.36 1.06
N ASN D 198 -44.59 24.65 0.79
CA ASN D 198 -45.64 25.61 0.44
C ASN D 198 -46.36 25.21 -0.83
N GLY D 199 -47.65 24.90 -0.71
CA GLY D 199 -48.43 24.34 -1.79
C GLY D 199 -48.47 22.83 -1.82
N GLY D 200 -47.48 22.18 -1.22
CA GLY D 200 -47.48 20.72 -1.16
C GLY D 200 -47.15 20.13 -2.51
N ALA D 201 -48.14 19.44 -3.09
CA ALA D 201 -47.90 18.63 -4.27
C ALA D 201 -47.64 19.45 -5.51
N VAL D 202 -48.23 20.66 -5.58
CA VAL D 202 -48.13 21.46 -6.80
C VAL D 202 -46.71 22.01 -6.96
N ALA D 203 -46.10 22.49 -5.88
CA ALA D 203 -44.74 23.01 -5.95
C ALA D 203 -43.73 21.89 -6.16
N ALA D 204 -43.96 20.74 -5.53
CA ALA D 204 -43.09 19.58 -5.69
C ALA D 204 -43.12 19.08 -7.13
N ASN D 205 -44.32 18.96 -7.70
CA ASN D 205 -44.45 18.51 -9.09
C ASN D 205 -43.92 19.56 -10.05
N GLY D 206 -44.02 20.84 -9.70
CA GLY D 206 -43.45 21.88 -10.54
C GLY D 206 -41.94 21.83 -10.59
N TRP D 207 -41.30 21.57 -9.45
CA TRP D 207 -39.85 21.39 -9.47
C TRP D 207 -39.48 20.09 -10.18
N ILE D 208 -40.34 19.07 -10.13
CA ILE D 208 -40.11 17.85 -10.90
C ILE D 208 -40.11 18.15 -12.41
N GLN D 209 -41.09 18.94 -12.87
CA GLN D 209 -41.15 19.32 -14.27
C GLN D 209 -39.96 20.19 -14.67
N ASP D 210 -39.49 21.02 -13.75
CA ASP D 210 -38.27 21.80 -13.99
C ASP D 210 -37.06 20.87 -14.15
N LEU D 211 -36.96 19.83 -13.32
CA LEU D 211 -35.84 18.90 -13.40
C LEU D 211 -35.88 18.11 -14.71
N LEU D 212 -37.06 17.71 -15.15
CA LEU D 212 -37.14 16.97 -16.41
C LEU D 212 -36.87 17.88 -17.60
N ALA D 213 -37.29 19.14 -17.53
CA ALA D 213 -36.96 20.09 -18.60
C ALA D 213 -35.46 20.36 -18.65
N ASN D 214 -34.81 20.45 -17.49
CA ASN D 214 -33.36 20.58 -17.46
C ASN D 214 -32.68 19.31 -17.96
N SER D 215 -33.32 18.15 -17.76
CA SER D 215 -32.79 16.90 -18.31
C SER D 215 -32.86 16.88 -19.84
N LYS D 216 -33.96 17.38 -20.41
CA LYS D 216 -34.03 17.52 -21.87
C LYS D 216 -33.01 18.54 -22.37
N ALA D 217 -32.77 19.61 -21.60
CA ALA D 217 -31.75 20.59 -21.97
C ALA D 217 -30.35 19.96 -21.95
N ALA D 218 -30.07 19.12 -20.95
CA ALA D 218 -28.79 18.41 -20.89
C ALA D 218 -28.64 17.41 -22.03
N ALA D 219 -29.73 16.72 -22.39
CA ALA D 219 -29.67 15.77 -23.50
C ALA D 219 -29.53 16.50 -24.84
N SER D 220 -30.05 17.72 -24.92
CA SER D 220 -29.87 18.52 -26.13
C SER D 220 -28.44 19.05 -26.23
N LYS D 221 -27.86 19.45 -25.09
CA LYS D 221 -26.49 19.94 -25.09
C LYS D 221 -25.50 18.83 -25.40
N LYS D 222 -25.71 17.64 -24.82
CA LYS D 222 -24.84 16.50 -25.13
C LYS D 222 -25.05 16.02 -26.57
N LYS D 223 -26.30 15.98 -27.02
CA LYS D 223 -26.61 15.50 -28.36
C LYS D 223 -27.78 16.29 -28.94
N GLY D 240 -28.65 27.65 -14.25
CA GLY D 240 -29.40 26.42 -14.33
C GLY D 240 -28.57 25.19 -14.05
N ARG D 241 -28.61 24.72 -12.81
CA ARG D 241 -27.86 23.53 -12.42
C ARG D 241 -28.65 22.83 -11.32
N GLY D 242 -28.90 21.53 -11.50
CA GLY D 242 -29.73 20.78 -10.60
C GLY D 242 -29.02 20.43 -9.31
N LEU D 243 -29.72 19.66 -8.48
CA LEU D 243 -29.18 19.25 -7.19
C LEU D 243 -28.70 17.80 -7.17
N LYS D 244 -28.47 17.19 -8.33
CA LYS D 244 -27.81 15.90 -8.38
C LYS D 244 -26.38 16.08 -8.85
N ALA D 245 -25.43 15.82 -7.96
CA ALA D 245 -24.02 16.06 -8.28
C ALA D 245 -23.21 14.94 -7.64
N PHE D 246 -22.96 13.88 -8.40
CA PHE D 246 -22.25 12.70 -7.92
C PHE D 246 -20.78 12.82 -8.31
N ASN D 247 -19.91 12.89 -7.31
CA ASN D 247 -18.51 13.20 -7.57
C ASN D 247 -17.64 12.38 -6.62
N ALA D 248 -16.34 12.68 -6.67
CA ALA D 248 -15.35 11.98 -5.88
C ALA D 248 -14.38 12.98 -5.28
N HIS D 249 -13.71 12.55 -4.22
CA HIS D 249 -12.60 13.30 -3.66
C HIS D 249 -11.64 12.32 -3.00
N GLU D 250 -10.35 12.55 -3.16
CA GLU D 250 -9.35 11.63 -2.64
C GLU D 250 -8.87 12.09 -1.28
N VAL D 251 -8.92 11.19 -0.30
CA VAL D 251 -8.47 11.48 1.04
C VAL D 251 -7.23 10.63 1.33
N VAL D 252 -6.46 11.08 2.31
CA VAL D 252 -5.42 10.26 2.91
C VAL D 252 -6.10 9.33 3.90
N ILE D 253 -5.63 8.09 3.95
CA ILE D 253 -6.32 7.08 4.76
C ILE D 253 -6.12 7.40 6.24
N PRO D 254 -7.08 7.00 7.11
CA PRO D 254 -6.99 7.25 8.56
C PRO D 254 -6.06 6.27 9.29
N GLY D 255 -5.59 6.65 10.49
CA GLY D 255 -4.72 5.81 11.32
C GLY D 255 -3.25 5.94 10.95
N LEU D 256 -2.93 6.81 9.99
CA LEU D 256 -1.51 7.03 9.56
C LEU D 256 -0.76 7.81 10.64
N LYS D 257 0.57 7.63 10.70
CA LYS D 257 1.42 8.35 11.69
C LYS D 257 2.07 9.53 10.95
N TRP D 258 1.92 10.75 11.49
CA TRP D 258 2.46 11.91 10.82
C TRP D 258 3.40 12.63 11.77
N VAL D 259 4.30 13.39 11.17
CA VAL D 259 5.33 14.13 11.86
C VAL D 259 5.18 15.61 11.49
N TRP D 260 5.43 16.48 12.46
CA TRP D 260 5.22 17.91 12.37
C TRP D 260 6.35 18.61 13.10
N ARG D 261 7.14 19.40 12.37
CA ARG D 261 8.33 20.02 12.93
C ARG D 261 8.11 21.52 13.07
N ILE D 262 7.82 21.95 14.27
CA ILE D 262 7.79 23.36 14.64
C ILE D 262 9.23 23.79 14.93
N SER D 263 9.59 24.98 14.43
CA SER D 263 10.94 25.50 14.58
C SER D 263 10.86 26.93 15.07
N LEU D 264 11.75 27.29 15.99
CA LEU D 264 11.73 28.61 16.62
C LEU D 264 13.15 29.13 16.70
N ASP D 265 13.46 30.14 15.89
CA ASP D 265 14.81 30.70 15.85
C ASP D 265 14.99 31.63 17.05
N ARG D 266 15.68 31.12 18.08
CA ARG D 266 15.98 31.79 19.35
C ARG D 266 14.71 32.32 20.03
N PRO D 267 13.83 31.43 20.50
CA PRO D 267 12.57 31.90 21.07
C PRO D 267 12.72 32.39 22.50
N THR D 268 11.82 33.28 22.88
CA THR D 268 11.54 33.51 24.28
C THR D 268 10.82 32.27 24.81
N ASP D 269 11.08 31.94 26.09
CA ASP D 269 10.45 30.79 26.72
C ASP D 269 8.93 30.88 26.73
N ALA D 270 8.40 32.10 26.79
CA ALA D 270 6.96 32.30 26.69
C ALA D 270 6.44 31.92 25.31
N GLN D 271 7.26 32.09 24.27
CA GLN D 271 6.79 31.80 22.93
C GLN D 271 6.69 30.30 22.66
N VAL D 272 7.70 29.54 23.05
CA VAL D 272 7.62 28.09 22.95
C VAL D 272 6.59 27.54 23.94
N GLY D 273 6.40 28.23 25.07
CA GLY D 273 5.31 27.88 25.97
C GLY D 273 3.94 28.10 25.33
N LEU D 274 3.84 29.13 24.48
CA LEU D 274 2.61 29.33 23.73
C LEU D 274 2.40 28.22 22.72
N VAL D 275 3.49 27.77 22.07
CA VAL D 275 3.39 26.61 21.19
C VAL D 275 2.95 25.38 21.96
N LEU D 276 3.49 25.19 23.16
CA LEU D 276 3.17 24.01 23.95
C LEU D 276 1.75 24.06 24.50
N LEU D 277 1.28 25.24 24.86
CA LEU D 277 -0.11 25.38 25.30
C LEU D 277 -1.07 25.25 24.14
N ALA D 278 -0.67 25.73 22.99
CA ALA D 278 -1.44 25.42 21.82
C ALA D 278 -1.49 23.97 21.56
N LEU D 279 -0.35 23.28 21.69
CA LEU D 279 -0.30 21.81 21.45
C LEU D 279 -1.27 21.13 22.42
N ASN D 280 -1.39 21.67 23.63
CA ASN D 280 -2.31 21.13 24.67
C ASN D 280 -3.74 21.20 24.11
N LYS D 281 -4.03 22.27 23.37
CA LYS D 281 -5.36 22.51 22.74
C LYS D 281 -5.40 21.88 21.34
N MET D 282 -4.32 21.20 20.94
CA MET D 282 -4.21 20.51 19.61
C MET D 282 -5.29 19.43 19.49
N THR D 283 -5.59 18.74 20.59
CA THR D 283 -6.67 17.70 20.62
C THR D 283 -8.02 18.41 20.42
N ASN D 284 -8.98 17.72 19.79
CA ASN D 284 -10.33 18.27 19.45
C ASN D 284 -10.19 19.45 18.50
N GLU D 285 -9.24 19.34 17.55
CA GLU D 285 -8.99 20.34 16.48
C GLU D 285 -8.97 19.60 15.14
N ARG D 286 -9.23 20.28 14.03
CA ARG D 286 -9.30 19.57 12.76
C ARG D 286 -8.15 20.01 11.88
N ILE D 287 -7.48 19.04 11.24
CA ILE D 287 -6.25 19.33 10.52
C ILE D 287 -6.53 20.04 9.20
N ALA D 288 -7.25 19.41 8.29
CA ALA D 288 -7.18 19.78 6.88
C ALA D 288 -8.47 20.36 6.34
N GLY D 289 -9.56 19.61 6.40
CA GLY D 289 -10.77 20.01 5.72
C GLY D 289 -11.81 18.93 5.86
N GLY D 290 -12.83 19.00 5.02
CA GLY D 290 -13.92 18.05 5.06
C GLY D 290 -14.68 18.10 6.37
N HIS D 291 -15.04 19.33 6.75
CA HIS D 291 -15.63 19.56 8.08
C HIS D 291 -17.02 18.90 8.20
N SER D 292 -17.70 18.74 7.10
CA SER D 292 -18.97 18.03 7.16
C SER D 292 -18.77 16.54 7.43
N LYS D 293 -17.67 15.98 6.92
CA LYS D 293 -17.42 14.56 6.99
C LYS D 293 -16.47 14.18 8.11
N ASP D 294 -16.26 15.06 9.07
CA ASP D 294 -15.40 14.86 10.23
C ASP D 294 -13.94 14.58 9.86
N TYR D 295 -13.49 14.96 8.67
CA TYR D 295 -12.12 14.68 8.29
C TYR D 295 -11.16 15.60 9.05
N GLY D 296 -10.01 15.07 9.42
CA GLY D 296 -8.97 15.88 10.05
C GLY D 296 -8.86 15.78 11.56
N ARG D 297 -9.73 15.02 12.22
CA ARG D 297 -9.54 14.68 13.63
C ARG D 297 -8.31 13.80 13.78
N PHE D 298 -7.67 13.93 14.95
CA PHE D 298 -6.36 13.35 15.16
C PHE D 298 -6.11 13.22 16.65
N VAL D 299 -5.12 12.41 17.00
CA VAL D 299 -4.61 12.33 18.36
C VAL D 299 -3.10 12.48 18.28
N ILE D 300 -2.54 13.33 19.12
CA ILE D 300 -1.10 13.45 19.27
C ILE D 300 -0.62 12.22 20.01
N ASP D 301 0.35 11.52 19.45
CA ASP D 301 0.97 10.45 20.20
C ASP D 301 2.42 10.74 20.54
N GLY D 302 2.95 11.89 20.13
CA GLY D 302 4.27 12.24 20.61
C GLY D 302 4.61 13.70 20.46
N VAL D 303 5.37 14.27 21.40
CA VAL D 303 5.91 15.61 21.31
C VAL D 303 7.35 15.51 21.76
N SER D 304 8.28 16.01 20.96
CA SER D 304 9.67 16.03 21.38
C SER D 304 10.19 17.46 21.37
N LEU D 305 10.90 17.81 22.43
CA LEU D 305 11.44 19.13 22.69
C LEU D 305 12.96 19.00 22.73
N ASN D 306 13.63 19.49 21.68
CA ASN D 306 15.06 19.23 21.40
C ASN D 306 15.35 17.73 21.34
N GLY D 307 14.42 16.99 20.79
CA GLY D 307 14.54 15.55 20.74
C GLY D 307 14.12 14.82 22.00
N GLU D 308 13.72 15.54 23.05
CA GLU D 308 13.33 14.92 24.31
C GLU D 308 11.81 14.74 24.36
N GLN D 309 11.38 13.50 24.53
CA GLN D 309 9.96 13.13 24.45
C GLN D 309 9.20 13.71 25.63
N VAL D 310 8.30 14.66 25.35
CA VAL D 310 7.60 15.41 26.38
C VAL D 310 6.10 15.31 26.22
N TRP D 311 5.59 14.15 25.84
CA TRP D 311 4.14 13.97 25.72
C TRP D 311 3.70 12.71 26.45
N SER D 312 2.87 12.88 27.48
CA SER D 312 2.13 11.79 28.09
C SER D 312 0.68 11.86 27.63
N GLN D 313 -0.13 10.87 28.01
CA GLN D 313 -1.51 10.84 27.53
C GLN D 313 -2.36 11.89 28.23
N SER D 314 -2.01 12.24 29.47
CA SER D 314 -2.71 13.31 30.17
C SER D 314 -2.41 14.65 29.51
N GLY D 315 -1.15 14.91 29.19
CA GLY D 315 -0.77 16.15 28.55
C GLY D 315 0.71 16.23 28.28
N ILE D 316 1.31 17.37 28.59
CA ILE D 316 2.72 17.57 28.27
C ILE D 316 3.61 16.94 29.34
N THR D 317 3.35 17.28 30.61
CA THR D 317 4.12 16.85 31.78
C THR D 317 5.60 17.16 31.62
N GLY D 318 5.88 18.37 31.14
CA GLY D 318 7.23 18.79 30.86
C GLY D 318 7.20 20.15 30.19
N GLY D 319 8.39 20.68 29.93
CA GLY D 319 8.50 22.04 29.42
C GLY D 319 7.98 23.08 30.39
N GLU D 320 8.32 22.93 31.67
CA GLU D 320 7.64 23.67 32.74
C GLU D 320 8.05 25.13 32.76
N GLN D 321 9.33 25.42 32.43
CA GLN D 321 9.82 26.78 32.38
C GLN D 321 9.11 27.58 31.29
N TYR D 322 8.89 26.95 30.14
CA TYR D 322 8.15 27.58 29.06
C TYR D 322 6.68 27.78 29.45
N PHE D 323 6.16 26.86 30.27
CA PHE D 323 4.77 26.96 30.70
C PHE D 323 4.56 28.12 31.66
N ASP D 324 5.46 28.30 32.62
CA ASP D 324 5.28 29.42 33.54
C ASP D 324 5.64 30.73 32.85
N ALA D 325 6.56 30.69 31.87
CA ALA D 325 6.86 31.89 31.08
C ALA D 325 5.66 32.33 30.26
N VAL D 326 4.98 31.39 29.57
CA VAL D 326 3.80 31.77 28.81
C VAL D 326 2.63 32.11 29.74
N ALA D 327 2.60 31.53 30.95
CA ALA D 327 1.60 31.92 31.94
C ALA D 327 1.77 33.37 32.35
N GLU D 328 3.01 33.75 32.70
CA GLU D 328 3.30 35.12 33.06
C GLU D 328 3.14 36.07 31.88
N ALA D 329 3.33 35.57 30.67
CA ALA D 329 3.16 36.46 29.54
C ALA D 329 1.72 36.54 29.08
N ILE D 330 0.83 35.65 29.53
CA ILE D 330 -0.57 35.84 29.17
C ILE D 330 -1.38 36.56 30.24
N ASP D 331 -0.94 36.64 31.52
CA ASP D 331 -1.58 37.69 32.30
C ASP D 331 -1.03 39.07 31.93
N GLY D 332 0.20 39.11 31.44
CA GLY D 332 0.74 40.35 30.90
C GLY D 332 0.27 40.69 29.50
N LEU D 333 -0.57 39.85 28.91
CA LEU D 333 -1.06 40.11 27.55
C LEU D 333 -2.10 41.22 27.60
N SER D 334 -2.01 42.11 26.62
CA SER D 334 -3.01 43.17 26.45
C SER D 334 -3.10 43.52 24.97
N SER D 335 -4.04 44.41 24.65
CA SER D 335 -4.36 44.72 23.27
C SER D 335 -3.53 45.85 22.69
N LYS D 336 -2.68 46.49 23.49
CA LYS D 336 -1.89 47.62 23.00
C LYS D 336 -0.87 47.17 21.96
N GLU D 337 -0.19 46.05 22.22
CA GLU D 337 0.79 45.51 21.29
C GLU D 337 0.14 45.07 20.00
N PHE D 338 -1.05 44.46 20.09
CA PHE D 338 -1.79 44.05 18.90
C PHE D 338 -2.23 45.26 18.08
N GLU D 339 -2.68 46.32 18.75
CA GLU D 339 -3.15 47.51 18.03
C GLU D 339 -2.00 48.24 17.36
N GLN D 340 -0.85 48.35 18.04
CA GLN D 340 0.29 49.00 17.41
C GLN D 340 0.96 48.08 16.39
N PHE D 341 0.66 46.78 16.44
CA PHE D 341 1.08 45.89 15.38
C PHE D 341 0.24 46.08 14.13
N ALA D 342 -1.07 46.26 14.33
CA ALA D 342 -1.96 46.35 13.18
C ALA D 342 -2.02 47.74 12.58
N GLN D 343 -1.48 48.74 13.26
CA GLN D 343 -1.57 50.10 12.77
C GLN D 343 -0.71 50.28 11.54
N SER D 344 -1.32 50.77 10.46
CA SER D 344 -0.63 50.94 9.20
C SER D 344 0.00 52.34 9.16
N ALA D 345 1.22 52.41 8.63
CA ALA D 345 1.95 53.68 8.61
C ALA D 345 1.34 54.66 7.63
N LYS D 346 0.86 54.17 6.47
CA LYS D 346 0.18 55.05 5.54
C LYS D 346 -1.22 55.39 6.04
N GLU D 347 -1.88 54.45 6.72
CA GLU D 347 -3.23 54.68 7.23
C GLU D 347 -3.19 55.04 8.71
N MET E 1 -17.63 19.02 21.55
CA MET E 1 -18.54 18.03 22.10
C MET E 1 -18.48 16.74 21.29
N GLN E 2 -18.04 15.65 21.93
CA GLN E 2 -17.72 14.41 21.23
C GLN E 2 -18.71 13.33 21.63
N ILE E 3 -19.30 12.67 20.64
CA ILE E 3 -20.29 11.63 20.86
C ILE E 3 -19.78 10.35 20.22
N GLU E 4 -19.80 9.27 20.97
CA GLU E 4 -19.40 7.95 20.50
C GLU E 4 -20.63 7.05 20.52
N VAL E 5 -21.33 6.99 19.39
CA VAL E 5 -22.54 6.19 19.27
C VAL E 5 -22.14 4.82 18.74
N THR E 6 -22.12 3.84 19.63
CA THR E 6 -21.91 2.45 19.27
C THR E 6 -23.26 1.86 18.88
N VAL E 7 -23.35 1.35 17.65
CA VAL E 7 -24.54 0.69 17.16
C VAL E 7 -24.18 -0.77 16.92
N ARG E 8 -25.19 -1.61 16.74
CA ARG E 8 -25.00 -2.96 16.24
C ARG E 8 -26.01 -3.17 15.12
N ASN E 9 -25.53 -3.49 13.93
CA ASN E 9 -26.44 -3.79 12.86
C ASN E 9 -27.04 -5.18 13.09
N ILE E 10 -28.33 -5.28 12.83
CA ILE E 10 -29.05 -6.54 12.99
C ILE E 10 -29.06 -7.34 11.69
N THR E 11 -29.15 -6.68 10.56
CA THR E 11 -29.23 -7.26 9.24
C THR E 11 -28.00 -6.76 8.48
N PRO E 12 -27.62 -7.36 7.33
CA PRO E 12 -26.31 -7.01 6.77
C PRO E 12 -26.24 -5.61 6.15
N ILE E 13 -25.10 -4.99 6.32
CA ILE E 13 -24.90 -3.60 5.96
C ILE E 13 -24.35 -3.55 4.53
N PHE E 14 -25.01 -2.75 3.69
CA PHE E 14 -24.63 -2.67 2.28
C PHE E 14 -24.65 -1.20 1.86
N SER E 15 -23.51 -0.55 1.98
CA SER E 15 -23.32 0.78 1.41
C SER E 15 -22.47 0.64 0.17
N ALA E 16 -23.11 0.68 -0.98
CA ALA E 16 -22.47 0.24 -2.22
C ALA E 16 -21.36 1.18 -2.64
N ALA E 17 -20.30 0.62 -3.19
CA ALA E 17 -19.17 1.38 -3.67
C ALA E 17 -19.23 1.50 -5.18
N PRO E 18 -19.02 2.70 -5.71
CA PRO E 18 -19.00 2.86 -7.18
C PRO E 18 -17.82 2.13 -7.80
N GLY E 19 -18.04 1.66 -9.01
CA GLY E 19 -17.02 0.90 -9.72
C GLY E 19 -17.59 -0.38 -10.28
N SER E 20 -16.96 -0.87 -11.35
CA SER E 20 -17.40 -2.10 -12.00
C SER E 20 -16.59 -3.28 -11.48
N ASN E 21 -17.02 -3.77 -10.33
CA ASN E 21 -16.45 -5.00 -9.79
C ASN E 21 -17.21 -6.20 -10.33
N TYR E 22 -16.50 -7.32 -10.46
CA TYR E 22 -17.10 -8.52 -11.02
C TYR E 22 -16.73 -9.73 -10.18
N ILE E 23 -17.57 -10.75 -10.21
CA ILE E 23 -17.43 -11.92 -9.35
C ILE E 23 -17.70 -13.17 -10.17
N THR E 24 -16.95 -14.23 -9.87
CA THR E 24 -17.12 -15.55 -10.54
C THR E 24 -18.18 -16.35 -9.77
N ILE E 25 -18.36 -17.62 -10.12
CA ILE E 25 -19.33 -18.51 -9.41
C ILE E 25 -18.89 -18.64 -7.95
N ASP E 26 -17.57 -18.78 -7.73
CA ASP E 26 -16.94 -18.87 -6.38
C ASP E 26 -16.66 -17.46 -5.83
N GLY E 27 -15.92 -17.39 -4.71
CA GLY E 27 -15.60 -16.14 -4.00
C GLY E 27 -14.68 -15.17 -4.73
N THR E 28 -14.02 -15.60 -5.81
CA THR E 28 -13.05 -14.72 -6.53
C THR E 28 -13.74 -13.42 -6.97
N ILE E 29 -13.04 -12.29 -6.78
CA ILE E 29 -13.52 -10.95 -7.10
C ILE E 29 -12.64 -10.35 -8.18
N ASN E 30 -13.28 -9.78 -9.21
CA ASN E 30 -12.62 -9.17 -10.36
C ASN E 30 -11.63 -10.12 -11.04
N PRO E 31 -12.11 -11.18 -11.68
CA PRO E 31 -11.25 -12.25 -12.12
C PRO E 31 -10.55 -11.87 -13.42
N PRO E 32 -9.58 -12.67 -13.86
CA PRO E 32 -9.08 -12.54 -15.24
C PRO E 32 -10.19 -12.79 -16.23
N PRO E 33 -10.20 -12.06 -17.35
CA PRO E 33 -11.30 -12.18 -18.32
C PRO E 33 -11.30 -13.51 -19.04
N GLY E 34 -12.48 -13.88 -19.56
CA GLY E 34 -12.70 -15.16 -20.18
C GLY E 34 -13.46 -16.15 -19.31
N VAL E 35 -13.45 -15.96 -18.01
CA VAL E 35 -14.21 -16.79 -17.10
C VAL E 35 -15.65 -16.28 -17.07
N SER E 36 -16.52 -17.06 -16.44
CA SER E 36 -17.88 -16.59 -16.18
C SER E 36 -17.85 -15.42 -15.19
N ARG E 37 -18.16 -14.23 -15.68
CA ARG E 37 -17.96 -12.98 -14.95
C ARG E 37 -19.33 -12.38 -14.61
N PHE E 38 -19.64 -12.31 -13.33
CA PHE E 38 -20.92 -11.78 -12.90
C PHE E 38 -20.70 -10.47 -12.16
N PRO E 39 -21.56 -9.48 -12.36
CA PRO E 39 -21.31 -8.16 -11.78
C PRO E 39 -21.47 -8.10 -10.26
N LEU E 40 -20.45 -7.55 -9.59
CA LEU E 40 -20.42 -7.41 -8.14
C LEU E 40 -20.52 -5.94 -7.78
N VAL E 41 -21.37 -5.63 -6.80
CA VAL E 41 -21.51 -4.28 -6.27
C VAL E 41 -20.99 -4.32 -4.83
N ARG E 42 -19.74 -3.92 -4.64
CA ARG E 42 -19.11 -4.09 -3.34
C ARG E 42 -19.55 -2.99 -2.37
N THR E 43 -19.44 -3.31 -1.09
CA THR E 43 -19.66 -2.33 -0.04
C THR E 43 -18.56 -1.28 -0.08
N ARG E 44 -18.89 -0.07 0.38
CA ARG E 44 -17.88 0.96 0.57
C ARG E 44 -16.85 0.52 1.60
N MET E 45 -15.60 0.49 1.17
CA MET E 45 -14.48 0.10 2.02
C MET E 45 -13.53 1.28 2.16
N MET E 46 -12.83 1.33 3.27
CA MET E 46 -11.77 2.31 3.43
C MET E 46 -10.50 1.59 3.84
N TYR E 47 -9.37 2.21 3.57
CA TYR E 47 -8.10 1.61 3.92
C TYR E 47 -7.65 2.26 5.22
N VAL E 48 -7.03 1.46 6.10
CA VAL E 48 -6.55 1.95 7.39
C VAL E 48 -5.11 1.47 7.53
N ALA E 49 -4.29 2.26 8.22
CA ALA E 49 -3.09 1.72 8.84
C ALA E 49 -3.46 0.70 9.90
N ALA E 50 -2.97 -0.53 9.76
CA ALA E 50 -3.17 -1.52 10.79
C ALA E 50 -1.94 -2.40 10.88
N ASP E 51 -1.66 -2.90 12.09
CA ASP E 51 -0.49 -3.75 12.27
C ASP E 51 -0.80 -5.15 11.74
N VAL E 52 -0.36 -5.43 10.52
CA VAL E 52 -0.62 -6.74 9.95
C VAL E 52 0.33 -7.78 10.55
N GLY E 53 1.44 -7.34 11.14
CA GLY E 53 2.39 -8.24 11.77
C GLY E 53 2.92 -7.72 13.08
N ASP E 54 2.11 -6.89 13.77
CA ASP E 54 2.29 -6.33 15.11
C ASP E 54 3.37 -5.24 15.16
N GLY E 55 4.13 -5.08 14.09
CA GLY E 55 5.01 -3.94 13.95
C GLY E 55 4.81 -3.23 12.63
N VAL E 56 4.36 -3.98 11.63
CA VAL E 56 4.24 -3.49 10.27
C VAL E 56 2.81 -2.99 10.02
N ILE E 57 2.67 -1.70 9.86
CA ILE E 57 1.36 -1.10 9.62
C ILE E 57 1.19 -0.93 8.12
N LYS E 58 0.06 -1.42 7.62
CA LYS E 58 -0.27 -1.47 6.20
C LYS E 58 -1.72 -1.06 6.05
N SER E 59 -2.04 -0.46 4.91
CA SER E 59 -3.39 -0.01 4.58
C SER E 59 -4.25 -1.21 4.17
N VAL E 60 -4.95 -1.75 5.16
CA VAL E 60 -5.87 -2.86 4.95
C VAL E 60 -7.26 -2.33 4.65
N PRO E 61 -8.07 -3.06 3.90
CA PRO E 61 -9.47 -2.70 3.75
C PRO E 61 -10.23 -2.93 5.04
N LEU E 62 -11.27 -2.14 5.21
CA LEU E 62 -12.25 -2.30 6.27
C LEU E 62 -13.52 -1.67 5.77
N GLN E 63 -14.62 -2.39 5.88
CA GLN E 63 -15.87 -1.94 5.28
C GLN E 63 -16.59 -0.98 6.19
N ILE E 64 -16.97 0.18 5.64
CA ILE E 64 -17.60 1.27 6.38
C ILE E 64 -18.89 1.67 5.69
N VAL E 65 -19.64 2.56 6.33
CA VAL E 65 -20.65 3.35 5.64
C VAL E 65 -20.12 4.78 5.80
N PRO E 66 -20.07 5.56 4.73
CA PRO E 66 -19.40 6.87 4.81
C PRO E 66 -20.10 7.85 5.73
N GLY E 67 -19.31 8.77 6.30
CA GLY E 67 -19.86 9.79 7.17
C GLY E 67 -20.70 10.80 6.43
N ASN E 68 -20.51 10.86 5.10
CA ASN E 68 -21.38 11.76 4.29
C ASN E 68 -22.79 11.19 4.39
N THR E 69 -22.90 9.86 4.20
CA THR E 69 -24.19 9.11 4.29
C THR E 69 -24.68 9.11 5.74
N MET E 70 -23.77 8.90 6.70
CA MET E 70 -24.12 8.85 8.14
C MET E 70 -24.69 10.22 8.56
N ARG E 71 -24.08 11.30 8.06
CA ARG E 71 -24.55 12.66 8.39
C ARG E 71 -25.99 12.82 7.86
N SER E 72 -26.24 12.31 6.65
CA SER E 72 -27.59 12.39 6.03
C SER E 72 -28.60 11.60 6.86
N LEU E 73 -28.21 10.41 7.32
CA LEU E 73 -29.12 9.54 8.13
C LEU E 73 -29.46 10.27 9.44
N LEU E 74 -28.46 10.89 10.06
CA LEU E 74 -28.67 11.65 11.33
C LEU E 74 -29.51 12.89 11.00
N ARG E 75 -29.21 13.53 9.88
CA ARG E 75 -29.92 14.76 9.42
C ARG E 75 -31.40 14.45 9.15
N ARG E 76 -31.65 13.36 8.41
CA ARG E 76 -33.00 12.93 8.00
C ARG E 76 -33.85 12.59 9.23
N THR E 77 -33.26 11.90 10.21
CA THR E 77 -34.03 11.51 11.43
C THR E 77 -34.51 12.78 12.15
N MET E 78 -33.63 13.76 12.31
CA MET E 78 -34.00 15.05 12.97
C MET E 78 -35.00 15.80 12.09
N LEU E 79 -34.76 15.80 10.78
CA LEU E 79 -35.60 16.52 9.78
C LEU E 79 -37.01 15.92 9.72
N LYS E 80 -37.14 14.60 9.74
CA LYS E 80 -38.47 14.00 9.61
C LYS E 80 -39.14 13.79 10.95
N HIS E 81 -38.36 13.58 12.00
CA HIS E 81 -38.90 13.14 13.26
C HIS E 81 -38.98 14.25 14.31
N VAL E 82 -38.24 15.36 14.12
CA VAL E 82 -38.32 16.46 15.07
C VAL E 82 -38.73 17.75 14.36
N ILE E 83 -38.05 18.05 13.24
CA ILE E 83 -38.15 19.39 12.65
C ILE E 83 -39.50 19.59 11.99
N GLU E 84 -39.86 18.73 11.04
CA GLU E 84 -41.16 18.82 10.39
C GLU E 84 -42.37 18.68 11.32
N PRO E 85 -42.41 17.79 12.33
CA PRO E 85 -43.53 17.85 13.29
C PRO E 85 -43.63 19.15 14.06
N ALA E 86 -42.51 19.78 14.40
CA ALA E 86 -42.56 21.09 15.03
C ALA E 86 -42.99 22.17 14.04
N LEU E 87 -42.70 21.99 12.75
CA LEU E 87 -43.09 22.99 11.76
C LEU E 87 -44.57 22.94 11.45
N VAL E 88 -45.13 21.74 11.27
CA VAL E 88 -46.57 21.67 11.00
C VAL E 88 -47.36 21.77 12.30
N GLU E 89 -46.70 21.54 13.45
CA GLU E 89 -47.37 21.64 14.73
C GLU E 89 -47.64 23.10 15.09
N LYS E 90 -46.79 24.01 14.63
CA LYS E 90 -47.05 25.44 14.73
C LYS E 90 -47.51 26.03 13.41
N GLY E 91 -47.74 25.19 12.40
CA GLY E 91 -48.23 25.65 11.11
C GLY E 91 -47.19 26.30 10.22
N ASN E 92 -45.91 26.24 10.59
CA ASN E 92 -44.87 26.87 9.78
C ASN E 92 -44.60 26.04 8.53
N LYS E 93 -44.62 26.70 7.38
CA LYS E 93 -44.45 26.04 6.08
C LYS E 93 -43.21 26.60 5.41
N LEU E 94 -42.32 25.72 4.97
CA LEU E 94 -41.14 26.14 4.24
C LEU E 94 -41.42 26.20 2.75
N SER E 95 -40.64 27.01 2.04
CA SER E 95 -40.65 26.92 0.59
C SER E 95 -39.90 25.67 0.16
N ILE E 96 -40.01 25.35 -1.12
CA ILE E 96 -39.35 24.15 -1.64
C ILE E 96 -37.83 24.35 -1.70
N GLY E 97 -37.39 25.60 -1.83
CA GLY E 97 -35.97 25.88 -1.74
C GLY E 97 -35.45 25.70 -0.33
N ALA E 98 -36.20 26.17 0.67
CA ALA E 98 -35.79 25.96 2.06
C ALA E 98 -35.95 24.50 2.45
N TYR E 99 -36.89 23.79 1.84
CA TYR E 99 -37.05 22.37 2.08
C TYR E 99 -35.84 21.59 1.57
N ALA E 100 -35.40 21.90 0.34
CA ALA E 100 -34.19 21.28 -0.21
C ALA E 100 -32.96 21.66 0.59
N THR E 101 -32.91 22.91 1.07
CA THR E 101 -31.79 23.36 1.87
C THR E 101 -31.80 22.73 3.26
N ALA E 102 -32.97 22.30 3.73
CA ALA E 102 -33.02 21.48 4.93
C ALA E 102 -32.52 20.07 4.66
N TYR E 103 -32.95 19.46 3.56
CA TYR E 103 -32.62 18.06 3.33
C TYR E 103 -31.25 17.87 2.68
N SER E 104 -30.99 18.56 1.59
CA SER E 104 -29.64 18.66 1.06
C SER E 104 -28.94 19.81 1.77
N GLY E 105 -27.79 20.24 1.24
CA GLY E 105 -27.15 21.39 1.86
C GLY E 105 -27.65 22.72 1.36
N ASN E 106 -28.22 22.76 0.16
CA ASN E 106 -28.75 24.01 -0.40
C ASN E 106 -29.91 23.65 -1.31
N ALA E 107 -30.43 24.66 -2.00
CA ALA E 107 -31.55 24.50 -2.93
C ALA E 107 -31.09 24.32 -4.36
N THR E 108 -30.07 25.04 -4.78
CA THR E 108 -29.59 25.02 -6.16
C THR E 108 -28.13 24.59 -6.15
N GLY E 109 -27.75 23.79 -7.16
CA GLY E 109 -26.39 23.32 -7.27
C GLY E 109 -25.37 24.41 -7.55
N ASN E 110 -25.82 25.59 -7.98
CA ASN E 110 -24.96 26.77 -8.08
C ASN E 110 -25.00 27.54 -6.77
N PRO E 111 -23.89 27.66 -6.07
CA PRO E 111 -23.84 28.60 -4.95
C PRO E 111 -23.32 29.95 -5.41
N ASP E 112 -23.88 31.03 -4.90
CA ASP E 112 -23.26 32.32 -5.15
C ASP E 112 -22.02 32.44 -4.27
N GLY E 113 -20.90 32.82 -4.87
CA GLY E 113 -19.68 32.96 -4.10
C GLY E 113 -19.62 34.29 -3.41
N VAL E 114 -20.62 34.55 -2.57
CA VAL E 114 -20.83 35.84 -1.93
C VAL E 114 -20.84 35.56 -0.43
N PRO E 115 -20.11 36.33 0.35
CA PRO E 115 -20.24 36.28 1.80
C PRO E 115 -21.62 36.63 2.32
N SER E 116 -22.10 35.82 3.24
CA SER E 116 -23.28 36.18 4.01
C SER E 116 -22.87 37.10 5.16
N SER E 117 -23.78 38.00 5.53
CA SER E 117 -23.51 38.97 6.58
C SER E 117 -23.36 38.27 7.92
N PHE E 118 -22.60 38.91 8.82
CA PHE E 118 -22.23 38.26 10.09
C PHE E 118 -23.43 37.93 10.94
N ASP E 119 -24.39 38.86 11.06
CA ASP E 119 -25.55 38.63 11.92
C ASP E 119 -26.34 37.43 11.45
N GLU E 120 -26.45 37.28 10.11
CA GLU E 120 -27.01 36.09 9.51
C GLU E 120 -26.26 34.86 9.97
N ILE E 121 -24.91 34.87 9.88
CA ILE E 121 -24.12 33.71 10.27
C ILE E 121 -24.28 33.38 11.76
N ALA E 122 -24.41 34.41 12.61
CA ALA E 122 -24.57 34.18 14.04
C ALA E 122 -25.94 33.59 14.37
N THR E 123 -27.00 34.08 13.70
CA THR E 123 -28.32 33.46 13.88
C THR E 123 -28.35 32.02 13.39
N MET E 124 -27.63 31.70 12.31
CA MET E 124 -27.77 30.33 11.84
C MET E 124 -26.88 29.36 12.61
N ARG E 125 -25.72 29.82 13.05
CA ARG E 125 -24.91 28.94 13.87
C ARG E 125 -25.37 28.94 15.32
N ALA E 126 -26.31 29.82 15.68
CA ALA E 126 -27.05 29.66 16.93
C ALA E 126 -28.38 28.94 16.74
N HIS E 127 -28.88 28.86 15.51
CA HIS E 127 -29.98 27.97 15.18
C HIS E 127 -29.55 26.53 15.46
N PRO E 128 -30.40 25.70 16.07
CA PRO E 128 -30.03 24.29 16.28
C PRO E 128 -29.77 23.51 15.00
N PHE E 129 -30.79 23.37 14.15
CA PHE E 129 -30.68 22.52 12.95
C PHE E 129 -29.70 23.10 11.94
N ILE E 130 -29.83 24.39 11.64
CA ILE E 130 -29.00 24.98 10.60
C ILE E 130 -27.59 25.20 11.11
N GLY E 131 -27.42 25.35 12.43
CA GLY E 131 -26.09 25.31 13.01
C GLY E 131 -25.42 23.97 12.86
N LEU E 132 -26.20 22.89 13.00
CA LEU E 132 -25.65 21.56 12.74
C LEU E 132 -25.25 21.41 11.28
N PHE E 133 -26.13 21.77 10.36
CA PHE E 133 -25.89 21.54 8.94
C PHE E 133 -25.84 22.88 8.23
N GLY E 134 -24.63 23.29 7.83
CA GLY E 134 -24.47 24.53 7.13
C GLY E 134 -24.85 24.45 5.66
N GLY E 135 -24.12 25.16 4.82
CA GLY E 135 -24.43 25.16 3.40
C GLY E 135 -25.30 26.33 3.03
N GLY E 136 -26.32 26.09 2.21
CA GLY E 136 -27.10 27.16 1.65
C GLY E 136 -26.39 27.73 0.45
N PRO E 137 -26.96 28.76 -0.17
CA PRO E 137 -26.28 29.42 -1.30
C PRO E 137 -24.99 30.10 -0.92
N ARG E 138 -24.91 30.63 0.30
CA ARG E 138 -23.72 31.34 0.77
C ARG E 138 -22.73 30.39 1.46
N MET E 139 -23.09 29.11 1.53
CA MET E 139 -22.23 28.01 1.99
C MET E 139 -21.74 28.20 3.42
N LEU E 140 -22.67 28.17 4.36
CA LEU E 140 -22.35 28.19 5.78
C LEU E 140 -21.64 26.90 6.18
N GLU E 141 -20.73 27.01 7.14
CA GLU E 141 -20.17 25.83 7.79
C GLU E 141 -21.01 25.45 9.00
N GLY E 142 -21.30 24.15 9.12
CA GLY E 142 -22.07 23.66 10.25
C GLY E 142 -21.24 23.57 11.52
N ARG E 143 -21.88 23.12 12.60
CA ARG E 143 -21.13 22.74 13.78
C ARG E 143 -20.99 21.23 13.91
N LEU E 144 -21.70 20.47 13.08
CA LEU E 144 -21.77 19.02 13.19
C LEU E 144 -20.74 18.37 12.27
N MET E 145 -20.01 17.40 12.80
CA MET E 145 -18.99 16.65 12.05
C MET E 145 -19.27 15.17 12.24
N VAL E 146 -19.68 14.48 11.18
CA VAL E 146 -20.03 13.07 11.31
C VAL E 146 -18.91 12.24 10.70
N ASP E 147 -18.35 11.34 11.51
CA ASP E 147 -17.39 10.39 11.01
C ASP E 147 -18.15 9.16 10.53
N SER E 148 -17.56 8.45 9.60
CA SER E 148 -18.05 7.20 9.05
C SER E 148 -18.18 6.13 10.14
N LEU E 149 -19.16 5.23 9.97
CA LEU E 149 -19.38 4.18 10.99
C LEU E 149 -18.20 3.20 10.93
N TYR E 150 -17.60 2.92 12.10
CA TYR E 150 -16.44 1.99 12.16
C TYR E 150 -16.73 0.88 13.17
N PRO E 151 -16.59 -0.41 12.77
CA PRO E 151 -16.79 -1.54 13.69
C PRO E 151 -15.58 -1.65 14.63
N ILE E 152 -15.75 -2.29 15.79
CA ILE E 152 -14.60 -2.47 16.72
C ILE E 152 -13.82 -3.67 16.18
N HIS E 153 -13.16 -3.47 15.04
CA HIS E 153 -12.45 -4.49 14.32
C HIS E 153 -10.97 -4.34 14.65
N THR E 154 -10.21 -5.42 14.48
CA THR E 154 -8.77 -5.33 14.73
C THR E 154 -8.05 -4.59 13.62
N ASN E 155 -8.72 -4.29 12.51
CA ASN E 155 -8.12 -3.44 11.49
C ASN E 155 -8.22 -1.97 11.85
N ALA E 156 -9.19 -1.60 12.70
CA ALA E 156 -9.40 -0.22 13.13
C ALA E 156 -8.91 0.04 14.55
N GLU E 157 -8.02 -0.80 15.07
CA GLU E 157 -7.52 -0.62 16.43
C GLU E 157 -6.68 0.64 16.57
N ARG E 158 -6.13 1.16 15.47
CA ARG E 158 -5.43 2.43 15.51
C ARG E 158 -6.41 3.59 15.43
N ILE E 159 -7.54 3.38 14.75
CA ILE E 159 -8.62 4.36 14.77
C ILE E 159 -9.23 4.45 16.16
N LEU E 160 -9.52 3.29 16.74
CA LEU E 160 -10.18 3.21 18.03
C LEU E 160 -9.14 3.46 19.10
N GLY E 161 -9.24 4.62 19.76
CA GLY E 161 -8.25 5.04 20.73
C GLY E 161 -8.12 4.12 21.93
N ALA E 162 -9.19 4.09 22.75
CA ALA E 162 -9.22 3.29 23.99
C ALA E 162 -10.68 3.02 24.39
N GLY E 163 -10.87 2.05 25.29
CA GLY E 163 -12.19 1.67 25.84
C GLY E 163 -12.97 0.73 24.93
N TYR E 164 -12.41 0.40 23.76
CA TYR E 164 -13.13 -0.51 22.81
C TYR E 164 -12.26 -1.72 22.44
N GLU E 165 -11.16 -1.94 23.16
CA GLU E 165 -10.23 -3.05 22.83
C GLU E 165 -10.91 -4.42 22.93
N ASN E 166 -11.68 -4.66 24.00
CA ASN E 166 -12.36 -5.96 24.21
C ASN E 166 -13.41 -6.22 23.12
N GLU E 167 -14.15 -5.17 22.74
CA GLU E 167 -15.26 -5.23 21.75
C GLU E 167 -14.76 -5.56 20.33
N MET E 168 -13.49 -5.28 20.02
CA MET E 168 -12.95 -5.49 18.65
C MET E 168 -13.11 -6.94 18.20
N MET E 169 -13.56 -7.13 16.95
CA MET E 169 -13.75 -8.44 16.27
C MET E 169 -12.57 -8.69 15.32
N SER E 170 -12.40 -9.93 14.86
CA SER E 170 -11.27 -10.21 13.98
C SER E 170 -11.70 -11.08 12.82
N GLY E 171 -11.07 -10.84 11.67
CA GLY E 171 -11.29 -11.65 10.49
C GLY E 171 -12.08 -10.91 9.42
N PRO E 172 -12.54 -11.64 8.41
CA PRO E 172 -13.34 -11.00 7.36
C PRO E 172 -14.76 -10.70 7.85
N ILE E 173 -15.26 -9.53 7.46
CA ILE E 173 -16.57 -9.08 7.89
C ILE E 173 -17.53 -8.93 6.72
N THR E 174 -17.20 -9.50 5.57
CA THR E 174 -17.99 -9.33 4.36
C THR E 174 -18.56 -10.67 3.90
N GLN E 175 -19.67 -10.59 3.17
CA GLN E 175 -20.22 -11.76 2.49
C GLN E 175 -20.84 -11.32 1.17
N VAL E 176 -20.48 -12.01 0.10
CA VAL E 176 -21.11 -11.79 -1.19
C VAL E 176 -22.50 -12.41 -1.16
N VAL E 177 -23.51 -11.63 -1.53
CA VAL E 177 -24.91 -12.05 -1.52
C VAL E 177 -25.41 -12.03 -2.95
N TRP E 178 -25.97 -13.13 -3.40
CA TRP E 178 -26.37 -13.27 -4.79
C TRP E 178 -27.84 -12.93 -4.94
N ALA E 179 -28.18 -12.32 -6.07
CA ALA E 179 -29.54 -11.93 -6.34
C ALA E 179 -29.89 -12.32 -7.77
N ARG E 180 -31.11 -12.80 -7.95
CA ARG E 180 -31.59 -13.13 -9.28
C ARG E 180 -32.94 -12.45 -9.48
N ARG E 181 -33.20 -12.10 -10.72
CA ARG E 181 -34.52 -11.63 -11.15
C ARG E 181 -34.86 -12.41 -12.41
N MET E 182 -35.68 -13.45 -12.31
CA MET E 182 -36.03 -14.17 -13.52
C MET E 182 -37.16 -13.46 -14.23
N ASP E 183 -37.68 -14.10 -15.25
CA ASP E 183 -38.92 -13.67 -15.87
C ASP E 183 -40.07 -14.46 -15.25
N PRO E 184 -40.97 -13.79 -14.52
CA PRO E 184 -42.15 -14.50 -14.00
C PRO E 184 -43.10 -15.00 -15.08
N ILE E 185 -43.04 -14.42 -16.27
CA ILE E 185 -43.79 -14.94 -17.41
C ILE E 185 -43.26 -16.31 -17.85
N LEU E 186 -41.98 -16.59 -17.59
CA LEU E 186 -41.46 -17.95 -17.70
C LEU E 186 -41.99 -18.85 -16.59
N ASN E 187 -42.35 -18.30 -15.43
CA ASN E 187 -42.87 -19.05 -14.29
C ASN E 187 -44.39 -18.95 -14.19
N LEU E 188 -45.06 -18.93 -15.33
CA LEU E 188 -46.47 -18.62 -15.35
C LEU E 188 -47.30 -19.86 -15.03
N GLY E 189 -47.12 -20.94 -15.79
CA GLY E 189 -47.62 -22.25 -15.36
C GLY E 189 -48.95 -22.76 -15.86
N SER E 190 -50.00 -21.94 -15.79
CA SER E 190 -51.35 -22.42 -16.08
C SER E 190 -52.14 -21.36 -16.83
N SER E 191 -53.16 -21.81 -17.55
CA SER E 191 -54.00 -20.90 -18.33
C SER E 191 -54.87 -19.99 -17.45
N GLU E 192 -55.02 -20.30 -16.17
CA GLU E 192 -55.69 -19.40 -15.25
C GLU E 192 -54.76 -18.31 -14.74
N ASP E 193 -53.46 -18.41 -15.04
CA ASP E 193 -52.54 -17.36 -14.64
C ASP E 193 -52.46 -16.26 -15.70
N VAL E 194 -52.78 -16.58 -16.96
CA VAL E 194 -52.67 -15.62 -18.06
C VAL E 194 -53.93 -14.82 -18.27
N GLU E 195 -55.00 -15.12 -17.54
CA GLU E 195 -56.25 -14.40 -17.77
C GLU E 195 -56.16 -12.98 -17.21
N VAL E 196 -55.31 -12.76 -16.21
CA VAL E 196 -55.06 -11.41 -15.72
C VAL E 196 -54.30 -10.59 -16.77
N ILE E 197 -53.43 -11.24 -17.55
CA ILE E 197 -52.78 -10.63 -18.69
C ILE E 197 -53.84 -10.35 -19.76
N ASN E 198 -53.82 -9.14 -20.33
CA ASN E 198 -54.73 -8.82 -21.42
C ASN E 198 -54.34 -9.60 -22.69
N GLY E 199 -55.36 -10.14 -23.36
CA GLY E 199 -55.10 -10.97 -24.51
C GLY E 199 -54.88 -12.42 -24.17
N GLY E 200 -54.42 -12.69 -22.94
CA GLY E 200 -54.25 -14.05 -22.48
C GLY E 200 -52.96 -14.69 -22.97
N ALA E 201 -53.02 -16.01 -23.10
CA ALA E 201 -51.84 -16.87 -23.18
C ALA E 201 -50.99 -16.57 -24.42
N VAL E 202 -51.66 -16.31 -25.56
CA VAL E 202 -50.96 -16.01 -26.80
C VAL E 202 -50.12 -14.75 -26.64
N ALA E 203 -50.68 -13.72 -25.98
CA ALA E 203 -49.91 -12.53 -25.66
C ALA E 203 -48.76 -12.85 -24.74
N ALA E 204 -48.99 -13.70 -23.74
CA ALA E 204 -47.92 -14.20 -22.88
C ALA E 204 -46.91 -14.99 -23.71
N ASN E 205 -47.43 -15.81 -24.64
CA ASN E 205 -46.58 -16.56 -25.56
C ASN E 205 -45.75 -15.63 -26.41
N GLY E 206 -46.33 -14.47 -26.76
CA GLY E 206 -45.60 -13.48 -27.52
C GLY E 206 -44.36 -13.00 -26.80
N TRP E 207 -44.48 -12.75 -25.49
CA TRP E 207 -43.35 -12.35 -24.67
C TRP E 207 -42.27 -13.41 -24.70
N ILE E 208 -42.71 -14.68 -24.62
CA ILE E 208 -41.80 -15.82 -24.60
C ILE E 208 -40.95 -15.87 -25.86
N GLN E 209 -41.56 -15.55 -27.02
CA GLN E 209 -40.79 -15.70 -28.24
C GLN E 209 -39.77 -14.58 -28.40
N ASP E 210 -40.06 -13.40 -27.83
CA ASP E 210 -39.03 -12.35 -27.84
C ASP E 210 -37.84 -12.78 -27.00
N LEU E 211 -38.13 -13.48 -25.89
CA LEU E 211 -37.09 -14.06 -25.07
C LEU E 211 -36.27 -15.05 -25.87
N LEU E 212 -36.95 -15.88 -26.69
CA LEU E 212 -36.20 -16.82 -27.50
C LEU E 212 -35.44 -16.08 -28.60
N ALA E 213 -36.02 -14.99 -29.11
CA ALA E 213 -35.28 -14.12 -30.01
C ALA E 213 -34.10 -13.50 -29.27
N ASN E 214 -34.32 -13.07 -28.03
CA ASN E 214 -33.22 -12.52 -27.25
C ASN E 214 -32.29 -13.60 -26.74
N SER E 215 -32.68 -14.88 -26.90
CA SER E 215 -31.73 -15.95 -26.65
C SER E 215 -30.75 -16.10 -27.81
N LYS E 216 -31.18 -15.80 -29.04
CA LYS E 216 -30.33 -16.14 -30.18
C LYS E 216 -29.35 -15.03 -30.50
N ALA E 217 -29.61 -13.82 -30.03
CA ALA E 217 -28.69 -12.70 -30.25
C ALA E 217 -27.82 -12.49 -29.02
N ASN E 239 -30.45 -0.25 -26.26
CA ASN E 239 -30.38 -1.72 -26.24
C ASN E 239 -31.34 -2.30 -25.23
N GLY E 240 -32.36 -3.00 -25.72
CA GLY E 240 -33.34 -3.59 -24.82
C GLY E 240 -32.78 -4.79 -24.08
N ARG E 241 -33.20 -4.92 -22.83
CA ARG E 241 -32.73 -5.98 -21.95
C ARG E 241 -33.93 -6.68 -21.33
N GLY E 242 -33.87 -8.01 -21.28
CA GLY E 242 -34.92 -8.78 -20.65
C GLY E 242 -34.84 -8.69 -19.14
N LEU E 243 -35.81 -9.34 -18.51
CA LEU E 243 -35.93 -9.30 -17.05
C LEU E 243 -34.90 -10.16 -16.35
N LYS E 244 -34.46 -11.26 -16.95
CA LYS E 244 -33.67 -12.24 -16.22
C LYS E 244 -32.23 -11.78 -16.03
N ALA E 245 -31.85 -11.58 -14.76
CA ALA E 245 -30.54 -11.08 -14.38
C ALA E 245 -30.06 -11.86 -13.18
N PHE E 246 -28.76 -12.15 -13.17
CA PHE E 246 -28.17 -12.78 -11.99
C PHE E 246 -26.89 -12.02 -11.67
N ASN E 247 -26.80 -11.54 -10.44
CA ASN E 247 -25.72 -10.63 -10.05
C ASN E 247 -25.46 -10.84 -8.57
N ALA E 248 -24.54 -10.04 -8.02
CA ALA E 248 -24.18 -10.18 -6.63
C ALA E 248 -23.83 -8.81 -6.06
N HIS E 249 -23.99 -8.70 -4.74
CA HIS E 249 -23.59 -7.51 -4.02
C HIS E 249 -22.89 -7.93 -2.74
N GLU E 250 -21.72 -7.37 -2.51
CA GLU E 250 -20.98 -7.68 -1.29
C GLU E 250 -21.52 -6.83 -0.15
N VAL E 251 -21.82 -7.46 0.97
CA VAL E 251 -22.36 -6.76 2.13
C VAL E 251 -21.42 -6.97 3.30
N VAL E 252 -21.57 -6.13 4.32
CA VAL E 252 -21.00 -6.45 5.61
C VAL E 252 -21.88 -7.49 6.26
N ILE E 253 -21.32 -8.37 7.07
CA ILE E 253 -22.07 -9.38 7.81
C ILE E 253 -22.98 -8.72 8.84
N PRO E 254 -23.97 -9.43 9.40
CA PRO E 254 -24.89 -8.87 10.40
C PRO E 254 -24.49 -9.25 11.83
N GLY E 255 -24.91 -8.45 12.81
CA GLY E 255 -24.63 -8.71 14.23
C GLY E 255 -23.28 -8.16 14.68
N LEU E 256 -22.56 -7.50 13.78
CA LEU E 256 -21.23 -6.90 14.12
C LEU E 256 -21.44 -5.64 14.97
N LYS E 257 -20.45 -5.26 15.78
CA LYS E 257 -20.58 -4.06 16.63
C LYS E 257 -19.82 -2.89 16.00
N TRP E 258 -20.52 -1.78 15.75
CA TRP E 258 -19.96 -0.59 15.13
C TRP E 258 -19.90 0.54 16.13
N VAL E 259 -19.06 1.52 15.80
CA VAL E 259 -18.89 2.76 16.55
C VAL E 259 -19.02 3.91 15.54
N TRP E 260 -19.50 5.04 16.02
CA TRP E 260 -19.76 6.22 15.22
C TRP E 260 -19.27 7.42 16.02
N ARG E 261 -18.44 8.27 15.41
CA ARG E 261 -17.97 9.50 16.04
C ARG E 261 -18.75 10.68 15.48
N ILE E 262 -19.32 11.49 16.38
CA ILE E 262 -20.03 12.70 16.02
C ILE E 262 -19.42 13.82 16.84
N SER E 263 -18.74 14.73 16.18
CA SER E 263 -18.06 15.83 16.82
C SER E 263 -18.87 17.10 16.66
N LEU E 264 -18.73 18.00 17.63
CA LEU E 264 -19.52 19.21 17.67
C LEU E 264 -18.64 20.38 18.07
N ASP E 265 -18.52 21.34 17.15
CA ASP E 265 -17.59 22.47 17.28
C ASP E 265 -18.28 23.57 18.06
N ARG E 266 -17.90 23.71 19.33
CA ARG E 266 -18.40 24.73 20.24
C ARG E 266 -19.92 24.89 20.26
N PRO E 267 -20.67 23.80 20.48
CA PRO E 267 -22.08 23.79 20.11
C PRO E 267 -22.95 24.49 21.13
N THR E 268 -24.05 25.06 20.65
CA THR E 268 -25.03 25.56 21.59
C THR E 268 -25.85 24.39 22.11
N ASP E 269 -26.57 24.63 23.20
CA ASP E 269 -27.24 23.58 23.95
C ASP E 269 -28.39 22.96 23.14
N ALA E 270 -29.02 23.77 22.29
CA ALA E 270 -30.09 23.27 21.43
C ALA E 270 -29.55 22.32 20.36
N GLN E 271 -28.31 22.56 19.90
CA GLN E 271 -27.75 21.72 18.83
C GLN E 271 -27.43 20.32 19.33
N VAL E 272 -26.80 20.22 20.51
CA VAL E 272 -26.54 18.91 21.09
C VAL E 272 -27.85 18.23 21.47
N GLY E 273 -28.87 19.00 21.90
CA GLY E 273 -30.14 18.39 22.22
C GLY E 273 -30.85 17.84 21.00
N LEU E 274 -30.71 18.55 19.88
CA LEU E 274 -31.27 18.05 18.64
C LEU E 274 -30.57 16.78 18.22
N VAL E 275 -29.23 16.72 18.44
CA VAL E 275 -28.48 15.49 18.14
C VAL E 275 -28.97 14.32 18.99
N LEU E 276 -29.16 14.56 20.29
CA LEU E 276 -29.67 13.49 21.16
C LEU E 276 -31.11 13.12 20.82
N LEU E 277 -31.91 14.07 20.36
CA LEU E 277 -33.32 13.74 20.00
C LEU E 277 -33.36 12.77 18.82
N ALA E 278 -32.65 13.08 17.73
CA ALA E 278 -32.66 12.23 16.51
C ALA E 278 -32.07 10.85 16.80
N LEU E 279 -30.94 10.80 17.52
CA LEU E 279 -30.26 9.50 17.84
C LEU E 279 -31.17 8.62 18.71
N ASN E 280 -31.84 9.21 19.70
CA ASN E 280 -32.71 8.44 20.63
C ASN E 280 -33.84 7.80 19.81
N LYS E 281 -34.41 8.55 18.86
CA LYS E 281 -35.50 8.06 17.98
C LYS E 281 -34.90 7.49 16.69
N MET E 282 -33.56 7.39 16.64
CA MET E 282 -32.78 6.90 15.48
C MET E 282 -32.92 5.39 15.25
N THR E 283 -33.43 4.63 16.24
CA THR E 283 -33.53 3.16 16.11
C THR E 283 -34.42 2.80 14.92
N ASN E 284 -35.54 3.50 14.74
CA ASN E 284 -36.46 3.26 13.59
C ASN E 284 -35.86 4.00 12.39
N GLU E 285 -34.84 3.40 11.76
CA GLU E 285 -34.11 3.99 10.65
C GLU E 285 -33.14 2.98 10.07
N ARG E 286 -32.93 3.08 8.76
CA ARG E 286 -32.07 2.15 8.02
C ARG E 286 -30.83 2.88 7.52
N ILE E 287 -29.67 2.35 7.92
CA ILE E 287 -28.37 2.81 7.42
C ILE E 287 -28.33 2.56 5.92
N ALA E 288 -28.18 3.64 5.15
CA ALA E 288 -28.70 3.73 3.80
C ALA E 288 -28.00 2.77 2.84
N GLY E 289 -28.81 2.07 2.06
CA GLY E 289 -28.34 1.05 1.16
C GLY E 289 -29.05 -0.26 1.39
N GLY E 290 -29.75 -0.75 0.36
CA GLY E 290 -30.49 -2.00 0.44
C GLY E 290 -31.79 -1.92 1.23
N HIS E 291 -32.71 -1.04 0.82
CA HIS E 291 -33.95 -0.84 1.56
C HIS E 291 -34.83 -2.08 1.50
N SER E 292 -35.03 -2.64 0.29
CA SER E 292 -35.99 -3.73 0.11
C SER E 292 -35.58 -4.99 0.84
N LYS E 293 -34.28 -5.22 0.99
CA LYS E 293 -33.77 -6.38 1.68
C LYS E 293 -33.58 -6.14 3.17
N ASP E 294 -34.13 -5.03 3.69
CA ASP E 294 -34.06 -4.61 5.09
C ASP E 294 -32.62 -4.50 5.57
N TYR E 295 -31.73 -3.97 4.72
CA TYR E 295 -30.31 -4.07 4.99
C TYR E 295 -29.87 -3.11 6.10
N GLY E 296 -30.50 -1.95 6.17
CA GLY E 296 -29.98 -0.91 7.06
C GLY E 296 -30.31 -1.00 8.53
N ARG E 297 -30.95 -2.10 8.96
CA ARG E 297 -31.46 -2.17 10.33
C ARG E 297 -30.32 -2.28 11.33
N PHE E 298 -30.43 -1.51 12.42
CA PHE E 298 -29.40 -1.49 13.44
C PHE E 298 -30.04 -1.20 14.79
N VAL E 299 -29.33 -1.56 15.86
CA VAL E 299 -29.71 -1.18 17.21
C VAL E 299 -28.49 -0.55 17.87
N ILE E 300 -28.73 0.56 18.58
CA ILE E 300 -27.60 1.33 19.20
C ILE E 300 -27.28 0.77 20.59
N ASP E 301 -26.11 0.12 20.70
CA ASP E 301 -25.63 -0.47 21.98
C ASP E 301 -25.35 0.65 22.99
N GLY E 302 -24.70 1.74 22.56
CA GLY E 302 -24.35 2.82 23.50
C GLY E 302 -24.13 4.18 22.84
N VAL E 303 -24.14 5.22 23.67
CA VAL E 303 -23.91 6.61 23.31
C VAL E 303 -23.03 7.18 24.41
N SER E 304 -21.76 7.40 24.10
CA SER E 304 -20.84 8.05 25.03
C SER E 304 -20.89 9.55 24.78
N LEU E 305 -21.18 10.31 25.82
CA LEU E 305 -21.43 11.74 25.73
C LEU E 305 -20.23 12.42 26.37
N ASN E 306 -19.26 12.81 25.53
CA ASN E 306 -17.94 13.29 25.95
C ASN E 306 -17.27 12.30 26.89
N GLY E 307 -17.33 11.03 26.54
CA GLY E 307 -16.72 9.98 27.33
C GLY E 307 -17.62 9.33 28.35
N GLU E 308 -18.83 9.83 28.54
CA GLU E 308 -19.76 9.31 29.55
C GLU E 308 -20.92 8.60 28.88
N GLN E 309 -21.16 7.36 29.28
CA GLN E 309 -22.17 6.51 28.66
C GLN E 309 -23.56 6.94 29.11
N VAL E 310 -24.38 7.38 28.15
CA VAL E 310 -25.70 7.90 28.48
C VAL E 310 -26.82 7.14 27.79
N TRP E 311 -26.50 6.01 27.17
CA TRP E 311 -27.50 5.18 26.49
C TRP E 311 -28.12 4.21 27.48
N SER E 312 -29.40 3.91 27.24
CA SER E 312 -30.09 2.81 27.91
C SER E 312 -30.96 2.11 26.87
N GLN E 313 -31.71 1.11 27.34
CA GLN E 313 -32.60 0.39 26.45
C GLN E 313 -33.78 1.25 25.99
N SER E 314 -34.21 2.20 26.81
CA SER E 314 -35.29 3.11 26.44
C SER E 314 -34.80 4.38 25.79
N GLY E 315 -33.48 4.50 25.57
CA GLY E 315 -32.95 5.69 24.94
C GLY E 315 -31.91 6.42 25.78
N ILE E 316 -31.78 7.73 25.59
CA ILE E 316 -30.77 8.50 26.29
C ILE E 316 -31.30 8.94 27.63
N THR E 317 -30.74 8.38 28.70
CA THR E 317 -30.92 8.90 30.04
C THR E 317 -29.80 9.87 30.35
N GLY E 318 -30.07 10.76 31.32
CA GLY E 318 -29.16 11.87 31.52
C GLY E 318 -29.31 12.85 30.37
N GLY E 319 -28.36 13.79 30.31
CA GLY E 319 -28.36 14.80 29.26
C GLY E 319 -29.58 15.70 29.30
N GLU E 320 -30.05 16.00 30.52
CA GLU E 320 -31.37 16.60 30.70
C GLU E 320 -31.40 18.04 30.23
N GLN E 321 -30.28 18.75 30.35
CA GLN E 321 -30.25 20.14 29.92
C GLN E 321 -30.24 20.23 28.40
N TYR E 322 -29.72 19.21 27.72
CA TYR E 322 -29.73 19.25 26.26
C TYR E 322 -31.12 18.96 25.71
N PHE E 323 -31.81 17.99 26.30
CA PHE E 323 -33.20 17.72 25.95
C PHE E 323 -34.09 18.90 26.30
N ASP E 324 -33.83 19.56 27.43
CA ASP E 324 -34.57 20.76 27.79
C ASP E 324 -34.32 21.88 26.78
N ALA E 325 -33.06 22.12 26.42
CA ALA E 325 -32.75 23.24 25.54
C ALA E 325 -33.29 23.02 24.13
N VAL E 326 -33.27 21.77 23.65
CA VAL E 326 -33.88 21.53 22.35
C VAL E 326 -35.40 21.61 22.44
N ALA E 327 -35.98 21.26 23.61
CA ALA E 327 -37.43 21.38 23.78
C ALA E 327 -37.88 22.84 23.76
N GLU E 328 -37.06 23.73 24.32
CA GLU E 328 -37.38 25.16 24.20
C GLU E 328 -36.93 25.72 22.88
N ALA E 329 -36.16 24.97 22.09
CA ALA E 329 -35.81 25.41 20.75
C ALA E 329 -36.90 25.07 19.73
N ILE E 330 -37.50 23.88 19.81
CA ILE E 330 -38.48 23.50 18.81
C ILE E 330 -39.78 24.26 19.02
N ASP E 331 -40.01 24.74 20.25
CA ASP E 331 -40.95 25.82 20.46
C ASP E 331 -40.27 27.11 20.03
N GLY E 332 -40.77 27.72 18.96
CA GLY E 332 -40.11 28.88 18.41
C GLY E 332 -39.34 28.64 17.13
N LEU E 333 -39.31 27.40 16.64
CA LEU E 333 -38.89 27.19 15.27
C LEU E 333 -39.91 27.81 14.33
N SER E 334 -39.41 28.57 13.37
CA SER E 334 -40.28 29.26 12.42
C SER E 334 -39.69 29.08 11.03
N SER E 335 -40.49 29.42 10.03
CA SER E 335 -40.06 29.24 8.65
C SER E 335 -38.97 30.24 8.27
N LYS E 336 -39.04 31.46 8.82
CA LYS E 336 -38.30 32.60 8.28
C LYS E 336 -36.79 32.43 8.39
N GLU E 337 -36.33 31.69 9.39
CA GLU E 337 -34.90 31.37 9.48
C GLU E 337 -34.47 30.48 8.32
N PHE E 338 -35.28 29.45 8.01
CA PHE E 338 -34.97 28.56 6.90
C PHE E 338 -35.07 29.29 5.57
N GLU E 339 -36.05 30.18 5.45
CA GLU E 339 -36.24 30.96 4.23
C GLU E 339 -35.07 31.92 4.00
N GLN E 340 -34.58 32.56 5.06
CA GLN E 340 -33.45 33.46 4.91
C GLN E 340 -32.15 32.69 4.70
N PHE E 341 -32.07 31.45 5.21
CA PHE E 341 -30.92 30.59 4.91
C PHE E 341 -30.86 30.22 3.44
N ALA E 342 -32.00 29.85 2.88
CA ALA E 342 -32.01 29.35 1.52
C ALA E 342 -32.09 30.46 0.49
N GLN E 343 -32.31 31.69 0.90
CA GLN E 343 -32.47 32.77 -0.07
C GLN E 343 -31.11 33.16 -0.61
N SER E 344 -30.94 33.01 -1.92
CA SER E 344 -29.70 33.35 -2.59
C SER E 344 -29.57 34.86 -2.74
N ALA E 345 -28.34 35.34 -2.63
CA ALA E 345 -28.05 36.76 -2.75
C ALA E 345 -28.13 37.22 -4.20
N MET F 1 -43.32 0.40 10.95
CA MET F 1 -44.15 -0.74 11.31
C MET F 1 -43.30 -2.01 11.16
N GLN F 2 -43.23 -2.76 12.26
CA GLN F 2 -42.35 -3.93 12.36
C GLN F 2 -43.17 -5.20 12.59
N ILE F 3 -42.89 -6.21 11.77
CA ILE F 3 -43.56 -7.51 11.82
C ILE F 3 -42.49 -8.58 11.98
N GLU F 4 -42.77 -9.57 12.82
CA GLU F 4 -41.83 -10.66 13.11
C GLU F 4 -42.59 -11.98 12.97
N VAL F 5 -42.33 -12.69 11.88
CA VAL F 5 -43.03 -13.93 11.56
C VAL F 5 -42.16 -15.10 11.99
N THR F 6 -42.53 -15.76 13.07
CA THR F 6 -41.78 -16.87 13.62
C THR F 6 -42.41 -18.17 13.14
N VAL F 7 -41.64 -18.96 12.37
CA VAL F 7 -42.17 -20.15 11.72
C VAL F 7 -41.37 -21.37 12.16
N ARG F 8 -41.93 -22.54 11.89
CA ARG F 8 -41.24 -23.81 12.00
C ARG F 8 -41.31 -24.50 10.66
N ASN F 9 -40.21 -25.08 10.24
CA ASN F 9 -40.14 -25.68 8.93
C ASN F 9 -40.54 -27.15 8.99
N ILE F 10 -41.51 -27.54 8.19
CA ILE F 10 -41.96 -28.92 8.24
C ILE F 10 -41.04 -29.80 7.41
N THR F 11 -40.86 -29.46 6.16
CA THR F 11 -39.87 -30.13 5.35
C THR F 11 -38.53 -29.40 5.45
N PRO F 12 -37.43 -30.04 5.07
CA PRO F 12 -36.14 -29.37 5.07
C PRO F 12 -36.05 -28.24 4.07
N ILE F 13 -35.11 -27.33 4.30
CA ILE F 13 -35.01 -26.09 3.53
C ILE F 13 -33.76 -26.11 2.69
N PHE F 14 -33.97 -25.99 1.38
CA PHE F 14 -32.88 -25.89 0.44
C PHE F 14 -33.12 -24.63 -0.38
N SER F 15 -32.34 -23.59 -0.10
CA SER F 15 -32.25 -22.41 -0.96
C SER F 15 -30.81 -22.39 -1.44
N ALA F 16 -30.60 -22.71 -2.72
CA ALA F 16 -29.28 -23.05 -3.24
C ALA F 16 -28.30 -21.89 -3.22
N ALA F 17 -27.23 -22.03 -2.47
CA ALA F 17 -26.15 -21.05 -2.52
C ALA F 17 -25.40 -21.22 -3.84
N PRO F 18 -25.21 -20.15 -4.60
CA PRO F 18 -24.37 -20.24 -5.81
C PRO F 18 -22.92 -20.52 -5.44
N GLY F 19 -22.25 -21.26 -6.31
CA GLY F 19 -20.91 -21.73 -6.06
C GLY F 19 -20.83 -23.23 -6.30
N SER F 20 -19.97 -23.63 -7.23
CA SER F 20 -19.83 -25.04 -7.59
C SER F 20 -19.04 -25.73 -6.50
N ASN F 21 -19.74 -26.17 -5.48
CA ASN F 21 -19.03 -26.74 -4.35
C ASN F 21 -18.92 -28.25 -4.55
N TYR F 22 -18.13 -28.90 -3.71
CA TYR F 22 -17.87 -30.32 -3.94
C TYR F 22 -17.83 -31.05 -2.62
N ILE F 23 -18.06 -32.36 -2.70
CA ILE F 23 -18.31 -33.17 -1.52
C ILE F 23 -17.70 -34.55 -1.76
N THR F 24 -17.20 -35.16 -0.69
CA THR F 24 -16.78 -36.56 -0.76
C THR F 24 -17.89 -37.45 -0.22
N ILE F 25 -17.60 -38.75 -0.15
CA ILE F 25 -18.59 -39.74 0.26
C ILE F 25 -18.97 -39.56 1.73
N ASP F 26 -18.00 -39.22 2.57
CA ASP F 26 -18.26 -38.87 3.97
C ASP F 26 -17.67 -37.50 4.25
N GLY F 27 -18.51 -36.46 4.20
CA GLY F 27 -18.15 -35.10 4.57
C GLY F 27 -17.08 -34.52 3.68
N THR F 28 -16.25 -33.65 4.26
CA THR F 28 -15.13 -32.96 3.61
C THR F 28 -15.62 -32.13 2.42
N ILE F 29 -16.37 -31.08 2.77
CA ILE F 29 -16.89 -30.16 1.77
C ILE F 29 -15.75 -29.42 1.09
N ASN F 30 -15.79 -29.43 -0.25
CA ASN F 30 -14.73 -28.93 -1.11
C ASN F 30 -13.35 -29.53 -0.75
N PRO F 31 -13.14 -30.81 -1.04
CA PRO F 31 -11.88 -31.43 -0.70
C PRO F 31 -10.80 -30.99 -1.69
N PRO F 32 -9.54 -31.44 -1.50
CA PRO F 32 -8.48 -31.22 -2.48
C PRO F 32 -8.78 -32.16 -3.66
N PRO F 33 -8.33 -31.85 -4.90
CA PRO F 33 -8.62 -32.71 -6.06
C PRO F 33 -7.98 -34.10 -6.02
N GLY F 34 -8.59 -35.06 -6.73
CA GLY F 34 -8.11 -36.45 -6.83
C GLY F 34 -8.73 -37.40 -5.83
N VAL F 35 -9.67 -36.92 -5.01
CA VAL F 35 -10.37 -37.78 -4.00
C VAL F 35 -11.74 -38.19 -4.57
N SER F 36 -11.97 -37.87 -5.84
CA SER F 36 -13.24 -38.09 -6.55
C SER F 36 -14.37 -37.24 -5.96
N ARG F 37 -14.24 -35.94 -6.16
CA ARG F 37 -15.25 -34.98 -5.73
C ARG F 37 -16.56 -35.17 -6.49
N PHE F 38 -17.63 -35.03 -5.80
CA PHE F 38 -18.99 -35.03 -6.29
C PHE F 38 -19.56 -33.62 -6.23
N PRO F 39 -20.38 -33.22 -7.20
CA PRO F 39 -20.91 -31.85 -7.19
C PRO F 39 -21.89 -31.63 -6.05
N LEU F 40 -21.79 -30.45 -5.44
CA LEU F 40 -22.53 -30.11 -4.24
C LEU F 40 -22.98 -28.67 -4.36
N VAL F 41 -24.28 -28.46 -4.23
CA VAL F 41 -24.90 -27.16 -4.21
C VAL F 41 -25.40 -26.94 -2.79
N ARG F 42 -24.70 -26.11 -2.02
CA ARG F 42 -25.08 -25.96 -0.64
C ARG F 42 -26.27 -25.01 -0.50
N THR F 43 -26.90 -25.07 0.66
CA THR F 43 -27.96 -24.15 0.98
C THR F 43 -27.38 -22.76 1.21
N ARG F 44 -28.22 -21.74 1.09
CA ARG F 44 -27.77 -20.36 1.23
C ARG F 44 -27.34 -20.09 2.66
N MET F 45 -26.14 -19.57 2.77
CA MET F 45 -25.47 -19.31 4.03
C MET F 45 -25.22 -17.82 4.14
N MET F 46 -25.49 -17.27 5.33
CA MET F 46 -25.09 -15.93 5.71
C MET F 46 -24.00 -16.01 6.77
N TYR F 47 -22.88 -15.34 6.53
CA TYR F 47 -21.89 -15.20 7.57
C TYR F 47 -22.40 -14.16 8.56
N VAL F 48 -22.23 -14.42 9.85
CA VAL F 48 -22.81 -13.57 10.87
C VAL F 48 -21.82 -13.49 12.04
N ALA F 49 -21.63 -12.27 12.56
CA ALA F 49 -20.82 -12.12 13.76
C ALA F 49 -21.56 -12.69 14.96
N ALA F 50 -20.85 -13.47 15.76
CA ALA F 50 -21.47 -14.16 16.88
C ALA F 50 -20.49 -14.23 18.05
N ASP F 51 -21.07 -14.33 19.24
CA ASP F 51 -20.35 -14.47 20.51
C ASP F 51 -19.87 -15.92 20.61
N VAL F 52 -18.64 -16.15 20.15
CA VAL F 52 -18.17 -17.53 20.08
C VAL F 52 -17.67 -17.99 21.44
N GLY F 53 -16.64 -17.34 21.97
CA GLY F 53 -16.25 -17.53 23.35
C GLY F 53 -16.41 -16.21 24.09
N ASP F 54 -16.03 -16.22 25.37
CA ASP F 54 -16.20 -15.06 26.23
C ASP F 54 -15.33 -13.89 25.80
N GLY F 55 -15.96 -12.84 25.30
CA GLY F 55 -15.26 -11.66 24.87
C GLY F 55 -14.80 -11.66 23.43
N VAL F 56 -15.11 -12.71 22.67
CA VAL F 56 -14.64 -12.78 21.30
C VAL F 56 -15.80 -13.04 20.35
N ILE F 57 -15.87 -12.19 19.33
CA ILE F 57 -16.92 -12.20 18.32
C ILE F 57 -16.27 -12.63 17.02
N LYS F 58 -16.79 -13.67 16.40
CA LYS F 58 -16.23 -14.11 15.13
C LYS F 58 -17.31 -14.22 14.08
N SER F 59 -16.87 -14.11 12.83
CA SER F 59 -17.74 -14.26 11.69
C SER F 59 -17.90 -15.76 11.51
N VAL F 60 -19.09 -16.28 11.83
CA VAL F 60 -19.38 -17.71 11.80
C VAL F 60 -20.45 -17.98 10.76
N PRO F 61 -20.57 -19.20 10.26
CA PRO F 61 -21.69 -19.52 9.36
C PRO F 61 -23.04 -19.62 10.02
N LEU F 62 -24.08 -19.27 9.25
CA LEU F 62 -25.46 -19.58 9.64
C LEU F 62 -26.31 -19.64 8.38
N GLN F 63 -27.02 -20.76 8.19
CA GLN F 63 -27.71 -21.00 6.93
C GLN F 63 -29.07 -20.34 6.96
N ILE F 64 -29.38 -19.58 5.92
CA ILE F 64 -30.57 -18.73 5.88
C ILE F 64 -31.34 -19.02 4.61
N VAL F 65 -32.51 -18.41 4.52
CA VAL F 65 -33.22 -18.20 3.26
C VAL F 65 -33.16 -16.70 2.97
N PRO F 66 -32.80 -16.27 1.75
CA PRO F 66 -32.54 -14.86 1.50
C PRO F 66 -33.77 -13.97 1.65
N GLY F 67 -33.53 -12.74 2.08
CA GLY F 67 -34.61 -11.77 2.17
C GLY F 67 -35.13 -11.33 0.82
N ASN F 68 -34.28 -11.38 -0.20
CA ASN F 68 -34.75 -11.13 -1.55
C ASN F 68 -35.65 -12.25 -2.03
N THR F 69 -35.27 -13.49 -1.71
CA THR F 69 -36.06 -14.66 -2.05
C THR F 69 -37.45 -14.59 -1.46
N MET F 70 -37.54 -14.24 -0.19
CA MET F 70 -38.84 -14.26 0.44
C MET F 70 -39.57 -12.93 0.30
N ARG F 71 -38.87 -11.88 -0.09
CA ARG F 71 -39.54 -10.70 -0.61
C ARG F 71 -40.34 -11.05 -1.85
N SER F 72 -39.70 -11.74 -2.79
CA SER F 72 -40.41 -12.18 -3.99
C SER F 72 -41.47 -13.22 -3.64
N LEU F 73 -41.25 -14.03 -2.60
CA LEU F 73 -42.26 -14.99 -2.18
C LEU F 73 -43.52 -14.31 -1.62
N LEU F 74 -43.33 -13.34 -0.71
CA LEU F 74 -44.46 -12.60 -0.15
C LEU F 74 -45.21 -11.85 -1.24
N ARG F 75 -44.46 -11.24 -2.17
CA ARG F 75 -45.06 -10.59 -3.33
C ARG F 75 -45.84 -11.59 -4.18
N ARG F 76 -45.32 -12.80 -4.32
CA ARG F 76 -45.97 -13.80 -5.16
C ARG F 76 -47.27 -14.28 -4.57
N THR F 77 -47.31 -14.63 -3.27
CA THR F 77 -48.57 -15.06 -2.65
C THR F 77 -49.58 -13.93 -2.62
N MET F 78 -49.12 -12.72 -2.30
CA MET F 78 -49.90 -11.49 -2.40
C MET F 78 -50.60 -11.37 -3.74
N LEU F 79 -49.84 -11.60 -4.80
CA LEU F 79 -50.38 -11.36 -6.12
C LEU F 79 -51.23 -12.52 -6.60
N LYS F 80 -50.89 -13.76 -6.22
CA LYS F 80 -51.63 -14.89 -6.79
C LYS F 80 -52.97 -15.10 -6.10
N HIS F 81 -53.07 -14.85 -4.79
CA HIS F 81 -54.31 -15.19 -4.09
C HIS F 81 -55.08 -13.97 -3.61
N VAL F 82 -54.55 -12.76 -3.74
CA VAL F 82 -55.33 -11.58 -3.43
C VAL F 82 -55.51 -10.70 -4.66
N ILE F 83 -54.40 -10.35 -5.32
CA ILE F 83 -54.44 -9.31 -6.35
C ILE F 83 -55.07 -9.84 -7.63
N GLU F 84 -54.56 -10.97 -8.15
CA GLU F 84 -55.17 -11.61 -9.32
C GLU F 84 -56.62 -12.02 -9.12
N PRO F 85 -57.08 -12.55 -7.97
CA PRO F 85 -58.53 -12.69 -7.79
C PRO F 85 -59.31 -11.39 -7.82
N ALA F 86 -58.74 -10.29 -7.33
CA ALA F 86 -59.42 -9.00 -7.43
C ALA F 86 -59.56 -8.58 -8.88
N LEU F 87 -58.50 -8.74 -9.67
CA LEU F 87 -58.55 -8.30 -11.05
C LEU F 87 -59.33 -9.29 -11.92
N VAL F 88 -59.63 -10.49 -11.43
CA VAL F 88 -60.58 -11.32 -12.17
C VAL F 88 -62.01 -11.00 -11.77
N GLU F 89 -62.24 -10.60 -10.52
CA GLU F 89 -63.62 -10.35 -10.09
C GLU F 89 -64.13 -9.03 -10.63
N LYS F 90 -63.22 -8.06 -10.86
CA LYS F 90 -63.68 -6.87 -11.56
C LYS F 90 -63.38 -6.91 -13.05
N GLY F 91 -62.77 -7.98 -13.55
CA GLY F 91 -62.48 -8.09 -14.96
C GLY F 91 -61.36 -7.23 -15.47
N ASN F 92 -60.52 -6.69 -14.58
CA ASN F 92 -59.44 -5.82 -15.00
C ASN F 92 -58.32 -6.62 -15.65
N LYS F 93 -57.79 -6.09 -16.75
CA LYS F 93 -56.80 -6.78 -17.57
C LYS F 93 -55.46 -6.06 -17.46
N LEU F 94 -54.43 -6.77 -17.01
CA LEU F 94 -53.09 -6.20 -16.96
C LEU F 94 -52.39 -6.39 -18.29
N SER F 95 -51.42 -5.52 -18.58
CA SER F 95 -50.57 -5.72 -19.74
C SER F 95 -49.48 -6.73 -19.44
N ILE F 96 -48.69 -7.03 -20.47
CA ILE F 96 -47.48 -7.84 -20.28
C ILE F 96 -46.51 -7.10 -19.36
N GLY F 97 -46.31 -5.82 -19.61
CA GLY F 97 -45.44 -5.02 -18.77
C GLY F 97 -46.00 -4.82 -17.38
N ALA F 98 -47.31 -4.62 -17.26
CA ALA F 98 -47.94 -4.45 -15.96
C ALA F 98 -47.82 -5.72 -15.12
N TYR F 99 -48.05 -6.87 -15.75
CA TYR F 99 -47.88 -8.16 -15.10
C TYR F 99 -46.44 -8.38 -14.67
N ALA F 100 -45.50 -8.11 -15.57
CA ALA F 100 -44.09 -8.38 -15.28
C ALA F 100 -43.54 -7.41 -14.24
N THR F 101 -44.04 -6.18 -14.22
CA THR F 101 -43.60 -5.22 -13.22
C THR F 101 -44.23 -5.51 -11.86
N ALA F 102 -45.46 -6.02 -11.86
CA ALA F 102 -46.10 -6.35 -10.59
C ALA F 102 -45.46 -7.58 -9.96
N TYR F 103 -44.93 -8.49 -10.78
CA TYR F 103 -44.24 -9.65 -10.21
C TYR F 103 -42.75 -9.46 -10.03
N SER F 104 -42.11 -8.56 -10.75
CA SER F 104 -40.66 -8.49 -10.77
C SER F 104 -40.10 -7.10 -10.56
N GLY F 105 -40.95 -6.10 -10.41
CA GLY F 105 -40.49 -4.75 -10.17
C GLY F 105 -40.07 -3.99 -11.40
N ASN F 106 -40.02 -4.63 -12.57
CA ASN F 106 -39.62 -3.99 -13.81
C ASN F 106 -40.31 -4.68 -14.98
N ALA F 107 -40.58 -3.89 -16.02
CA ALA F 107 -41.12 -4.45 -17.26
C ALA F 107 -40.01 -4.87 -18.22
N THR F 108 -38.95 -4.08 -18.29
CA THR F 108 -37.77 -4.37 -19.08
C THR F 108 -36.54 -4.35 -18.17
N GLY F 109 -35.39 -4.66 -18.75
CA GLY F 109 -34.14 -4.53 -18.02
C GLY F 109 -33.56 -3.14 -18.00
N ASN F 110 -34.19 -2.20 -18.70
CA ASN F 110 -33.71 -0.82 -18.73
C ASN F 110 -34.63 0.04 -17.89
N PRO F 111 -34.21 0.51 -16.71
CA PRO F 111 -34.97 1.53 -16.01
C PRO F 111 -34.85 2.85 -16.73
N ASP F 112 -35.90 3.66 -16.63
CA ASP F 112 -35.90 4.97 -17.26
C ASP F 112 -35.08 5.97 -16.48
N GLY F 113 -34.56 6.96 -17.20
CA GLY F 113 -33.70 7.94 -16.57
C GLY F 113 -34.47 8.97 -15.76
N VAL F 114 -35.68 9.28 -16.20
CA VAL F 114 -36.45 10.34 -15.53
C VAL F 114 -37.02 9.82 -14.22
N PRO F 115 -37.19 10.66 -13.20
CA PRO F 115 -37.94 10.24 -12.02
C PRO F 115 -39.42 10.50 -12.22
N SER F 116 -40.23 9.73 -11.51
CA SER F 116 -41.68 9.91 -11.58
C SER F 116 -42.11 11.20 -10.90
N SER F 117 -43.15 11.82 -11.46
CA SER F 117 -43.73 13.01 -10.88
C SER F 117 -44.37 12.69 -9.55
N PHE F 118 -44.43 13.70 -8.66
CA PHE F 118 -44.72 13.44 -7.25
C PHE F 118 -46.17 12.96 -7.05
N ASP F 119 -47.09 13.37 -7.92
CA ASP F 119 -48.44 12.83 -7.85
C ASP F 119 -48.45 11.32 -8.12
N GLU F 120 -47.63 10.87 -9.06
CA GLU F 120 -47.52 9.45 -9.36
C GLU F 120 -46.89 8.69 -8.20
N ILE F 121 -45.87 9.30 -7.57
CA ILE F 121 -45.26 8.72 -6.37
C ILE F 121 -46.27 8.61 -5.24
N ALA F 122 -47.01 9.70 -5.02
CA ALA F 122 -48.00 9.72 -3.92
C ALA F 122 -49.11 8.71 -4.19
N THR F 123 -49.64 8.66 -5.42
CA THR F 123 -50.73 7.70 -5.75
C THR F 123 -50.22 6.27 -5.65
N MET F 124 -49.05 5.99 -6.23
CA MET F 124 -48.46 4.63 -6.21
C MET F 124 -48.06 4.25 -4.78
N ARG F 125 -47.46 5.20 -4.05
CA ARG F 125 -47.04 4.93 -2.64
C ARG F 125 -48.28 4.62 -1.81
N ALA F 126 -49.37 5.36 -2.03
CA ALA F 126 -50.64 5.15 -1.30
C ALA F 126 -51.17 3.75 -1.66
N HIS F 127 -51.05 3.36 -2.93
CA HIS F 127 -51.52 2.02 -3.38
C HIS F 127 -50.77 0.96 -2.59
N PRO F 128 -51.44 -0.09 -2.08
CA PRO F 128 -50.77 -1.12 -1.28
C PRO F 128 -49.76 -2.02 -2.02
N PHE F 129 -50.14 -2.59 -3.16
CA PHE F 129 -49.19 -3.46 -3.90
C PHE F 129 -47.98 -2.65 -4.40
N ILE F 130 -48.24 -1.47 -4.97
CA ILE F 130 -47.14 -0.60 -5.51
C ILE F 130 -46.24 -0.12 -4.35
N GLY F 131 -46.86 0.31 -3.24
CA GLY F 131 -46.12 0.82 -2.08
C GLY F 131 -45.23 -0.24 -1.45
N LEU F 132 -45.74 -1.46 -1.34
CA LEU F 132 -44.98 -2.59 -0.72
C LEU F 132 -43.78 -2.94 -1.60
N PHE F 133 -43.96 -2.97 -2.93
CA PHE F 133 -42.86 -3.31 -3.81
C PHE F 133 -42.81 -2.28 -4.92
N GLY F 134 -41.78 -1.43 -4.91
CA GLY F 134 -41.70 -0.35 -5.86
C GLY F 134 -41.14 -0.77 -7.21
N GLY F 135 -40.15 -0.04 -7.70
CA GLY F 135 -39.51 -0.41 -8.93
C GLY F 135 -40.07 0.29 -10.15
N GLY F 136 -40.26 -0.48 -11.22
CA GLY F 136 -40.75 0.03 -12.48
C GLY F 136 -39.70 0.78 -13.24
N PRO F 137 -40.08 1.35 -14.37
CA PRO F 137 -39.13 2.11 -15.19
C PRO F 137 -38.55 3.32 -14.48
N ARG F 138 -39.32 4.01 -13.64
CA ARG F 138 -38.83 5.20 -12.95
C ARG F 138 -38.31 4.87 -11.55
N MET F 139 -38.19 3.58 -11.22
CA MET F 139 -37.48 3.09 -10.03
C MET F 139 -38.13 3.64 -8.74
N LEU F 140 -39.33 3.15 -8.47
CA LEU F 140 -40.05 3.63 -7.29
C LEU F 140 -39.51 2.97 -6.03
N GLU F 141 -39.41 3.75 -4.96
CA GLU F 141 -39.13 3.20 -3.66
C GLU F 141 -40.36 2.55 -3.05
N GLY F 142 -40.18 1.38 -2.45
CA GLY F 142 -41.26 0.65 -1.80
C GLY F 142 -41.22 0.80 -0.29
N ARG F 143 -42.37 0.58 0.34
CA ARG F 143 -42.42 0.73 1.79
C ARG F 143 -42.02 -0.53 2.54
N LEU F 144 -41.72 -1.62 1.85
CA LEU F 144 -41.49 -2.91 2.48
C LEU F 144 -40.01 -3.23 2.56
N MET F 145 -39.58 -3.70 3.72
CA MET F 145 -38.20 -4.07 3.99
C MET F 145 -38.25 -5.54 4.41
N VAL F 146 -37.88 -6.45 3.52
CA VAL F 146 -38.00 -7.87 3.80
C VAL F 146 -36.63 -8.42 4.21
N ASP F 147 -36.53 -8.86 5.45
CA ASP F 147 -35.29 -9.36 6.01
C ASP F 147 -35.20 -10.87 5.77
N SER F 148 -33.99 -11.42 5.82
CA SER F 148 -33.75 -12.83 5.58
C SER F 148 -34.22 -13.68 6.74
N LEU F 149 -34.39 -14.97 6.46
CA LEU F 149 -34.79 -15.99 7.43
C LEU F 149 -33.63 -16.45 8.28
N TYR F 150 -33.49 -15.86 9.45
CA TYR F 150 -32.53 -16.55 10.31
C TYR F 150 -33.24 -17.60 11.15
N PRO F 151 -32.59 -18.73 11.39
CA PRO F 151 -33.07 -19.64 12.42
C PRO F 151 -32.82 -19.06 13.80
N ILE F 152 -33.54 -19.58 14.77
CA ILE F 152 -33.31 -19.16 16.15
C ILE F 152 -32.13 -19.96 16.68
N HIS F 153 -30.92 -19.45 16.43
CA HIS F 153 -29.69 -20.21 16.63
C HIS F 153 -28.66 -19.35 17.35
N THR F 154 -27.65 -20.01 17.94
CA THR F 154 -26.59 -19.33 18.69
C THR F 154 -25.81 -18.38 17.82
N ASN F 155 -25.62 -18.73 16.55
CA ASN F 155 -24.98 -17.83 15.60
C ASN F 155 -25.78 -16.56 15.38
N ALA F 156 -27.06 -16.56 15.72
CA ALA F 156 -27.86 -15.36 15.68
C ALA F 156 -28.29 -14.86 17.07
N GLU F 157 -27.49 -15.09 18.12
CA GLU F 157 -27.81 -14.39 19.37
C GLU F 157 -27.59 -12.88 19.26
N ARG F 158 -26.60 -12.46 18.47
CA ARG F 158 -26.39 -11.03 18.26
C ARG F 158 -27.49 -10.42 17.40
N ILE F 159 -28.17 -11.25 16.60
CA ILE F 159 -29.23 -10.75 15.74
C ILE F 159 -30.54 -10.61 16.52
N LEU F 160 -30.83 -11.58 17.38
CA LEU F 160 -32.06 -11.59 18.15
C LEU F 160 -31.83 -10.98 19.53
N GLY F 161 -31.59 -9.66 19.53
CA GLY F 161 -31.36 -8.95 20.78
C GLY F 161 -32.62 -8.88 21.64
N ALA F 162 -33.76 -8.62 21.03
CA ALA F 162 -35.03 -8.52 21.75
C ALA F 162 -35.89 -9.73 21.40
N GLY F 163 -36.29 -10.48 22.42
CA GLY F 163 -37.10 -11.67 22.21
C GLY F 163 -36.27 -12.84 21.73
N TYR F 164 -36.92 -14.00 21.59
CA TYR F 164 -36.33 -15.24 21.10
C TYR F 164 -35.07 -15.64 21.86
N GLU F 165 -35.04 -15.44 23.17
CA GLU F 165 -33.83 -15.82 23.90
C GLU F 165 -33.82 -17.31 24.23
N ASN F 166 -35.00 -17.90 24.38
CA ASN F 166 -35.12 -19.35 24.53
C ASN F 166 -35.22 -19.97 23.13
N GLU F 167 -35.46 -21.29 23.11
CA GLU F 167 -35.57 -22.03 21.82
C GLU F 167 -34.30 -21.83 20.99
N MET F 168 -33.13 -21.94 21.62
CA MET F 168 -31.82 -21.76 20.93
C MET F 168 -31.18 -23.12 20.62
N MET F 169 -30.76 -23.31 19.38
CA MET F 169 -30.12 -24.58 18.90
C MET F 169 -28.60 -24.40 18.95
N SER F 170 -27.88 -25.36 19.53
CA SER F 170 -26.44 -25.23 19.68
C SER F 170 -25.69 -25.79 18.48
N GLY F 171 -26.01 -27.01 18.07
CA GLY F 171 -25.26 -27.70 17.04
C GLY F 171 -25.55 -27.18 15.65
N PRO F 172 -24.81 -27.68 14.67
CA PRO F 172 -25.12 -27.42 13.26
C PRO F 172 -26.55 -27.79 12.85
N ILE F 173 -27.00 -27.14 11.78
CA ILE F 173 -28.37 -27.25 11.33
C ILE F 173 -28.47 -27.71 9.90
N THR F 174 -27.45 -28.36 9.36
CA THR F 174 -27.45 -28.82 7.98
C THR F 174 -27.19 -30.32 7.90
N GLN F 175 -27.79 -30.93 6.89
CA GLN F 175 -27.59 -32.33 6.58
C GLN F 175 -27.36 -32.43 5.08
N VAL F 176 -26.42 -33.28 4.69
CA VAL F 176 -26.20 -33.48 3.27
C VAL F 176 -27.17 -34.53 2.75
N VAL F 177 -27.96 -34.20 1.74
CA VAL F 177 -28.95 -35.11 1.19
C VAL F 177 -28.50 -35.47 -0.21
N TRP F 178 -28.40 -36.78 -0.48
CA TRP F 178 -27.80 -37.29 -1.70
C TRP F 178 -28.89 -37.78 -2.64
N ALA F 179 -28.85 -37.30 -3.87
CA ALA F 179 -29.79 -37.72 -4.90
C ALA F 179 -28.99 -38.27 -6.07
N ARG F 180 -29.35 -39.47 -6.52
CA ARG F 180 -28.70 -40.05 -7.69
C ARG F 180 -29.68 -40.03 -8.85
N ARG F 181 -29.14 -39.92 -10.04
CA ARG F 181 -29.95 -40.18 -11.20
C ARG F 181 -29.73 -41.63 -11.63
N MET F 182 -30.79 -42.26 -12.14
CA MET F 182 -30.65 -43.60 -12.66
C MET F 182 -31.17 -43.61 -14.09
N ASP F 183 -30.57 -44.48 -14.90
CA ASP F 183 -31.00 -44.62 -16.27
C ASP F 183 -32.05 -45.71 -16.31
N PRO F 184 -33.27 -45.39 -16.76
CA PRO F 184 -34.32 -46.41 -16.83
C PRO F 184 -34.09 -47.49 -17.88
N ILE F 185 -33.37 -47.19 -18.97
CA ILE F 185 -33.19 -48.20 -20.00
C ILE F 185 -32.15 -49.23 -19.55
N LEU F 186 -31.27 -48.84 -18.62
CA LEU F 186 -30.41 -49.81 -17.95
C LEU F 186 -31.21 -50.69 -17.00
N ASN F 187 -32.27 -50.14 -16.42
CA ASN F 187 -32.99 -50.78 -15.33
C ASN F 187 -34.31 -51.43 -15.76
N LEU F 188 -34.59 -51.49 -17.06
CA LEU F 188 -35.89 -51.98 -17.51
C LEU F 188 -36.00 -53.49 -17.34
N GLY F 189 -34.94 -54.22 -17.68
CA GLY F 189 -34.95 -55.66 -17.56
C GLY F 189 -35.60 -56.47 -18.67
N SER F 190 -36.88 -56.24 -18.95
CA SER F 190 -37.70 -57.19 -19.70
C SER F 190 -38.19 -56.60 -21.02
N SER F 191 -38.47 -57.48 -21.98
CA SER F 191 -38.93 -57.05 -23.30
C SER F 191 -40.43 -56.76 -23.30
N GLU F 192 -41.17 -57.34 -22.35
CA GLU F 192 -42.57 -56.98 -22.17
C GLU F 192 -42.69 -55.55 -21.68
N ASP F 193 -41.63 -55.03 -21.03
CA ASP F 193 -41.56 -53.61 -20.75
C ASP F 193 -41.23 -52.81 -22.01
N VAL F 194 -40.48 -53.40 -22.96
CA VAL F 194 -40.10 -52.62 -24.13
C VAL F 194 -41.08 -52.72 -25.28
N GLU F 195 -42.17 -53.48 -25.12
CA GLU F 195 -43.19 -53.51 -26.15
C GLU F 195 -43.95 -52.17 -26.26
N VAL F 196 -43.77 -51.27 -25.29
CA VAL F 196 -44.41 -49.96 -25.36
C VAL F 196 -43.49 -48.92 -26.01
N ILE F 197 -42.18 -49.20 -26.03
CA ILE F 197 -41.26 -48.34 -26.81
C ILE F 197 -41.45 -48.69 -28.27
N ASN F 198 -41.64 -47.66 -29.11
CA ASN F 198 -41.61 -47.94 -30.54
C ASN F 198 -40.17 -48.23 -30.99
N GLY F 199 -40.06 -49.14 -31.95
CA GLY F 199 -38.77 -49.64 -32.36
C GLY F 199 -38.37 -50.94 -31.71
N GLY F 200 -39.04 -51.34 -30.65
CA GLY F 200 -38.78 -52.63 -30.02
C GLY F 200 -37.56 -52.60 -29.11
N ALA F 201 -37.02 -53.79 -28.89
CA ALA F 201 -35.90 -53.94 -27.96
C ALA F 201 -34.60 -53.43 -28.55
N VAL F 202 -34.51 -53.39 -29.88
CA VAL F 202 -33.27 -53.06 -30.58
C VAL F 202 -32.95 -51.57 -30.40
N ALA F 203 -33.99 -50.73 -30.28
CA ALA F 203 -33.77 -49.30 -30.06
C ALA F 203 -33.23 -49.03 -28.66
N ALA F 204 -33.82 -49.69 -27.65
CA ALA F 204 -33.32 -49.59 -26.28
C ALA F 204 -31.90 -50.14 -26.19
N ASN F 205 -31.64 -51.25 -26.88
CA ASN F 205 -30.31 -51.85 -26.95
C ASN F 205 -29.29 -50.89 -27.55
N GLY F 206 -29.66 -50.23 -28.66
CA GLY F 206 -28.77 -49.27 -29.29
C GLY F 206 -28.47 -48.07 -28.41
N TRP F 207 -29.46 -47.65 -27.62
CA TRP F 207 -29.19 -46.57 -26.66
C TRP F 207 -28.22 -47.04 -25.57
N ILE F 208 -28.33 -48.31 -25.15
CA ILE F 208 -27.34 -48.91 -24.23
C ILE F 208 -25.94 -48.83 -24.83
N GLN F 209 -25.83 -49.02 -26.15
CA GLN F 209 -24.50 -48.92 -26.76
C GLN F 209 -24.00 -47.50 -26.83
N ASP F 210 -24.89 -46.55 -27.05
CA ASP F 210 -24.46 -45.15 -26.98
C ASP F 210 -23.88 -44.86 -25.61
N LEU F 211 -24.54 -45.31 -24.54
CA LEU F 211 -24.01 -45.04 -23.21
C LEU F 211 -22.78 -45.88 -22.91
N LEU F 212 -22.63 -47.03 -23.54
CA LEU F 212 -21.39 -47.80 -23.40
C LEU F 212 -20.23 -47.08 -24.08
N ALA F 213 -20.48 -46.50 -25.26
CA ALA F 213 -19.46 -45.73 -25.97
C ALA F 213 -19.06 -44.48 -25.18
N ASN F 214 -20.02 -43.90 -24.44
CA ASN F 214 -19.69 -42.85 -23.49
C ASN F 214 -18.95 -43.38 -22.26
N SER F 215 -19.22 -44.61 -21.83
CA SER F 215 -18.51 -45.18 -20.69
C SER F 215 -17.06 -45.48 -21.02
N LYS F 216 -16.76 -45.78 -22.29
CA LYS F 216 -15.36 -45.96 -22.67
C LYS F 216 -14.64 -44.63 -22.75
N ALA F 217 -15.26 -43.62 -23.34
CA ALA F 217 -14.62 -42.34 -23.59
C ALA F 217 -14.63 -41.47 -22.33
N ASN F 239 -18.79 -33.84 -25.68
CA ASN F 239 -19.02 -34.20 -24.30
C ASN F 239 -20.50 -34.12 -23.94
N GLY F 240 -21.33 -34.78 -24.74
CA GLY F 240 -22.75 -34.85 -24.47
C GLY F 240 -23.05 -35.71 -23.26
N ARG F 241 -23.57 -35.08 -22.20
CA ARG F 241 -23.86 -35.79 -20.96
C ARG F 241 -24.99 -36.79 -21.18
N GLY F 242 -24.81 -37.99 -20.63
CA GLY F 242 -25.77 -39.05 -20.84
C GLY F 242 -26.81 -39.04 -19.73
N LEU F 243 -26.71 -39.98 -18.80
CA LEU F 243 -27.65 -39.98 -17.70
C LEU F 243 -26.87 -40.44 -16.46
N LYS F 244 -27.60 -40.78 -15.38
CA LYS F 244 -27.11 -41.56 -14.25
C LYS F 244 -26.03 -40.81 -13.47
N ALA F 245 -26.37 -39.59 -13.07
CA ALA F 245 -25.45 -38.79 -12.29
C ALA F 245 -25.65 -39.03 -10.80
N PHE F 246 -24.67 -38.59 -10.01
CA PHE F 246 -24.72 -38.66 -8.56
C PHE F 246 -24.45 -37.27 -8.00
N ASN F 247 -25.35 -36.78 -7.15
CA ASN F 247 -25.26 -35.43 -6.65
C ASN F 247 -25.57 -35.41 -5.17
N ALA F 248 -25.07 -34.38 -4.50
CA ALA F 248 -25.45 -34.10 -3.13
C ALA F 248 -25.88 -32.65 -3.04
N HIS F 249 -26.77 -32.37 -2.11
CA HIS F 249 -27.07 -30.98 -1.83
C HIS F 249 -27.24 -30.81 -0.33
N GLU F 250 -26.60 -29.78 0.21
CA GLU F 250 -26.68 -29.49 1.63
C GLU F 250 -28.02 -28.85 1.91
N VAL F 251 -28.71 -29.31 2.94
CA VAL F 251 -30.05 -28.84 3.23
C VAL F 251 -30.08 -28.40 4.69
N VAL F 252 -30.98 -27.48 5.01
CA VAL F 252 -31.21 -27.12 6.40
C VAL F 252 -32.20 -28.11 6.99
N ILE F 253 -31.88 -28.63 8.18
CA ILE F 253 -32.65 -29.71 8.80
C ILE F 253 -34.03 -29.22 9.20
N PRO F 254 -35.06 -30.06 9.18
CA PRO F 254 -36.42 -29.57 9.42
C PRO F 254 -36.75 -29.49 10.90
N GLY F 255 -37.91 -28.91 11.17
CA GLY F 255 -38.40 -28.81 12.52
C GLY F 255 -37.82 -27.68 13.34
N LEU F 256 -36.98 -26.83 12.75
CA LEU F 256 -36.33 -25.78 13.52
C LEU F 256 -37.04 -24.45 13.31
N LYS F 257 -37.08 -23.65 14.37
CA LYS F 257 -37.76 -22.37 14.32
C LYS F 257 -36.91 -21.33 13.59
N TRP F 258 -37.55 -20.59 12.70
CA TRP F 258 -36.98 -19.45 11.99
C TRP F 258 -37.71 -18.17 12.40
N VAL F 259 -37.06 -17.04 12.15
CA VAL F 259 -37.68 -15.73 12.35
C VAL F 259 -37.56 -14.94 11.05
N TRP F 260 -38.65 -14.27 10.68
CA TRP F 260 -38.75 -13.41 9.52
C TRP F 260 -39.01 -12.00 10.03
N ARG F 261 -38.37 -11.01 9.42
CA ARG F 261 -38.60 -9.63 9.81
C ARG F 261 -39.10 -8.83 8.62
N ILE F 262 -40.27 -8.22 8.78
CA ILE F 262 -40.98 -7.47 7.74
C ILE F 262 -41.13 -6.06 8.28
N SER F 263 -40.29 -5.15 7.85
CA SER F 263 -40.40 -3.80 8.33
C SER F 263 -41.15 -2.95 7.30
N LEU F 264 -41.80 -1.92 7.79
CA LEU F 264 -42.60 -1.07 6.92
C LEU F 264 -42.27 0.39 7.16
N ASP F 265 -42.42 1.18 6.11
CA ASP F 265 -41.89 2.54 6.05
C ASP F 265 -43.04 3.52 5.87
N ARG F 266 -43.57 4.01 7.01
CA ARG F 266 -44.78 4.82 7.07
C ARG F 266 -45.95 4.23 6.29
N PRO F 267 -46.40 3.02 6.60
CA PRO F 267 -47.35 2.33 5.73
C PRO F 267 -48.76 2.87 5.86
N THR F 268 -49.51 2.78 4.76
CA THR F 268 -50.94 2.89 4.89
C THR F 268 -51.48 1.62 5.52
N ASP F 269 -52.68 1.73 6.09
CA ASP F 269 -53.32 0.59 6.73
C ASP F 269 -53.65 -0.50 5.72
N ALA F 270 -53.88 -0.11 4.47
CA ALA F 270 -54.12 -1.05 3.38
C ALA F 270 -52.90 -1.90 3.07
N GLN F 271 -51.69 -1.33 3.16
CA GLN F 271 -50.48 -2.10 2.87
C GLN F 271 -50.21 -3.13 3.95
N VAL F 272 -50.39 -2.75 5.22
CA VAL F 272 -50.25 -3.70 6.33
C VAL F 272 -51.32 -4.78 6.23
N GLY F 273 -52.55 -4.39 5.89
CA GLY F 273 -53.60 -5.36 5.68
C GLY F 273 -53.33 -6.29 4.51
N LEU F 274 -52.67 -5.79 3.47
CA LEU F 274 -52.27 -6.65 2.38
C LEU F 274 -51.24 -7.65 2.84
N VAL F 275 -50.25 -7.19 3.63
CA VAL F 275 -49.20 -8.08 4.17
C VAL F 275 -49.83 -9.17 5.03
N LEU F 276 -50.78 -8.79 5.89
CA LEU F 276 -51.47 -9.79 6.70
C LEU F 276 -52.37 -10.69 5.86
N LEU F 277 -52.87 -10.19 4.72
CA LEU F 277 -53.66 -11.04 3.83
C LEU F 277 -52.80 -12.07 3.13
N ALA F 278 -51.58 -11.67 2.76
CA ALA F 278 -50.60 -12.59 2.15
C ALA F 278 -50.10 -13.59 3.20
N LEU F 279 -49.85 -13.08 4.41
CA LEU F 279 -49.28 -13.84 5.56
C LEU F 279 -50.18 -14.98 6.05
N ASN F 280 -51.50 -14.76 6.07
CA ASN F 280 -52.43 -15.80 6.62
C ASN F 280 -52.31 -17.11 5.84
N LYS F 281 -52.18 -17.03 4.51
CA LYS F 281 -52.08 -18.24 3.65
C LYS F 281 -50.61 -18.61 3.45
N MET F 282 -49.69 -17.90 4.12
CA MET F 282 -48.23 -18.14 3.89
C MET F 282 -47.91 -19.65 3.82
N THR F 283 -48.60 -20.47 4.61
CA THR F 283 -48.30 -21.93 4.71
C THR F 283 -48.42 -22.68 3.38
N ASN F 284 -49.44 -22.43 2.55
CA ASN F 284 -49.54 -23.19 1.31
C ASN F 284 -48.22 -23.21 0.55
N GLU F 285 -47.47 -22.12 0.60
CA GLU F 285 -46.31 -21.98 -0.27
C GLU F 285 -45.05 -22.52 0.39
N ARG F 286 -43.92 -22.39 -0.31
CA ARG F 286 -42.68 -23.07 0.05
C ARG F 286 -41.56 -22.04 0.20
N ILE F 287 -40.92 -22.02 1.37
CA ILE F 287 -39.84 -21.04 1.63
C ILE F 287 -38.51 -21.68 1.25
N ALA F 288 -38.37 -21.95 -0.06
CA ALA F 288 -37.19 -22.69 -0.51
C ALA F 288 -37.09 -22.81 -2.01
N GLY F 289 -36.04 -23.52 -2.43
CA GLY F 289 -36.03 -24.20 -3.70
C GLY F 289 -36.08 -25.69 -3.51
N GLY F 290 -35.87 -26.41 -4.60
CA GLY F 290 -36.07 -27.84 -4.58
C GLY F 290 -37.56 -28.13 -4.45
N HIS F 291 -38.30 -27.78 -5.50
CA HIS F 291 -39.75 -27.87 -5.47
C HIS F 291 -40.22 -29.32 -5.34
N SER F 292 -39.67 -30.19 -6.18
CA SER F 292 -40.17 -31.56 -6.29
C SER F 292 -39.91 -32.38 -5.04
N LYS F 293 -38.87 -32.00 -4.30
CA LYS F 293 -38.44 -32.74 -3.09
C LYS F 293 -39.30 -32.31 -1.89
N ASP F 294 -40.30 -31.45 -2.15
CA ASP F 294 -41.21 -30.90 -1.11
C ASP F 294 -40.39 -30.15 -0.06
N TYR F 295 -39.39 -29.38 -0.52
CA TYR F 295 -38.53 -28.58 0.39
C TYR F 295 -39.11 -27.17 0.46
N GLY F 296 -39.43 -26.75 1.69
CA GLY F 296 -39.99 -25.45 1.97
C GLY F 296 -41.30 -25.43 2.71
N ARG F 297 -41.87 -26.59 3.05
CA ARG F 297 -43.11 -26.61 3.80
C ARG F 297 -42.86 -26.16 5.23
N PHE F 298 -43.79 -25.36 5.76
CA PHE F 298 -43.56 -24.68 7.02
C PHE F 298 -44.89 -24.29 7.64
N VAL F 299 -44.88 -24.13 8.97
CA VAL F 299 -46.03 -23.69 9.73
C VAL F 299 -45.61 -22.48 10.56
N ILE F 300 -46.44 -21.44 10.56
CA ILE F 300 -46.13 -20.22 11.28
C ILE F 300 -46.46 -20.40 12.76
N ASP F 301 -45.44 -20.29 13.60
CA ASP F 301 -45.65 -20.43 15.04
C ASP F 301 -46.25 -19.17 15.66
N GLY F 302 -45.90 -18.00 15.14
CA GLY F 302 -46.39 -16.76 15.70
C GLY F 302 -46.09 -15.61 14.78
N VAL F 303 -46.95 -14.59 14.87
CA VAL F 303 -46.82 -13.33 14.08
C VAL F 303 -47.05 -12.18 15.07
N SER F 304 -46.12 -11.23 15.14
CA SER F 304 -46.29 -10.10 16.07
C SER F 304 -46.24 -8.77 15.31
N LEU F 305 -47.28 -7.95 15.47
CA LEU F 305 -47.28 -6.61 14.82
C LEU F 305 -46.74 -5.63 15.85
N ASN F 306 -45.55 -5.09 15.60
CA ASN F 306 -44.88 -4.16 16.55
C ASN F 306 -44.74 -4.88 17.90
N GLY F 307 -44.46 -6.19 17.86
CA GLY F 307 -44.27 -6.98 19.07
C GLY F 307 -45.51 -7.66 19.59
N GLU F 308 -46.70 -7.35 19.07
CA GLU F 308 -47.94 -7.89 19.62
C GLU F 308 -48.33 -9.17 18.87
N GLN F 309 -48.69 -10.20 19.63
CA GLN F 309 -48.99 -11.50 19.02
C GLN F 309 -50.40 -11.51 18.46
N VAL F 310 -50.53 -11.91 17.19
CA VAL F 310 -51.82 -11.92 16.52
C VAL F 310 -52.12 -13.27 15.90
N TRP F 311 -51.16 -14.19 15.93
CA TRP F 311 -51.28 -15.41 15.15
C TRP F 311 -52.02 -16.48 15.91
N SER F 312 -52.97 -17.13 15.23
CA SER F 312 -53.66 -18.30 15.74
C SER F 312 -53.50 -19.42 14.73
N GLN F 313 -54.12 -20.57 15.04
CA GLN F 313 -54.14 -21.67 14.08
C GLN F 313 -54.97 -21.32 12.86
N SER F 314 -56.05 -20.56 13.04
CA SER F 314 -56.90 -20.13 11.94
C SER F 314 -56.45 -18.75 11.44
N GLY F 315 -55.18 -18.68 11.06
CA GLY F 315 -54.64 -17.45 10.52
C GLY F 315 -54.39 -16.39 11.59
N ILE F 316 -54.60 -15.13 11.19
CA ILE F 316 -54.32 -14.00 12.07
C ILE F 316 -55.56 -13.64 12.85
N THR F 317 -55.45 -13.58 14.17
CA THR F 317 -56.50 -13.07 15.04
C THR F 317 -56.05 -11.71 15.56
N GLY F 318 -56.63 -10.66 15.00
CA GLY F 318 -56.29 -9.30 15.35
C GLY F 318 -55.94 -8.48 14.12
N GLY F 319 -55.65 -7.21 14.37
CA GLY F 319 -55.38 -6.27 13.29
C GLY F 319 -56.57 -6.02 12.40
N GLU F 320 -57.74 -5.78 12.99
CA GLU F 320 -58.97 -5.71 12.22
C GLU F 320 -59.06 -4.44 11.39
N GLN F 321 -58.36 -3.37 11.78
CA GLN F 321 -58.37 -2.15 10.98
C GLN F 321 -57.56 -2.33 9.71
N TYR F 322 -56.49 -3.13 9.80
CA TYR F 322 -55.69 -3.46 8.61
C TYR F 322 -56.50 -4.32 7.65
N PHE F 323 -57.23 -5.30 8.18
CA PHE F 323 -58.05 -6.15 7.33
C PHE F 323 -59.21 -5.39 6.71
N ASP F 324 -59.81 -4.45 7.45
CA ASP F 324 -60.87 -3.62 6.89
C ASP F 324 -60.33 -2.67 5.84
N ALA F 325 -59.12 -2.14 6.04
CA ALA F 325 -58.53 -1.23 5.07
C ALA F 325 -58.14 -1.95 3.80
N VAL F 326 -57.63 -3.18 3.91
CA VAL F 326 -57.32 -3.93 2.70
C VAL F 326 -58.61 -4.44 2.05
N ALA F 327 -59.68 -4.59 2.85
CA ALA F 327 -60.97 -4.91 2.26
C ALA F 327 -61.50 -3.76 1.41
N GLU F 328 -61.38 -2.52 1.91
CA GLU F 328 -61.85 -1.40 1.11
C GLU F 328 -60.86 -1.04 0.00
N ALA F 329 -59.61 -1.49 0.13
CA ALA F 329 -58.62 -1.19 -0.91
C ALA F 329 -58.66 -2.22 -2.03
N ILE F 330 -59.07 -3.45 -1.73
CA ILE F 330 -59.30 -4.45 -2.78
C ILE F 330 -60.43 -3.99 -3.67
N ASP F 331 -61.52 -3.52 -3.08
CA ASP F 331 -62.58 -2.88 -3.85
C ASP F 331 -62.09 -1.57 -4.43
N GLY F 332 -62.43 -1.34 -5.70
CA GLY F 332 -61.95 -0.17 -6.40
C GLY F 332 -60.51 -0.24 -6.86
N LEU F 333 -59.85 -1.39 -6.72
CA LEU F 333 -58.49 -1.57 -7.22
C LEU F 333 -58.57 -1.89 -8.70
N SER F 334 -58.06 -1.01 -9.54
CA SER F 334 -58.17 -1.18 -10.98
C SER F 334 -56.83 -1.60 -11.56
N SER F 335 -56.85 -2.02 -12.83
CA SER F 335 -55.62 -2.37 -13.52
C SER F 335 -54.75 -1.16 -13.80
N LYS F 336 -55.39 0.03 -13.89
CA LYS F 336 -54.73 1.22 -14.42
C LYS F 336 -53.56 1.68 -13.56
N GLU F 337 -53.63 1.38 -12.25
CA GLU F 337 -52.49 1.60 -11.37
C GLU F 337 -51.30 0.78 -11.84
N PHE F 338 -51.50 -0.50 -12.12
CA PHE F 338 -50.39 -1.32 -12.59
C PHE F 338 -49.93 -0.90 -13.99
N GLU F 339 -50.87 -0.43 -14.80
CA GLU F 339 -50.55 0.00 -16.17
C GLU F 339 -49.68 1.25 -16.19
N GLN F 340 -50.14 2.28 -15.46
CA GLN F 340 -49.45 3.60 -15.43
C GLN F 340 -48.04 3.47 -14.83
N PHE F 341 -47.90 2.74 -13.73
CA PHE F 341 -46.56 2.60 -13.07
C PHE F 341 -45.57 1.90 -14.01
N ALA F 342 -46.03 0.83 -14.66
CA ALA F 342 -45.20 0.03 -15.58
C ALA F 342 -44.76 0.83 -16.81
N GLN F 343 -45.65 1.68 -17.32
CA GLN F 343 -45.40 2.42 -18.54
C GLN F 343 -44.19 3.32 -18.41
N SER F 344 -43.26 3.14 -19.33
CA SER F 344 -41.98 3.83 -19.35
C SER F 344 -42.13 5.14 -20.11
N ALA F 345 -41.35 6.14 -19.71
CA ALA F 345 -41.41 7.44 -20.37
C ALA F 345 -40.54 7.45 -21.62
N MET G 1 -53.34 -30.88 -3.00
CA MET G 1 -54.44 -31.19 -2.05
C MET G 1 -53.85 -31.59 -0.69
N GLN G 2 -52.52 -31.46 -0.54
CA GLN G 2 -51.82 -31.80 0.73
C GLN G 2 -52.17 -33.23 1.13
N ILE G 3 -52.10 -34.17 0.19
CA ILE G 3 -52.42 -35.61 0.47
C ILE G 3 -51.44 -36.15 1.51
N GLU G 4 -51.94 -36.94 2.46
CA GLU G 4 -51.08 -37.52 3.53
C GLU G 4 -51.44 -39.00 3.70
N VAL G 5 -50.43 -39.87 3.74
CA VAL G 5 -50.64 -41.30 3.90
C VAL G 5 -49.70 -41.82 4.98
N THR G 6 -50.26 -42.60 5.91
CA THR G 6 -49.44 -43.38 6.83
C THR G 6 -49.24 -44.77 6.24
N VAL G 7 -47.99 -45.23 6.29
CA VAL G 7 -47.60 -46.59 5.79
C VAL G 7 -46.79 -47.28 6.88
N ARG G 8 -47.12 -48.53 7.21
CA ARG G 8 -46.36 -49.27 8.26
C ARG G 8 -45.55 -50.39 7.61
N ASN G 9 -44.24 -50.37 7.80
CA ASN G 9 -43.31 -51.39 7.22
C ASN G 9 -43.50 -52.71 7.96
N ILE G 10 -43.48 -53.83 7.23
CA ILE G 10 -43.59 -55.15 7.82
C ILE G 10 -42.30 -55.96 7.63
N THR G 11 -41.35 -55.41 6.89
CA THR G 11 -40.00 -55.94 6.73
C THR G 11 -39.06 -54.77 7.02
N PRO G 12 -37.77 -55.00 7.23
CA PRO G 12 -36.85 -53.88 7.35
C PRO G 12 -36.76 -53.03 6.08
N ILE G 13 -36.45 -51.75 6.28
CA ILE G 13 -36.33 -50.78 5.20
C ILE G 13 -34.88 -50.28 5.20
N PHE G 14 -34.22 -50.37 4.04
CA PHE G 14 -32.79 -50.08 3.91
C PHE G 14 -32.54 -49.11 2.75
N SER G 15 -32.67 -47.82 3.01
CA SER G 15 -32.35 -46.79 2.01
C SER G 15 -30.91 -46.38 2.22
N ALA G 16 -29.98 -47.06 1.54
CA ALA G 16 -28.57 -47.06 1.91
C ALA G 16 -27.93 -45.68 1.75
N ALA G 17 -27.62 -45.07 2.89
CA ALA G 17 -27.00 -43.76 2.94
C ALA G 17 -25.55 -43.85 2.50
N PRO G 18 -25.09 -42.98 1.61
CA PRO G 18 -23.66 -42.95 1.27
C PRO G 18 -22.79 -42.61 2.47
N GLY G 19 -21.63 -43.26 2.51
CA GLY G 19 -20.75 -43.18 3.65
C GLY G 19 -19.73 -44.29 3.57
N SER G 20 -18.55 -43.99 4.09
CA SER G 20 -17.52 -45.01 4.33
C SER G 20 -17.59 -45.29 5.83
N ASN G 21 -18.54 -46.12 6.22
CA ASN G 21 -18.75 -46.48 7.61
C ASN G 21 -18.31 -47.91 7.83
N TYR G 22 -17.76 -48.18 9.01
CA TYR G 22 -17.33 -49.50 9.38
C TYR G 22 -17.77 -49.79 10.80
N ILE G 23 -17.99 -51.06 11.11
CA ILE G 23 -18.52 -51.46 12.42
C ILE G 23 -17.63 -52.56 12.97
N THR G 24 -17.68 -52.75 14.29
CA THR G 24 -17.06 -53.91 14.93
C THR G 24 -18.11 -54.86 15.48
N ILE G 25 -18.92 -54.35 16.41
CA ILE G 25 -19.92 -55.14 17.12
C ILE G 25 -21.00 -54.17 17.56
N ASP G 26 -22.09 -54.68 18.15
CA ASP G 26 -23.20 -53.84 18.62
C ASP G 26 -22.80 -52.83 19.69
N GLY G 27 -21.70 -53.06 20.41
CA GLY G 27 -21.26 -52.10 21.40
C GLY G 27 -20.79 -50.78 20.82
N THR G 28 -20.01 -50.82 19.75
CA THR G 28 -19.48 -49.61 19.14
C THR G 28 -19.83 -49.59 17.66
N ILE G 29 -20.53 -48.55 17.23
CA ILE G 29 -21.01 -48.47 15.86
C ILE G 29 -19.93 -47.97 14.91
N ASN G 30 -19.18 -46.94 15.29
CA ASN G 30 -18.05 -46.46 14.51
C ASN G 30 -16.80 -46.45 15.39
N PRO G 31 -15.90 -47.42 15.22
CA PRO G 31 -14.72 -47.51 16.08
C PRO G 31 -13.68 -46.45 15.73
N PRO G 32 -13.13 -45.77 16.72
CA PRO G 32 -11.96 -44.90 16.49
C PRO G 32 -10.72 -45.66 16.02
N PRO G 33 -10.30 -46.81 16.59
CA PRO G 33 -9.12 -47.46 16.01
C PRO G 33 -9.50 -48.50 14.96
N GLY G 34 -8.46 -49.02 14.30
CA GLY G 34 -8.67 -49.97 13.24
C GLY G 34 -8.59 -51.42 13.68
N VAL G 35 -9.26 -51.75 14.78
CA VAL G 35 -9.29 -53.12 15.28
C VAL G 35 -10.62 -53.76 14.86
N SER G 36 -10.51 -54.82 14.03
CA SER G 36 -11.64 -55.64 13.58
C SER G 36 -12.72 -54.84 12.86
N ARG G 37 -12.31 -54.11 11.82
CA ARG G 37 -13.26 -53.37 11.02
C ARG G 37 -14.12 -54.31 10.19
N PHE G 38 -15.38 -53.91 9.99
CA PHE G 38 -16.31 -54.63 9.14
C PHE G 38 -17.14 -53.54 8.47
N PRO G 39 -17.15 -53.48 7.13
CA PRO G 39 -17.77 -52.34 6.44
C PRO G 39 -19.27 -52.22 6.69
N LEU G 40 -19.70 -51.01 7.05
CA LEU G 40 -21.06 -50.72 7.47
C LEU G 40 -21.73 -49.82 6.46
N VAL G 41 -22.92 -50.21 6.01
CA VAL G 41 -23.72 -49.38 5.12
C VAL G 41 -24.91 -48.90 5.92
N ARG G 42 -24.94 -47.60 6.23
CA ARG G 42 -26.05 -47.01 6.94
C ARG G 42 -27.23 -46.83 5.98
N THR G 43 -28.45 -47.01 6.49
CA THR G 43 -29.57 -46.47 5.70
C THR G 43 -29.83 -45.01 6.07
N ARG G 44 -30.77 -44.41 5.34
CA ARG G 44 -31.01 -42.94 5.44
C ARG G 44 -31.31 -42.53 6.88
N MET G 45 -30.58 -41.51 7.34
CA MET G 45 -30.75 -40.88 8.67
C MET G 45 -30.90 -39.37 8.42
N MET G 46 -31.98 -38.77 8.94
CA MET G 46 -32.18 -37.32 8.71
C MET G 46 -32.07 -36.58 10.05
N TYR G 47 -31.17 -35.59 10.13
CA TYR G 47 -31.07 -34.84 11.37
C TYR G 47 -32.32 -33.97 11.56
N VAL G 48 -32.88 -33.94 12.77
CA VAL G 48 -34.12 -33.22 12.99
C VAL G 48 -34.04 -32.41 14.27
N ALA G 49 -34.61 -31.22 14.25
CA ALA G 49 -34.73 -30.45 15.47
C ALA G 49 -35.83 -31.04 16.34
N ALA G 50 -35.48 -31.50 17.55
CA ALA G 50 -36.50 -32.08 18.41
C ALA G 50 -36.27 -31.70 19.86
N ASP G 51 -37.34 -31.92 20.63
CA ASP G 51 -37.39 -31.61 22.05
C ASP G 51 -36.80 -32.77 22.85
N VAL G 52 -35.48 -32.82 22.91
CA VAL G 52 -34.78 -33.74 23.80
C VAL G 52 -34.14 -32.91 24.89
N GLY G 53 -34.19 -33.41 26.12
CA GLY G 53 -33.78 -32.65 27.27
C GLY G 53 -34.89 -31.92 28.00
N ASP G 54 -36.15 -32.14 27.61
CA ASP G 54 -37.35 -31.62 28.28
C ASP G 54 -37.37 -30.09 28.29
N GLY G 55 -37.40 -29.51 27.09
CA GLY G 55 -37.51 -28.07 26.97
C GLY G 55 -36.60 -27.44 25.93
N VAL G 56 -35.43 -28.03 25.73
CA VAL G 56 -34.46 -27.50 24.76
C VAL G 56 -34.57 -28.27 23.46
N ILE G 57 -34.22 -27.62 22.36
CA ILE G 57 -34.34 -28.20 21.03
C ILE G 57 -32.95 -28.49 20.50
N LYS G 58 -32.73 -29.74 20.09
CA LYS G 58 -31.42 -30.20 19.64
C LYS G 58 -31.59 -30.98 18.35
N SER G 59 -30.55 -30.95 17.51
CA SER G 59 -30.62 -31.77 16.27
C SER G 59 -30.66 -33.23 16.74
N VAL G 60 -31.60 -34.02 16.22
CA VAL G 60 -31.70 -35.45 16.66
C VAL G 60 -31.52 -36.35 15.43
N PRO G 61 -30.60 -37.35 15.47
CA PRO G 61 -30.43 -38.23 14.33
C PRO G 61 -31.73 -39.02 14.16
N LEU G 62 -32.21 -39.11 12.92
CA LEU G 62 -33.46 -39.85 12.60
C LEU G 62 -33.25 -40.61 11.29
N GLN G 63 -34.01 -41.68 11.05
CA GLN G 63 -33.81 -42.43 9.82
C GLN G 63 -35.07 -42.42 8.97
N ILE G 64 -34.89 -42.14 7.69
CA ILE G 64 -35.95 -41.90 6.70
C ILE G 64 -35.70 -42.71 5.43
N VAL G 65 -36.68 -42.65 4.54
CA VAL G 65 -36.50 -42.82 3.10
C VAL G 65 -36.54 -41.43 2.46
N PRO G 66 -35.60 -41.09 1.57
CA PRO G 66 -35.61 -39.76 0.94
C PRO G 66 -36.84 -39.53 0.06
N GLY G 67 -37.23 -38.27 -0.05
CA GLY G 67 -38.39 -37.92 -0.86
C GLY G 67 -38.12 -38.06 -2.35
N ASN G 68 -36.86 -38.08 -2.75
CA ASN G 68 -36.54 -38.27 -4.16
C ASN G 68 -36.66 -39.74 -4.56
N THR G 69 -36.28 -40.65 -3.65
CA THR G 69 -36.57 -42.08 -3.80
C THR G 69 -38.05 -42.35 -3.97
N MET G 70 -38.85 -41.79 -3.07
CA MET G 70 -40.28 -42.02 -3.10
C MET G 70 -40.97 -41.25 -4.22
N ARG G 71 -40.36 -40.15 -4.65
CA ARG G 71 -40.83 -39.46 -5.84
C ARG G 71 -40.72 -40.36 -7.05
N SER G 72 -39.57 -41.02 -7.23
CA SER G 72 -39.44 -41.98 -8.32
C SER G 72 -40.29 -43.23 -8.08
N LEU G 73 -40.54 -43.57 -6.83
CA LEU G 73 -41.41 -44.71 -6.51
C LEU G 73 -42.85 -44.44 -6.92
N LEU G 74 -43.34 -43.24 -6.60
CA LEU G 74 -44.64 -42.77 -7.08
C LEU G 74 -44.68 -42.75 -8.58
N ARG G 75 -43.60 -42.27 -9.19
CA ARG G 75 -43.46 -42.19 -10.64
C ARG G 75 -43.61 -43.55 -11.29
N ARG G 76 -42.84 -44.52 -10.79
CA ARG G 76 -42.86 -45.86 -11.35
C ARG G 76 -44.17 -46.57 -11.07
N THR G 77 -44.73 -46.35 -9.87
CA THR G 77 -46.00 -47.04 -9.52
C THR G 77 -47.12 -46.61 -10.48
N MET G 78 -47.28 -45.30 -10.71
CA MET G 78 -48.34 -44.83 -11.64
C MET G 78 -47.97 -45.18 -13.09
N LEU G 79 -46.70 -44.95 -13.46
CA LEU G 79 -46.22 -45.23 -14.85
C LEU G 79 -46.28 -46.73 -15.15
N LYS G 80 -45.87 -47.56 -14.18
CA LYS G 80 -45.85 -49.03 -14.36
C LYS G 80 -47.19 -49.64 -13.95
N HIS G 81 -48.12 -48.84 -13.43
CA HIS G 81 -49.39 -49.40 -13.01
C HIS G 81 -50.56 -48.82 -13.77
N VAL G 82 -50.50 -47.53 -14.11
CA VAL G 82 -51.61 -46.84 -14.74
C VAL G 82 -51.23 -46.35 -16.14
N ILE G 83 -50.09 -45.66 -16.27
CA ILE G 83 -49.73 -45.07 -17.56
C ILE G 83 -49.34 -46.15 -18.56
N GLU G 84 -48.52 -47.12 -18.14
CA GLU G 84 -48.14 -48.22 -19.04
C GLU G 84 -49.32 -49.07 -19.51
N PRO G 85 -50.23 -49.57 -18.65
CA PRO G 85 -51.27 -50.46 -19.19
C PRO G 85 -52.38 -49.71 -19.93
N ALA G 86 -52.64 -48.45 -19.57
CA ALA G 86 -53.58 -47.68 -20.38
C ALA G 86 -52.92 -47.23 -21.69
N LEU G 87 -51.59 -47.18 -21.69
CA LEU G 87 -50.87 -46.59 -22.81
C LEU G 87 -50.53 -47.65 -23.86
N VAL G 88 -50.49 -48.92 -23.46
CA VAL G 88 -50.00 -49.97 -24.36
C VAL G 88 -50.99 -50.21 -25.50
N GLU G 89 -52.29 -50.10 -25.24
CA GLU G 89 -53.24 -50.29 -26.33
C GLU G 89 -53.35 -49.03 -27.18
N LYS G 90 -54.20 -49.13 -28.21
CA LYS G 90 -54.49 -48.09 -29.21
C LYS G 90 -53.22 -47.51 -29.86
N GLY G 91 -52.19 -48.34 -29.97
CA GLY G 91 -50.90 -47.86 -30.42
C GLY G 91 -50.30 -46.95 -29.38
N ASN G 92 -49.96 -45.72 -29.84
CA ASN G 92 -49.41 -44.64 -29.01
C ASN G 92 -48.14 -45.09 -28.29
N LYS G 93 -47.25 -45.74 -29.03
CA LYS G 93 -46.05 -46.29 -28.43
C LYS G 93 -45.02 -45.19 -28.22
N LEU G 94 -44.47 -45.12 -27.00
CA LEU G 94 -43.63 -44.01 -26.59
C LEU G 94 -42.27 -44.08 -27.23
N SER G 95 -41.69 -42.91 -27.51
CA SER G 95 -40.28 -42.90 -27.94
C SER G 95 -39.41 -43.31 -26.76
N ILE G 96 -38.24 -43.84 -27.08
CA ILE G 96 -37.34 -44.33 -26.05
C ILE G 96 -36.78 -43.15 -25.25
N GLY G 97 -36.66 -41.99 -25.90
CA GLY G 97 -36.41 -40.76 -25.18
C GLY G 97 -37.58 -40.33 -24.31
N ALA G 98 -38.82 -40.53 -24.81
CA ALA G 98 -39.98 -40.22 -24.00
C ALA G 98 -40.12 -41.17 -22.84
N TYR G 99 -39.70 -42.42 -23.04
CA TYR G 99 -39.54 -43.37 -21.94
C TYR G 99 -38.60 -42.77 -20.89
N ALA G 100 -37.33 -42.51 -21.27
CA ALA G 100 -36.32 -42.00 -20.34
C ALA G 100 -36.74 -40.69 -19.66
N THR G 101 -37.53 -39.86 -20.34
CA THR G 101 -38.10 -38.67 -19.72
C THR G 101 -39.24 -39.02 -18.76
N ALA G 102 -39.96 -40.12 -19.02
CA ALA G 102 -41.04 -40.50 -18.10
C ALA G 102 -40.51 -41.06 -16.78
N TYR G 103 -39.41 -41.83 -16.80
CA TYR G 103 -39.00 -42.54 -15.57
C TYR G 103 -37.85 -41.82 -14.87
N SER G 104 -36.94 -41.24 -15.62
CA SER G 104 -36.01 -40.27 -15.04
C SER G 104 -36.64 -38.90 -15.18
N GLY G 105 -35.86 -37.84 -14.96
CA GLY G 105 -36.40 -36.52 -15.22
C GLY G 105 -36.43 -36.21 -16.70
N ASN G 106 -35.26 -36.32 -17.34
CA ASN G 106 -35.07 -35.98 -18.73
C ASN G 106 -34.78 -37.23 -19.55
N ALA G 107 -34.63 -37.05 -20.85
CA ALA G 107 -34.13 -38.11 -21.72
C ALA G 107 -32.62 -38.24 -21.67
N THR G 108 -31.90 -37.11 -21.65
CA THR G 108 -30.45 -37.11 -21.60
C THR G 108 -30.01 -36.29 -20.40
N GLY G 109 -28.72 -35.98 -20.36
CA GLY G 109 -28.21 -34.91 -19.53
C GLY G 109 -28.32 -33.61 -20.27
N ASN G 110 -27.46 -32.62 -19.92
CA ASN G 110 -27.25 -31.27 -20.45
C ASN G 110 -28.49 -30.62 -21.04
N PRO G 111 -29.54 -30.38 -20.24
CA PRO G 111 -30.82 -29.92 -20.79
C PRO G 111 -30.73 -28.51 -21.34
N ASP G 112 -31.45 -28.25 -22.43
CA ASP G 112 -31.22 -27.05 -23.22
C ASP G 112 -31.70 -25.81 -22.47
N GLY G 113 -30.85 -24.78 -22.48
CA GLY G 113 -31.12 -23.56 -21.74
C GLY G 113 -32.20 -22.69 -22.31
N VAL G 114 -32.65 -22.99 -23.53
CA VAL G 114 -33.83 -22.31 -24.08
C VAL G 114 -35.06 -22.78 -23.32
N PRO G 115 -35.91 -21.86 -22.86
CA PRO G 115 -37.16 -22.27 -22.20
C PRO G 115 -38.20 -22.64 -23.24
N SER G 116 -39.30 -23.21 -22.76
CA SER G 116 -40.39 -23.62 -23.62
C SER G 116 -41.45 -22.52 -23.69
N SER G 117 -42.25 -22.55 -24.75
CA SER G 117 -43.33 -21.60 -24.92
C SER G 117 -44.42 -21.85 -23.88
N PHE G 118 -45.32 -20.87 -23.72
CA PHE G 118 -46.31 -21.03 -22.66
C PHE G 118 -47.32 -22.12 -22.98
N ASP G 119 -47.71 -22.27 -24.26
CA ASP G 119 -48.68 -23.30 -24.63
C ASP G 119 -48.17 -24.68 -24.26
N GLU G 120 -46.86 -24.89 -24.42
CA GLU G 120 -46.22 -26.11 -23.95
C GLU G 120 -46.38 -26.30 -22.45
N ILE G 121 -46.07 -25.26 -21.66
CA ILE G 121 -46.15 -25.37 -20.20
C ILE G 121 -47.60 -25.57 -19.75
N ALA G 122 -48.53 -24.86 -20.38
CA ALA G 122 -49.95 -24.94 -20.06
C ALA G 122 -50.55 -26.32 -20.32
N THR G 123 -50.21 -26.96 -21.45
CA THR G 123 -50.76 -28.29 -21.64
C THR G 123 -49.93 -29.38 -20.98
N MET G 124 -48.65 -29.15 -20.67
CA MET G 124 -47.92 -30.16 -19.92
C MET G 124 -48.35 -30.20 -18.47
N ARG G 125 -48.50 -29.03 -17.84
CA ARG G 125 -48.95 -29.00 -16.45
C ARG G 125 -50.43 -29.33 -16.30
N ALA G 126 -51.18 -29.43 -17.40
CA ALA G 126 -52.56 -29.89 -17.35
C ALA G 126 -52.72 -31.38 -17.59
N HIS G 127 -51.61 -32.01 -18.02
CA HIS G 127 -51.53 -33.48 -18.22
C HIS G 127 -51.52 -34.09 -16.82
N PRO G 128 -52.20 -35.24 -16.57
CA PRO G 128 -52.21 -35.82 -15.23
C PRO G 128 -50.81 -36.24 -14.73
N PHE G 129 -50.00 -36.83 -15.61
CA PHE G 129 -48.66 -37.32 -15.21
C PHE G 129 -47.52 -36.35 -15.58
N ILE G 130 -47.59 -35.69 -16.74
CA ILE G 130 -46.45 -34.88 -17.16
C ILE G 130 -46.30 -33.65 -16.26
N GLY G 131 -47.42 -33.02 -15.94
CA GLY G 131 -47.36 -31.90 -15.00
C GLY G 131 -47.08 -32.29 -13.59
N LEU G 132 -47.42 -33.51 -13.20
CA LEU G 132 -47.02 -33.98 -11.88
C LEU G 132 -45.50 -34.07 -11.77
N PHE G 133 -44.86 -34.64 -12.78
CA PHE G 133 -43.43 -34.89 -12.73
C PHE G 133 -42.76 -34.04 -13.81
N GLY G 134 -42.34 -32.84 -13.42
CA GLY G 134 -41.86 -31.88 -14.37
C GLY G 134 -40.43 -32.15 -14.79
N GLY G 135 -39.85 -31.19 -15.48
CA GLY G 135 -38.54 -31.39 -16.05
C GLY G 135 -38.61 -31.50 -17.56
N GLY G 136 -38.05 -32.57 -18.11
CA GLY G 136 -37.85 -32.64 -19.52
C GLY G 136 -36.65 -31.79 -19.90
N PRO G 137 -36.43 -31.59 -21.20
CA PRO G 137 -35.29 -30.76 -21.62
C PRO G 137 -35.45 -29.30 -21.25
N ARG G 138 -36.63 -28.72 -21.47
CA ARG G 138 -36.88 -27.33 -21.15
C ARG G 138 -37.38 -27.14 -19.72
N MET G 139 -37.28 -28.20 -18.91
CA MET G 139 -37.22 -28.12 -17.45
C MET G 139 -38.54 -27.56 -16.89
N LEU G 140 -39.59 -28.35 -17.07
CA LEU G 140 -40.92 -27.99 -16.60
C LEU G 140 -40.98 -28.05 -15.07
N GLU G 141 -41.70 -27.10 -14.48
CA GLU G 141 -42.06 -27.22 -13.08
C GLU G 141 -43.05 -28.35 -12.88
N GLY G 142 -42.76 -29.21 -11.93
CA GLY G 142 -43.68 -30.28 -11.60
C GLY G 142 -44.55 -29.88 -10.45
N ARG G 143 -45.87 -29.89 -10.68
CA ARG G 143 -46.88 -29.49 -9.67
C ARG G 143 -46.83 -30.48 -8.49
N LEU G 144 -46.61 -31.77 -8.78
CA LEU G 144 -46.55 -32.81 -7.71
C LEU G 144 -45.34 -32.57 -6.80
N MET G 145 -45.54 -32.65 -5.49
CA MET G 145 -44.47 -32.50 -4.48
C MET G 145 -44.43 -33.76 -3.63
N VAL G 146 -43.25 -34.37 -3.45
CA VAL G 146 -43.14 -35.63 -2.66
C VAL G 146 -42.27 -35.42 -1.41
N ASP G 147 -42.81 -35.79 -0.24
CA ASP G 147 -42.10 -35.71 1.02
C ASP G 147 -41.25 -36.94 1.27
N SER G 148 -40.41 -36.81 2.28
CA SER G 148 -39.70 -37.95 2.82
C SER G 148 -40.55 -38.72 3.81
N LEU G 149 -40.15 -39.95 4.05
CA LEU G 149 -40.91 -40.87 4.89
C LEU G 149 -40.50 -40.71 6.34
N TYR G 150 -41.27 -39.97 7.11
CA TYR G 150 -40.85 -39.86 8.49
C TYR G 150 -41.53 -40.94 9.33
N PRO G 151 -40.78 -41.76 10.06
CA PRO G 151 -41.43 -42.64 11.06
C PRO G 151 -42.05 -41.79 12.16
N ILE G 152 -43.16 -42.28 12.70
CA ILE G 152 -43.95 -41.43 13.59
C ILE G 152 -43.24 -41.43 14.94
N HIS G 153 -42.30 -40.51 15.08
CA HIS G 153 -41.26 -40.61 16.09
C HIS G 153 -41.28 -39.41 17.01
N THR G 154 -40.96 -39.62 18.29
CA THR G 154 -40.77 -38.49 19.22
C THR G 154 -39.56 -37.64 18.89
N ASN G 155 -38.69 -38.10 17.99
CA ASN G 155 -37.66 -37.21 17.51
C ASN G 155 -38.14 -36.40 16.31
N ALA G 156 -39.24 -36.82 15.69
CA ALA G 156 -39.83 -36.07 14.59
C ALA G 156 -41.18 -35.48 14.95
N GLU G 157 -41.48 -35.36 16.24
CA GLU G 157 -42.80 -34.89 16.65
C GLU G 157 -43.00 -33.40 16.42
N ARG G 158 -41.93 -32.63 16.17
CA ARG G 158 -42.12 -31.23 15.82
C ARG G 158 -42.56 -31.08 14.37
N ILE G 159 -42.34 -32.10 13.55
CA ILE G 159 -42.75 -32.05 12.15
C ILE G 159 -44.23 -32.39 12.00
N LEU G 160 -44.74 -33.27 12.85
CA LEU G 160 -46.05 -33.91 12.71
C LEU G 160 -46.90 -33.73 13.97
N GLY G 161 -46.80 -32.56 14.61
CA GLY G 161 -47.27 -32.42 15.99
C GLY G 161 -48.78 -32.42 16.14
N ALA G 162 -49.51 -32.03 15.09
CA ALA G 162 -50.94 -31.78 15.24
C ALA G 162 -51.74 -33.09 15.31
N GLY G 163 -51.65 -33.91 14.27
CA GLY G 163 -52.57 -35.03 14.16
C GLY G 163 -52.21 -36.26 14.96
N TYR G 164 -51.08 -36.25 15.66
CA TYR G 164 -50.53 -37.46 16.27
C TYR G 164 -50.09 -37.15 17.70
N GLU G 165 -51.03 -37.32 18.65
CA GLU G 165 -50.70 -37.21 20.06
C GLU G 165 -50.18 -38.54 20.62
N ASN G 166 -50.72 -39.66 20.15
CA ASN G 166 -50.31 -41.00 20.52
C ASN G 166 -49.82 -41.73 19.28
N GLU G 167 -49.54 -43.04 19.45
CA GLU G 167 -48.70 -43.87 18.57
C GLU G 167 -47.33 -43.20 18.28
N MET G 168 -46.72 -42.63 19.32
CA MET G 168 -45.36 -42.05 19.23
C MET G 168 -44.31 -43.11 19.49
N MET G 169 -43.22 -43.02 18.74
CA MET G 169 -42.14 -43.98 18.90
C MET G 169 -40.96 -43.36 19.64
N SER G 170 -40.45 -44.11 20.60
CA SER G 170 -39.28 -43.74 21.37
C SER G 170 -38.45 -44.99 21.60
N GLY G 171 -37.15 -44.79 21.83
CA GLY G 171 -36.24 -45.88 21.98
C GLY G 171 -35.43 -46.10 20.72
N PRO G 172 -34.95 -47.33 20.51
CA PRO G 172 -34.14 -47.62 19.32
C PRO G 172 -35.01 -47.69 18.09
N ILE G 173 -34.45 -47.21 16.98
CA ILE G 173 -35.21 -47.19 15.73
C ILE G 173 -34.52 -48.04 14.68
N THR G 174 -33.31 -48.46 14.99
CA THR G 174 -32.54 -49.29 14.10
C THR G 174 -32.12 -50.58 14.81
N GLN G 175 -31.56 -51.47 14.00
CA GLN G 175 -30.77 -52.61 14.45
C GLN G 175 -29.84 -52.98 13.32
N VAL G 176 -28.63 -53.43 13.61
CA VAL G 176 -27.69 -53.77 12.54
C VAL G 176 -27.88 -55.24 12.19
N VAL G 177 -28.41 -55.51 11.01
CA VAL G 177 -28.52 -56.88 10.50
C VAL G 177 -27.23 -57.20 9.76
N TRP G 178 -26.65 -58.35 10.09
CA TRP G 178 -25.30 -58.60 9.62
C TRP G 178 -25.30 -59.10 8.17
N ALA G 179 -25.89 -60.26 7.92
CA ALA G 179 -25.99 -60.77 6.56
C ALA G 179 -27.21 -61.65 6.38
N PHE G 246 -18.05 -60.27 8.90
CA PHE G 246 -18.39 -59.80 7.57
C PHE G 246 -19.04 -58.43 7.63
N ASN G 247 -19.36 -57.89 6.46
CA ASN G 247 -20.01 -56.58 6.38
C ASN G 247 -21.41 -56.65 6.96
N ALA G 248 -21.75 -55.65 7.76
CA ALA G 248 -23.04 -55.59 8.46
C ALA G 248 -23.76 -54.32 8.06
N HIS G 249 -25.05 -54.44 7.75
CA HIS G 249 -25.85 -53.32 7.30
C HIS G 249 -26.81 -52.90 8.41
N GLU G 250 -26.73 -51.63 8.81
CA GLU G 250 -27.57 -51.09 9.85
C GLU G 250 -28.91 -50.73 9.20
N VAL G 251 -30.03 -51.21 9.77
CA VAL G 251 -31.30 -51.15 9.07
C VAL G 251 -32.38 -50.69 10.06
N VAL G 252 -33.47 -50.14 9.53
CA VAL G 252 -34.64 -49.76 10.30
C VAL G 252 -35.44 -51.01 10.68
N ILE G 253 -35.88 -51.06 11.93
CA ILE G 253 -36.57 -52.23 12.49
C ILE G 253 -37.93 -52.39 11.80
N PRO G 254 -38.33 -53.60 11.43
CA PRO G 254 -39.68 -53.80 10.90
C PRO G 254 -40.74 -53.56 11.96
N GLY G 255 -41.89 -53.10 11.50
CA GLY G 255 -42.94 -52.77 12.44
C GLY G 255 -42.90 -51.30 12.79
N LEU G 256 -42.94 -50.42 11.78
CA LEU G 256 -43.07 -48.97 12.00
C LEU G 256 -44.26 -48.35 11.26
N LYS G 257 -44.95 -47.45 11.96
CA LYS G 257 -45.85 -46.49 11.36
C LYS G 257 -45.02 -45.35 10.80
N TRP G 258 -45.35 -44.91 9.58
CA TRP G 258 -44.61 -43.83 8.89
C TRP G 258 -45.59 -42.80 8.32
N VAL G 259 -45.14 -41.56 8.12
CA VAL G 259 -46.02 -40.50 7.56
C VAL G 259 -45.44 -40.03 6.23
N TRP G 260 -46.25 -40.05 5.16
CA TRP G 260 -45.83 -39.61 3.82
C TRP G 260 -46.73 -38.44 3.42
N ARG G 261 -46.16 -37.30 3.01
CA ARG G 261 -46.99 -36.16 2.67
C ARG G 261 -46.87 -35.84 1.18
N ILE G 262 -47.90 -36.10 0.46
CA ILE G 262 -47.92 -35.76 -0.96
C ILE G 262 -48.69 -34.47 -1.13
N SER G 263 -48.11 -33.50 -1.84
CA SER G 263 -48.77 -32.20 -1.95
C SER G 263 -48.85 -31.78 -3.41
N LEU G 264 -49.84 -30.95 -3.72
CA LEU G 264 -50.10 -30.57 -5.10
C LEU G 264 -50.54 -29.11 -5.12
N ASP G 265 -49.96 -28.31 -6.01
CA ASP G 265 -50.30 -26.91 -6.14
C ASP G 265 -51.02 -26.68 -7.47
N ARG G 266 -52.23 -26.13 -7.37
CA ARG G 266 -53.14 -25.92 -8.49
C ARG G 266 -53.39 -27.19 -9.32
N PRO G 267 -53.92 -28.26 -8.71
CA PRO G 267 -54.04 -29.51 -9.48
C PRO G 267 -55.29 -29.59 -10.32
N THR G 268 -55.15 -30.06 -11.56
CA THR G 268 -56.31 -30.63 -12.22
C THR G 268 -56.64 -31.94 -11.52
N ASP G 269 -57.94 -32.25 -11.46
CA ASP G 269 -58.47 -33.38 -10.72
C ASP G 269 -57.91 -34.74 -11.17
N ALA G 270 -57.50 -34.81 -12.43
CA ALA G 270 -56.92 -36.05 -12.95
C ALA G 270 -55.51 -36.29 -12.41
N GLN G 271 -54.78 -35.22 -12.07
CA GLN G 271 -53.46 -35.38 -11.48
C GLN G 271 -53.53 -36.01 -10.09
N VAL G 272 -54.40 -35.47 -9.23
CA VAL G 272 -54.57 -36.04 -7.90
C VAL G 272 -55.28 -37.39 -7.99
N GLY G 273 -56.09 -37.59 -9.03
CA GLY G 273 -56.63 -38.92 -9.28
C GLY G 273 -55.56 -39.93 -9.65
N LEU G 274 -54.55 -39.50 -10.40
CA LEU G 274 -53.40 -40.36 -10.68
C LEU G 274 -52.61 -40.66 -9.42
N VAL G 275 -52.46 -39.67 -8.54
CA VAL G 275 -51.82 -39.91 -7.25
C VAL G 275 -52.61 -40.92 -6.43
N LEU G 276 -53.94 -40.85 -6.51
CA LEU G 276 -54.78 -41.78 -5.76
C LEU G 276 -54.78 -43.19 -6.35
N LEU G 277 -54.74 -43.25 -7.69
CA LEU G 277 -54.64 -44.54 -8.42
C LEU G 277 -53.28 -45.18 -8.09
N ALA G 278 -52.23 -44.36 -8.06
CA ALA G 278 -50.84 -44.79 -7.74
C ALA G 278 -50.78 -45.25 -6.29
N LEU G 279 -51.45 -44.50 -5.39
CA LEU G 279 -51.48 -44.83 -3.94
C LEU G 279 -52.16 -46.18 -3.74
N ASN G 280 -53.22 -46.45 -4.51
CA ASN G 280 -53.99 -47.72 -4.41
C ASN G 280 -53.07 -48.91 -4.75
N LYS G 281 -52.23 -48.77 -5.79
CA LYS G 281 -51.37 -49.87 -6.16
C LYS G 281 -49.98 -49.72 -5.57
N MET G 282 -49.85 -48.92 -4.52
CA MET G 282 -48.54 -48.64 -3.92
C MET G 282 -48.05 -49.83 -3.10
N THR G 283 -48.96 -50.66 -2.63
CA THR G 283 -48.58 -51.79 -1.78
C THR G 283 -47.94 -52.92 -2.56
N ASN G 284 -47.88 -52.84 -3.89
CA ASN G 284 -47.19 -53.88 -4.64
C ASN G 284 -45.67 -53.64 -4.58
N GLU G 285 -45.24 -52.42 -4.89
CA GLU G 285 -43.82 -52.17 -5.02
C GLU G 285 -43.18 -51.98 -3.63
N ARG G 286 -41.89 -52.30 -3.56
CA ARG G 286 -41.12 -52.23 -2.33
C ARG G 286 -40.41 -50.89 -2.25
N ILE G 287 -40.45 -50.27 -1.07
CA ILE G 287 -39.86 -48.97 -0.84
C ILE G 287 -38.51 -49.18 -0.15
N ALA G 288 -37.46 -48.58 -0.73
CA ALA G 288 -36.11 -48.51 -0.15
C ALA G 288 -35.58 -49.89 0.23
N GLY G 289 -35.82 -50.87 -0.63
CA GLY G 289 -35.56 -52.23 -0.21
C GLY G 289 -34.77 -53.00 -1.23
N GLY G 290 -33.77 -53.74 -0.75
CA GLY G 290 -33.08 -54.69 -1.60
C GLY G 290 -34.03 -55.78 -2.03
N HIS G 291 -34.19 -55.92 -3.34
CA HIS G 291 -35.08 -56.96 -3.87
C HIS G 291 -34.49 -58.34 -3.65
N SER G 292 -33.15 -58.43 -3.59
CA SER G 292 -32.51 -59.66 -3.17
C SER G 292 -32.83 -59.99 -1.72
N LYS G 293 -32.83 -58.98 -0.86
CA LYS G 293 -33.12 -59.18 0.55
C LYS G 293 -34.61 -59.15 0.85
N ASP G 294 -35.45 -58.82 -0.15
CA ASP G 294 -36.90 -58.66 -0.02
C ASP G 294 -37.28 -57.64 1.06
N TYR G 295 -36.49 -56.57 1.12
CA TYR G 295 -36.70 -55.54 2.12
C TYR G 295 -37.73 -54.53 1.64
N GLY G 296 -38.27 -53.77 2.60
CA GLY G 296 -39.16 -52.69 2.28
C GLY G 296 -40.59 -53.08 1.97
N ARG G 297 -41.02 -54.27 2.39
CA ARG G 297 -42.43 -54.60 2.24
C ARG G 297 -43.25 -53.83 3.26
N PHE G 298 -44.45 -53.42 2.86
CA PHE G 298 -45.26 -52.54 3.68
C PHE G 298 -46.71 -52.62 3.24
N VAL G 299 -47.60 -52.13 4.11
CA VAL G 299 -49.01 -51.95 3.79
C VAL G 299 -49.40 -50.51 4.11
N ILE G 300 -50.60 -50.12 3.65
CA ILE G 300 -51.12 -48.77 3.79
C ILE G 300 -52.38 -48.79 4.63
N ASP G 301 -52.40 -47.98 5.68
CA ASP G 301 -53.63 -47.66 6.39
C ASP G 301 -53.61 -46.18 6.73
N GLY G 302 -54.73 -45.49 6.54
CA GLY G 302 -54.76 -44.06 6.84
C GLY G 302 -54.24 -43.13 5.76
N VAL G 303 -54.94 -43.07 4.64
CA VAL G 303 -54.75 -42.04 3.63
C VAL G 303 -55.73 -40.91 3.91
N SER G 304 -55.20 -39.76 4.33
CA SER G 304 -56.09 -38.60 4.61
C SER G 304 -56.00 -37.61 3.45
N LEU G 305 -57.13 -37.33 2.80
CA LEU G 305 -57.17 -36.38 1.66
C LEU G 305 -57.77 -35.07 2.17
N ASN G 306 -56.98 -33.98 2.11
CA ASN G 306 -57.41 -32.64 2.59
C ASN G 306 -57.81 -32.71 4.07
N GLY G 307 -57.07 -33.47 4.89
CA GLY G 307 -57.34 -33.59 6.33
C GLY G 307 -58.51 -34.51 6.65
N GLU G 308 -59.01 -35.28 5.67
CA GLU G 308 -60.15 -36.15 5.97
C GLU G 308 -59.80 -37.58 5.58
N GLN G 309 -60.28 -38.55 6.35
CA GLN G 309 -59.80 -39.93 6.25
C GLN G 309 -60.51 -40.68 5.13
N VAL G 310 -59.77 -40.98 4.06
CA VAL G 310 -60.34 -41.55 2.82
C VAL G 310 -59.63 -42.88 2.51
N TRP G 311 -59.40 -43.72 3.52
CA TRP G 311 -58.82 -45.04 3.26
C TRP G 311 -59.49 -46.13 4.08
N SER G 312 -59.58 -47.32 3.45
CA SER G 312 -60.05 -48.54 4.09
C SER G 312 -59.16 -49.69 3.66
N GLN G 313 -59.54 -50.91 4.07
CA GLN G 313 -58.76 -52.09 3.71
C GLN G 313 -58.84 -52.39 2.22
N SER G 314 -60.04 -52.23 1.63
CA SER G 314 -60.20 -52.43 0.20
C SER G 314 -59.55 -51.33 -0.62
N GLY G 315 -59.23 -50.20 -0.01
CA GLY G 315 -58.54 -49.13 -0.70
C GLY G 315 -58.99 -47.75 -0.26
N ILE G 316 -59.33 -46.92 -1.24
CA ILE G 316 -59.62 -45.52 -0.96
C ILE G 316 -61.07 -45.36 -0.52
N THR G 317 -62.01 -45.80 -1.37
CA THR G 317 -63.47 -45.74 -1.15
C THR G 317 -63.94 -44.31 -0.87
N GLY G 318 -63.59 -43.42 -1.78
CA GLY G 318 -63.96 -42.03 -1.65
C GLY G 318 -63.18 -41.18 -2.63
N GLY G 319 -63.60 -39.91 -2.71
CA GLY G 319 -63.02 -39.02 -3.71
C GLY G 319 -63.33 -39.47 -5.12
N GLU G 320 -64.60 -39.76 -5.42
CA GLU G 320 -64.94 -40.42 -6.68
C GLU G 320 -64.81 -39.49 -7.87
N GLN G 321 -64.87 -38.17 -7.65
CA GLN G 321 -64.72 -37.23 -8.76
C GLN G 321 -63.31 -37.23 -9.31
N TYR G 322 -62.32 -37.30 -8.41
CA TYR G 322 -60.90 -37.34 -8.85
C TYR G 322 -60.68 -38.62 -9.67
N PHE G 323 -61.21 -39.74 -9.16
CA PHE G 323 -61.09 -41.06 -9.84
C PHE G 323 -61.81 -41.02 -11.19
N ASP G 324 -63.00 -40.40 -11.22
CA ASP G 324 -63.78 -40.31 -12.48
C ASP G 324 -63.01 -39.47 -13.49
N ALA G 325 -62.44 -38.34 -13.05
CA ALA G 325 -61.67 -37.45 -13.94
C ALA G 325 -60.42 -38.17 -14.46
N VAL G 326 -59.70 -38.87 -13.57
CA VAL G 326 -58.46 -39.60 -13.97
C VAL G 326 -58.80 -40.72 -14.96
N ALA G 327 -59.94 -41.40 -14.76
CA ALA G 327 -60.33 -42.48 -15.64
C ALA G 327 -60.63 -41.95 -17.04
N GLU G 328 -61.35 -40.82 -17.12
CA GLU G 328 -61.55 -40.15 -18.40
C GLU G 328 -60.24 -39.65 -19.00
N ALA G 329 -59.36 -39.16 -18.13
CA ALA G 329 -58.02 -38.66 -18.52
C ALA G 329 -57.20 -39.84 -19.06
N ILE G 330 -57.29 -40.99 -18.39
CA ILE G 330 -56.55 -42.23 -18.80
C ILE G 330 -57.04 -42.66 -20.18
N ASP G 331 -58.35 -42.55 -20.43
CA ASP G 331 -58.96 -42.88 -21.74
C ASP G 331 -58.41 -41.93 -22.81
N GLY G 332 -58.22 -40.66 -22.45
CA GLY G 332 -57.72 -39.60 -23.35
C GLY G 332 -56.21 -39.56 -23.42
N LEU G 333 -55.51 -40.46 -22.73
CA LEU G 333 -54.01 -40.45 -22.75
C LEU G 333 -53.53 -40.59 -24.19
N SER G 334 -52.52 -39.80 -24.57
CA SER G 334 -51.99 -39.73 -25.91
C SER G 334 -50.47 -39.75 -25.86
N SER G 335 -49.88 -40.32 -26.90
CA SER G 335 -48.42 -40.34 -26.99
C SER G 335 -47.86 -38.97 -27.35
N LYS G 336 -48.63 -38.16 -28.08
CA LYS G 336 -48.09 -36.94 -28.71
C LYS G 336 -47.64 -35.92 -27.66
N GLU G 337 -48.31 -35.88 -26.51
CA GLU G 337 -47.88 -34.97 -25.46
C GLU G 337 -46.64 -35.49 -24.75
N PHE G 338 -46.45 -36.81 -24.73
CA PHE G 338 -45.19 -37.37 -24.25
C PHE G 338 -44.04 -37.00 -25.17
N GLU G 339 -44.26 -37.09 -26.49
CA GLU G 339 -43.24 -36.66 -27.44
C GLU G 339 -42.93 -35.17 -27.32
N GLN G 340 -43.96 -34.34 -27.10
CA GLN G 340 -43.69 -32.91 -26.93
C GLN G 340 -43.14 -32.59 -25.55
N PHE G 341 -43.24 -33.51 -24.60
CA PHE G 341 -42.55 -33.27 -23.35
C PHE G 341 -41.08 -33.64 -23.47
N ALA G 342 -40.76 -34.56 -24.39
CA ALA G 342 -39.43 -35.14 -24.33
C ALA G 342 -38.46 -34.68 -25.42
N GLN G 343 -38.90 -34.02 -26.49
CA GLN G 343 -37.96 -33.67 -27.55
C GLN G 343 -37.10 -32.51 -27.07
N SER G 344 -35.80 -32.61 -27.28
CA SER G 344 -34.91 -31.54 -26.90
C SER G 344 -34.94 -30.49 -28.00
N ALA G 345 -35.74 -29.44 -27.81
CA ALA G 345 -35.82 -28.37 -28.79
C ALA G 345 -34.59 -27.48 -28.68
N LYS G 346 -33.44 -28.00 -29.11
CA LYS G 346 -32.17 -27.31 -28.95
C LYS G 346 -31.94 -26.33 -30.09
N MET H 1 -1.83 -51.71 -12.54
CA MET H 1 -2.61 -50.50 -12.78
C MET H 1 -4.08 -50.72 -12.46
N PHE H 2 -4.89 -50.93 -13.49
CA PHE H 2 -6.33 -51.12 -13.32
C PHE H 2 -6.81 -52.21 -14.26
N VAL H 3 -7.88 -52.90 -13.84
CA VAL H 3 -8.53 -53.95 -14.63
C VAL H 3 -9.99 -53.56 -14.82
N LYS H 4 -10.47 -53.68 -16.05
CA LYS H 4 -11.84 -53.35 -16.40
C LYS H 4 -12.71 -54.60 -16.46
N GLN H 5 -13.89 -54.53 -15.84
CA GLN H 5 -14.89 -55.59 -15.92
C GLN H 5 -16.12 -55.05 -16.62
N VAL H 6 -16.58 -55.76 -17.66
CA VAL H 6 -17.79 -55.42 -18.40
C VAL H 6 -18.72 -56.63 -18.34
N PHE H 7 -19.96 -56.39 -17.94
CA PHE H 7 -20.92 -57.44 -17.65
C PHE H 7 -22.05 -57.39 -18.66
N PHE H 8 -22.39 -58.55 -19.22
CA PHE H 8 -23.44 -58.68 -20.22
C PHE H 8 -24.49 -59.68 -19.74
N ASP H 9 -25.75 -59.26 -19.81
CA ASP H 9 -26.91 -60.00 -19.30
C ASP H 9 -27.82 -60.33 -20.46
N LEU H 10 -27.93 -61.61 -20.79
CA LEU H 10 -28.82 -62.06 -21.86
C LEU H 10 -30.22 -62.42 -21.35
N GLY H 11 -30.48 -62.26 -20.05
CA GLY H 11 -31.70 -62.75 -19.45
C GLY H 11 -31.63 -64.19 -19.03
N ALA H 12 -30.54 -64.89 -19.33
CA ALA H 12 -30.34 -66.26 -18.93
C ALA H 12 -28.85 -66.47 -18.68
N ARG H 13 -28.54 -67.39 -17.78
CA ARG H 13 -27.16 -67.65 -17.42
C ARG H 13 -26.46 -68.45 -18.52
N ILE H 14 -25.29 -67.98 -18.93
CA ILE H 14 -24.44 -68.72 -19.85
C ILE H 14 -23.05 -68.86 -19.23
N HIS H 15 -22.51 -70.07 -19.25
CA HIS H 15 -21.20 -70.35 -18.69
C HIS H 15 -20.11 -69.64 -19.48
N ALA H 16 -18.98 -69.39 -18.80
CA ALA H 16 -17.91 -68.57 -19.37
C ALA H 16 -17.26 -69.23 -20.58
N ASP H 17 -17.03 -70.55 -20.52
CA ASP H 17 -16.37 -71.24 -21.63
C ASP H 17 -17.27 -71.34 -22.85
N GLU H 18 -18.56 -71.67 -22.64
CA GLU H 18 -19.46 -71.73 -23.77
C GLU H 18 -19.81 -70.33 -24.27
N ALA H 19 -19.71 -69.31 -23.40
CA ALA H 19 -19.81 -67.93 -23.88
C ALA H 19 -18.62 -67.59 -24.75
N ARG H 20 -17.42 -68.05 -24.38
CA ARG H 20 -16.23 -67.84 -25.19
C ARG H 20 -16.39 -68.51 -26.56
N ALA H 21 -16.92 -69.74 -26.58
CA ALA H 21 -17.20 -70.43 -27.83
C ALA H 21 -18.26 -69.70 -28.65
N LEU H 22 -19.29 -69.16 -27.98
CA LEU H 22 -20.36 -68.44 -28.69
C LEU H 22 -19.85 -67.13 -29.27
N VAL H 23 -19.02 -66.40 -28.53
CA VAL H 23 -18.44 -65.15 -29.01
C VAL H 23 -17.51 -65.41 -30.20
N ALA H 24 -16.78 -66.53 -30.14
CA ALA H 24 -15.97 -66.95 -31.27
C ALA H 24 -16.82 -67.28 -32.50
N LYS H 25 -17.97 -67.92 -32.29
CA LYS H 25 -18.73 -68.40 -33.44
C LYS H 25 -19.62 -67.31 -34.04
N LEU H 26 -20.04 -66.35 -33.21
CA LEU H 26 -20.92 -65.23 -33.63
C LEU H 26 -20.25 -64.24 -34.60
N LEU H 27 -19.00 -63.84 -34.35
CA LEU H 27 -18.32 -62.80 -35.19
C LEU H 27 -17.26 -63.41 -36.11
N ASP H 28 -17.23 -64.73 -36.24
CA ASP H 28 -16.19 -65.44 -37.06
C ASP H 28 -16.26 -65.04 -38.54
N ASP H 29 -17.47 -64.88 -39.11
CA ASP H 29 -17.62 -64.65 -40.54
C ASP H 29 -17.09 -63.27 -40.94
N THR H 30 -17.28 -62.30 -40.04
CA THR H 30 -16.83 -60.89 -40.23
C THR H 30 -16.15 -60.38 -38.96
N GLN H 31 -15.40 -59.29 -39.06
CA GLN H 31 -14.68 -58.69 -37.89
C GLN H 31 -13.75 -59.72 -37.22
N PRO H 32 -12.92 -60.47 -37.97
CA PRO H 32 -12.02 -61.48 -37.39
C PRO H 32 -10.93 -60.91 -36.47
N GLY H 33 -10.35 -59.75 -36.83
CA GLY H 33 -9.25 -59.16 -36.04
C GLY H 33 -9.66 -58.84 -34.61
N LEU H 34 -10.85 -58.25 -34.43
CA LEU H 34 -11.36 -57.93 -33.07
C LEU H 34 -11.38 -59.22 -32.25
N VAL H 35 -11.76 -60.33 -32.90
CA VAL H 35 -11.79 -61.68 -32.25
C VAL H 35 -10.36 -62.04 -31.82
N SER H 36 -9.38 -61.75 -32.68
CA SER H 36 -7.96 -62.03 -32.35
C SER H 36 -7.56 -61.21 -31.12
N ALA H 37 -7.99 -59.95 -31.07
CA ALA H 37 -7.73 -59.11 -29.91
C ALA H 37 -8.44 -59.62 -28.66
N LEU H 38 -9.67 -60.11 -28.82
CA LEU H 38 -10.47 -60.54 -27.68
C LEU H 38 -9.91 -61.81 -27.10
N MET H 39 -9.41 -62.70 -27.99
CA MET H 39 -9.09 -64.07 -27.61
C MET H 39 -7.64 -64.37 -27.42
N ASN H 40 -6.84 -63.34 -27.55
CA ASN H 40 -5.42 -63.41 -27.45
C ASN H 40 -4.82 -64.43 -28.42
N TYR H 41 -5.26 -64.37 -29.68
CA TYR H 41 -4.63 -65.17 -30.74
C TYR H 41 -3.32 -64.54 -31.16
N MET H 42 -2.59 -65.28 -31.99
CA MET H 42 -1.44 -64.70 -32.65
C MET H 42 -1.89 -63.72 -33.71
N PRO H 43 -1.08 -62.71 -34.02
CA PRO H 43 -1.43 -61.77 -35.11
C PRO H 43 -1.56 -62.43 -36.48
N ALA H 44 -0.82 -63.51 -36.72
CA ALA H 44 -0.85 -64.18 -38.02
C ALA H 44 -1.68 -65.45 -38.04
N SER H 45 -1.64 -66.24 -36.98
CA SER H 45 -2.28 -67.56 -36.97
C SER H 45 -3.45 -67.57 -35.99
N LYS H 46 -4.05 -68.75 -35.86
CA LYS H 46 -5.23 -68.94 -35.01
C LYS H 46 -4.89 -69.34 -33.59
N THR H 47 -3.68 -69.87 -33.35
CA THR H 47 -3.33 -70.36 -32.02
C THR H 47 -3.11 -69.19 -31.06
N SER H 48 -3.22 -69.49 -29.78
CA SER H 48 -3.24 -68.44 -28.76
C SER H 48 -1.84 -68.12 -28.26
N LYS H 49 -1.73 -66.97 -27.59
CA LYS H 49 -0.45 -66.53 -27.05
C LYS H 49 -0.08 -67.35 -25.81
N THR H 50 1.22 -67.61 -25.68
CA THR H 50 1.74 -68.36 -24.54
C THR H 50 1.92 -67.48 -23.31
N GLU H 51 1.81 -66.16 -23.45
CA GLU H 51 1.97 -65.26 -22.32
C GLU H 51 0.67 -65.22 -21.49
N PHE H 52 0.62 -64.26 -20.57
CA PHE H 52 -0.57 -64.06 -19.73
C PHE H 52 -1.73 -63.55 -20.60
N PRO H 53 -2.97 -63.97 -20.36
CA PRO H 53 -4.07 -63.40 -21.15
C PRO H 53 -4.64 -62.10 -20.60
N LEU H 54 -4.38 -61.00 -21.32
CA LEU H 54 -4.89 -59.69 -20.89
C LEU H 54 -6.41 -59.66 -20.85
N VAL H 55 -7.05 -60.38 -21.76
CA VAL H 55 -8.51 -60.44 -21.84
C VAL H 55 -8.96 -61.84 -21.46
N GLN H 56 -9.73 -61.94 -20.38
CA GLN H 56 -10.23 -63.27 -19.91
C GLN H 56 -11.74 -63.20 -19.64
N PHE H 57 -12.50 -64.17 -20.16
CA PHE H 57 -13.97 -64.23 -19.95
C PHE H 57 -14.26 -64.64 -18.49
N SER H 58 -15.39 -64.20 -17.95
CA SER H 58 -15.74 -64.55 -16.54
C SER H 58 -17.24 -64.77 -16.35
N ASN H 59 -17.59 -65.52 -15.30
CA ASN H 59 -18.97 -65.82 -14.92
C ASN H 59 -19.76 -64.53 -14.70
N PHE H 60 -21.08 -64.61 -14.93
CA PHE H 60 -21.99 -63.57 -14.50
C PHE H 60 -23.33 -64.24 -14.25
N ASN H 61 -24.04 -63.80 -13.19
CA ASN H 61 -25.22 -64.54 -12.73
C ASN H 61 -26.36 -64.46 -13.73
N GLN H 62 -26.31 -63.50 -14.64
CA GLN H 62 -27.27 -63.39 -15.72
C GLN H 62 -26.61 -63.49 -17.09
N GLY H 63 -25.36 -63.98 -17.15
CA GLY H 63 -24.68 -64.06 -18.44
C GLY H 63 -23.17 -64.12 -18.33
N PHE H 64 -22.47 -63.30 -19.10
CA PHE H 64 -21.01 -63.41 -19.06
C PHE H 64 -20.36 -62.05 -18.86
N ALA H 65 -19.19 -62.08 -18.23
CA ALA H 65 -18.39 -60.91 -17.97
C ALA H 65 -17.09 -61.00 -18.74
N LEU H 66 -16.50 -59.84 -19.01
CA LEU H 66 -15.22 -59.73 -19.68
C LEU H 66 -14.28 -58.95 -18.78
N LEU H 67 -13.06 -59.45 -18.60
CA LEU H 67 -12.04 -58.80 -17.79
C LEU H 67 -10.87 -58.44 -18.69
N GLY H 68 -10.48 -57.17 -18.64
CA GLY H 68 -9.36 -56.67 -19.41
C GLY H 68 -8.32 -56.07 -18.50
N PHE H 69 -7.10 -56.59 -18.55
CA PHE H 69 -6.07 -56.24 -17.59
C PHE H 69 -5.06 -55.31 -18.25
N GLY H 70 -4.76 -54.21 -17.58
CA GLY H 70 -3.88 -53.21 -18.14
C GLY H 70 -4.61 -52.28 -19.09
N GLU H 71 -3.86 -51.27 -19.54
CA GLU H 71 -4.39 -50.29 -20.49
C GLU H 71 -4.74 -50.95 -21.82
N VAL H 72 -3.91 -51.90 -22.27
CA VAL H 72 -4.15 -52.59 -23.53
C VAL H 72 -5.42 -53.44 -23.47
N GLY H 73 -5.59 -54.21 -22.39
CA GLY H 73 -6.79 -55.02 -22.24
C GLY H 73 -8.05 -54.19 -22.06
N ALA H 74 -7.93 -53.09 -21.31
CA ALA H 74 -9.07 -52.18 -21.16
C ALA H 74 -9.44 -51.53 -22.48
N GLN H 75 -8.44 -51.21 -23.31
CA GLN H 75 -8.71 -50.69 -24.65
C GLN H 75 -9.35 -51.75 -25.54
N ILE H 76 -8.96 -53.01 -25.37
CA ILE H 76 -9.56 -54.11 -26.13
C ILE H 76 -11.04 -54.23 -25.79
N LEU H 77 -11.37 -54.16 -24.49
CA LEU H 77 -12.79 -54.17 -24.10
C LEU H 77 -13.51 -52.93 -24.59
N SER H 78 -12.82 -51.78 -24.60
CA SER H 78 -13.43 -50.53 -25.03
C SER H 78 -13.79 -50.54 -26.51
N ASP H 79 -12.92 -51.09 -27.35
CA ASP H 79 -13.25 -51.21 -28.77
C ASP H 79 -14.11 -52.44 -29.07
N ALA H 80 -14.20 -53.40 -28.16
CA ALA H 80 -14.91 -54.63 -28.47
C ALA H 80 -16.36 -54.63 -27.99
N THR H 81 -16.67 -53.89 -26.91
CA THR H 81 -17.98 -53.93 -26.26
C THR H 81 -19.21 -53.66 -27.16
N PRO H 82 -19.28 -52.60 -27.99
CA PRO H 82 -20.57 -52.38 -28.68
C PRO H 82 -20.85 -53.36 -29.80
N ILE H 83 -19.80 -53.75 -30.54
CA ILE H 83 -19.98 -54.73 -31.66
C ILE H 83 -20.45 -56.07 -31.06
N ILE H 84 -19.85 -56.47 -29.94
CA ILE H 84 -20.23 -57.75 -29.25
C ILE H 84 -21.68 -57.66 -28.77
N HIS H 85 -22.07 -56.50 -28.21
CA HIS H 85 -23.44 -56.29 -27.70
C HIS H 85 -24.44 -56.35 -28.88
N ASP H 86 -24.04 -55.79 -30.02
CA ASP H 86 -24.88 -55.75 -31.21
C ASP H 86 -25.06 -57.15 -31.79
N ALA H 87 -24.02 -57.99 -31.67
CA ALA H 87 -24.11 -59.37 -32.11
C ALA H 87 -25.09 -60.18 -31.26
N MET H 88 -25.01 -60.07 -29.93
CA MET H 88 -25.99 -60.81 -29.13
C MET H 88 -27.38 -60.22 -29.26
N ALA H 89 -27.49 -58.92 -29.56
CA ALA H 89 -28.78 -58.31 -29.81
C ALA H 89 -29.44 -58.87 -31.06
N LYS H 90 -28.68 -59.01 -32.15
CA LYS H 90 -29.29 -59.56 -33.36
C LYS H 90 -29.53 -61.06 -33.23
N LEU H 91 -28.67 -61.78 -32.47
CA LEU H 91 -28.88 -63.21 -32.25
C LEU H 91 -30.12 -63.47 -31.40
N PHE H 92 -30.35 -62.64 -30.39
CA PHE H 92 -31.49 -62.86 -29.52
C PHE H 92 -32.75 -62.14 -30.01
N ALA H 93 -32.64 -61.30 -31.03
CA ALA H 93 -33.83 -60.77 -31.69
C ALA H 93 -34.24 -61.60 -32.90
N SER H 94 -33.34 -62.46 -33.40
CA SER H 94 -33.70 -63.34 -34.51
C SER H 94 -34.72 -64.39 -34.09
N ARG H 95 -34.57 -64.96 -32.89
CA ARG H 95 -35.44 -66.02 -32.40
C ARG H 95 -36.24 -65.54 -31.21
N GLY H 96 -37.51 -65.92 -31.15
CA GLY H 96 -38.39 -65.52 -30.06
C GLY H 96 -38.91 -64.11 -30.21
N GLN H 97 -39.48 -63.61 -29.12
CA GLN H 97 -39.96 -62.23 -29.09
C GLN H 97 -38.79 -61.25 -29.07
N GLY H 98 -37.64 -61.70 -28.54
CA GLY H 98 -36.50 -60.82 -28.35
C GLY H 98 -36.26 -60.58 -26.89
N VAL H 99 -35.01 -60.35 -26.49
CA VAL H 99 -34.68 -59.94 -25.13
C VAL H 99 -33.87 -58.66 -25.22
N VAL H 100 -33.74 -58.00 -24.07
CA VAL H 100 -32.98 -56.76 -23.95
C VAL H 100 -31.72 -57.06 -23.14
N VAL H 101 -30.58 -56.68 -23.67
CA VAL H 101 -29.30 -57.06 -23.09
C VAL H 101 -28.72 -55.87 -22.34
N GLN H 102 -28.51 -56.06 -21.03
CA GLN H 102 -28.05 -55.01 -20.14
C GLN H 102 -26.63 -55.27 -19.65
N VAL H 103 -25.91 -54.19 -19.42
CA VAL H 103 -24.47 -54.24 -19.20
C VAL H 103 -24.14 -53.54 -17.88
N SER H 104 -22.87 -53.67 -17.51
CA SER H 104 -22.27 -52.80 -16.51
C SER H 104 -20.77 -52.73 -16.78
N SER H 105 -20.12 -51.69 -16.25
CA SER H 105 -18.69 -51.51 -16.45
C SER H 105 -18.06 -50.93 -15.20
N ARG H 106 -16.82 -51.36 -14.93
CA ARG H 106 -16.15 -50.97 -13.69
C ARG H 106 -14.64 -51.09 -13.86
N ASP H 107 -13.91 -50.08 -13.39
CA ASP H 107 -12.45 -50.00 -13.54
C ASP H 107 -11.80 -50.11 -12.16
N VAL H 108 -11.47 -51.32 -11.73
CA VAL H 108 -10.95 -51.57 -10.40
C VAL H 108 -9.43 -51.48 -10.43
N PRO H 109 -8.81 -50.62 -9.62
CA PRO H 109 -7.35 -50.64 -9.51
C PRO H 109 -6.87 -51.87 -8.73
N LEU H 110 -5.68 -52.34 -9.10
CA LEU H 110 -5.01 -53.40 -8.38
C LEU H 110 -3.91 -52.84 -7.49
N SER H 111 -3.73 -53.46 -6.33
CA SER H 111 -2.70 -53.03 -5.39
C SER H 111 -2.30 -54.18 -4.50
N CYS H 112 -1.15 -54.01 -3.84
CA CYS H 112 -0.66 -54.96 -2.86
C CYS H 112 0.30 -54.23 -1.94
N GLU H 113 0.35 -54.68 -0.68
CA GLU H 113 1.41 -54.33 0.26
C GLU H 113 1.60 -55.50 1.21
N LYS H 114 2.82 -55.67 1.69
CA LYS H 114 3.17 -56.75 2.60
C LYS H 114 2.74 -56.40 4.02
N ARG H 115 2.09 -57.35 4.70
CA ARG H 115 1.71 -57.20 6.09
C ARG H 115 2.35 -58.31 6.91
N PRO H 116 2.71 -58.03 8.20
CA PRO H 116 3.29 -59.08 9.06
C PRO H 116 2.24 -59.95 9.76
N TYR H 117 1.25 -60.40 9.01
CA TYR H 117 0.24 -61.33 9.52
C TYR H 117 -0.40 -62.02 8.32
N GLY H 118 -0.67 -63.31 8.47
CA GLY H 118 -1.28 -64.07 7.39
C GLY H 118 -2.72 -63.69 7.16
N LEU H 119 -3.17 -63.90 5.92
CA LEU H 119 -4.50 -63.51 5.50
C LEU H 119 -5.12 -64.64 4.68
N GLN H 120 -6.40 -64.89 4.95
CA GLN H 120 -7.14 -66.03 4.40
C GLN H 120 -7.85 -65.61 3.12
N TYR H 121 -7.47 -66.24 2.01
CA TYR H 121 -7.99 -65.95 0.69
C TYR H 121 -8.46 -67.27 0.07
N THR H 122 -9.74 -67.38 -0.25
CA THR H 122 -10.24 -68.60 -0.87
C THR H 122 -10.40 -68.40 -2.36
N VAL H 123 -10.36 -69.50 -3.11
CA VAL H 123 -10.59 -69.48 -4.55
C VAL H 123 -11.50 -70.66 -4.89
N ALA H 124 -12.23 -70.54 -5.99
CA ALA H 124 -13.14 -71.58 -6.44
C ALA H 124 -12.88 -71.90 -7.90
N LYS H 125 -13.02 -73.19 -8.24
CA LYS H 125 -12.85 -73.71 -9.63
C LYS H 125 -11.48 -73.37 -10.24
N MET H 126 -10.38 -73.59 -9.49
CA MET H 126 -9.04 -73.28 -10.04
C MET H 126 -8.36 -74.59 -10.48
N VAL H 127 -7.97 -74.66 -11.76
CA VAL H 127 -7.29 -75.86 -12.36
C VAL H 127 -5.87 -75.95 -11.79
N VAL H 128 -5.37 -77.17 -11.56
CA VAL H 128 -4.02 -77.33 -11.02
C VAL H 128 -3.19 -78.39 -11.74
N GLN H 129 -3.79 -79.41 -12.36
CA GLN H 129 -3.05 -80.54 -12.89
C GLN H 129 -3.10 -80.50 -14.41
N LYS H 130 -1.93 -80.50 -15.06
CA LYS H 130 -1.88 -80.47 -16.51
C LYS H 130 -1.07 -81.59 -17.14
N LYS H 131 -0.07 -82.13 -16.47
CA LYS H 131 0.75 -83.18 -17.04
C LYS H 131 0.81 -84.34 -16.05
N HIS H 132 1.46 -85.43 -16.50
CA HIS H 132 1.56 -86.63 -15.66
C HIS H 132 2.42 -86.36 -14.43
N GLU H 133 3.41 -85.49 -14.57
CA GLU H 133 4.22 -85.08 -13.42
C GLU H 133 3.37 -84.33 -12.40
N HIS H 134 2.42 -83.52 -12.86
CA HIS H 134 1.50 -82.83 -11.95
C HIS H 134 0.60 -83.82 -11.23
N ARG H 135 0.24 -84.93 -11.89
CA ARG H 135 -0.47 -86.00 -11.21
C ARG H 135 0.43 -86.67 -10.16
N GLU H 136 1.71 -86.84 -10.47
CA GLU H 136 2.62 -87.50 -9.53
C GLU H 136 2.89 -86.64 -8.30
N ARG H 137 2.90 -85.31 -8.46
CA ARG H 137 3.00 -84.45 -7.29
C ARG H 137 1.72 -84.48 -6.46
N LEU H 138 0.57 -84.63 -7.11
CA LEU H 138 -0.70 -84.58 -6.40
C LEU H 138 -1.00 -85.83 -5.59
N ALA H 139 -0.25 -86.91 -5.79
CA ALA H 139 -0.52 -88.14 -5.05
C ALA H 139 -0.09 -88.02 -3.59
N ASN H 140 1.08 -87.44 -3.34
CA ASN H 140 1.62 -87.29 -2.00
C ASN H 140 1.41 -85.85 -1.52
N PRO H 141 0.84 -85.67 -0.32
CA PRO H 141 0.58 -84.29 0.16
C PRO H 141 1.82 -83.44 0.37
N GLU H 142 2.94 -84.04 0.76
CA GLU H 142 4.16 -83.28 1.03
C GLU H 142 4.73 -82.67 -0.25
N THR H 143 4.78 -83.46 -1.33
CA THR H 143 5.28 -82.93 -2.59
C THR H 143 4.20 -82.19 -3.38
N GLY H 144 2.95 -82.28 -2.98
CA GLY H 144 1.89 -81.53 -3.65
C GLY H 144 1.69 -80.16 -3.06
N LYS H 145 1.99 -80.05 -1.75
CA LYS H 145 1.88 -78.79 -1.04
C LYS H 145 2.81 -77.73 -1.63
N VAL H 146 4.09 -78.09 -1.82
CA VAL H 146 5.09 -77.13 -2.31
C VAL H 146 4.82 -76.79 -3.77
N PHE H 147 4.24 -77.73 -4.53
CA PHE H 147 3.85 -77.44 -5.91
C PHE H 147 2.73 -76.42 -5.95
N LEU H 148 1.74 -76.57 -5.07
CA LEU H 148 0.66 -75.59 -5.01
C LEU H 148 1.17 -74.23 -4.50
N GLU H 149 2.14 -74.25 -3.58
CA GLU H 149 2.80 -73.04 -3.11
C GLU H 149 3.44 -72.28 -4.26
N GLY H 150 4.29 -72.98 -5.02
CA GLY H 150 4.97 -72.38 -6.15
C GLY H 150 4.03 -71.95 -7.25
N LEU H 151 2.94 -72.69 -7.45
CA LEU H 151 1.96 -72.34 -8.47
C LEU H 151 1.23 -71.05 -8.13
N PHE H 152 0.75 -70.94 -6.88
CA PHE H 152 0.06 -69.73 -6.43
C PHE H 152 1.00 -68.52 -6.47
N LEU H 153 2.24 -68.72 -6.00
CA LEU H 153 3.21 -67.63 -6.03
C LEU H 153 3.48 -67.19 -7.47
N ARG H 154 3.89 -68.13 -8.35
CA ARG H 154 4.27 -67.77 -9.71
C ARG H 154 3.09 -67.22 -10.52
N SER H 155 1.85 -67.56 -10.17
CA SER H 155 0.70 -66.89 -10.78
C SER H 155 0.60 -65.44 -10.34
N LEU H 156 0.85 -65.16 -9.05
CA LEU H 156 0.83 -63.78 -8.56
C LEU H 156 1.90 -62.93 -9.24
N GLU H 157 3.13 -63.44 -9.30
CA GLU H 157 4.24 -62.73 -9.96
C GLU H 157 4.02 -62.57 -11.47
N ARG H 158 3.43 -63.58 -12.12
CA ARG H 158 3.14 -63.48 -13.55
C ARG H 158 2.12 -62.41 -13.84
N GLN H 159 1.04 -62.32 -13.06
CA GLN H 159 0.04 -61.35 -13.48
C GLN H 159 0.45 -59.94 -13.01
N ALA H 160 1.34 -59.86 -12.01
CA ALA H 160 2.03 -58.61 -11.67
C ALA H 160 2.89 -58.07 -12.77
N ALA H 161 3.75 -58.94 -13.30
CA ALA H 161 4.66 -58.54 -14.35
C ALA H 161 3.88 -58.20 -15.61
N ALA H 162 2.76 -58.90 -15.82
CA ALA H 162 1.93 -58.62 -16.98
C ALA H 162 1.16 -57.31 -16.83
N VAL H 163 0.72 -56.97 -15.61
CA VAL H 163 -0.03 -55.75 -15.42
C VAL H 163 0.89 -54.53 -15.37
N GLY H 164 2.19 -54.74 -15.13
CA GLY H 164 3.14 -53.66 -15.13
C GLY H 164 3.38 -53.00 -13.79
N MET H 165 3.17 -53.71 -12.68
CA MET H 165 3.43 -53.17 -11.35
C MET H 165 4.35 -54.11 -10.59
N VAL H 166 5.03 -53.58 -9.60
CA VAL H 166 6.02 -54.33 -8.84
C VAL H 166 5.38 -55.00 -7.62
N LEU H 167 5.64 -56.31 -7.47
CA LEU H 167 5.32 -57.06 -6.26
C LEU H 167 6.55 -57.24 -5.39
N PRO H 168 6.41 -57.06 -4.09
CA PRO H 168 7.49 -57.42 -3.16
C PRO H 168 7.75 -58.93 -3.19
N ARG H 169 9.02 -59.28 -3.32
CA ARG H 169 9.44 -60.65 -3.56
C ARG H 169 9.78 -61.40 -2.27
N ASP H 170 9.20 -60.98 -1.14
CA ASP H 170 9.43 -61.64 0.14
C ASP H 170 8.15 -62.28 0.68
N LEU H 171 7.18 -62.51 -0.19
CA LEU H 171 5.89 -63.06 0.25
C LEU H 171 6.02 -64.54 0.56
N VAL H 172 5.38 -64.97 1.64
CA VAL H 172 5.29 -66.38 1.99
C VAL H 172 3.81 -66.77 1.99
N VAL H 173 3.46 -67.72 1.14
CA VAL H 173 2.09 -68.19 1.04
C VAL H 173 1.99 -69.54 1.74
N SER H 174 0.76 -69.99 1.97
CA SER H 174 0.51 -71.30 2.54
C SER H 174 -0.86 -71.77 2.07
N PHE H 175 -1.02 -73.09 1.98
CA PHE H 175 -2.25 -73.70 1.49
C PHE H 175 -2.82 -74.59 2.59
N LYS H 176 -4.08 -74.32 2.98
CA LYS H 176 -4.71 -75.05 4.07
C LYS H 176 -5.45 -76.29 3.57
N GLY H 177 -6.31 -76.15 2.59
CA GLY H 177 -7.09 -77.28 2.11
C GLY H 177 -8.09 -76.83 1.07
N ALA H 178 -8.60 -77.83 0.34
CA ALA H 178 -9.60 -77.61 -0.69
C ALA H 178 -10.83 -78.46 -0.37
N GLU H 179 -12.01 -77.93 -0.70
CA GLU H 179 -13.24 -78.64 -0.37
C GLU H 179 -13.49 -79.84 -1.30
N ARG H 180 -13.31 -79.66 -2.61
CA ARG H 180 -13.64 -80.76 -3.52
C ARG H 180 -12.59 -80.87 -4.61
N VAL H 181 -12.63 -82.00 -5.33
CA VAL H 181 -11.76 -82.25 -6.46
C VAL H 181 -12.65 -82.62 -7.64
N SER H 182 -12.47 -81.94 -8.77
CA SER H 182 -13.31 -82.19 -9.93
C SER H 182 -12.50 -81.96 -11.20
N SER H 183 -13.04 -82.50 -12.30
CA SER H 183 -12.37 -82.40 -13.60
C SER H 183 -12.93 -81.25 -14.41
N VAL H 184 -12.11 -80.78 -15.35
CA VAL H 184 -12.45 -79.72 -16.27
C VAL H 184 -12.21 -80.24 -17.68
N LYS H 185 -13.23 -80.16 -18.52
CA LYS H 185 -13.15 -80.56 -19.92
C LYS H 185 -12.85 -79.33 -20.78
N LEU H 186 -11.86 -79.45 -21.66
CA LEU H 186 -11.54 -78.36 -22.56
C LEU H 186 -12.65 -78.17 -23.59
N ARG H 187 -13.06 -79.25 -24.24
CA ARG H 187 -14.21 -79.26 -25.13
C ARG H 187 -15.21 -80.30 -24.64
N PRO H 188 -16.51 -80.08 -24.86
CA PRO H 188 -17.49 -81.11 -24.49
C PRO H 188 -17.37 -82.35 -25.35
N ASP H 189 -17.76 -83.49 -24.76
CA ASP H 189 -17.71 -84.82 -25.37
C ASP H 189 -16.30 -85.17 -25.84
N SER H 190 -15.32 -84.84 -25.00
CA SER H 190 -13.94 -85.24 -25.20
C SER H 190 -13.51 -86.08 -24.00
N THR H 191 -12.75 -87.14 -24.27
CA THR H 191 -12.29 -88.00 -23.18
C THR H 191 -11.27 -87.30 -22.29
N LEU H 192 -10.50 -86.38 -22.88
CA LEU H 192 -9.45 -85.68 -22.09
C LEU H 192 -10.09 -84.75 -21.06
N ALA H 193 -9.65 -84.87 -19.80
CA ALA H 193 -10.08 -84.02 -18.72
C ALA H 193 -8.85 -83.67 -17.88
N HIS H 194 -8.95 -82.56 -17.15
CA HIS H 194 -7.83 -82.06 -16.35
C HIS H 194 -8.30 -81.83 -14.92
N GLY H 195 -7.46 -82.20 -13.96
CA GLY H 195 -7.83 -82.09 -12.56
C GLY H 195 -7.93 -80.65 -12.10
N SER H 196 -8.76 -80.43 -11.08
CA SER H 196 -9.02 -79.09 -10.57
C SER H 196 -9.52 -79.17 -9.14
N LEU H 197 -9.27 -78.11 -8.38
CA LEU H 197 -9.64 -78.01 -6.99
C LEU H 197 -10.83 -77.07 -6.83
N ARG H 198 -11.68 -77.34 -5.85
CA ARG H 198 -12.88 -76.56 -5.58
C ARG H 198 -12.83 -76.03 -4.16
N HIS H 199 -12.99 -74.70 -4.03
CA HIS H 199 -12.98 -73.96 -2.77
C HIS H 199 -11.68 -74.14 -2.01
N ALA H 200 -10.55 -73.97 -2.72
CA ALA H 200 -9.25 -74.04 -2.08
C ALA H 200 -9.01 -72.80 -1.24
N VAL H 201 -8.26 -72.96 -0.15
CA VAL H 201 -7.95 -71.87 0.76
C VAL H 201 -6.44 -71.66 0.77
N PHE H 202 -6.02 -70.42 0.56
CA PHE H 202 -4.62 -70.02 0.61
C PHE H 202 -4.47 -68.93 1.65
N GLU H 203 -3.26 -68.76 2.16
CA GLU H 203 -2.98 -67.79 3.21
C GLU H 203 -1.71 -67.04 2.86
N VAL H 204 -1.83 -65.74 2.65
CA VAL H 204 -0.71 -64.90 2.23
C VAL H 204 -0.54 -63.76 3.23
N ASN H 205 0.71 -63.50 3.61
CA ASN H 205 1.01 -62.42 4.56
C ASN H 205 0.65 -61.05 4.02
N ALA H 206 0.83 -60.84 2.71
CA ALA H 206 0.47 -59.58 2.09
C ALA H 206 -1.05 -59.51 1.88
N ARG H 207 -1.53 -58.31 1.57
CA ARG H 207 -2.92 -58.09 1.18
C ARG H 207 -2.95 -57.88 -0.32
N LEU H 208 -4.07 -58.28 -0.92
CA LEU H 208 -4.34 -58.08 -2.33
C LEU H 208 -5.60 -57.25 -2.49
N GLY H 209 -5.54 -56.22 -3.32
CA GLY H 209 -6.66 -55.29 -3.45
C GLY H 209 -7.20 -55.09 -4.85
N GLY H 210 -7.26 -56.17 -5.64
CA GLY H 210 -7.81 -56.07 -6.98
C GLY H 210 -8.35 -57.41 -7.48
N LEU H 211 -8.40 -57.59 -8.80
CA LEU H 211 -8.68 -58.90 -9.36
C LEU H 211 -7.36 -59.63 -9.58
N TRP H 212 -7.23 -60.83 -9.00
CA TRP H 212 -6.00 -61.60 -9.06
C TRP H 212 -6.38 -63.01 -9.49
N SER H 213 -5.81 -63.45 -10.62
CA SER H 213 -6.11 -64.75 -11.21
C SER H 213 -4.95 -65.69 -10.95
N VAL H 214 -5.27 -66.90 -10.54
CA VAL H 214 -4.26 -67.87 -10.17
C VAL H 214 -4.51 -69.14 -10.96
N GLY H 215 -3.41 -69.86 -11.28
CA GLY H 215 -3.41 -71.16 -11.95
C GLY H 215 -3.57 -71.13 -13.43
N PHE H 216 -4.01 -72.27 -13.96
CA PHE H 216 -4.04 -72.48 -15.40
C PHE H 216 -5.43 -72.21 -15.95
N LEU H 217 -5.48 -72.03 -17.28
CA LEU H 217 -6.70 -71.77 -18.05
C LEU H 217 -7.44 -70.53 -17.55
N LEU H 218 -6.72 -69.42 -17.50
CA LEU H 218 -7.29 -68.18 -16.95
C LEU H 218 -8.28 -67.55 -17.92
N SER H 219 -8.02 -67.65 -19.23
CA SER H 219 -8.92 -67.07 -20.21
C SER H 219 -10.25 -67.82 -20.33
N LYS H 220 -10.30 -69.06 -19.87
CA LYS H 220 -11.53 -69.84 -19.86
C LYS H 220 -12.43 -69.47 -18.69
N GLY H 221 -11.92 -68.71 -17.73
CA GLY H 221 -12.73 -68.29 -16.60
C GLY H 221 -12.59 -69.20 -15.39
N PHE H 222 -11.37 -69.55 -15.02
CA PHE H 222 -11.13 -70.42 -13.88
C PHE H 222 -10.08 -69.78 -12.97
N GLY H 223 -10.31 -69.91 -11.67
CA GLY H 223 -9.34 -69.47 -10.68
C GLY H 223 -9.09 -67.98 -10.60
N HIS H 224 -10.12 -67.16 -10.82
CA HIS H 224 -10.05 -65.76 -10.42
C HIS H 224 -11.27 -65.43 -9.55
N ILE H 225 -11.03 -64.79 -8.41
CA ILE H 225 -12.08 -64.15 -7.63
C ILE H 225 -11.56 -62.78 -7.19
N ASN H 226 -12.48 -61.86 -6.93
CA ASN H 226 -12.11 -60.50 -6.57
C ASN H 226 -11.64 -60.46 -5.12
N THR H 227 -10.39 -60.04 -4.94
CA THR H 227 -9.80 -60.02 -3.62
C THR H 227 -10.30 -58.84 -2.79
N ASP H 228 -10.85 -57.83 -3.44
CA ASP H 228 -11.47 -56.73 -2.71
C ASP H 228 -12.73 -57.19 -1.98
N LEU H 229 -13.48 -58.10 -2.60
CA LEU H 229 -14.76 -58.51 -2.05
C LEU H 229 -14.59 -59.40 -0.82
N GLN H 230 -13.58 -60.27 -0.83
CA GLN H 230 -13.34 -61.11 0.33
C GLN H 230 -12.78 -60.33 1.51
N LEU H 231 -12.16 -59.18 1.24
CA LEU H 231 -11.34 -58.44 2.21
C LEU H 231 -12.16 -57.95 3.40
N GLY H 232 -11.89 -58.50 4.57
CA GLY H 232 -12.67 -58.18 5.76
C GLY H 232 -14.11 -58.61 5.68
N GLN H 233 -14.37 -59.72 4.99
CA GLN H 233 -15.73 -60.16 4.69
C GLN H 233 -15.82 -61.67 4.85
N GLY H 234 -16.85 -62.12 5.56
CA GLY H 234 -17.13 -63.53 5.71
C GLY H 234 -18.57 -63.88 5.38
P 23G I 61 -5.14 -69.14 -22.50
N1 23G I 61 -4.60 -77.24 -22.51
C2 23G I 61 -5.17 -77.16 -23.72
N2 23G I 61 -5.14 -78.24 -24.52
N3 23G I 61 -5.76 -76.03 -24.17
C4 23G I 61 -5.82 -74.91 -23.42
C5 23G I 61 -5.22 -74.93 -22.07
C6 23G I 61 -4.59 -76.21 -21.65
O6 23G I 61 -4.05 -76.32 -20.52
N7 23G I 61 -5.41 -73.72 -21.54
C8 23G I 61 -6.08 -72.97 -22.45
N9 23G I 61 -6.33 -73.68 -23.57
PC 23G I 61 -10.50 -72.35 -25.82
C1' 23G I 61 -7.02 -73.16 -24.77
C2' 23G I 61 -8.43 -72.71 -24.40
O2' 23G I 61 -9.41 -73.36 -25.19
C3' 23G I 61 -8.50 -71.22 -24.75
O3' 23G I 61 -9.52 -71.08 -25.73
C4' 23G I 61 -7.16 -70.88 -25.38
O4' 23G I 61 -6.32 -72.03 -25.26
C5' 23G I 61 -6.51 -69.69 -24.68
O5' 23G I 61 -6.09 -70.10 -23.39
OC1 23G I 61 -11.62 -72.18 -24.83
OC2 23G I 61 -10.79 -72.66 -27.27
OP1 23G I 61 -5.56 -67.71 -22.73
OP2 23G I 61 -5.08 -69.70 -21.10
N PRO L 4 51.84 9.92 21.61
CA PRO L 4 50.57 9.56 22.23
C PRO L 4 50.41 10.13 23.64
N ALA L 5 50.46 11.46 23.75
CA ALA L 5 50.29 12.12 25.04
C ALA L 5 48.85 11.99 25.52
N ASP L 6 48.68 11.91 26.85
CA ASP L 6 47.42 11.61 27.53
C ASP L 6 46.80 10.32 26.98
N ALA L 7 47.53 9.23 27.15
CA ALA L 7 47.20 7.97 26.50
C ALA L 7 46.07 7.24 27.23
N LEU L 8 45.29 6.51 26.45
CA LEU L 8 44.43 5.48 27.00
C LEU L 8 45.28 4.26 27.36
N PRO L 9 44.83 3.46 28.33
CA PRO L 9 45.60 2.25 28.68
C PRO L 9 45.59 1.23 27.54
N GLY L 10 46.79 0.78 27.18
CA GLY L 10 46.91 -0.22 26.13
C GLY L 10 46.78 0.30 24.71
N GLU L 11 46.79 1.62 24.52
CA GLU L 11 46.73 2.19 23.18
C GLU L 11 48.09 2.06 22.46
N GLY L 12 49.16 1.79 23.19
CA GLY L 12 50.47 1.65 22.56
C GLY L 12 50.60 0.40 21.70
N ALA L 13 49.77 -0.60 21.97
CA ALA L 13 49.71 -1.81 21.15
C ALA L 13 48.62 -1.75 20.09
N VAL L 14 47.94 -0.63 20.01
CA VAL L 14 46.91 -0.36 19.01
C VAL L 14 47.55 0.24 17.76
N ARG L 15 47.11 -0.24 16.59
CA ARG L 15 47.60 0.27 15.31
C ARG L 15 47.29 1.76 15.14
N GLU L 16 48.19 2.46 14.41
CA GLU L 16 48.14 3.91 14.34
C GLU L 16 46.96 4.43 13.53
N VAL L 17 46.49 3.62 12.57
CA VAL L 17 45.36 4.00 11.67
C VAL L 17 44.06 4.18 12.47
N LEU L 18 43.84 3.35 13.49
CA LEU L 18 42.58 3.37 14.28
C LEU L 18 42.71 4.17 15.58
N ARG L 19 43.82 4.89 15.79
CA ARG L 19 44.00 5.63 17.07
C ARG L 19 42.87 6.66 17.25
N PRO L 20 42.51 7.47 16.23
CA PRO L 20 41.40 8.44 16.33
C PRO L 20 40.02 7.80 16.53
N LEU L 21 39.80 6.62 15.94
CA LEU L 21 38.54 5.90 16.18
C LEU L 21 38.43 5.46 17.63
N LEU L 22 39.57 5.11 18.26
CA LEU L 22 39.57 4.80 19.69
C LEU L 22 39.20 6.02 20.52
N LYS L 23 39.79 7.17 20.19
CA LYS L 23 39.53 8.39 20.94
C LYS L 23 38.07 8.79 20.85
N GLN L 24 37.51 8.70 19.64
CA GLN L 24 36.11 9.04 19.43
C GLN L 24 35.17 8.04 20.09
N ALA L 25 35.51 6.74 20.01
CA ALA L 25 34.68 5.71 20.64
C ALA L 25 34.69 5.84 22.16
N ALA L 26 35.86 6.11 22.74
CA ALA L 26 35.96 6.32 24.19
C ALA L 26 35.20 7.56 24.63
N GLU L 27 35.26 8.63 23.83
CA GLU L 27 34.58 9.87 24.19
C GLU L 27 33.06 9.72 24.15
N LYS L 28 32.53 9.07 23.09
CA LYS L 28 31.08 8.97 23.00
C LYS L 28 30.54 7.82 23.85
N THR L 29 31.38 6.83 24.19
CA THR L 29 30.94 5.78 25.11
C THR L 29 30.95 6.29 26.55
N ALA L 30 31.91 7.15 26.88
CA ALA L 30 31.91 7.77 28.21
C ALA L 30 30.79 8.78 28.36
N ALA L 31 30.28 9.30 27.25
CA ALA L 31 29.13 10.21 27.28
C ALA L 31 27.80 9.46 27.41
N GLY L 32 27.81 8.14 27.32
CA GLY L 32 26.61 7.33 27.48
C GLY L 32 25.99 6.86 26.18
N LYS L 33 26.50 7.28 25.03
CA LYS L 33 25.93 6.88 23.76
C LYS L 33 26.35 5.47 23.38
N ILE L 34 25.54 4.84 22.54
CA ILE L 34 25.86 3.52 21.99
C ILE L 34 26.62 3.75 20.69
N VAL L 35 27.92 3.45 20.72
CA VAL L 35 28.82 3.77 19.59
C VAL L 35 28.76 2.69 18.50
N PHE L 36 28.50 3.12 17.26
CA PHE L 36 28.56 2.21 16.10
C PHE L 36 29.97 2.39 15.53
N ALA L 37 30.84 1.41 15.76
CA ALA L 37 32.25 1.53 15.31
C ALA L 37 32.53 0.46 14.26
N GLU L 38 33.07 0.88 13.11
CA GLU L 38 33.37 -0.07 12.05
C GLU L 38 34.84 0.04 11.68
N ALA L 39 35.50 -1.12 11.62
CA ALA L 39 36.93 -1.19 11.33
C ALA L 39 37.22 -2.49 10.60
N ALA L 40 38.22 -2.46 9.72
CA ALA L 40 38.50 -3.62 8.88
C ALA L 40 39.09 -4.77 9.70
N THR L 41 39.18 -5.94 9.06
CA THR L 41 39.51 -7.17 9.77
C THR L 41 40.96 -7.19 10.23
N GLY L 42 41.88 -6.77 9.37
CA GLY L 42 43.29 -6.79 9.71
C GLY L 42 43.79 -5.58 10.46
N THR L 43 42.90 -4.69 10.88
CA THR L 43 43.29 -3.45 11.54
C THR L 43 43.57 -3.62 13.03
N GLY L 44 43.37 -4.81 13.58
CA GLY L 44 43.64 -5.04 14.99
C GLY L 44 42.55 -4.49 15.89
N LYS L 45 41.34 -5.01 15.74
CA LYS L 45 40.22 -4.52 16.55
C LYS L 45 40.27 -5.08 17.98
N GLY L 46 40.93 -6.22 18.18
CA GLY L 46 41.00 -6.78 19.52
C GLY L 46 41.78 -5.93 20.50
N ARG L 47 42.86 -5.32 19.99
CA ARG L 47 43.69 -4.40 20.82
C ARG L 47 42.82 -3.21 21.24
N MET L 48 42.01 -2.70 20.31
CA MET L 48 41.11 -1.55 20.57
C MET L 48 40.09 -1.92 21.65
N ILE L 49 39.53 -3.13 21.58
CA ILE L 49 38.53 -3.58 22.59
C ILE L 49 39.25 -3.60 23.95
N ALA L 50 40.49 -4.10 23.95
CA ALA L 50 41.34 -4.12 25.14
C ALA L 50 41.57 -2.72 25.70
N SER L 51 41.89 -1.76 24.83
CA SER L 51 42.13 -0.39 25.28
C SER L 51 40.85 0.26 25.78
N LEU L 52 39.75 0.04 25.08
CA LEU L 52 38.49 0.65 25.46
C LEU L 52 37.95 0.10 26.78
N ALA L 53 38.03 -1.23 26.96
CA ALA L 53 37.59 -1.85 28.20
C ALA L 53 38.50 -1.47 29.36
N ALA L 54 39.80 -1.31 29.11
CA ALA L 54 40.72 -0.86 30.16
C ALA L 54 40.41 0.57 30.60
N ALA L 55 40.25 1.48 29.63
CA ALA L 55 40.01 2.88 29.95
C ALA L 55 38.65 3.07 30.61
N ALA L 56 37.67 2.25 30.25
CA ALA L 56 36.39 2.28 30.96
C ALA L 56 36.50 1.65 32.34
N ALA L 57 37.40 0.65 32.49
CA ALA L 57 37.51 -0.07 33.75
C ALA L 57 38.14 0.77 34.84
N ILE L 58 39.10 1.63 34.48
CA ILE L 58 39.74 2.44 35.52
C ILE L 58 38.86 3.60 35.98
N LYS L 59 37.73 3.86 35.30
CA LYS L 59 36.76 4.82 35.79
C LYS L 59 35.93 4.28 36.95
N GLY L 60 36.04 2.99 37.25
CA GLY L 60 35.17 2.34 38.22
C GLY L 60 33.99 1.61 37.62
N ASP L 61 33.96 1.46 36.30
CA ASP L 61 32.81 0.87 35.62
C ASP L 61 32.88 -0.65 35.62
N THR L 62 31.73 -1.28 35.80
CA THR L 62 31.60 -2.71 35.55
C THR L 62 31.45 -2.89 34.05
N VAL L 63 32.49 -3.43 33.42
CA VAL L 63 32.60 -3.47 31.96
C VAL L 63 32.37 -4.91 31.50
N VAL L 64 31.49 -5.06 30.51
CA VAL L 64 31.15 -6.35 29.93
C VAL L 64 31.56 -6.32 28.47
N VAL L 65 32.34 -7.32 28.05
CA VAL L 65 32.73 -7.47 26.66
C VAL L 65 32.07 -8.72 26.12
N SER L 66 31.22 -8.55 25.11
CA SER L 66 30.47 -9.63 24.50
C SER L 66 31.09 -9.96 23.14
N ALA L 67 31.45 -11.22 22.93
CA ALA L 67 32.20 -11.58 21.73
C ALA L 67 32.01 -13.06 21.46
N PRO L 68 32.17 -13.51 20.21
CA PRO L 68 32.13 -14.95 19.94
C PRO L 68 33.28 -15.68 20.62
N LEU L 69 33.07 -16.99 20.86
CA LEU L 69 33.97 -17.75 21.72
C LEU L 69 35.32 -18.00 21.06
N ALA L 70 35.38 -17.98 19.72
CA ALA L 70 36.67 -18.06 19.03
C ALA L 70 37.45 -16.77 19.21
N VAL L 71 36.76 -15.63 19.24
CA VAL L 71 37.38 -14.32 19.41
C VAL L 71 37.83 -14.12 20.85
N THR L 72 37.26 -14.91 21.76
CA THR L 72 37.44 -14.72 23.20
C THR L 72 38.88 -14.95 23.64
N TRP L 73 39.54 -15.99 23.10
CA TRP L 73 40.92 -16.27 23.46
C TRP L 73 41.86 -15.16 23.01
N GLN L 74 41.68 -14.65 21.80
CA GLN L 74 42.45 -13.51 21.34
C GLN L 74 42.18 -12.31 22.24
N LEU L 75 40.92 -12.07 22.59
CA LEU L 75 40.54 -10.90 23.40
C LEU L 75 41.15 -10.94 24.80
N VAL L 76 41.13 -12.09 25.46
CA VAL L 76 41.77 -12.19 26.78
C VAL L 76 43.29 -12.09 26.64
N ASN L 77 43.82 -12.45 25.47
CA ASN L 77 45.25 -12.27 25.27
C ASN L 77 45.61 -10.79 25.02
N ASP L 78 44.72 -10.03 24.36
CA ASP L 78 45.04 -8.61 24.18
C ASP L 78 44.86 -7.82 25.47
N MET L 79 44.12 -8.37 26.43
CA MET L 79 43.92 -7.68 27.71
C MET L 79 44.46 -8.51 28.87
N LYS L 80 45.52 -9.28 28.62
CA LYS L 80 46.16 -10.01 29.70
C LYS L 80 47.20 -9.17 30.43
N ASP L 81 48.03 -8.43 29.69
CA ASP L 81 49.26 -7.89 30.24
C ASP L 81 49.28 -6.37 30.45
N ILE L 82 48.23 -5.66 30.05
CA ILE L 82 48.20 -4.23 30.37
C ILE L 82 47.89 -4.06 31.85
N PRO L 83 48.53 -3.11 32.56
CA PRO L 83 48.48 -3.13 34.03
C PRO L 83 47.15 -2.70 34.63
N GLU L 84 46.32 -1.96 33.88
CA GLU L 84 45.09 -1.43 34.44
C GLU L 84 44.06 -2.53 34.68
N VAL L 85 43.96 -3.47 33.75
CA VAL L 85 43.03 -4.57 33.97
C VAL L 85 43.68 -5.66 34.79
N ARG L 86 45.01 -5.60 34.93
CA ARG L 86 45.67 -6.40 35.95
C ARG L 86 45.28 -5.94 37.34
N ARG L 87 45.11 -4.62 37.51
CA ARG L 87 44.65 -4.11 38.79
C ARG L 87 43.16 -4.37 39.02
N VAL L 88 42.33 -4.12 37.99
CA VAL L 88 40.88 -4.26 38.21
C VAL L 88 40.39 -5.68 37.94
N GLY L 89 41.22 -6.55 37.40
CA GLY L 89 40.80 -7.94 37.24
C GLY L 89 40.01 -8.17 35.97
N LEU L 90 40.17 -9.37 35.41
CA LEU L 90 39.42 -9.81 34.24
C LEU L 90 38.91 -11.21 34.51
N THR L 91 37.62 -11.43 34.23
CA THR L 91 36.96 -12.75 34.45
C THR L 91 36.17 -13.14 33.19
N LEU L 92 35.91 -14.44 33.01
CA LEU L 92 35.16 -14.96 31.85
C LEU L 92 33.89 -15.68 32.33
N SER L 93 32.75 -15.41 31.68
CA SER L 93 31.45 -16.04 32.06
C SER L 93 31.07 -17.11 31.04
N LEU L 94 30.77 -18.32 31.52
CA LEU L 94 30.42 -19.45 30.68
C LEU L 94 29.11 -20.09 31.15
N GLY L 95 28.34 -20.61 30.21
CA GLY L 95 27.17 -21.39 30.55
C GLY L 95 27.47 -22.87 30.59
N ARG L 96 26.38 -23.64 30.64
CA ARG L 96 26.47 -25.10 30.60
C ARG L 96 27.15 -25.70 29.37
N PRO L 97 26.89 -25.27 28.13
CA PRO L 97 27.57 -25.94 27.00
C PRO L 97 29.00 -25.54 26.79
N ASN L 98 29.64 -24.93 27.78
CA ASN L 98 31.08 -24.86 27.85
C ASN L 98 31.69 -25.95 28.74
N PHE L 99 30.87 -26.81 29.33
CA PHE L 99 31.39 -27.85 30.21
C PHE L 99 30.97 -29.25 29.74
N ILE L 100 31.74 -30.25 30.17
CA ILE L 100 31.55 -31.64 29.79
C ILE L 100 30.95 -32.39 30.97
N SER L 101 30.16 -33.42 30.69
CA SER L 101 29.63 -34.27 31.75
C SER L 101 30.67 -35.34 32.09
N PRO L 102 31.17 -35.41 33.33
CA PRO L 102 32.26 -36.36 33.64
C PRO L 102 31.85 -37.83 33.59
N GLN L 103 30.68 -38.18 34.12
CA GLN L 103 30.30 -39.59 34.20
C GLN L 103 29.94 -40.16 32.84
N ARG L 104 29.21 -39.39 32.03
CA ARG L 104 28.82 -39.86 30.70
C ARG L 104 30.03 -39.99 29.78
N THR L 105 30.96 -39.03 29.86
CA THR L 105 32.17 -39.14 29.08
C THR L 105 33.09 -40.24 29.62
N LEU L 106 32.99 -40.55 30.92
CA LEU L 106 33.70 -41.71 31.47
C LEU L 106 33.18 -43.00 30.88
N GLU L 107 31.87 -43.12 30.86
CA GLU L 107 31.19 -44.28 30.29
C GLU L 107 31.47 -44.41 28.81
N TRP L 108 31.61 -43.29 28.09
CA TRP L 108 31.95 -43.36 26.67
C TRP L 108 33.43 -43.72 26.46
N ALA L 109 34.33 -43.23 27.32
CA ALA L 109 35.74 -43.53 27.17
C ALA L 109 36.05 -44.98 27.49
N ILE L 110 35.32 -45.57 28.45
CA ILE L 110 35.44 -47.00 28.70
C ILE L 110 34.87 -47.80 27.53
N ASP L 111 33.76 -47.32 26.96
CA ASP L 111 33.10 -48.05 25.87
C ASP L 111 33.91 -48.05 24.59
N ASN L 112 34.55 -46.92 24.27
CA ASN L 112 35.31 -46.79 23.04
C ASN L 112 36.81 -46.99 23.23
N GLU L 113 37.25 -47.33 24.44
CA GLU L 113 38.63 -47.66 24.80
C GLU L 113 39.59 -46.51 24.48
N ARG L 114 39.26 -45.34 25.02
CA ARG L 114 40.10 -44.15 24.90
C ARG L 114 40.83 -43.96 26.22
N ALA L 115 42.13 -44.24 26.21
CA ALA L 115 42.90 -44.26 27.46
C ALA L 115 43.18 -42.85 27.97
N ASP L 116 43.45 -41.91 27.06
CA ASP L 116 43.83 -40.57 27.50
C ASP L 116 42.64 -39.78 28.02
N LEU L 117 41.47 -39.92 27.38
CA LEU L 117 40.26 -39.29 27.88
C LEU L 117 39.90 -39.84 29.25
N ALA L 118 39.99 -41.17 29.41
CA ALA L 118 39.68 -41.81 30.69
C ALA L 118 40.68 -41.46 31.78
N ALA L 119 41.95 -41.30 31.41
CA ALA L 119 42.95 -40.89 32.39
C ALA L 119 42.84 -39.42 32.74
N TRP L 120 42.30 -38.60 31.84
CA TRP L 120 42.10 -37.18 32.13
C TRP L 120 40.93 -36.97 33.08
N ILE L 121 39.84 -37.69 32.89
CA ILE L 121 38.66 -37.49 33.73
C ILE L 121 38.87 -38.09 35.12
N GLU L 122 39.64 -39.18 35.22
CA GLU L 122 39.98 -39.74 36.51
C GLU L 122 41.11 -38.90 37.08
N GLY L 123 40.79 -38.03 38.02
CA GLY L 123 41.73 -37.05 38.51
C GLY L 123 41.27 -35.62 38.42
N GLY L 124 39.98 -35.37 38.18
CA GLY L 124 39.43 -34.04 38.25
C GLY L 124 39.17 -33.35 36.93
N GLY L 125 39.64 -33.91 35.82
CA GLY L 125 39.45 -33.25 34.52
C GLY L 125 40.21 -31.95 34.40
N LYS L 126 41.50 -31.97 34.75
CA LYS L 126 42.31 -30.77 34.82
C LYS L 126 42.54 -30.19 33.42
N PRO L 127 42.72 -28.87 33.31
CA PRO L 127 42.97 -28.26 32.00
C PRO L 127 44.29 -28.71 31.40
N LEU L 128 44.25 -29.05 30.11
CA LEU L 128 45.41 -29.57 29.40
C LEU L 128 45.85 -28.73 28.21
N SER L 129 44.93 -28.13 27.48
CA SER L 129 45.29 -27.25 26.37
C SER L 129 45.85 -25.95 26.91
N LEU L 130 46.71 -25.31 26.11
CA LEU L 130 47.41 -24.10 26.56
C LEU L 130 46.43 -22.97 26.84
N ARG L 131 45.40 -22.83 25.99
CA ARG L 131 44.39 -21.78 26.17
C ARG L 131 43.65 -21.93 27.49
N SER L 132 43.36 -23.19 27.88
CA SER L 132 42.67 -23.47 29.12
C SER L 132 43.49 -23.07 30.34
N MET L 133 44.80 -23.38 30.35
CA MET L 133 45.60 -23.07 31.53
C MET L 133 45.90 -21.58 31.65
N GLU L 134 46.20 -20.89 30.54
CA GLU L 134 46.45 -19.45 30.68
C GLU L 134 45.15 -18.69 30.97
N THR L 135 44.01 -19.14 30.44
CA THR L 135 42.75 -18.51 30.83
C THR L 135 42.40 -18.84 32.28
N SER L 136 42.78 -20.02 32.77
CA SER L 136 42.57 -20.35 34.17
C SER L 136 43.44 -19.49 35.08
N LYS L 137 44.65 -19.15 34.61
CA LYS L 137 45.50 -18.24 35.37
C LYS L 137 44.95 -16.82 35.36
N VAL L 138 44.37 -16.38 34.24
CA VAL L 138 43.84 -15.02 34.15
C VAL L 138 42.57 -14.87 35.00
N ILE L 139 41.65 -15.84 34.89
CA ILE L 139 40.40 -15.81 35.66
C ILE L 139 40.67 -16.03 37.15
N SER L 140 41.76 -16.75 37.47
CA SER L 140 42.03 -17.35 38.78
C SER L 140 40.89 -18.29 39.20
N HIS L 141 40.34 -19.02 38.23
CA HIS L 141 39.49 -20.16 38.47
C HIS L 141 39.98 -21.29 37.55
N GLU L 142 40.12 -22.49 38.12
CA GLU L 142 40.61 -23.63 37.37
C GLU L 142 39.51 -24.11 36.43
N LEU L 143 39.72 -23.91 35.12
CA LEU L 143 38.72 -24.24 34.11
C LEU L 143 38.80 -25.72 33.79
N CYS L 144 38.30 -26.53 34.71
CA CYS L 144 38.19 -27.96 34.50
C CYS L 144 37.00 -28.26 33.59
N TRP L 145 36.99 -29.48 33.06
CA TRP L 145 35.85 -30.10 32.39
C TRP L 145 35.37 -29.34 31.16
N LEU L 146 36.25 -28.68 30.43
CA LEU L 146 35.83 -27.91 29.28
C LEU L 146 35.76 -28.83 28.05
N LEU L 147 35.03 -28.42 27.01
CA LEU L 147 34.83 -29.31 25.85
C LEU L 147 36.09 -29.47 25.03
N GLU L 148 36.84 -28.39 24.81
CA GLU L 148 37.96 -28.46 23.86
C GLU L 148 39.10 -29.31 24.39
N ASP L 149 39.25 -29.40 25.72
CA ASP L 149 40.17 -30.38 26.30
C ASP L 149 39.70 -31.80 26.05
N ALA L 150 38.38 -32.02 26.08
CA ALA L 150 37.85 -33.35 25.74
C ALA L 150 38.00 -33.64 24.25
N LEU L 151 37.81 -32.63 23.41
CA LEU L 151 37.89 -32.81 21.96
C LEU L 151 39.33 -32.98 21.51
N LEU L 152 40.29 -32.40 22.24
CA LEU L 152 41.69 -32.57 21.89
C LEU L 152 42.14 -34.01 22.11
N LEU L 153 41.57 -34.68 23.11
CA LEU L 153 41.90 -36.07 23.35
C LEU L 153 41.12 -37.02 22.45
N ALA L 154 39.90 -36.64 22.07
CA ALA L 154 39.08 -37.46 21.17
C ALA L 154 38.21 -36.49 20.36
N GLU L 155 38.57 -36.30 19.08
CA GLU L 155 37.82 -35.37 18.24
C GLU L 155 36.46 -35.91 17.86
N ASP L 156 36.28 -37.23 17.86
CA ASP L 156 35.06 -37.85 17.39
C ASP L 156 34.07 -38.17 18.51
N LEU L 157 34.15 -37.46 19.64
CA LEU L 157 33.23 -37.75 20.73
C LEU L 157 31.84 -37.20 20.40
N PRO L 158 30.77 -37.93 20.73
CA PRO L 158 29.42 -37.43 20.48
C PRO L 158 29.11 -36.32 21.46
N ALA L 159 29.46 -35.09 21.07
CA ALA L 159 29.42 -33.93 21.96
C ALA L 159 28.05 -33.79 22.62
N ASP L 160 26.99 -33.60 21.81
CA ASP L 160 25.65 -33.25 22.30
C ASP L 160 25.09 -34.28 23.28
N SER L 161 25.56 -35.53 23.20
CA SER L 161 25.22 -36.54 24.19
C SER L 161 25.98 -36.37 25.50
N LEU L 162 27.18 -35.78 25.39
CA LEU L 162 28.07 -35.55 26.57
C LEU L 162 28.01 -34.09 26.99
N LEU L 163 27.24 -33.27 26.27
CA LEU L 163 27.13 -31.83 26.61
C LEU L 163 26.47 -31.74 28.00
N LEU L 164 26.99 -30.87 28.87
CA LEU L 164 26.42 -30.74 30.23
C LEU L 164 24.97 -30.24 30.10
N THR L 165 24.05 -30.86 30.84
CA THR L 165 22.66 -30.46 30.80
C THR L 165 22.27 -29.83 32.14
N SER L 166 21.10 -29.19 32.17
CA SER L 166 20.58 -28.66 33.41
C SER L 166 20.06 -29.73 34.34
N GLU L 167 19.81 -30.93 33.83
CA GLU L 167 19.29 -32.02 34.61
C GLU L 167 20.39 -32.82 35.27
N ASP L 168 21.66 -32.51 35.04
CA ASP L 168 22.75 -33.28 35.66
C ASP L 168 22.75 -33.09 37.18
N PRO L 169 23.19 -34.10 37.94
CA PRO L 169 23.07 -34.02 39.41
C PRO L 169 23.98 -32.97 40.02
N ALA L 170 23.62 -32.54 41.23
CA ALA L 170 24.32 -31.42 41.85
C ALA L 170 25.67 -31.83 42.43
N ASP L 171 25.93 -33.13 42.56
CA ASP L 171 27.18 -33.57 43.17
C ASP L 171 28.33 -33.72 42.17
N CYS L 172 28.05 -33.61 40.87
CA CYS L 172 29.13 -33.75 39.90
C CYS L 172 29.99 -32.48 39.88
N PRO L 173 31.31 -32.62 39.66
CA PRO L 173 32.19 -31.45 39.75
C PRO L 173 31.99 -30.44 38.63
N ALA L 174 31.45 -30.84 37.48
CA ALA L 174 31.26 -29.91 36.37
C ALA L 174 30.15 -28.90 36.66
N GLN L 175 28.99 -29.39 37.13
CA GLN L 175 27.90 -28.47 37.47
C GLN L 175 28.23 -27.65 38.70
N GLN L 176 28.97 -28.24 39.65
CA GLN L 176 29.46 -27.48 40.81
C GLN L 176 30.37 -26.35 40.37
N LEU L 177 31.28 -26.63 39.42
CA LEU L 177 32.20 -25.61 38.92
C LEU L 177 31.44 -24.53 38.16
N TYR L 178 30.45 -24.90 37.35
CA TYR L 178 29.67 -23.93 36.60
C TYR L 178 28.85 -23.04 37.52
N VAL L 179 28.19 -23.64 38.52
CA VAL L 179 27.36 -22.87 39.46
C VAL L 179 28.23 -21.97 40.33
N ALA L 180 29.43 -22.44 40.71
CA ALA L 180 30.35 -21.62 41.47
C ALA L 180 30.91 -20.46 40.64
N MET L 181 31.20 -20.70 39.36
CA MET L 181 31.71 -19.66 38.48
C MET L 181 30.63 -18.74 37.95
N ARG L 182 29.35 -19.04 38.22
CA ARG L 182 28.28 -18.08 37.93
C ARG L 182 28.43 -16.77 38.69
N SER L 183 29.16 -16.75 39.81
CA SER L 183 29.45 -15.52 40.52
C SER L 183 30.80 -14.91 40.13
N ASN L 184 31.23 -15.08 38.87
CA ASN L 184 32.53 -14.55 38.46
C ASN L 184 32.51 -13.04 38.28
N TYR L 185 31.35 -12.46 37.97
CA TYR L 185 31.24 -11.02 37.76
C TYR L 185 31.43 -10.22 39.04
N THR L 186 31.36 -10.85 40.21
CA THR L 186 31.59 -10.15 41.47
C THR L 186 33.06 -9.78 41.64
N GLU L 187 33.98 -10.66 41.25
CA GLU L 187 35.38 -10.57 41.65
C GLU L 187 36.27 -9.93 40.58
N ALA L 188 35.69 -9.36 39.53
CA ALA L 188 36.52 -8.70 38.52
C ALA L 188 35.73 -7.55 37.91
N GLY L 189 36.46 -6.59 37.35
CA GLY L 189 35.86 -5.40 36.78
C GLY L 189 35.40 -5.56 35.34
N ILE L 190 36.07 -6.44 34.60
CA ILE L 190 35.73 -6.71 33.20
C ILE L 190 35.36 -8.18 33.08
N ILE L 191 34.20 -8.43 32.47
CA ILE L 191 33.64 -9.75 32.31
C ILE L 191 33.48 -10.02 30.83
N LEU L 192 34.18 -11.02 30.31
CA LEU L 192 33.97 -11.45 28.94
C LEU L 192 32.86 -12.50 28.91
N CYS L 193 32.05 -12.45 27.86
CA CYS L 193 31.01 -13.43 27.67
C CYS L 193 30.69 -13.51 26.19
N SER L 194 29.78 -14.41 25.85
CA SER L 194 29.32 -14.49 24.48
C SER L 194 28.16 -13.52 24.27
N HIS L 195 27.83 -13.32 22.99
CA HIS L 195 26.62 -12.63 22.58
C HIS L 195 25.38 -13.30 23.16
N PHE L 196 25.43 -14.61 23.21
CA PHE L 196 24.29 -15.46 23.51
C PHE L 196 24.14 -15.58 25.01
N MET L 197 25.25 -15.45 25.73
CA MET L 197 25.22 -15.32 27.17
C MET L 197 24.60 -13.99 27.58
N LEU L 198 24.95 -12.91 26.87
CA LEU L 198 24.35 -11.60 27.11
C LEU L 198 22.86 -11.61 26.79
N ALA L 199 22.46 -12.32 25.74
CA ALA L 199 21.05 -12.38 25.39
C ALA L 199 20.26 -13.25 26.37
N ALA L 200 20.89 -14.31 26.88
CA ALA L 200 20.28 -15.11 27.95
C ALA L 200 20.17 -14.30 29.23
N HIS L 201 21.14 -13.41 29.48
CA HIS L 201 21.05 -12.46 30.58
C HIS L 201 19.87 -11.53 30.41
N THR L 202 19.65 -11.08 29.18
CA THR L 202 18.60 -10.10 28.92
C THR L 202 17.23 -10.72 29.09
N ARG L 203 17.06 -11.94 28.59
CA ARG L 203 15.83 -12.64 28.85
C ARG L 203 15.72 -12.96 30.31
N MET L 204 16.90 -13.21 31.01
CA MET L 204 16.91 -13.53 32.47
C MET L 204 16.64 -12.27 33.32
N MET L 205 16.78 -11.10 32.71
CA MET L 205 16.33 -9.89 33.40
C MET L 205 14.88 -9.60 33.07
N GLN L 206 14.44 -10.06 31.90
CA GLN L 206 13.04 -9.87 31.45
C GLN L 206 12.13 -10.76 32.32
N MET L 207 12.56 -11.99 32.60
CA MET L 207 11.78 -12.94 33.42
C MET L 207 11.60 -12.36 34.83
N ARG L 208 12.66 -11.76 35.39
CA ARG L 208 12.60 -11.16 36.75
C ARG L 208 12.66 -9.64 36.63
N LEU L 224 22.43 -12.38 37.92
CA LEU L 224 23.29 -13.44 38.54
C LEU L 224 24.44 -13.77 37.59
N SER L 225 24.12 -14.18 36.36
CA SER L 225 25.16 -14.53 35.35
C SER L 225 26.00 -13.27 35.03
N LEU L 226 25.33 -12.12 34.88
CA LEU L 226 26.02 -10.84 34.60
C LEU L 226 25.37 -9.74 35.47
N PRO L 227 26.04 -8.59 35.71
CA PRO L 227 25.46 -7.51 36.52
C PRO L 227 24.12 -7.02 35.96
N HIS L 228 23.27 -6.55 36.87
CA HIS L 228 21.95 -6.05 36.49
C HIS L 228 22.05 -4.77 35.68
N PHE L 229 23.09 -3.98 35.89
CA PHE L 229 23.37 -2.79 35.09
C PHE L 229 24.83 -2.86 34.63
N ILE L 230 25.03 -2.82 33.32
CA ILE L 230 26.37 -2.79 32.73
C ILE L 230 26.74 -1.33 32.49
N ASP L 231 27.81 -0.88 33.13
CA ASP L 231 28.19 0.53 33.00
C ASP L 231 28.81 0.81 31.63
N THR L 232 29.62 -0.12 31.13
CA THR L 232 30.18 -0.02 29.79
C THR L 232 30.20 -1.41 29.15
N LEU L 233 29.60 -1.52 27.98
CA LEU L 233 29.50 -2.77 27.25
C LEU L 233 30.12 -2.60 25.88
N ILE L 234 31.11 -3.43 25.56
CA ILE L 234 31.72 -3.44 24.24
C ILE L 234 31.41 -4.78 23.60
N VAL L 235 30.85 -4.75 22.39
CA VAL L 235 30.46 -5.96 21.69
C VAL L 235 31.32 -6.10 20.45
N ASP L 236 32.23 -7.06 20.47
CA ASP L 236 32.95 -7.43 19.26
C ASP L 236 32.10 -8.32 18.37
N GLU L 237 32.36 -8.22 17.06
CA GLU L 237 31.62 -8.90 15.99
C GLU L 237 30.12 -8.66 16.12
N ALA L 238 29.81 -7.38 16.10
CA ALA L 238 28.52 -6.78 16.40
C ALA L 238 27.39 -7.33 15.55
N HIS L 239 27.66 -7.60 14.28
CA HIS L 239 26.65 -7.98 13.29
C HIS L 239 26.01 -9.33 13.59
N LEU L 240 26.61 -10.13 14.46
CA LEU L 240 26.03 -11.39 14.88
C LEU L 240 25.17 -11.28 16.14
N LEU L 241 25.31 -10.18 16.91
CA LEU L 241 24.65 -10.03 18.22
C LEU L 241 23.14 -10.13 18.11
N GLU L 242 22.57 -9.48 17.09
CA GLU L 242 21.13 -9.54 16.84
C GLU L 242 20.67 -10.97 16.58
N GLN L 243 21.45 -11.72 15.79
CA GLN L 243 21.15 -13.12 15.52
C GLN L 243 21.17 -13.94 16.79
N ALA L 244 22.03 -13.55 17.75
CA ALA L 244 22.07 -14.21 19.06
C ALA L 244 20.74 -14.10 19.77
N PHE L 245 20.13 -12.91 19.74
CA PHE L 245 18.81 -12.75 20.35
C PHE L 245 17.78 -13.58 19.60
N ALA L 246 17.91 -13.65 18.26
CA ALA L 246 16.99 -14.43 17.46
C ALA L 246 17.15 -15.93 17.71
N SER L 247 18.26 -16.32 18.33
CA SER L 247 18.43 -17.74 18.65
C SER L 247 17.92 -18.06 20.05
N VAL L 248 17.93 -17.08 20.96
CA VAL L 248 17.60 -17.43 22.35
C VAL L 248 16.10 -17.28 22.58
N TYR L 249 15.45 -16.45 21.76
CA TYR L 249 14.01 -16.26 21.82
C TYR L 249 13.27 -17.21 20.88
N THR L 250 13.98 -18.16 20.28
CA THR L 250 13.37 -19.19 19.44
C THR L 250 13.48 -20.52 20.16
N HIS L 251 12.34 -21.18 20.37
CA HIS L 251 12.29 -22.48 21.04
C HIS L 251 11.83 -23.53 20.04
N THR L 252 12.64 -24.56 19.83
CA THR L 252 12.37 -25.56 18.80
C THR L 252 12.01 -26.89 19.43
N LEU L 253 10.95 -27.52 18.92
CA LEU L 253 10.56 -28.87 19.26
C LEU L 253 11.12 -29.78 18.16
N ARG L 254 11.91 -30.76 18.57
CA ARG L 254 12.43 -31.79 17.70
C ARG L 254 11.69 -33.09 18.01
N LEU L 255 11.04 -33.64 16.99
CA LEU L 255 10.06 -34.70 17.19
C LEU L 255 10.69 -36.10 17.29
N ARG L 256 11.64 -36.41 16.41
CA ARG L 256 12.27 -37.72 16.38
C ARG L 256 13.10 -38.07 17.63
N PRO L 257 13.95 -37.19 18.20
CA PRO L 257 14.61 -37.57 19.47
C PRO L 257 13.65 -37.78 20.62
N LEU L 258 12.56 -37.00 20.69
CA LEU L 258 11.53 -37.24 21.70
C LEU L 258 10.87 -38.59 21.48
N MET L 259 10.53 -38.90 20.22
CA MET L 259 9.83 -40.13 19.89
C MET L 259 10.69 -41.36 20.19
N ARG L 260 12.00 -41.22 20.02
CA ARG L 260 12.92 -42.28 20.45
C ARG L 260 13.08 -42.31 21.97
N THR L 261 12.98 -41.16 22.64
CA THR L 261 13.19 -41.11 24.09
C THR L 261 12.03 -41.73 24.86
N ILE L 262 10.79 -41.47 24.44
CA ILE L 262 9.61 -42.04 25.08
C ILE L 262 9.58 -43.57 24.92
N GLU L 263 10.05 -44.09 23.78
CA GLU L 263 10.12 -45.54 23.56
C GLU L 263 11.06 -46.23 24.55
N GLY L 264 12.08 -45.53 25.02
CA GLY L 264 12.99 -46.09 26.00
C GLY L 264 12.58 -45.82 27.44
N LEU L 274 3.85 -40.67 22.75
CA LEU L 274 2.42 -40.87 22.86
C LEU L 274 1.76 -40.77 21.49
N ASP L 275 0.52 -41.26 21.39
CA ASP L 275 -0.19 -41.27 20.11
C ASP L 275 -0.65 -39.87 19.71
N ALA L 276 -0.86 -38.99 20.69
CA ALA L 276 -1.31 -37.63 20.41
C ALA L 276 -0.22 -36.83 19.68
N LEU L 277 1.05 -37.09 19.97
CA LEU L 277 2.10 -36.40 19.23
C LEU L 277 2.27 -36.98 17.83
N LYS L 278 1.95 -38.26 17.64
CA LYS L 278 1.89 -38.81 16.29
C LYS L 278 0.79 -38.13 15.48
N GLU L 279 -0.37 -37.89 16.11
CA GLU L 279 -1.41 -37.11 15.46
C GLU L 279 -1.00 -35.65 15.27
N LEU L 280 -0.16 -35.12 16.16
CA LEU L 280 0.38 -33.78 15.99
C LEU L 280 1.29 -33.68 14.77
N PHE L 281 2.12 -34.69 14.53
CA PHE L 281 2.94 -34.74 13.33
C PHE L 281 2.08 -34.88 12.08
N THR L 282 1.04 -35.73 12.15
CA THR L 282 0.13 -35.90 11.02
C THR L 282 -0.63 -34.62 10.72
N GLN L 283 -0.93 -33.82 11.74
CA GLN L 283 -1.57 -32.54 11.53
C GLN L 283 -0.58 -31.47 11.06
N MET L 284 0.69 -31.60 11.46
CA MET L 284 1.71 -30.68 10.96
C MET L 284 2.03 -30.94 9.50
N GLN L 285 1.72 -32.14 9.01
CA GLN L 285 1.89 -32.46 7.60
C GLN L 285 1.00 -31.61 6.69
N VAL L 286 -0.25 -31.33 7.08
CA VAL L 286 -1.20 -30.73 6.14
C VAL L 286 -0.92 -29.23 5.95
N ALA L 287 -0.25 -28.59 6.89
CA ALA L 287 0.04 -27.16 6.77
C ALA L 287 1.47 -26.94 6.29
N THR L 292 6.90 -23.46 -1.81
CA THR L 292 7.71 -24.29 -0.93
C THR L 292 7.81 -23.69 0.46
N ASN L 293 6.92 -22.75 0.76
CA ASN L 293 6.86 -22.10 2.06
C ASN L 293 5.85 -22.84 2.93
N THR L 294 6.33 -23.46 4.01
CA THR L 294 5.52 -24.31 4.86
C THR L 294 5.40 -23.63 6.23
N SER L 295 4.28 -22.92 6.42
CA SER L 295 3.92 -22.25 7.66
C SER L 295 4.98 -21.26 8.13
N LEU L 296 5.39 -20.39 7.21
CA LEU L 296 6.39 -19.36 7.52
C LEU L 296 5.70 -18.12 8.04
N ASN L 297 6.14 -17.64 9.21
CA ASN L 297 5.76 -16.34 9.78
C ASN L 297 4.25 -16.24 10.04
N VAL L 298 3.67 -17.33 10.53
CA VAL L 298 2.24 -17.38 10.81
C VAL L 298 2.01 -17.77 12.26
N PRO L 299 1.56 -16.85 13.14
CA PRO L 299 1.36 -17.18 14.55
C PRO L 299 0.20 -18.13 14.84
N LEU L 300 -1.02 -17.76 14.43
CA LEU L 300 -2.20 -18.58 14.73
C LEU L 300 -3.22 -18.59 13.60
N SER L 301 -2.86 -18.12 12.40
CA SER L 301 -3.85 -18.04 11.33
C SER L 301 -4.20 -19.40 10.76
N ASP L 302 -3.34 -20.40 10.96
CA ASP L 302 -3.68 -21.79 10.65
C ASP L 302 -3.72 -22.58 11.96
N VAL L 303 -4.91 -23.05 12.31
CA VAL L 303 -5.10 -24.02 13.39
C VAL L 303 -5.98 -25.13 12.84
N PRO L 304 -5.44 -26.10 12.10
CA PRO L 304 -6.26 -27.25 11.70
C PRO L 304 -6.67 -28.10 12.89
N GLU L 305 -5.68 -28.63 13.59
CA GLU L 305 -5.84 -29.21 14.92
C GLU L 305 -4.59 -28.94 15.75
N LEU L 306 -3.93 -27.80 15.54
CA LEU L 306 -2.60 -27.58 16.12
C LEU L 306 -2.67 -27.34 17.63
N ILE L 307 -3.61 -26.54 18.09
CA ILE L 307 -3.69 -26.25 19.52
C ILE L 307 -4.26 -27.38 20.38
N PRO L 308 -5.28 -28.25 19.95
CA PRO L 308 -5.61 -29.39 20.83
C PRO L 308 -4.49 -30.41 20.91
N ALA L 309 -3.80 -30.62 19.79
CA ALA L 309 -2.63 -31.49 19.78
C ALA L 309 -1.49 -30.91 20.61
N LEU L 310 -1.34 -29.59 20.62
CA LEU L 310 -0.31 -28.95 21.44
C LEU L 310 -0.62 -29.09 22.93
N LYS L 311 -1.88 -28.89 23.31
CA LYS L 311 -2.27 -29.05 24.71
C LYS L 311 -2.16 -30.51 25.16
N ASP L 312 -2.53 -31.44 24.28
CA ASP L 312 -2.38 -32.86 24.59
C ASP L 312 -0.91 -33.25 24.69
N THR L 313 -0.06 -32.67 23.84
CA THR L 313 1.39 -32.89 23.93
C THR L 313 1.94 -32.36 25.25
N VAL L 314 1.48 -31.17 25.67
CA VAL L 314 1.91 -30.56 26.93
C VAL L 314 1.53 -31.45 28.11
N LYS L 315 0.28 -31.94 28.13
CA LYS L 315 -0.15 -32.73 29.29
C LYS L 315 0.43 -34.14 29.27
N THR L 316 0.60 -34.75 28.09
CA THR L 316 1.16 -36.09 28.02
C THR L 316 2.68 -36.08 28.24
N LEU L 317 3.33 -34.95 28.03
CA LEU L 317 4.77 -34.88 28.25
C LEU L 317 5.11 -34.37 29.65
N GLY L 318 4.24 -33.56 30.25
CA GLY L 318 4.52 -33.06 31.59
C GLY L 318 4.07 -33.95 32.72
N ALA L 319 3.21 -34.94 32.47
CA ALA L 319 2.70 -35.80 33.52
C ALA L 319 3.39 -37.15 33.58
N LEU L 320 4.40 -37.39 32.75
CA LEU L 320 5.16 -38.62 32.82
C LEU L 320 6.00 -38.64 34.11
N PRO L 321 6.22 -39.82 34.69
CA PRO L 321 6.89 -39.89 36.00
C PRO L 321 8.37 -39.52 35.90
N THR L 322 8.78 -38.55 36.74
CA THR L 322 10.17 -38.16 36.80
C THR L 322 11.03 -39.25 37.46
N LYS L 323 10.43 -40.01 38.38
CA LYS L 323 11.13 -41.14 38.98
C LYS L 323 11.26 -42.26 37.96
N GLY L 324 12.49 -42.72 37.74
CA GLY L 324 12.79 -43.68 36.71
C GLY L 324 13.13 -43.08 35.37
N MET L 325 12.82 -41.81 35.15
CA MET L 325 13.25 -41.11 33.95
C MET L 325 14.76 -40.89 34.00
N SER L 326 15.43 -41.13 32.87
CA SER L 326 16.88 -41.04 32.81
C SER L 326 17.33 -39.59 32.98
N ARG L 327 18.55 -39.43 33.50
CA ARG L 327 19.07 -38.10 33.82
C ARG L 327 19.39 -37.29 32.57
N ASP L 328 19.55 -37.94 31.41
CA ASP L 328 19.70 -37.25 30.14
C ASP L 328 18.42 -37.22 29.32
N ALA L 329 17.39 -37.95 29.73
CA ALA L 329 16.10 -37.96 29.05
C ALA L 329 15.19 -36.82 29.50
N ARG L 330 15.26 -36.46 30.78
CA ARG L 330 14.45 -35.38 31.31
C ARG L 330 14.82 -34.03 30.70
N SER L 331 16.07 -33.90 30.25
CA SER L 331 16.47 -32.71 29.49
C SER L 331 15.72 -32.62 28.16
N VAL L 332 15.57 -33.75 27.46
CA VAL L 332 14.81 -33.78 26.21
C VAL L 332 13.34 -33.47 26.46
N ILE L 333 12.79 -34.03 27.55
CA ILE L 333 11.40 -33.76 27.92
C ILE L 333 11.21 -32.28 28.24
N ARG L 334 12.17 -31.69 28.95
CA ARG L 334 12.04 -30.30 29.37
C ARG L 334 12.20 -29.33 28.21
N ILE L 335 13.13 -29.61 27.29
CA ILE L 335 13.28 -28.71 26.14
C ILE L 335 12.07 -28.81 25.21
N ALA L 336 11.49 -30.01 25.08
CA ALA L 336 10.29 -30.14 24.27
C ALA L 336 9.07 -29.48 24.90
N THR L 337 8.91 -29.59 26.22
CA THR L 337 7.82 -28.91 26.89
C THR L 337 8.02 -27.40 26.90
N ARG L 338 9.27 -26.93 26.94
CA ARG L 338 9.52 -25.49 26.84
C ARG L 338 9.18 -24.96 25.46
N ALA L 339 9.48 -25.74 24.41
CA ALA L 339 9.06 -25.35 23.06
C ALA L 339 7.55 -25.35 22.92
N ALA L 340 6.89 -26.36 23.49
CA ALA L 340 5.43 -26.45 23.41
C ALA L 340 4.76 -25.32 24.19
N ASN L 341 5.31 -24.95 25.34
CA ASN L 341 4.79 -23.84 26.13
C ASN L 341 5.15 -22.49 25.55
N ASP L 342 6.22 -22.40 24.75
CA ASP L 342 6.47 -21.18 23.99
C ASP L 342 5.48 -21.03 22.85
N ALA L 343 5.09 -22.15 22.23
CA ALA L 343 4.01 -22.11 21.24
C ALA L 343 2.62 -22.00 21.87
N LEU L 344 2.51 -22.22 23.18
CA LEU L 344 1.21 -22.14 23.86
C LEU L 344 0.72 -20.70 23.97
N SER L 345 1.65 -19.75 24.14
CA SER L 345 1.26 -18.38 24.48
C SER L 345 0.59 -17.66 23.31
N GLY L 346 1.03 -17.93 22.09
CA GLY L 346 0.53 -17.21 20.94
C GLY L 346 1.18 -15.86 20.73
N HIS L 347 2.15 -15.50 21.55
CA HIS L 347 2.93 -14.28 21.40
C HIS L 347 4.13 -14.46 20.48
N SER L 348 4.41 -15.70 20.07
CA SER L 348 5.52 -15.99 19.18
C SER L 348 4.98 -16.59 17.89
N ARG L 349 5.79 -16.51 16.83
CA ARG L 349 5.44 -17.11 15.54
C ARG L 349 5.64 -18.63 15.58
N LEU L 350 5.32 -19.27 14.46
CA LEU L 350 5.58 -20.69 14.28
C LEU L 350 6.17 -20.92 12.90
N ARG L 351 7.05 -21.92 12.80
CA ARG L 351 7.69 -22.24 11.54
C ARG L 351 8.19 -23.68 11.60
N ILE L 352 7.90 -24.45 10.55
CA ILE L 352 8.37 -25.83 10.47
C ILE L 352 9.62 -25.86 9.58
N GLU L 353 10.58 -26.70 9.97
CA GLU L 353 11.81 -26.92 9.22
C GLU L 353 12.13 -28.40 9.22
N VAL L 354 13.01 -28.79 8.30
CA VAL L 354 13.46 -30.17 8.15
C VAL L 354 14.96 -30.21 8.36
N THR L 355 15.47 -31.39 8.73
CA THR L 355 16.90 -31.54 8.95
C THR L 355 17.62 -31.71 7.61
N PRO L 356 18.92 -31.38 7.55
CA PRO L 356 19.71 -31.75 6.37
C PRO L 356 19.86 -33.25 6.17
N VAL L 357 19.88 -34.04 7.25
CA VAL L 357 20.14 -35.47 7.13
C VAL L 357 18.96 -36.19 6.49
N HIS L 358 17.74 -35.89 6.95
CA HIS L 358 16.54 -36.53 6.43
C HIS L 358 15.37 -35.58 6.67
N SER L 359 14.20 -35.96 6.13
CA SER L 359 12.99 -35.15 6.23
C SER L 359 12.29 -35.42 7.56
N TYR L 360 12.97 -35.07 8.61
CA TYR L 360 12.43 -35.18 9.93
C TYR L 360 11.61 -33.92 10.25
N PRO L 361 10.52 -34.02 11.05
CA PRO L 361 9.67 -32.88 11.37
C PRO L 361 10.28 -31.96 12.44
N MET L 362 10.30 -30.66 12.18
CA MET L 362 10.84 -29.67 13.15
C MET L 362 9.78 -28.57 13.38
N LEU L 363 9.45 -28.31 14.65
CA LEU L 363 8.46 -27.26 15.02
C LEU L 363 9.22 -26.14 15.73
N LEU L 364 9.01 -24.89 15.31
CA LEU L 364 9.76 -23.80 15.92
C LEU L 364 8.83 -22.67 16.32
N SER L 365 9.08 -22.13 17.51
CA SER L 365 8.39 -20.96 18.03
C SER L 365 9.45 -19.88 18.21
N GLY L 366 9.71 -19.14 17.13
CA GLY L 366 10.58 -17.98 17.18
C GLY L 366 9.77 -16.69 17.20
N ARG L 367 10.49 -15.59 17.33
CA ARG L 367 9.88 -14.28 17.45
C ARG L 367 10.55 -13.33 16.48
N SER L 368 9.73 -12.56 15.76
CA SER L 368 10.20 -11.65 14.73
C SER L 368 10.22 -10.20 15.19
N ASN L 369 9.71 -9.90 16.37
CA ASN L 369 9.78 -8.57 16.94
C ASN L 369 10.58 -8.66 18.24
N LEU L 370 11.78 -8.08 18.23
CA LEU L 370 12.69 -8.19 19.36
C LEU L 370 12.92 -6.82 20.01
N GLN L 371 11.95 -5.93 19.94
CA GLN L 371 12.15 -4.57 20.43
C GLN L 371 12.17 -4.52 21.96
N ARG L 372 11.32 -5.31 22.61
CA ARG L 372 11.25 -5.29 24.08
C ARG L 372 12.51 -5.86 24.71
N ALA L 373 13.03 -6.97 24.15
CA ALA L 373 14.23 -7.59 24.70
C ALA L 373 15.46 -6.71 24.47
N LEU L 374 15.63 -6.19 23.26
CA LEU L 374 16.80 -5.37 22.97
C LEU L 374 16.72 -4.02 23.68
N LEU L 375 15.50 -3.50 23.86
CA LEU L 375 15.31 -2.29 24.64
C LEU L 375 15.63 -2.53 26.11
N GLY L 376 15.29 -3.71 26.63
CA GLY L 376 15.68 -4.04 28.00
C GLY L 376 17.17 -4.24 28.15
N LEU L 377 17.83 -4.68 27.06
CA LEU L 377 19.29 -4.75 27.08
C LEU L 377 19.91 -3.34 27.11
N TRP L 378 19.43 -2.45 26.25
CA TRP L 378 20.05 -1.13 26.15
C TRP L 378 19.64 -0.22 27.30
N ASN L 379 18.58 -0.57 28.04
CA ASN L 379 18.26 0.16 29.26
C ASN L 379 19.27 -0.15 30.36
N ALA L 380 19.73 -1.41 30.44
CA ALA L 380 20.70 -1.85 31.44
C ALA L 380 22.13 -1.52 31.05
N THR L 381 22.33 -0.78 29.96
CA THR L 381 23.66 -0.38 29.52
C THR L 381 23.79 1.13 29.63
N GLY L 382 24.82 1.58 30.35
CA GLY L 382 25.10 3.00 30.46
C GLY L 382 25.72 3.54 29.18
N GLY L 383 26.76 2.87 28.72
CA GLY L 383 27.37 3.21 27.44
C GLY L 383 27.88 1.96 26.77
N ALA L 384 27.81 1.95 25.44
CA ALA L 384 28.15 0.76 24.69
C ALA L 384 28.92 1.14 23.43
N THR L 385 29.72 0.19 22.93
CA THR L 385 30.48 0.42 21.69
C THR L 385 30.01 -0.59 20.65
N LEU L 386 29.57 -0.12 19.48
CA LEU L 386 29.13 -1.06 18.41
C LEU L 386 30.38 -1.39 17.61
N VAL L 387 30.83 -2.64 17.68
CA VAL L 387 32.10 -3.00 16.97
C VAL L 387 31.89 -4.21 16.05
N SER L 388 32.28 -4.04 14.79
CA SER L 388 32.29 -5.10 13.78
C SER L 388 32.95 -4.54 12.55
N ALA L 389 33.33 -5.44 11.65
CA ALA L 389 33.80 -5.00 10.35
C ALA L 389 32.67 -4.54 9.46
N THR L 390 31.46 -5.00 9.73
CA THR L 390 30.31 -4.83 8.85
C THR L 390 29.15 -4.28 9.67
N LEU L 391 29.09 -2.96 9.72
CA LEU L 391 28.05 -2.27 10.43
C LEU L 391 27.30 -1.21 9.62
N PHE L 392 27.91 -0.65 8.62
CA PHE L 392 27.38 0.50 7.90
C PHE L 392 27.01 0.13 6.48
N THR L 393 25.84 0.58 6.05
CA THR L 393 25.38 0.25 4.70
C THR L 393 26.13 1.07 3.66
N THR L 394 25.95 2.39 3.69
CA THR L 394 26.71 3.31 2.82
C THR L 394 27.30 4.41 3.69
N GLY L 395 28.62 4.51 3.70
CA GLY L 395 29.26 5.55 4.49
C GLY L 395 29.23 5.20 5.97
N ASP L 396 28.53 6.03 6.76
CA ASP L 396 28.36 5.77 8.18
C ASP L 396 26.91 5.41 8.52
N ASN L 397 26.12 5.07 7.50
CA ASN L 397 24.69 4.81 7.66
C ASN L 397 24.55 3.50 8.44
N GLY L 398 24.27 3.62 9.72
CA GLY L 398 24.05 2.47 10.56
C GLY L 398 22.59 2.37 10.97
N SER L 399 21.70 3.02 10.20
CA SER L 399 20.28 2.99 10.53
C SER L 399 19.71 1.59 10.36
N LEU L 400 20.23 0.83 9.39
CA LEU L 400 19.83 -0.56 9.26
C LEU L 400 20.25 -1.36 10.48
N THR L 401 21.50 -1.22 10.92
CA THR L 401 21.92 -2.06 12.02
C THR L 401 21.32 -1.56 13.34
N ARG L 402 21.13 -0.23 13.49
CA ARG L 402 20.34 0.31 14.60
C ARG L 402 18.93 -0.26 14.61
N TRP L 403 18.38 -0.53 13.43
CA TRP L 403 17.09 -1.20 13.32
C TRP L 403 17.21 -2.72 13.40
N LYS L 404 18.43 -3.27 13.45
CA LYS L 404 18.55 -4.69 13.73
C LYS L 404 18.47 -4.95 15.23
N LEU L 405 19.28 -4.25 16.01
CA LEU L 405 19.36 -4.49 17.43
C LEU L 405 18.59 -3.47 18.25
N GLU L 406 17.70 -2.69 17.61
CA GLU L 406 16.72 -1.81 18.26
C GLU L 406 17.37 -0.79 19.18
N VAL L 407 18.53 -0.28 18.76
CA VAL L 407 19.29 0.70 19.52
C VAL L 407 18.48 2.00 19.55
N PRO L 408 18.34 2.63 20.72
CA PRO L 408 17.65 3.93 20.78
C PRO L 408 18.39 5.00 20.00
N THR L 409 17.64 5.74 19.17
CA THR L 409 18.24 6.74 18.30
C THR L 409 18.75 7.93 19.08
N GLU L 410 18.14 8.22 20.23
CA GLU L 410 18.68 9.24 21.14
C GLU L 410 20.02 8.81 21.71
N ARG L 411 20.27 7.50 21.81
CA ARG L 411 21.54 6.98 22.32
C ARG L 411 22.46 6.48 21.22
N ALA L 412 22.01 6.42 19.96
CA ALA L 412 22.83 5.88 18.90
C ALA L 412 23.85 6.89 18.40
N ALA L 413 24.99 6.38 17.94
CA ALA L 413 26.05 7.20 17.36
C ALA L 413 26.88 6.34 16.41
N PHE L 414 26.87 6.72 15.13
CA PHE L 414 27.37 5.94 14.01
C PHE L 414 28.75 6.42 13.57
N LEU L 415 29.85 6.00 14.26
CA LEU L 415 31.13 6.72 14.09
C LEU L 415 31.69 6.48 12.68
N PRO L 416 32.48 7.41 12.10
CA PRO L 416 33.00 7.17 10.75
C PRO L 416 33.89 5.94 10.70
N PRO L 417 33.71 5.09 9.70
CA PRO L 417 34.40 3.80 9.67
C PRO L 417 35.84 3.97 9.22
N VAL L 418 36.61 2.90 9.36
CA VAL L 418 37.92 2.90 8.76
C VAL L 418 37.86 1.83 7.67
N HIS L 419 38.40 2.19 6.51
CA HIS L 419 38.51 1.30 5.37
C HIS L 419 39.86 1.63 4.75
N PRO L 420 40.91 0.92 5.16
CA PRO L 420 42.26 1.26 4.68
C PRO L 420 42.46 0.88 3.23
N ALA L 421 43.50 1.47 2.63
CA ALA L 421 43.82 1.18 1.25
C ALA L 421 44.38 -0.24 1.10
N TRP L 422 45.12 -0.72 2.11
CA TRP L 422 45.77 -2.02 2.00
C TRP L 422 44.79 -3.19 2.06
N THR L 423 43.52 -2.95 2.40
CA THR L 423 42.52 -4.00 2.25
C THR L 423 42.15 -4.22 0.79
N THR L 424 42.36 -3.23 -0.07
CA THR L 424 42.04 -3.34 -1.49
C THR L 424 43.25 -3.29 -2.40
N ALA L 425 44.42 -2.87 -1.91
CA ALA L 425 45.60 -2.75 -2.76
C ALA L 425 46.13 -4.08 -3.31
N PRO L 426 46.30 -5.20 -2.51
CA PRO L 426 46.78 -6.43 -3.15
C PRO L 426 45.75 -7.13 -4.02
N VAL L 427 44.50 -6.71 -3.89
CA VAL L 427 43.38 -7.36 -4.61
C VAL L 427 43.59 -7.23 -6.12
N LEU L 428 43.38 -8.32 -6.85
CA LEU L 428 43.49 -8.34 -8.33
C LEU L 428 42.07 -8.47 -8.87
N LEU L 429 41.64 -7.52 -9.70
CA LEU L 429 40.26 -7.56 -10.25
C LEU L 429 40.30 -7.94 -11.73
N HIS L 430 39.55 -8.98 -12.11
CA HIS L 430 39.50 -9.41 -13.49
C HIS L 430 38.18 -9.00 -14.13
N LYS L 431 38.26 -8.62 -15.41
CA LYS L 431 37.05 -8.27 -16.16
C LYS L 431 36.32 -9.49 -16.68
N GLU L 432 36.98 -10.66 -16.70
CA GLU L 432 36.37 -11.87 -17.22
C GLU L 432 35.29 -12.39 -16.29
N PHE L 433 34.21 -12.90 -16.87
CA PHE L 433 33.06 -13.33 -16.09
C PHE L 433 32.24 -14.32 -16.90
N CYS L 434 31.17 -14.82 -16.28
CA CYS L 434 30.23 -15.73 -16.91
C CYS L 434 29.04 -14.94 -17.44
N ALA L 435 28.82 -15.01 -18.76
CA ALA L 435 27.79 -14.19 -19.39
C ALA L 435 26.38 -14.70 -19.05
N HIS L 436 26.25 -15.99 -18.74
CA HIS L 436 24.97 -16.53 -18.33
C HIS L 436 24.68 -16.15 -16.88
N GLU L 437 23.49 -15.59 -16.65
CA GLU L 437 23.03 -15.22 -15.29
C GLU L 437 22.70 -16.52 -14.55
N PRO L 438 22.89 -16.62 -13.21
CA PRO L 438 22.60 -17.87 -12.50
C PRO L 438 21.13 -17.97 -12.12
N ASP L 439 20.40 -18.84 -12.83
CA ASP L 439 18.95 -19.10 -12.59
C ASP L 439 18.75 -20.58 -12.28
N ASP L 440 19.79 -21.22 -11.70
CA ASP L 440 19.76 -22.66 -11.35
C ASP L 440 19.52 -23.50 -12.61
N SER L 441 20.10 -23.06 -13.74
CA SER L 441 19.97 -23.78 -15.00
C SER L 441 21.23 -24.55 -15.33
N PRO L 442 21.10 -25.61 -16.12
CA PRO L 442 22.30 -26.32 -16.57
C PRO L 442 23.27 -25.57 -17.45
N GLU L 443 22.75 -24.69 -18.28
CA GLU L 443 23.58 -23.94 -19.21
C GLU L 443 24.49 -22.97 -18.45
N TRP L 444 23.95 -22.31 -17.42
CA TRP L 444 24.76 -21.49 -16.53
C TRP L 444 25.84 -22.31 -15.85
N ALA L 445 25.51 -23.53 -15.42
CA ALA L 445 26.46 -24.30 -14.65
C ALA L 445 27.62 -24.79 -15.52
N THR L 446 27.35 -25.13 -16.79
CA THR L 446 28.44 -25.45 -17.70
C THR L 446 29.30 -24.23 -18.02
N GLU L 447 28.67 -23.06 -18.25
CA GLU L 447 29.44 -21.86 -18.57
C GLU L 447 30.26 -21.37 -17.37
N CYS L 448 29.64 -21.37 -16.19
CA CYS L 448 30.32 -20.99 -14.96
C CYS L 448 31.41 -21.99 -14.58
N ALA L 449 31.20 -23.27 -14.89
CA ALA L 449 32.23 -24.27 -14.66
C ALA L 449 33.41 -24.08 -15.59
N GLN L 450 33.15 -23.65 -16.84
CA GLN L 450 34.24 -23.32 -17.75
C GLN L 450 35.06 -22.13 -17.25
N THR L 451 34.38 -21.09 -16.75
CA THR L 451 35.10 -19.95 -16.19
C THR L 451 35.86 -20.33 -14.91
N ILE L 452 35.28 -21.22 -14.10
CA ILE L 452 35.93 -21.68 -12.87
C ILE L 452 37.16 -22.53 -13.19
N GLN L 453 37.08 -23.34 -14.26
CA GLN L 453 38.23 -24.09 -14.74
C GLN L 453 39.33 -23.16 -15.23
N GLY L 454 38.96 -22.07 -15.91
CA GLY L 454 39.94 -21.07 -16.30
C GLY L 454 40.64 -20.42 -15.12
N VAL L 455 39.85 -20.06 -14.09
CA VAL L 455 40.42 -19.48 -12.86
C VAL L 455 41.34 -20.48 -12.16
N ALA L 456 40.93 -21.74 -12.10
CA ALA L 456 41.73 -22.78 -11.45
C ALA L 456 43.02 -23.07 -12.22
N SER L 457 42.98 -22.92 -13.55
CA SER L 457 44.20 -23.09 -14.33
C SER L 457 45.16 -21.93 -14.11
N THR L 458 44.63 -20.70 -14.07
CA THR L 458 45.51 -19.55 -13.83
C THR L 458 45.85 -19.39 -12.35
N ALA L 459 45.24 -20.18 -11.47
CA ALA L 459 45.57 -20.12 -10.05
C ALA L 459 46.94 -20.76 -9.81
N GLN L 460 47.74 -20.08 -9.00
CA GLN L 460 48.99 -20.62 -8.47
C GLN L 460 48.86 -20.99 -7.00
N GLY L 461 47.62 -21.05 -6.51
CA GLY L 461 47.37 -21.43 -5.14
C GLY L 461 45.92 -21.82 -4.95
N GLY L 462 45.45 -21.70 -3.72
CA GLY L 462 44.09 -22.11 -3.40
C GLY L 462 43.05 -21.18 -3.97
N THR L 463 41.90 -21.76 -4.32
CA THR L 463 40.79 -21.06 -4.93
C THR L 463 39.50 -21.36 -4.16
N LEU L 464 38.76 -20.32 -3.81
CA LEU L 464 37.43 -20.47 -3.25
C LEU L 464 36.43 -19.78 -4.15
N VAL L 465 35.55 -20.55 -4.79
CA VAL L 465 34.37 -20.01 -5.44
C VAL L 465 33.24 -20.07 -4.43
N LEU L 466 32.40 -19.04 -4.43
CA LEU L 466 31.37 -18.87 -3.42
C LEU L 466 30.02 -18.90 -4.11
N CYS L 467 29.31 -20.00 -3.96
CA CYS L 467 28.01 -20.09 -4.58
C CYS L 467 26.98 -19.76 -3.50
N THR L 468 25.79 -19.38 -3.91
CA THR L 468 24.76 -19.04 -2.95
C THR L 468 23.93 -20.24 -2.51
N SER L 469 23.44 -21.04 -3.45
CA SER L 469 22.44 -22.05 -3.15
C SER L 469 23.05 -23.43 -3.22
N TYR L 470 22.44 -24.37 -2.49
CA TYR L 470 22.85 -25.77 -2.56
C TYR L 470 22.71 -26.32 -3.97
N GLN L 471 21.61 -25.96 -4.65
CA GLN L 471 21.36 -26.40 -6.02
C GLN L 471 22.47 -25.92 -6.96
N ASN L 472 22.86 -24.66 -6.81
CA ASN L 472 23.95 -24.10 -7.67
C ASN L 472 25.24 -24.88 -7.38
N THR L 473 25.52 -25.15 -6.10
CA THR L 473 26.73 -25.90 -5.68
C THR L 473 26.68 -27.33 -6.25
N GLU L 474 25.53 -27.99 -6.16
CA GLU L 474 25.39 -29.38 -6.67
C GLU L 474 25.61 -29.37 -8.19
N LEU L 475 25.04 -28.38 -8.89
CA LEU L 475 25.18 -28.27 -10.37
C LEU L 475 26.66 -28.06 -10.73
N LEU L 476 27.33 -27.18 -9.99
CA LEU L 476 28.77 -26.86 -10.24
C LEU L 476 29.62 -28.11 -9.98
N ALA L 477 29.29 -28.85 -8.92
CA ALA L 477 30.02 -30.06 -8.53
C ALA L 477 29.91 -31.12 -9.61
N GLY L 478 28.70 -31.30 -10.16
CA GLY L 478 28.53 -32.26 -11.25
C GLY L 478 29.19 -31.82 -12.53
N ARG L 479 29.44 -30.52 -12.69
CA ARG L 479 30.14 -30.05 -13.88
C ARG L 479 31.65 -29.92 -13.69
N LEU L 480 32.14 -29.92 -12.45
CA LEU L 480 33.56 -29.71 -12.19
C LEU L 480 34.29 -30.88 -11.54
N GLY L 481 33.58 -31.89 -11.05
CA GLY L 481 34.24 -32.97 -10.33
C GLY L 481 35.15 -33.81 -11.22
N ALA L 482 34.62 -34.28 -12.35
CA ALA L 482 35.43 -35.05 -13.29
C ALA L 482 36.46 -34.18 -14.01
N ALA L 483 36.18 -32.88 -14.12
CA ALA L 483 37.11 -31.97 -14.78
C ALA L 483 38.32 -31.69 -13.90
N LEU L 484 38.11 -31.56 -12.58
CA LEU L 484 39.18 -31.13 -11.70
C LEU L 484 39.74 -32.24 -10.81
N GLY L 485 39.17 -33.45 -10.85
CA GLY L 485 39.82 -34.59 -10.23
C GLY L 485 39.78 -34.52 -8.71
N ASP L 486 40.96 -34.72 -8.11
CA ASP L 486 41.07 -34.64 -6.66
C ASP L 486 40.98 -33.22 -6.14
N ARG L 487 41.26 -32.22 -6.98
CA ARG L 487 41.37 -30.83 -6.54
C ARG L 487 40.06 -30.27 -6.01
N LEU L 488 38.93 -30.82 -6.45
CA LEU L 488 37.63 -30.28 -6.09
C LEU L 488 37.25 -30.63 -4.65
N ILE L 489 36.75 -29.63 -3.94
CA ILE L 489 36.14 -29.78 -2.62
C ILE L 489 34.74 -29.22 -2.71
N VAL L 490 33.75 -30.00 -2.27
CA VAL L 490 32.37 -29.56 -2.28
C VAL L 490 31.86 -29.51 -0.85
N GLN L 491 31.09 -28.47 -0.54
CA GLN L 491 30.42 -28.37 0.76
C GLN L 491 28.92 -28.53 0.54
N SER L 492 28.31 -29.41 1.32
CA SER L 492 26.95 -29.84 1.07
C SER L 492 26.28 -30.13 2.40
N LYS L 493 25.20 -30.91 2.35
CA LYS L 493 24.52 -31.33 3.58
C LYS L 493 25.40 -32.22 4.44
N THR L 494 26.19 -33.10 3.82
CA THR L 494 27.06 -34.03 4.54
C THR L 494 28.48 -33.52 4.70
N SER L 495 28.80 -32.33 4.19
CA SER L 495 30.14 -31.76 4.29
C SER L 495 30.01 -30.35 4.88
N SER L 496 30.49 -30.17 6.10
CA SER L 496 30.38 -28.88 6.77
C SER L 496 31.45 -27.93 6.27
N ALA L 497 31.34 -26.67 6.72
CA ALA L 497 32.31 -25.66 6.33
C ALA L 497 33.64 -25.87 7.05
N ALA L 498 33.60 -26.40 8.28
CA ALA L 498 34.83 -26.60 9.05
C ALA L 498 35.61 -27.80 8.53
N THR L 499 34.90 -28.86 8.13
CA THR L 499 35.56 -30.03 7.54
C THR L 499 36.25 -29.66 6.23
N CYS L 500 35.58 -28.86 5.41
CA CYS L 500 36.20 -28.43 4.16
C CYS L 500 37.25 -27.34 4.41
N LEU L 501 37.18 -26.65 5.56
CA LEU L 501 38.26 -25.75 5.97
C LEU L 501 39.55 -26.52 6.25
N ALA L 502 39.45 -27.56 7.08
CA ALA L 502 40.62 -28.40 7.38
C ALA L 502 41.10 -29.14 6.14
N GLN L 503 40.17 -29.52 5.27
CA GLN L 503 40.50 -30.14 3.99
C GLN L 503 41.27 -29.18 3.08
N PHE L 504 40.81 -27.93 2.97
CA PHE L 504 41.46 -26.91 2.15
C PHE L 504 42.88 -26.63 2.66
N LYS L 505 43.02 -26.53 3.98
CA LYS L 505 44.34 -26.35 4.57
C LYS L 505 45.23 -27.58 4.35
N ALA L 506 44.63 -28.78 4.34
CA ALA L 506 45.40 -30.01 4.12
C ALA L 506 45.92 -30.07 2.69
N LYS L 507 45.09 -29.68 1.73
CA LYS L 507 45.53 -29.68 0.34
C LYS L 507 46.55 -28.60 0.05
N HIS L 508 46.42 -27.43 0.70
CA HIS L 508 47.47 -26.44 0.53
C HIS L 508 48.74 -26.84 1.26
N LYS L 509 48.63 -27.67 2.30
CA LYS L 509 49.81 -28.24 2.94
C LYS L 509 50.50 -29.24 2.02
N ALA L 510 49.72 -29.99 1.24
CA ALA L 510 50.24 -31.04 0.37
C ALA L 510 50.85 -30.51 -0.92
N GLY L 511 50.73 -29.21 -1.19
CA GLY L 511 51.36 -28.61 -2.34
C GLY L 511 50.52 -28.53 -3.59
N ILE L 512 49.37 -29.19 -3.64
CA ILE L 512 48.46 -29.09 -4.77
C ILE L 512 47.51 -27.93 -4.52
N ARG L 513 46.88 -27.44 -5.59
CA ARG L 513 46.07 -26.23 -5.49
C ARG L 513 44.59 -26.58 -5.41
N PRO L 514 43.96 -26.42 -4.26
CA PRO L 514 42.56 -26.84 -4.12
C PRO L 514 41.59 -25.79 -4.65
N VAL L 515 40.43 -26.29 -5.07
CA VAL L 515 39.30 -25.45 -5.45
C VAL L 515 38.13 -25.83 -4.55
N TRP L 516 37.42 -24.82 -4.08
CA TRP L 516 36.39 -24.99 -3.05
C TRP L 516 35.08 -24.43 -3.56
N LEU L 517 34.02 -25.25 -3.52
CA LEU L 517 32.67 -24.82 -3.88
C LEU L 517 31.92 -24.48 -2.60
N GLY L 518 32.20 -23.29 -2.06
CA GLY L 518 31.80 -22.95 -0.69
C GLY L 518 30.55 -22.11 -0.62
N LEU L 519 29.79 -22.29 0.46
CA LEU L 519 28.61 -21.49 0.74
C LEU L 519 28.35 -21.46 2.25
N GLY L 520 27.31 -20.72 2.63
CA GLY L 520 26.88 -20.68 4.00
C GLY L 520 27.86 -19.90 4.86
N ALA L 521 28.57 -20.63 5.73
CA ALA L 521 29.61 -20.03 6.56
C ALA L 521 30.88 -19.75 5.77
N ALA L 522 31.00 -20.27 4.54
CA ALA L 522 32.13 -19.94 3.71
C ALA L 522 32.05 -18.50 3.21
N TRP L 523 30.84 -17.93 3.17
CA TRP L 523 30.68 -16.51 2.87
C TRP L 523 31.20 -15.65 4.02
N THR L 524 30.72 -15.92 5.23
CA THR L 524 30.93 -15.05 6.38
C THR L 524 31.59 -15.84 7.50
N GLY L 525 32.73 -15.38 7.98
CA GLY L 525 33.31 -15.89 9.20
C GLY L 525 34.27 -17.05 9.06
N ILE L 526 35.22 -16.98 8.14
CA ILE L 526 36.21 -18.02 7.97
C ILE L 526 37.58 -17.37 7.77
N ASP L 527 38.58 -17.86 8.50
CA ASP L 527 39.93 -17.31 8.44
C ASP L 527 40.72 -18.10 7.40
N LEU L 528 40.88 -17.52 6.21
CA LEU L 528 41.64 -18.15 5.14
C LEU L 528 43.05 -17.58 5.02
N SER L 529 43.67 -17.20 6.13
CA SER L 529 45.06 -16.78 6.16
C SER L 529 45.90 -17.87 6.81
N ASP L 530 47.12 -18.05 6.30
CA ASP L 530 48.02 -19.07 6.83
C ASP L 530 48.55 -18.66 8.20
N HIS L 531 48.35 -19.53 9.18
CA HIS L 531 48.98 -19.39 10.49
C HIS L 531 50.28 -20.19 10.58
N SER L 532 50.66 -20.90 9.52
CA SER L 532 52.00 -21.42 9.36
C SER L 532 52.98 -20.38 8.82
N LEU L 533 52.48 -19.20 8.47
CA LEU L 533 53.32 -18.09 8.01
C LEU L 533 52.95 -16.83 8.79
N PRO L 534 53.30 -16.78 10.10
CA PRO L 534 52.87 -15.65 10.93
C PRO L 534 53.57 -14.33 10.60
N ASP L 535 54.89 -14.36 10.55
CA ASP L 535 55.68 -13.13 10.42
C ASP L 535 55.82 -12.64 8.99
N ASN L 536 55.52 -13.47 8.00
CA ASN L 536 55.70 -13.11 6.59
C ASN L 536 54.38 -13.21 5.84
N PRO L 537 53.64 -12.10 5.74
CA PRO L 537 52.42 -12.12 4.93
C PRO L 537 52.67 -12.02 3.43
N GLU L 538 53.89 -11.68 3.01
CA GLU L 538 54.20 -11.56 1.58
C GLU L 538 54.17 -12.90 0.87
N LEU L 539 54.40 -13.99 1.59
CA LEU L 539 54.38 -15.32 1.01
C LEU L 539 53.13 -16.11 1.40
N ASP L 540 52.12 -15.43 1.96
CA ASP L 540 50.83 -16.05 2.31
C ASP L 540 50.09 -16.42 1.03
N ARG L 541 49.73 -17.70 0.90
CA ARG L 541 49.22 -18.22 -0.37
C ARG L 541 48.07 -19.23 -0.10
N LEU L 542 47.33 -19.05 1.00
CA LEU L 542 46.22 -19.98 1.23
C LEU L 542 45.08 -19.71 0.26
N LEU L 543 44.78 -18.44 -0.01
CA LEU L 543 43.70 -18.07 -0.92
C LEU L 543 44.24 -17.11 -1.97
N SER L 544 44.60 -17.65 -3.14
CA SER L 544 45.03 -16.81 -4.25
C SER L 544 43.86 -16.28 -5.08
N ASP L 545 42.79 -17.06 -5.20
CA ASP L 545 41.68 -16.70 -6.07
C ASP L 545 40.37 -16.80 -5.29
N LEU L 546 39.63 -15.69 -5.25
CA LEU L 546 38.28 -15.67 -4.73
C LEU L 546 37.33 -15.35 -5.86
N VAL L 547 36.28 -16.17 -6.01
CA VAL L 547 35.35 -16.06 -7.12
C VAL L 547 33.95 -15.94 -6.52
N ILE L 548 33.20 -14.94 -6.96
CA ILE L 548 31.80 -14.80 -6.59
C ILE L 548 30.95 -15.18 -7.80
N THR L 549 30.23 -16.30 -7.69
CA THR L 549 29.43 -16.80 -8.80
C THR L 549 28.10 -16.09 -8.96
N ARG L 550 27.61 -15.44 -7.91
CA ARG L 550 26.26 -14.88 -7.88
C ARG L 550 26.20 -13.86 -6.75
N ILE L 551 25.48 -12.77 -6.98
CA ILE L 551 25.26 -11.78 -5.92
C ILE L 551 24.40 -12.40 -4.82
N PRO L 552 24.85 -12.38 -3.55
CA PRO L 552 24.14 -13.11 -2.47
C PRO L 552 22.84 -12.43 -2.04
N VAL L 553 21.81 -12.58 -2.88
CA VAL L 553 20.48 -12.06 -2.61
C VAL L 553 19.66 -13.14 -1.91
N GLY L 554 18.91 -12.73 -0.88
CA GLY L 554 17.99 -13.64 -0.20
C GLY L 554 18.67 -14.68 0.67
N GLN L 555 19.84 -14.36 1.21
CA GLN L 555 20.64 -15.33 1.93
C GLN L 555 20.30 -15.42 3.41
N ASN L 556 19.44 -14.54 3.91
CA ASN L 556 19.00 -14.60 5.29
C ASN L 556 17.49 -14.70 5.29
N ARG L 557 16.96 -15.70 6.00
CA ARG L 557 15.53 -15.95 6.06
C ARG L 557 15.08 -16.13 7.51
N SER L 558 15.70 -15.42 8.43
CA SER L 558 15.24 -15.42 9.80
C SER L 558 13.92 -14.67 9.91
N LEU L 559 13.22 -14.90 11.03
CA LEU L 559 11.89 -14.32 11.22
C LEU L 559 11.95 -12.81 11.36
N THR L 560 12.93 -12.32 12.14
CA THR L 560 13.09 -10.88 12.32
C THR L 560 13.48 -10.20 11.02
N HIS L 561 14.34 -10.83 10.22
CA HIS L 561 14.73 -10.23 8.95
C HIS L 561 13.63 -10.29 7.92
N GLU L 562 12.78 -11.32 7.97
CA GLU L 562 11.64 -11.37 7.06
C GLU L 562 10.59 -10.33 7.45
N ARG L 563 10.40 -10.09 8.76
CA ARG L 563 9.54 -9.00 9.20
C ARG L 563 10.09 -7.65 8.76
N ARG L 564 11.41 -7.45 8.90
CA ARG L 564 12.05 -6.21 8.51
C ARG L 564 11.99 -5.97 7.01
N THR L 565 12.11 -7.04 6.22
CA THR L 565 11.88 -6.98 4.79
C THR L 565 10.44 -6.58 4.47
N ALA L 566 9.48 -7.14 5.23
CA ALA L 566 8.08 -6.80 5.03
C ALA L 566 7.79 -5.34 5.38
N ILE L 567 8.53 -4.78 6.35
CA ILE L 567 8.38 -3.35 6.64
C ILE L 567 9.01 -2.51 5.55
N GLY L 568 10.33 -2.67 5.34
CA GLY L 568 11.07 -1.77 4.48
C GLY L 568 10.97 -2.01 2.99
N GLY L 569 10.70 -3.23 2.57
CA GLY L 569 10.66 -3.57 1.16
C GLY L 569 11.95 -4.19 0.67
N PHE L 570 12.28 -3.88 -0.59
CA PHE L 570 13.50 -4.40 -1.19
C PHE L 570 14.75 -3.67 -0.72
N ARG L 571 14.60 -2.54 -0.03
CA ARG L 571 15.76 -1.82 0.48
C ARG L 571 16.49 -2.65 1.52
N ILE L 572 15.75 -3.37 2.37
CA ILE L 572 16.35 -4.24 3.36
C ILE L 572 17.07 -5.41 2.69
N ILE L 573 16.47 -5.96 1.63
CA ILE L 573 17.05 -7.13 0.96
C ILE L 573 18.32 -6.73 0.21
N SER L 574 18.27 -5.62 -0.54
CA SER L 574 19.45 -5.14 -1.26
C SER L 574 20.55 -4.70 -0.29
N GLN L 575 20.15 -4.10 0.85
CA GLN L 575 21.08 -3.71 1.89
C GLN L 575 21.81 -4.93 2.47
N GLU L 576 21.05 -5.94 2.89
CA GLU L 576 21.64 -7.15 3.47
C GLU L 576 22.40 -7.95 2.44
N ALA L 577 22.00 -7.86 1.17
CA ALA L 577 22.74 -8.49 0.09
C ALA L 577 24.10 -7.83 -0.10
N ALA L 578 24.14 -6.49 0.01
CA ALA L 578 25.42 -5.78 -0.04
C ALA L 578 26.29 -6.14 1.16
N TRP L 579 25.67 -6.36 2.31
CA TRP L 579 26.42 -6.74 3.51
C TRP L 579 27.02 -8.13 3.34
N HIS L 580 26.23 -9.08 2.83
CA HIS L 580 26.75 -10.41 2.58
C HIS L 580 27.79 -10.41 1.47
N PHE L 581 27.63 -9.52 0.49
CA PHE L 581 28.62 -9.39 -0.58
C PHE L 581 29.94 -8.86 -0.05
N ARG L 582 29.90 -7.88 0.86
CA ARG L 582 31.14 -7.35 1.43
C ARG L 582 31.76 -8.36 2.40
N GLN L 583 30.94 -9.18 3.06
CA GLN L 583 31.50 -10.22 3.93
C GLN L 583 32.12 -11.35 3.12
N GLY L 584 31.54 -11.65 1.95
CA GLY L 584 32.17 -12.61 1.05
C GLY L 584 33.42 -12.06 0.41
N LEU L 585 33.47 -10.75 0.18
CA LEU L 585 34.66 -10.13 -0.37
C LEU L 585 35.75 -9.92 0.68
N GLY L 586 35.40 -9.96 1.97
CA GLY L 586 36.40 -9.84 3.02
C GLY L 586 37.27 -11.06 3.25
N ARG L 587 37.01 -12.17 2.54
CA ARG L 587 37.82 -13.37 2.70
C ARG L 587 39.20 -13.23 2.06
N LEU L 588 39.38 -12.27 1.16
CA LEU L 588 40.63 -12.17 0.41
C LEU L 588 41.75 -11.61 1.26
N VAL L 589 41.57 -10.41 1.80
CA VAL L 589 42.60 -9.74 2.59
C VAL L 589 42.22 -9.83 4.07
N ARG L 590 43.10 -10.43 4.87
CA ARG L 590 42.92 -10.53 6.30
C ARG L 590 44.01 -9.83 7.10
N ARG L 591 45.10 -9.41 6.44
CA ARG L 591 46.21 -8.72 7.09
C ARG L 591 46.99 -7.94 6.03
N PRO L 592 47.65 -6.84 6.39
CA PRO L 592 48.46 -6.13 5.40
C PRO L 592 49.73 -6.90 5.06
N GLY L 593 50.24 -6.64 3.86
CA GLY L 593 51.47 -7.24 3.40
C GLY L 593 51.31 -8.36 2.39
N VAL L 594 50.09 -8.85 2.16
CA VAL L 594 49.88 -9.89 1.16
C VAL L 594 49.97 -9.28 -0.24
N THR L 595 50.09 -10.14 -1.24
CA THR L 595 50.31 -9.66 -2.61
C THR L 595 49.67 -10.63 -3.60
N HIS L 596 49.31 -10.07 -4.77
CA HIS L 596 48.77 -10.78 -5.93
C HIS L 596 47.53 -11.60 -5.59
N LYS L 597 46.54 -10.92 -5.00
CA LYS L 597 45.27 -11.53 -4.64
C LYS L 597 44.25 -11.32 -5.76
N ASN L 598 43.64 -12.40 -6.21
CA ASN L 598 42.76 -12.38 -7.37
C ASN L 598 41.31 -12.36 -6.92
N LEU L 599 40.54 -11.41 -7.44
CA LEU L 599 39.10 -11.33 -7.19
C LEU L 599 38.37 -11.44 -8.53
N TRP L 600 37.33 -12.27 -8.55
CA TRP L 600 36.52 -12.47 -9.74
C TRP L 600 35.06 -12.37 -9.32
N VAL L 601 34.25 -11.75 -10.16
CA VAL L 601 32.81 -11.82 -10.01
C VAL L 601 32.24 -12.26 -11.35
N LEU L 602 31.35 -13.26 -11.31
CA LEU L 602 30.85 -13.89 -12.53
C LEU L 602 29.35 -13.71 -12.71
N ASP L 603 28.68 -13.01 -11.81
CA ASP L 603 27.28 -12.68 -11.99
C ASP L 603 27.14 -11.71 -13.15
N ALA L 604 26.23 -12.00 -14.09
CA ALA L 604 26.08 -11.16 -15.27
C ALA L 604 25.35 -9.86 -14.96
N ARG L 605 24.69 -9.76 -13.79
CA ARG L 605 24.08 -8.50 -13.39
C ARG L 605 25.12 -7.47 -12.97
N ILE L 606 26.35 -7.91 -12.71
CA ILE L 606 27.44 -6.98 -12.44
C ILE L 606 27.72 -6.13 -13.66
N TYR L 607 27.65 -6.73 -14.85
CA TYR L 607 28.07 -6.08 -16.07
C TYR L 607 26.91 -5.68 -16.96
N GLY L 608 25.68 -5.85 -16.48
CA GLY L 608 24.51 -5.34 -17.15
C GLY L 608 24.19 -3.92 -16.72
N GLY L 609 23.14 -3.37 -17.32
CA GLY L 609 22.77 -1.98 -17.04
C GLY L 609 21.67 -1.83 -16.02
N ALA L 610 21.36 -2.90 -15.28
CA ALA L 610 20.27 -2.89 -14.32
C ALA L 610 20.59 -1.98 -13.12
N ALA L 611 19.55 -1.33 -12.60
CA ALA L 611 19.77 -0.30 -11.59
C ALA L 611 19.83 -0.87 -10.19
N TRP L 612 19.07 -1.93 -9.90
CA TRP L 612 18.98 -2.45 -8.54
C TRP L 612 20.27 -3.10 -8.06
N VAL L 613 21.17 -3.45 -8.98
CA VAL L 613 22.45 -4.02 -8.61
C VAL L 613 23.51 -2.93 -8.51
N ALA L 614 23.04 -1.67 -8.53
CA ALA L 614 23.93 -0.52 -8.39
C ALA L 614 24.80 -0.45 -7.13
N PRO L 615 24.37 -0.86 -5.91
CA PRO L 615 25.32 -0.86 -4.79
C PRO L 615 26.52 -1.78 -4.98
N PHE L 616 26.32 -2.93 -5.63
CA PHE L 616 27.42 -3.86 -5.84
C PHE L 616 28.41 -3.35 -6.87
N ARG L 617 28.11 -2.23 -7.54
CA ARG L 617 29.14 -1.54 -8.32
C ARG L 617 30.17 -0.86 -7.41
N GLN L 618 29.71 -0.13 -6.38
CA GLN L 618 30.61 0.85 -5.79
C GLN L 618 31.66 0.22 -4.89
N ILE L 619 31.33 -0.89 -4.23
CA ILE L 619 32.35 -1.72 -3.59
C ILE L 619 33.31 -2.25 -4.64
N LEU L 620 32.75 -2.75 -5.76
CA LEU L 620 33.49 -3.06 -6.97
C LEU L 620 34.26 -1.89 -7.53
N ASP L 621 33.79 -0.65 -7.27
CA ASP L 621 34.53 0.51 -7.73
C ASP L 621 35.72 0.85 -6.84
N ARG L 622 35.85 0.21 -5.69
CA ARG L 622 37.01 0.48 -4.84
C ARG L 622 38.24 -0.30 -5.26
N TYR L 623 38.11 -1.23 -6.20
CA TYR L 623 39.24 -1.87 -6.83
C TYR L 623 39.43 -1.31 -8.24
N LYS L 624 40.60 -1.60 -8.83
CA LYS L 624 40.92 -1.07 -10.14
C LYS L 624 41.69 -2.11 -10.94
N LYS L 625 41.49 -2.07 -12.27
CA LYS L 625 42.22 -2.87 -13.27
C LYS L 625 42.13 -4.37 -13.03
ZN ZN M . 35.09 65.73 -8.70
#